data_6YJ0
#
_entry.id   6YJ0
#
_entity_poly.entity_id   1
_entity_poly.type   'polypeptide(L)'
_entity_poly.pdbx_seq_one_letter_code
;GIDPFTAEPIQFTKRIQNIVVSEHQSATFECEVSFDDAIVTWYKGPTELTESQKYNFRNDGRCHYMTIHNVTPDDEGVYS
VIARLEPRGEARSTAELKGELRSGC
;
_entity_poly.pdbx_strand_id   A
#
# COMPACT_ATOMS: atom_id res chain seq x y z
N GLY A 1 -32.83 -1.23 -10.73
CA GLY A 1 -32.43 -2.21 -11.77
C GLY A 1 -30.94 -2.49 -11.67
N ILE A 2 -30.14 -1.55 -12.18
CA ILE A 2 -28.69 -1.69 -12.15
C ILE A 2 -28.05 -0.52 -11.40
N ASP A 3 -27.17 -0.84 -10.45
CA ASP A 3 -26.52 0.19 -9.66
C ASP A 3 -25.70 1.13 -10.55
N PRO A 4 -25.57 2.38 -10.15
CA PRO A 4 -24.77 3.39 -10.93
C PRO A 4 -23.27 3.06 -10.91
N PHE A 5 -22.58 3.48 -11.95
CA PHE A 5 -21.15 3.23 -12.08
C PHE A 5 -20.34 3.90 -10.97
N THR A 6 -20.72 5.11 -10.60
CA THR A 6 -19.99 5.86 -9.58
C THR A 6 -20.05 5.17 -8.21
N ALA A 7 -21.16 4.51 -7.91
CA ALA A 7 -21.31 3.84 -6.61
C ALA A 7 -20.73 2.43 -6.66
N GLU A 8 -20.29 2.03 -7.85
CA GLU A 8 -19.74 0.70 -8.03
C GLU A 8 -18.53 0.51 -7.11
N PRO A 9 -18.16 -0.70 -6.80
CA PRO A 9 -17.00 -0.99 -5.90
C PRO A 9 -15.69 -0.43 -6.43
N ILE A 10 -14.87 -0.02 -5.48
CA ILE A 10 -13.56 0.53 -5.76
C ILE A 10 -12.53 -0.58 -5.58
N GLN A 11 -11.64 -0.71 -6.54
CA GLN A 11 -10.60 -1.75 -6.49
C GLN A 11 -9.29 -1.16 -6.99
N PHE A 12 -8.18 -1.80 -6.65
CA PHE A 12 -6.89 -1.29 -7.09
C PHE A 12 -6.52 -1.95 -8.39
N THR A 13 -6.45 -1.15 -9.43
CA THR A 13 -6.11 -1.68 -10.73
C THR A 13 -4.67 -2.15 -10.74
N LYS A 14 -3.77 -1.33 -10.18
CA LYS A 14 -2.37 -1.68 -10.12
C LYS A 14 -2.10 -2.88 -9.23
N ARG A 15 -2.82 -2.92 -8.11
CA ARG A 15 -2.66 -4.02 -7.14
C ARG A 15 -1.20 -4.18 -6.70
N ILE A 16 -0.83 -3.44 -5.66
CA ILE A 16 0.55 -3.48 -5.14
C ILE A 16 1.13 -4.88 -5.17
N GLN A 17 2.45 -4.95 -5.37
CA GLN A 17 3.18 -6.22 -5.44
C GLN A 17 4.30 -6.28 -4.42
N ASN A 18 4.85 -7.46 -4.26
CA ASN A 18 5.92 -7.72 -3.30
C ASN A 18 7.17 -6.91 -3.63
N ILE A 19 7.84 -6.43 -2.57
CA ILE A 19 9.04 -5.60 -2.71
C ILE A 19 10.23 -6.15 -1.95
N VAL A 20 11.40 -6.19 -2.60
CA VAL A 20 12.62 -6.59 -1.91
C VAL A 20 13.49 -5.34 -1.85
N VAL A 21 13.93 -5.00 -0.65
CA VAL A 21 14.71 -3.79 -0.37
C VAL A 21 15.94 -3.99 0.48
N SER A 22 17.02 -3.34 0.07
CA SER A 22 18.27 -3.39 0.82
C SER A 22 18.02 -2.77 2.18
N GLU A 23 18.80 -3.17 3.17
CA GLU A 23 18.60 -2.70 4.53
C GLU A 23 18.69 -1.19 4.65
N HIS A 24 19.64 -0.58 3.95
CA HIS A 24 19.81 0.87 4.04
C HIS A 24 18.92 1.64 3.06
N GLN A 25 18.27 0.96 2.11
CA GLN A 25 17.41 1.64 1.15
C GLN A 25 16.00 1.85 1.67
N SER A 26 15.08 2.14 0.75
CA SER A 26 13.69 2.42 1.08
C SER A 26 12.74 1.63 0.18
N ALA A 27 11.58 1.30 0.72
CA ALA A 27 10.58 0.52 -0.02
C ALA A 27 9.36 1.36 -0.36
N THR A 28 8.88 1.23 -1.60
CA THR A 28 7.68 1.96 -2.02
C THR A 28 6.62 1.04 -2.57
N PHE A 29 5.41 1.15 -2.03
CA PHE A 29 4.30 0.36 -2.52
C PHE A 29 3.41 1.33 -3.29
N GLU A 30 3.27 1.11 -4.58
CA GLU A 30 2.48 2.00 -5.41
C GLU A 30 1.16 1.32 -5.77
N CYS A 31 0.11 2.12 -5.79
CA CYS A 31 -1.23 1.60 -6.12
C CYS A 31 -1.98 2.62 -6.98
N GLU A 32 -2.93 2.13 -7.75
CA GLU A 32 -3.78 2.96 -8.59
C GLU A 32 -5.22 2.54 -8.35
N VAL A 33 -6.15 3.49 -8.35
CA VAL A 33 -7.55 3.15 -8.07
C VAL A 33 -8.53 3.77 -9.06
N SER A 34 -9.71 3.17 -9.09
CA SER A 34 -10.80 3.60 -9.96
C SER A 34 -11.26 5.03 -9.66
N PHE A 35 -11.36 5.41 -8.38
CA PHE A 35 -11.82 6.76 -8.02
C PHE A 35 -10.71 7.57 -7.34
N ASP A 36 -10.71 8.88 -7.58
CA ASP A 36 -9.70 9.78 -7.00
C ASP A 36 -10.16 10.42 -5.70
N ASP A 37 -11.40 10.16 -5.37
CA ASP A 37 -12.00 10.73 -4.16
C ASP A 37 -11.89 9.75 -2.99
N ALA A 38 -11.27 8.61 -3.25
CA ALA A 38 -11.11 7.59 -2.22
C ALA A 38 -10.03 7.99 -1.22
N ILE A 39 -10.19 7.54 0.02
CA ILE A 39 -9.27 7.81 1.09
C ILE A 39 -8.47 6.54 1.35
N VAL A 40 -7.14 6.65 1.38
CA VAL A 40 -6.30 5.44 1.53
C VAL A 40 -5.35 5.48 2.72
N THR A 41 -5.34 4.35 3.44
CA THR A 41 -4.51 4.14 4.62
C THR A 41 -3.71 2.86 4.46
N TRP A 42 -2.43 2.89 4.81
CA TRP A 42 -1.58 1.72 4.68
C TRP A 42 -1.45 1.00 6.02
N TYR A 43 -1.48 -0.33 5.95
CA TYR A 43 -1.37 -1.16 7.15
C TYR A 43 -0.23 -2.15 7.10
N LYS A 44 0.43 -2.26 8.23
CA LYS A 44 1.48 -3.23 8.44
C LYS A 44 1.01 -4.11 9.58
N GLY A 45 0.84 -5.40 9.37
CA GLY A 45 0.34 -6.25 10.44
C GLY A 45 -0.88 -5.56 11.09
N PRO A 46 -1.14 -5.75 12.36
CA PRO A 46 -2.29 -5.08 13.03
C PRO A 46 -2.10 -3.57 13.17
N THR A 47 -0.87 -3.11 12.99
CA THR A 47 -0.49 -1.73 13.14
C THR A 47 -0.62 -0.92 11.84
N GLU A 48 -1.26 0.26 11.95
CA GLU A 48 -1.40 1.15 10.82
C GLU A 48 -0.16 2.02 10.73
N LEU A 49 0.20 2.42 9.53
CA LEU A 49 1.40 3.23 9.34
C LEU A 49 1.07 4.71 9.32
N THR A 50 1.85 5.45 10.08
CA THR A 50 1.67 6.89 10.18
C THR A 50 3.01 7.59 10.04
N GLU A 51 2.96 8.85 9.67
CA GLU A 51 4.15 9.62 9.46
C GLU A 51 4.84 9.93 10.79
N SER A 52 6.15 9.79 10.78
CA SER A 52 6.98 10.06 11.94
C SER A 52 8.42 10.18 11.46
N GLN A 53 8.59 10.99 10.43
CA GLN A 53 9.88 11.16 9.78
C GLN A 53 10.38 9.76 9.42
N LYS A 54 9.41 8.85 9.32
CA LYS A 54 9.66 7.45 8.98
C LYS A 54 8.92 7.05 7.69
N TYR A 55 7.60 7.25 7.65
CA TYR A 55 6.80 6.88 6.48
C TYR A 55 6.41 8.13 5.70
N ASN A 56 6.67 8.14 4.39
CA ASN A 56 6.28 9.28 3.55
C ASN A 56 5.08 8.90 2.69
N PHE A 57 3.96 9.56 2.92
CA PHE A 57 2.75 9.31 2.17
C PHE A 57 2.54 10.44 1.17
N ARG A 58 2.57 10.14 -0.14
CA ARG A 58 2.37 11.18 -1.17
C ARG A 58 1.20 10.83 -2.06
N ASN A 59 0.28 11.78 -2.22
CA ASN A 59 -0.89 11.57 -3.06
C ASN A 59 -0.75 12.32 -4.38
N ASP A 60 -1.18 11.69 -5.46
CA ASP A 60 -1.14 12.30 -6.78
C ASP A 60 -2.33 11.86 -7.58
N GLY A 61 -3.44 12.58 -7.44
CA GLY A 61 -4.65 12.19 -8.16
C GLY A 61 -5.09 10.79 -7.75
N ARG A 62 -5.33 9.95 -8.74
CA ARG A 62 -5.74 8.57 -8.48
C ARG A 62 -4.61 7.75 -7.86
N CYS A 63 -3.36 8.20 -8.04
CA CYS A 63 -2.20 7.48 -7.52
C CYS A 63 -1.86 7.87 -6.08
N HIS A 64 -1.53 6.86 -5.28
CA HIS A 64 -1.13 7.07 -3.88
C HIS A 64 0.18 6.32 -3.63
N TYR A 65 1.17 6.99 -3.03
CA TYR A 65 2.47 6.36 -2.78
C TYR A 65 2.81 6.33 -1.29
N MET A 66 3.45 5.24 -0.87
CA MET A 66 3.93 5.09 0.50
C MET A 66 5.38 4.67 0.45
N THR A 67 6.25 5.41 1.12
CA THR A 67 7.69 5.07 1.12
C THR A 67 8.18 4.85 2.52
N ILE A 68 8.87 3.73 2.72
CA ILE A 68 9.40 3.37 4.03
C ILE A 68 10.92 3.53 3.98
N HIS A 69 11.48 4.28 4.92
CA HIS A 69 12.94 4.51 4.94
C HIS A 69 13.61 3.68 6.03
N ASN A 70 14.76 3.09 5.69
CA ASN A 70 15.51 2.27 6.64
C ASN A 70 14.75 1.00 6.95
N VAL A 71 14.82 0.04 6.04
CA VAL A 71 14.14 -1.23 6.19
C VAL A 71 15.04 -2.25 6.88
N THR A 72 14.51 -2.89 7.92
CA THR A 72 15.25 -3.90 8.68
C THR A 72 14.68 -5.30 8.38
N PRO A 73 15.44 -6.36 8.60
CA PRO A 73 14.92 -7.73 8.39
C PRO A 73 13.63 -7.92 9.19
N ASP A 74 13.63 -7.31 10.36
CA ASP A 74 12.49 -7.38 11.28
C ASP A 74 11.27 -6.73 10.65
N ASP A 75 11.52 -5.64 9.94
CA ASP A 75 10.43 -4.90 9.30
C ASP A 75 9.81 -5.70 8.15
N GLU A 76 10.52 -6.73 7.68
CA GLU A 76 9.98 -7.54 6.60
C GLU A 76 8.66 -8.10 7.06
N GLY A 77 7.68 -8.12 6.17
CA GLY A 77 6.38 -8.65 6.53
C GLY A 77 5.36 -8.37 5.44
N VAL A 78 4.13 -8.04 5.86
CA VAL A 78 3.06 -7.78 4.92
C VAL A 78 2.55 -6.36 5.07
N TYR A 79 2.45 -5.69 3.93
CA TYR A 79 1.95 -4.33 3.84
C TYR A 79 0.68 -4.32 3.02
N SER A 80 -0.32 -3.57 3.47
CA SER A 80 -1.60 -3.52 2.76
C SER A 80 -2.04 -2.08 2.56
N VAL A 81 -2.83 -1.88 1.52
CA VAL A 81 -3.37 -0.57 1.20
C VAL A 81 -4.87 -0.75 1.12
N ILE A 82 -5.60 0.12 1.78
CA ILE A 82 -7.05 0.03 1.80
C ILE A 82 -7.66 1.34 1.33
N ALA A 83 -8.58 1.28 0.39
CA ALA A 83 -9.23 2.50 -0.11
C ALA A 83 -10.67 2.52 0.38
N ARG A 84 -11.09 3.66 0.95
CA ARG A 84 -12.46 3.78 1.48
C ARG A 84 -13.15 5.05 1.01
N LEU A 85 -14.44 4.88 0.78
CA LEU A 85 -15.35 5.95 0.38
C LEU A 85 -16.69 5.58 0.95
N GLU A 86 -17.68 6.48 0.90
CA GLU A 86 -18.99 6.14 1.44
C GLU A 86 -19.35 4.73 0.96
N PRO A 87 -20.25 4.01 1.56
CA PRO A 87 -20.50 2.61 1.11
C PRO A 87 -20.73 2.50 -0.39
N ARG A 88 -19.74 1.86 -1.03
CA ARG A 88 -19.73 1.59 -2.46
C ARG A 88 -19.12 0.23 -2.72
N GLY A 89 -18.54 -0.39 -1.67
CA GLY A 89 -17.84 -1.67 -1.80
C GLY A 89 -16.33 -1.47 -1.65
N GLU A 90 -15.87 -1.45 -0.38
CA GLU A 90 -14.46 -1.24 -0.02
C GLU A 90 -13.55 -2.35 -0.56
N ALA A 91 -12.27 -1.99 -0.75
CA ALA A 91 -11.26 -2.93 -1.30
C ALA A 91 -10.02 -3.03 -0.40
N ARG A 92 -9.40 -4.22 -0.38
CA ARG A 92 -8.19 -4.45 0.39
C ARG A 92 -7.16 -5.14 -0.51
N SER A 93 -5.90 -4.73 -0.40
CA SER A 93 -4.82 -5.34 -1.20
C SER A 93 -3.60 -5.62 -0.33
N THR A 94 -2.81 -6.63 -0.72
CA THR A 94 -1.61 -7.01 0.03
C THR A 94 -0.36 -7.14 -0.81
N ALA A 95 0.74 -7.05 -0.09
CA ALA A 95 2.08 -7.18 -0.66
C ALA A 95 3.05 -7.54 0.46
N GLU A 96 4.15 -8.17 0.10
CA GLU A 96 5.16 -8.57 1.06
C GLU A 96 6.44 -7.80 0.93
N LEU A 97 7.02 -7.52 2.09
CA LEU A 97 8.28 -6.78 2.18
C LEU A 97 9.41 -7.74 2.54
N LYS A 98 10.47 -7.66 1.76
CA LYS A 98 11.64 -8.52 1.98
C LYS A 98 12.90 -7.68 2.06
N GLY A 99 13.82 -8.10 2.89
CA GLY A 99 15.08 -7.36 3.04
C GLY A 99 16.20 -8.03 2.27
N GLU A 100 16.71 -7.30 1.30
CA GLU A 100 17.80 -7.74 0.49
C GLU A 100 19.10 -7.71 1.27
N LEU A 101 19.88 -8.76 1.09
CA LEU A 101 21.16 -8.89 1.79
C LEU A 101 22.20 -7.96 1.17
N ARG A 102 23.03 -7.36 2.01
CA ARG A 102 24.06 -6.44 1.53
C ARG A 102 25.11 -7.20 0.73
N SER A 103 25.49 -6.65 -0.40
CA SER A 103 26.48 -7.26 -1.27
C SER A 103 27.87 -7.10 -0.67
N GLY A 104 28.81 -7.93 -1.13
CA GLY A 104 30.18 -7.87 -0.64
C GLY A 104 31.11 -8.70 -1.52
N CYS A 105 32.41 -8.54 -1.30
CA CYS A 105 33.41 -9.28 -2.07
C CYS A 105 33.21 -10.78 -1.91
N GLY A 1 -22.33 -2.46 -5.10
CA GLY A 1 -22.80 -1.17 -5.70
C GLY A 1 -24.31 -1.22 -5.88
N ILE A 2 -24.99 -0.13 -5.56
CA ILE A 2 -26.44 -0.06 -5.70
C ILE A 2 -26.83 -0.19 -7.16
N ASP A 3 -26.11 0.53 -8.02
CA ASP A 3 -26.37 0.51 -9.47
C ASP A 3 -25.46 1.52 -10.18
N PRO A 4 -25.34 2.70 -9.65
CA PRO A 4 -24.50 3.78 -10.27
C PRO A 4 -23.01 3.41 -10.35
N PHE A 5 -22.37 3.88 -11.42
CA PHE A 5 -20.94 3.65 -11.64
C PHE A 5 -20.13 4.24 -10.48
N THR A 6 -20.46 5.46 -10.10
CA THR A 6 -19.72 6.14 -9.04
C THR A 6 -19.84 5.38 -7.73
N ALA A 7 -21.06 4.96 -7.41
CA ALA A 7 -21.28 4.22 -6.18
C ALA A 7 -20.74 2.80 -6.26
N GLU A 8 -20.35 2.39 -7.45
CA GLU A 8 -19.84 1.05 -7.64
C GLU A 8 -18.61 0.83 -6.74
N PRO A 9 -18.26 -0.40 -6.48
CA PRO A 9 -17.09 -0.74 -5.62
C PRO A 9 -15.77 -0.22 -6.20
N ILE A 10 -14.88 0.13 -5.29
CA ILE A 10 -13.57 0.64 -5.61
C ILE A 10 -12.53 -0.45 -5.43
N GLN A 11 -11.66 -0.61 -6.41
CA GLN A 11 -10.63 -1.64 -6.36
C GLN A 11 -9.30 -1.08 -6.86
N PHE A 12 -8.21 -1.79 -6.58
CA PHE A 12 -6.90 -1.32 -7.00
C PHE A 12 -6.54 -1.98 -8.33
N THR A 13 -6.48 -1.19 -9.36
CA THR A 13 -6.15 -1.72 -10.66
C THR A 13 -4.68 -2.19 -10.68
N LYS A 14 -3.79 -1.36 -10.14
CA LYS A 14 -2.37 -1.70 -10.11
C LYS A 14 -2.09 -2.90 -9.21
N ARG A 15 -2.78 -2.96 -8.08
CA ARG A 15 -2.59 -4.05 -7.13
C ARG A 15 -1.14 -4.18 -6.66
N ILE A 16 -0.79 -3.44 -5.61
CA ILE A 16 0.58 -3.47 -5.07
C ILE A 16 1.17 -4.87 -5.10
N GLN A 17 2.49 -4.93 -5.29
CA GLN A 17 3.22 -6.21 -5.37
C GLN A 17 4.37 -6.28 -4.36
N ASN A 18 4.94 -7.47 -4.26
CA ASN A 18 6.04 -7.74 -3.33
C ASN A 18 7.28 -6.90 -3.66
N ILE A 19 7.93 -6.42 -2.61
CA ILE A 19 9.12 -5.56 -2.74
C ILE A 19 10.32 -6.12 -1.97
N VAL A 20 11.49 -6.14 -2.63
CA VAL A 20 12.71 -6.56 -1.93
C VAL A 20 13.60 -5.32 -1.86
N VAL A 21 14.01 -4.99 -0.64
CA VAL A 21 14.79 -3.79 -0.36
C VAL A 21 16.03 -4.01 0.50
N SER A 22 17.10 -3.33 0.12
CA SER A 22 18.35 -3.42 0.86
C SER A 22 18.12 -2.83 2.25
N GLU A 23 18.90 -3.27 3.21
CA GLU A 23 18.71 -2.84 4.59
C GLU A 23 18.80 -1.32 4.74
N HIS A 24 19.72 -0.69 4.04
CA HIS A 24 19.90 0.77 4.15
C HIS A 24 19.01 1.56 3.19
N GLN A 25 18.37 0.89 2.23
CA GLN A 25 17.52 1.60 1.27
C GLN A 25 16.10 1.82 1.80
N SER A 26 15.16 1.99 0.88
CA SER A 26 13.76 2.26 1.24
C SER A 26 12.82 1.47 0.33
N ALA A 27 11.57 1.30 0.76
CA ALA A 27 10.59 0.53 -0.02
C ALA A 27 9.37 1.36 -0.37
N THR A 28 8.89 1.24 -1.60
CA THR A 28 7.70 1.97 -2.02
C THR A 28 6.63 1.02 -2.55
N PHE A 29 5.42 1.15 -2.01
CA PHE A 29 4.29 0.38 -2.49
C PHE A 29 3.43 1.36 -3.25
N GLU A 30 3.27 1.14 -4.53
CA GLU A 30 2.49 2.03 -5.37
C GLU A 30 1.19 1.36 -5.77
N CYS A 31 0.11 2.13 -5.78
CA CYS A 31 -1.19 1.59 -6.15
C CYS A 31 -1.96 2.59 -7.03
N GLU A 32 -2.90 2.05 -7.79
CA GLU A 32 -3.78 2.85 -8.63
C GLU A 32 -5.20 2.42 -8.32
N VAL A 33 -6.14 3.35 -8.32
CA VAL A 33 -7.53 3.02 -8.00
C VAL A 33 -8.52 3.60 -8.98
N SER A 34 -9.72 3.02 -8.96
CA SER A 34 -10.81 3.44 -9.82
C SER A 34 -11.21 4.89 -9.54
N PHE A 35 -11.26 5.29 -8.26
CA PHE A 35 -11.66 6.66 -7.90
C PHE A 35 -10.48 7.42 -7.28
N ASP A 36 -10.44 8.73 -7.53
CA ASP A 36 -9.36 9.58 -7.02
C ASP A 36 -9.68 10.19 -5.66
N ASP A 37 -10.96 10.27 -5.37
CA ASP A 37 -11.42 10.90 -4.12
C ASP A 37 -11.48 9.90 -2.97
N ALA A 38 -11.09 8.66 -3.20
CA ALA A 38 -11.14 7.65 -2.15
C ALA A 38 -10.01 7.87 -1.14
N ILE A 39 -10.33 7.70 0.14
CA ILE A 39 -9.36 7.84 1.21
C ILE A 39 -8.54 6.57 1.30
N VAL A 40 -7.21 6.69 1.33
CA VAL A 40 -6.35 5.51 1.38
C VAL A 40 -5.41 5.51 2.59
N THR A 41 -5.39 4.36 3.29
CA THR A 41 -4.56 4.16 4.48
C THR A 41 -3.73 2.88 4.33
N TRP A 42 -2.46 2.95 4.73
CA TRP A 42 -1.57 1.79 4.63
C TRP A 42 -1.47 1.07 5.96
N TYR A 43 -1.44 -0.25 5.90
CA TYR A 43 -1.35 -1.08 7.09
C TYR A 43 -0.23 -2.09 7.05
N LYS A 44 0.41 -2.24 8.21
CA LYS A 44 1.43 -3.26 8.39
C LYS A 44 0.90 -4.14 9.51
N GLY A 45 0.70 -5.43 9.25
CA GLY A 45 0.12 -6.28 10.27
C GLY A 45 -1.12 -5.56 10.82
N PRO A 46 -1.53 -5.78 12.04
CA PRO A 46 -2.72 -5.05 12.59
C PRO A 46 -2.45 -3.55 12.78
N THR A 47 -1.15 -3.21 12.82
CA THR A 47 -0.72 -1.83 13.02
C THR A 47 -0.84 -0.97 11.76
N GLU A 48 -1.42 0.21 11.93
CA GLU A 48 -1.55 1.17 10.83
C GLU A 48 -0.27 2.00 10.76
N LEU A 49 0.08 2.47 9.56
CA LEU A 49 1.30 3.25 9.40
C LEU A 49 0.99 4.73 9.39
N THR A 50 1.76 5.47 10.17
CA THR A 50 1.59 6.91 10.27
C THR A 50 2.93 7.61 10.15
N GLU A 51 2.88 8.87 9.79
CA GLU A 51 4.09 9.64 9.61
C GLU A 51 4.81 9.93 10.93
N SER A 52 6.12 9.76 10.88
CA SER A 52 6.99 10.02 12.01
C SER A 52 8.40 10.10 11.45
N GLN A 53 8.53 10.88 10.38
CA GLN A 53 9.80 11.02 9.67
C GLN A 53 10.26 9.60 9.33
N LYS A 54 9.28 8.70 9.33
CA LYS A 54 9.51 7.29 9.01
C LYS A 54 8.79 6.89 7.71
N TYR A 55 7.46 7.15 7.64
CA TYR A 55 6.70 6.79 6.45
C TYR A 55 6.31 8.04 5.67
N ASN A 56 6.60 8.08 4.36
CA ASN A 56 6.22 9.23 3.54
C ASN A 56 5.00 8.89 2.70
N PHE A 57 3.89 9.57 2.97
CA PHE A 57 2.65 9.32 2.24
C PHE A 57 2.43 10.43 1.20
N ARG A 58 2.39 10.06 -0.09
CA ARG A 58 2.17 11.06 -1.14
C ARG A 58 0.98 10.64 -2.01
N ASN A 59 0.07 11.58 -2.23
CA ASN A 59 -1.12 11.30 -3.05
C ASN A 59 -1.10 12.18 -4.30
N ASP A 60 -1.12 11.52 -5.46
CA ASP A 60 -1.11 12.22 -6.74
C ASP A 60 -2.22 11.68 -7.64
N GLY A 61 -3.33 12.41 -7.72
CA GLY A 61 -4.44 11.98 -8.54
C GLY A 61 -4.93 10.60 -8.11
N ARG A 62 -5.13 9.73 -9.09
CA ARG A 62 -5.60 8.37 -8.84
C ARG A 62 -4.52 7.52 -8.15
N CYS A 63 -3.26 7.93 -8.31
CA CYS A 63 -2.15 7.16 -7.74
C CYS A 63 -1.78 7.65 -6.34
N HIS A 64 -1.45 6.68 -5.48
CA HIS A 64 -1.04 6.96 -4.11
C HIS A 64 0.26 6.22 -3.83
N TYR A 65 1.22 6.88 -3.19
CA TYR A 65 2.52 6.25 -2.92
C TYR A 65 2.83 6.26 -1.42
N MET A 66 3.42 5.17 -0.94
CA MET A 66 3.85 5.08 0.44
C MET A 66 5.28 4.59 0.44
N THR A 67 6.16 5.33 1.11
CA THR A 67 7.59 4.98 1.13
C THR A 67 8.09 4.74 2.54
N ILE A 68 8.80 3.63 2.72
CA ILE A 68 9.33 3.25 4.02
C ILE A 68 10.85 3.42 3.99
N HIS A 69 11.40 4.16 4.94
CA HIS A 69 12.85 4.41 4.97
C HIS A 69 13.55 3.57 6.04
N ASN A 70 14.74 3.08 5.68
CA ASN A 70 15.54 2.26 6.60
C ASN A 70 14.79 0.98 6.92
N VAL A 71 14.88 0.03 6.00
CA VAL A 71 14.19 -1.24 6.16
C VAL A 71 15.09 -2.25 6.85
N THR A 72 14.56 -2.88 7.88
CA THR A 72 15.30 -3.88 8.65
C THR A 72 14.76 -5.28 8.36
N PRO A 73 15.51 -6.33 8.55
CA PRO A 73 14.99 -7.70 8.34
C PRO A 73 13.72 -7.88 9.16
N ASP A 74 13.73 -7.28 10.33
CA ASP A 74 12.60 -7.33 11.25
C ASP A 74 11.39 -6.66 10.62
N ASP A 75 11.64 -5.57 9.90
CA ASP A 75 10.57 -4.82 9.26
C ASP A 75 9.94 -5.61 8.12
N GLU A 76 10.62 -6.65 7.63
CA GLU A 76 10.05 -7.46 6.57
C GLU A 76 8.71 -7.98 7.05
N GLY A 77 7.74 -8.00 6.16
CA GLY A 77 6.40 -8.47 6.54
C GLY A 77 5.39 -8.24 5.45
N VAL A 78 4.18 -7.87 5.85
CA VAL A 78 3.10 -7.65 4.91
C VAL A 78 2.57 -6.22 5.01
N TYR A 79 2.48 -5.59 3.85
CA TYR A 79 1.96 -4.23 3.74
C TYR A 79 0.69 -4.24 2.92
N SER A 80 -0.32 -3.52 3.38
CA SER A 80 -1.60 -3.47 2.67
C SER A 80 -2.04 -2.04 2.47
N VAL A 81 -2.85 -1.84 1.44
CA VAL A 81 -3.40 -0.53 1.13
C VAL A 81 -4.90 -0.69 1.05
N ILE A 82 -5.63 0.19 1.73
CA ILE A 82 -7.08 0.11 1.73
C ILE A 82 -7.68 1.43 1.30
N ALA A 83 -8.59 1.38 0.32
CA ALA A 83 -9.25 2.58 -0.17
C ALA A 83 -10.70 2.59 0.31
N ARG A 84 -11.14 3.71 0.89
CA ARG A 84 -12.50 3.82 1.41
C ARG A 84 -13.21 5.11 0.99
N LEU A 85 -14.50 4.95 0.76
CA LEU A 85 -15.42 6.02 0.40
C LEU A 85 -16.72 5.65 1.09
N GLU A 86 -17.71 6.53 1.12
CA GLU A 86 -18.99 6.17 1.77
C GLU A 86 -19.36 4.75 1.27
N PRO A 87 -20.35 4.09 1.81
CA PRO A 87 -20.61 2.70 1.38
C PRO A 87 -20.79 2.56 -0.14
N ARG A 88 -19.81 1.88 -0.73
CA ARG A 88 -19.78 1.60 -2.16
C ARG A 88 -19.18 0.20 -2.38
N GLY A 89 -18.54 -0.33 -1.33
CA GLY A 89 -17.85 -1.61 -1.40
C GLY A 89 -16.33 -1.37 -1.45
N GLU A 90 -15.72 -1.15 -0.29
CA GLU A 90 -14.29 -0.85 -0.22
C GLU A 90 -13.44 -1.99 -0.77
N ALA A 91 -12.11 -1.83 -0.70
CA ALA A 91 -11.17 -2.83 -1.22
C ALA A 91 -9.93 -2.95 -0.34
N ARG A 92 -9.35 -4.14 -0.33
CA ARG A 92 -8.13 -4.40 0.44
C ARG A 92 -7.12 -5.10 -0.46
N SER A 93 -5.86 -4.71 -0.37
CA SER A 93 -4.78 -5.32 -1.16
C SER A 93 -3.57 -5.64 -0.30
N THR A 94 -2.79 -6.64 -0.71
CA THR A 94 -1.59 -7.03 0.05
C THR A 94 -0.35 -7.18 -0.81
N ALA A 95 0.75 -7.09 -0.09
CA ALA A 95 2.07 -7.21 -0.67
C ALA A 95 3.08 -7.52 0.43
N GLU A 96 4.19 -8.14 0.07
CA GLU A 96 5.21 -8.52 1.04
C GLU A 96 6.50 -7.74 0.88
N LEU A 97 7.07 -7.44 2.03
CA LEU A 97 8.33 -6.73 2.14
C LEU A 97 9.44 -7.70 2.49
N LYS A 98 10.50 -7.63 1.71
CA LYS A 98 11.66 -8.50 1.92
C LYS A 98 12.93 -7.68 2.00
N GLY A 99 13.85 -8.13 2.82
CA GLY A 99 15.12 -7.43 2.98
C GLY A 99 16.22 -8.08 2.19
N GLU A 100 16.85 -7.28 1.36
CA GLU A 100 17.94 -7.69 0.51
C GLU A 100 19.26 -7.54 1.28
N LEU A 101 20.10 -8.55 1.14
CA LEU A 101 21.39 -8.56 1.80
C LEU A 101 22.36 -7.61 1.12
N ARG A 102 23.19 -6.94 1.92
CA ARG A 102 24.17 -6.00 1.37
C ARG A 102 25.22 -6.76 0.58
N SER A 103 25.56 -6.27 -0.61
CA SER A 103 26.55 -6.92 -1.44
C SER A 103 27.93 -6.85 -0.80
N GLY A 104 28.70 -7.93 -0.95
CA GLY A 104 30.04 -7.98 -0.39
C GLY A 104 31.06 -7.33 -1.32
N CYS A 105 32.31 -7.27 -0.88
CA CYS A 105 33.37 -6.67 -1.68
C CYS A 105 33.85 -7.63 -2.75
N GLY A 1 -32.03 -0.49 -12.17
CA GLY A 1 -31.14 -1.47 -12.84
C GLY A 1 -29.68 -1.08 -12.59
N ILE A 2 -28.90 -2.03 -12.09
CA ILE A 2 -27.49 -1.79 -11.80
C ILE A 2 -27.31 -0.62 -10.84
N ASP A 3 -26.42 -0.78 -9.86
CA ASP A 3 -26.16 0.28 -8.90
C ASP A 3 -25.54 1.49 -9.61
N PRO A 4 -25.49 2.66 -8.98
CA PRO A 4 -24.88 3.85 -9.63
C PRO A 4 -23.40 3.64 -9.96
N PHE A 5 -22.96 4.20 -11.07
CA PHE A 5 -21.57 4.07 -11.50
C PHE A 5 -20.61 4.66 -10.48
N THR A 6 -20.94 5.85 -9.99
CA THR A 6 -20.11 6.53 -9.01
C THR A 6 -20.07 5.77 -7.69
N ALA A 7 -21.16 5.12 -7.36
CA ALA A 7 -21.26 4.35 -6.11
C ALA A 7 -20.72 2.94 -6.30
N GLU A 8 -20.32 2.62 -7.51
CA GLU A 8 -19.82 1.30 -7.82
C GLU A 8 -18.59 0.99 -6.94
N PRO A 9 -18.25 -0.26 -6.75
CA PRO A 9 -17.08 -0.65 -5.92
C PRO A 9 -15.75 -0.12 -6.44
N ILE A 10 -14.88 0.18 -5.49
CA ILE A 10 -13.56 0.69 -5.76
C ILE A 10 -12.54 -0.42 -5.55
N GLN A 11 -11.65 -0.59 -6.51
CA GLN A 11 -10.64 -1.63 -6.44
C GLN A 11 -9.30 -1.10 -6.91
N PHE A 12 -8.22 -1.80 -6.58
CA PHE A 12 -6.90 -1.34 -7.01
C PHE A 12 -6.54 -1.99 -8.32
N THR A 13 -6.47 -1.19 -9.35
CA THR A 13 -6.13 -1.71 -10.66
C THR A 13 -4.69 -2.20 -10.69
N LYS A 14 -3.79 -1.38 -10.15
CA LYS A 14 -2.37 -1.73 -10.14
C LYS A 14 -2.09 -2.93 -9.24
N ARG A 15 -2.78 -2.98 -8.11
CA ARG A 15 -2.60 -4.09 -7.16
C ARG A 15 -1.13 -4.22 -6.70
N ILE A 16 -0.78 -3.48 -5.66
CA ILE A 16 0.59 -3.52 -5.11
C ILE A 16 1.17 -4.93 -5.12
N GLN A 17 2.49 -5.00 -5.29
CA GLN A 17 3.21 -6.28 -5.35
C GLN A 17 4.39 -6.34 -4.38
N ASN A 18 4.96 -7.54 -4.25
CA ASN A 18 6.08 -7.80 -3.35
C ASN A 18 7.30 -6.95 -3.68
N ILE A 19 7.94 -6.45 -2.61
CA ILE A 19 9.11 -5.58 -2.72
C ILE A 19 10.30 -6.14 -1.95
N VAL A 20 11.47 -6.15 -2.58
CA VAL A 20 12.69 -6.57 -1.89
C VAL A 20 13.56 -5.32 -1.82
N VAL A 21 13.99 -5.00 -0.60
CA VAL A 21 14.76 -3.78 -0.32
C VAL A 21 16.00 -3.99 0.55
N SER A 22 17.06 -3.33 0.17
CA SER A 22 18.31 -3.41 0.91
C SER A 22 18.11 -2.81 2.30
N GLU A 23 18.94 -3.24 3.24
CA GLU A 23 18.76 -2.80 4.61
C GLU A 23 18.82 -1.29 4.77
N HIS A 24 19.72 -0.63 4.06
CA HIS A 24 19.86 0.84 4.16
C HIS A 24 18.99 1.62 3.16
N GLN A 25 18.36 0.94 2.20
CA GLN A 25 17.52 1.63 1.22
C GLN A 25 16.10 1.87 1.76
N SER A 26 15.15 2.02 0.85
CA SER A 26 13.74 2.27 1.22
C SER A 26 12.82 1.49 0.31
N ALA A 27 11.57 1.28 0.76
CA ALA A 27 10.60 0.51 -0.02
C ALA A 27 9.39 1.35 -0.38
N THR A 28 8.90 1.21 -1.60
CA THR A 28 7.71 1.95 -2.04
C THR A 28 6.64 1.01 -2.58
N PHE A 29 5.43 1.14 -2.04
CA PHE A 29 4.29 0.35 -2.54
C PHE A 29 3.43 1.33 -3.29
N GLU A 30 3.28 1.13 -4.58
CA GLU A 30 2.50 2.03 -5.41
C GLU A 30 1.19 1.37 -5.80
N CYS A 31 0.13 2.15 -5.83
CA CYS A 31 -1.19 1.63 -6.19
C CYS A 31 -1.95 2.63 -7.03
N GLU A 32 -2.91 2.11 -7.80
CA GLU A 32 -3.78 2.91 -8.64
C GLU A 32 -5.20 2.50 -8.32
N VAL A 33 -6.13 3.46 -8.32
CA VAL A 33 -7.53 3.14 -7.98
C VAL A 33 -8.52 3.72 -8.97
N SER A 34 -9.71 3.14 -8.93
CA SER A 34 -10.81 3.56 -9.79
C SER A 34 -11.22 5.01 -9.52
N PHE A 35 -11.24 5.42 -8.23
CA PHE A 35 -11.65 6.79 -7.89
C PHE A 35 -10.57 7.51 -7.07
N ASP A 36 -10.49 8.83 -7.25
CA ASP A 36 -9.51 9.66 -6.54
C ASP A 36 -10.08 10.22 -5.25
N ASP A 37 -11.39 10.25 -5.19
CA ASP A 37 -12.11 10.78 -4.05
C ASP A 37 -11.98 9.84 -2.86
N ALA A 38 -11.41 8.68 -3.11
CA ALA A 38 -11.22 7.68 -2.07
C ALA A 38 -10.09 8.07 -1.12
N ILE A 39 -10.23 7.66 0.15
CA ILE A 39 -9.26 7.93 1.18
C ILE A 39 -8.48 6.65 1.43
N VAL A 40 -7.15 6.74 1.41
CA VAL A 40 -6.33 5.53 1.55
C VAL A 40 -5.35 5.54 2.73
N THR A 41 -5.37 4.42 3.45
CA THR A 41 -4.50 4.19 4.61
C THR A 41 -3.73 2.89 4.44
N TRP A 42 -2.43 2.91 4.77
CA TRP A 42 -1.60 1.73 4.63
C TRP A 42 -1.47 1.01 5.97
N TYR A 43 -1.50 -0.33 5.91
CA TYR A 43 -1.39 -1.14 7.12
C TYR A 43 -0.26 -2.15 7.08
N LYS A 44 0.42 -2.26 8.20
CA LYS A 44 1.46 -3.25 8.39
C LYS A 44 0.99 -4.10 9.55
N GLY A 45 0.80 -5.39 9.35
CA GLY A 45 0.30 -6.21 10.44
C GLY A 45 -0.95 -5.52 11.03
N PRO A 46 -1.29 -5.72 12.27
CA PRO A 46 -2.47 -5.02 12.89
C PRO A 46 -2.22 -3.52 13.08
N THR A 47 -0.94 -3.13 12.97
CA THR A 47 -0.52 -1.76 13.17
C THR A 47 -0.63 -0.93 11.88
N GLU A 48 -1.25 0.24 12.02
CA GLU A 48 -1.40 1.16 10.89
C GLU A 48 -0.15 2.02 10.79
N LEU A 49 0.17 2.44 9.58
CA LEU A 49 1.38 3.24 9.37
C LEU A 49 1.04 4.71 9.38
N THR A 50 1.82 5.46 10.15
CA THR A 50 1.62 6.90 10.27
C THR A 50 2.94 7.62 10.15
N GLU A 51 2.84 8.89 9.78
CA GLU A 51 4.02 9.71 9.60
C GLU A 51 4.75 9.99 10.91
N SER A 52 6.07 9.90 10.81
CA SER A 52 6.99 10.16 11.91
C SER A 52 8.37 10.29 11.28
N GLN A 53 8.42 11.03 10.18
CA GLN A 53 9.63 11.20 9.40
C GLN A 53 10.15 9.80 9.08
N LYS A 54 9.22 8.85 9.18
CA LYS A 54 9.49 7.44 8.87
C LYS A 54 8.77 7.01 7.58
N TYR A 55 7.45 7.24 7.52
CA TYR A 55 6.66 6.84 6.35
C TYR A 55 6.25 8.09 5.55
N ASN A 56 6.53 8.10 4.25
CA ASN A 56 6.13 9.23 3.41
C ASN A 56 4.91 8.88 2.58
N PHE A 57 3.78 9.53 2.86
CA PHE A 57 2.55 9.28 2.14
C PHE A 57 2.32 10.42 1.14
N ARG A 58 2.28 10.11 -0.16
CA ARG A 58 2.09 11.16 -1.18
C ARG A 58 0.84 10.88 -2.01
N ASN A 59 -0.06 11.85 -2.02
CA ASN A 59 -1.31 11.74 -2.79
C ASN A 59 -1.20 12.51 -4.09
N ASP A 60 -1.08 11.79 -5.21
CA ASP A 60 -1.00 12.43 -6.52
C ASP A 60 -2.05 11.86 -7.44
N GLY A 61 -3.15 12.60 -7.59
CA GLY A 61 -4.24 12.14 -8.43
C GLY A 61 -4.74 10.78 -7.98
N ARG A 62 -4.96 9.91 -8.96
CA ARG A 62 -5.43 8.56 -8.69
C ARG A 62 -4.35 7.69 -8.02
N CYS A 63 -3.09 8.08 -8.18
CA CYS A 63 -1.98 7.29 -7.64
C CYS A 63 -1.59 7.75 -6.23
N HIS A 64 -1.47 6.76 -5.34
CA HIS A 64 -1.08 7.00 -3.95
C HIS A 64 0.23 6.26 -3.68
N TYR A 65 1.25 6.95 -3.15
CA TYR A 65 2.54 6.30 -2.90
C TYR A 65 2.89 6.28 -1.42
N MET A 66 3.47 5.17 -0.96
CA MET A 66 3.93 5.05 0.42
C MET A 66 5.38 4.61 0.38
N THR A 67 6.24 5.36 1.04
CA THR A 67 7.68 5.04 1.05
C THR A 67 8.18 4.81 2.47
N ILE A 68 8.84 3.68 2.67
CA ILE A 68 9.37 3.32 3.98
C ILE A 68 10.87 3.46 3.96
N HIS A 69 11.43 4.20 4.91
CA HIS A 69 12.87 4.43 4.95
C HIS A 69 13.54 3.60 6.03
N ASN A 70 14.74 3.09 5.71
CA ASN A 70 15.52 2.28 6.64
C ASN A 70 14.78 1.00 6.96
N VAL A 71 14.85 0.04 6.03
CA VAL A 71 14.18 -1.22 6.19
C VAL A 71 15.08 -2.24 6.87
N THR A 72 14.55 -2.87 7.91
CA THR A 72 15.29 -3.89 8.68
C THR A 72 14.72 -5.28 8.37
N PRO A 73 15.49 -6.34 8.58
CA PRO A 73 14.97 -7.72 8.36
C PRO A 73 13.68 -7.93 9.17
N ASP A 74 13.68 -7.33 10.35
CA ASP A 74 12.55 -7.39 11.27
C ASP A 74 11.32 -6.74 10.64
N ASP A 75 11.55 -5.65 9.94
CA ASP A 75 10.47 -4.91 9.31
C ASP A 75 9.84 -5.70 8.17
N GLU A 76 10.55 -6.72 7.67
CA GLU A 76 10.00 -7.52 6.59
C GLU A 76 8.66 -8.08 7.05
N GLY A 77 7.70 -8.11 6.14
CA GLY A 77 6.39 -8.61 6.49
C GLY A 77 5.37 -8.37 5.39
N VAL A 78 4.14 -8.03 5.81
CA VAL A 78 3.07 -7.78 4.87
C VAL A 78 2.55 -6.36 5.02
N TYR A 79 2.44 -5.70 3.87
CA TYR A 79 1.92 -4.34 3.80
C TYR A 79 0.65 -4.32 2.98
N SER A 80 -0.36 -3.60 3.45
CA SER A 80 -1.64 -3.55 2.75
C SER A 80 -2.06 -2.11 2.54
N VAL A 81 -2.85 -1.91 1.50
CA VAL A 81 -3.38 -0.59 1.20
C VAL A 81 -4.88 -0.72 1.13
N ILE A 82 -5.59 0.17 1.80
CA ILE A 82 -7.04 0.12 1.81
C ILE A 82 -7.63 1.43 1.34
N ALA A 83 -8.53 1.35 0.37
CA ALA A 83 -9.19 2.54 -0.14
C ALA A 83 -10.65 2.48 0.25
N ARG A 84 -11.17 3.52 0.90
CA ARG A 84 -12.57 3.50 1.35
C ARG A 84 -13.28 4.85 1.22
N LEU A 85 -14.56 4.72 0.93
CA LEU A 85 -15.51 5.82 0.76
C LEU A 85 -16.79 5.33 1.41
N GLU A 86 -17.81 6.18 1.57
CA GLU A 86 -19.06 5.70 2.18
C GLU A 86 -19.40 4.34 1.53
N PRO A 87 -20.30 3.53 2.03
CA PRO A 87 -20.44 2.18 1.44
C PRO A 87 -20.66 2.20 -0.07
N ARG A 88 -19.69 1.61 -0.77
CA ARG A 88 -19.72 1.47 -2.22
C ARG A 88 -19.11 0.11 -2.59
N GLY A 89 -18.53 -0.55 -1.59
CA GLY A 89 -17.84 -1.82 -1.78
C GLY A 89 -16.32 -1.61 -1.67
N GLU A 90 -15.85 -1.55 -0.42
CA GLU A 90 -14.44 -1.32 -0.09
C GLU A 90 -13.54 -2.43 -0.61
N ALA A 91 -12.27 -2.06 -0.84
CA ALA A 91 -11.27 -2.99 -1.37
C ALA A 91 -10.03 -3.07 -0.47
N ARG A 92 -9.43 -4.27 -0.41
CA ARG A 92 -8.21 -4.48 0.37
C ARG A 92 -7.18 -5.18 -0.52
N SER A 93 -5.91 -4.77 -0.41
CA SER A 93 -4.83 -5.36 -1.21
C SER A 93 -3.61 -5.65 -0.35
N THR A 94 -2.81 -6.63 -0.76
CA THR A 94 -1.61 -7.01 -0.01
C THR A 94 -0.36 -7.15 -0.86
N ALA A 95 0.74 -7.03 -0.15
CA ALA A 95 2.07 -7.15 -0.72
C ALA A 95 3.05 -7.48 0.39
N GLU A 96 4.15 -8.11 0.03
CA GLU A 96 5.18 -8.49 0.99
C GLU A 96 6.44 -7.67 0.87
N LEU A 97 7.07 -7.49 2.02
CA LEU A 97 8.32 -6.76 2.15
C LEU A 97 9.43 -7.73 2.51
N LYS A 98 10.51 -7.65 1.75
CA LYS A 98 11.68 -8.51 1.98
C LYS A 98 12.94 -7.69 2.06
N GLY A 99 13.87 -8.13 2.88
CA GLY A 99 15.14 -7.42 3.05
C GLY A 99 16.25 -8.07 2.25
N GLU A 100 16.76 -7.32 1.30
CA GLU A 100 17.85 -7.76 0.46
C GLU A 100 19.14 -7.79 1.26
N LEU A 101 19.89 -8.86 1.08
CA LEU A 101 21.16 -9.04 1.77
C LEU A 101 22.25 -8.18 1.16
N ARG A 102 23.11 -7.63 2.01
CA ARG A 102 24.20 -6.79 1.54
C ARG A 102 25.28 -7.63 0.88
N SER A 103 25.90 -7.09 -0.17
CA SER A 103 26.95 -7.81 -0.88
C SER A 103 28.22 -7.86 -0.03
N GLY A 104 28.96 -8.95 -0.15
CA GLY A 104 30.19 -9.12 0.61
C GLY A 104 31.22 -8.06 0.21
N CYS A 105 31.26 -7.73 -1.07
CA CYS A 105 32.19 -6.73 -1.56
C CYS A 105 31.71 -5.33 -1.20
N GLY A 1 -32.17 0.20 -17.54
CA GLY A 1 -30.76 -0.24 -17.82
C GLY A 1 -30.06 -0.56 -16.51
N ILE A 2 -28.82 -0.08 -16.39
CA ILE A 2 -28.01 -0.33 -15.19
C ILE A 2 -27.82 0.95 -14.40
N ASP A 3 -28.10 0.89 -13.10
CA ASP A 3 -27.97 2.05 -12.23
C ASP A 3 -26.57 2.67 -12.41
N PRO A 4 -26.24 3.72 -11.68
CA PRO A 4 -24.90 4.37 -11.79
C PRO A 4 -23.77 3.40 -11.41
N PHE A 5 -22.62 3.53 -12.08
CA PHE A 5 -21.49 2.65 -11.82
C PHE A 5 -20.56 3.28 -10.78
N THR A 6 -20.90 4.48 -10.34
CA THR A 6 -20.12 5.19 -9.34
C THR A 6 -20.18 4.45 -8.00
N ALA A 7 -21.34 3.85 -7.74
CA ALA A 7 -21.56 3.10 -6.51
C ALA A 7 -20.85 1.76 -6.54
N GLU A 8 -20.36 1.38 -7.71
CA GLU A 8 -19.69 0.10 -7.85
C GLU A 8 -18.49 0.05 -6.91
N PRO A 9 -18.04 -1.13 -6.52
CA PRO A 9 -16.88 -1.28 -5.61
C PRO A 9 -15.60 -0.69 -6.19
N ILE A 10 -14.81 -0.16 -5.28
CA ILE A 10 -13.54 0.44 -5.59
C ILE A 10 -12.46 -0.60 -5.44
N GLN A 11 -11.59 -0.71 -6.42
CA GLN A 11 -10.53 -1.71 -6.38
C GLN A 11 -9.24 -1.12 -6.93
N PHE A 12 -8.13 -1.77 -6.61
CA PHE A 12 -6.83 -1.29 -7.07
C PHE A 12 -6.48 -1.99 -8.36
N THR A 13 -6.45 -1.22 -9.43
CA THR A 13 -6.12 -1.80 -10.71
C THR A 13 -4.67 -2.25 -10.72
N LYS A 14 -3.79 -1.39 -10.20
CA LYS A 14 -2.36 -1.71 -10.15
C LYS A 14 -2.08 -2.89 -9.22
N ARG A 15 -2.77 -2.91 -8.09
CA ARG A 15 -2.63 -3.99 -7.11
C ARG A 15 -1.17 -4.17 -6.67
N ILE A 16 -0.78 -3.44 -5.62
CA ILE A 16 0.59 -3.50 -5.10
C ILE A 16 1.16 -4.92 -5.12
N GLN A 17 2.47 -4.98 -5.32
CA GLN A 17 3.22 -6.25 -5.40
C GLN A 17 4.36 -6.31 -4.37
N ASN A 18 4.93 -7.50 -4.25
CA ASN A 18 6.00 -7.76 -3.31
C ASN A 18 7.25 -6.93 -3.63
N ILE A 19 7.91 -6.44 -2.57
CA ILE A 19 9.10 -5.60 -2.71
C ILE A 19 10.31 -6.17 -1.96
N VAL A 20 11.46 -6.19 -2.61
CA VAL A 20 12.68 -6.62 -1.93
C VAL A 20 13.57 -5.37 -1.88
N VAL A 21 14.00 -5.03 -0.68
CA VAL A 21 14.78 -3.81 -0.42
C VAL A 21 16.02 -3.98 0.44
N SER A 22 17.09 -3.31 0.04
CA SER A 22 18.33 -3.36 0.79
C SER A 22 18.06 -2.76 2.17
N GLU A 23 18.82 -3.19 3.15
CA GLU A 23 18.60 -2.75 4.51
C GLU A 23 18.68 -1.23 4.65
N HIS A 24 19.65 -0.62 4.00
CA HIS A 24 19.84 0.83 4.10
C HIS A 24 18.94 1.63 3.14
N GLN A 25 18.29 0.95 2.20
CA GLN A 25 17.42 1.66 1.24
C GLN A 25 16.02 1.85 1.76
N SER A 26 15.10 2.16 0.85
CA SER A 26 13.70 2.41 1.19
C SER A 26 12.77 1.64 0.26
N ALA A 27 11.61 1.25 0.78
CA ALA A 27 10.63 0.50 0.01
C ALA A 27 9.40 1.33 -0.32
N THR A 28 8.92 1.20 -1.55
CA THR A 28 7.72 1.94 -1.98
C THR A 28 6.67 1.01 -2.52
N PHE A 29 5.45 1.13 -1.99
CA PHE A 29 4.33 0.37 -2.50
C PHE A 29 3.47 1.36 -3.25
N GLU A 30 3.34 1.17 -4.55
CA GLU A 30 2.57 2.08 -5.38
C GLU A 30 1.25 1.43 -5.78
N CYS A 31 0.20 2.23 -5.85
CA CYS A 31 -1.12 1.71 -6.23
C CYS A 31 -1.89 2.74 -7.03
N GLU A 32 -2.86 2.23 -7.79
CA GLU A 32 -3.74 3.07 -8.59
C GLU A 32 -5.16 2.60 -8.32
N VAL A 33 -6.12 3.52 -8.31
CA VAL A 33 -7.51 3.14 -8.03
C VAL A 33 -8.48 3.73 -9.03
N SER A 34 -9.66 3.11 -9.07
CA SER A 34 -10.73 3.51 -9.96
C SER A 34 -11.24 4.93 -9.67
N PHE A 35 -11.36 5.30 -8.38
CA PHE A 35 -11.89 6.62 -8.02
C PHE A 35 -10.82 7.51 -7.36
N ASP A 36 -10.96 8.83 -7.58
CA ASP A 36 -10.01 9.81 -7.05
C ASP A 36 -10.42 10.35 -5.68
N ASP A 37 -11.71 10.28 -5.41
CA ASP A 37 -12.25 10.80 -4.15
C ASP A 37 -12.07 9.82 -3.00
N ALA A 38 -11.45 8.68 -3.32
CA ALA A 38 -11.22 7.65 -2.31
C ALA A 38 -10.11 8.07 -1.35
N ILE A 39 -10.25 7.64 -0.09
CA ILE A 39 -9.27 7.94 0.94
C ILE A 39 -8.49 6.66 1.22
N VAL A 40 -7.16 6.74 1.22
CA VAL A 40 -6.34 5.53 1.36
C VAL A 40 -5.38 5.55 2.55
N THR A 41 -5.40 4.44 3.30
CA THR A 41 -4.54 4.24 4.48
C THR A 41 -3.75 2.94 4.35
N TRP A 42 -2.48 2.99 4.72
CA TRP A 42 -1.61 1.80 4.63
C TRP A 42 -1.52 1.10 5.97
N TYR A 43 -1.47 -0.24 5.90
CA TYR A 43 -1.38 -1.06 7.10
C TYR A 43 -0.24 -2.06 7.07
N LYS A 44 0.42 -2.16 8.20
CA LYS A 44 1.47 -3.14 8.39
C LYS A 44 0.98 -4.01 9.53
N GLY A 45 0.82 -5.30 9.31
CA GLY A 45 0.30 -6.15 10.38
C GLY A 45 -0.96 -5.46 10.95
N PRO A 46 -1.28 -5.64 12.21
CA PRO A 46 -2.48 -5.00 12.81
C PRO A 46 -2.29 -3.48 12.98
N THR A 47 -1.04 -3.06 12.89
CA THR A 47 -0.63 -1.67 13.07
C THR A 47 -0.74 -0.84 11.79
N GLU A 48 -1.32 0.35 11.93
CA GLU A 48 -1.47 1.27 10.81
C GLU A 48 -0.20 2.11 10.71
N LEU A 49 0.15 2.54 9.51
CA LEU A 49 1.35 3.34 9.32
C LEU A 49 1.03 4.82 9.30
N THR A 50 1.80 5.56 10.08
CA THR A 50 1.66 7.01 10.17
C THR A 50 3.01 7.67 10.06
N GLU A 51 2.99 8.93 9.65
CA GLU A 51 4.21 9.67 9.46
C GLU A 51 4.90 10.00 10.79
N SER A 52 6.21 9.79 10.81
CA SER A 52 7.04 10.07 11.96
C SER A 52 8.48 10.17 11.47
N GLN A 53 8.66 10.92 10.39
CA GLN A 53 9.96 11.06 9.75
C GLN A 53 10.41 9.64 9.39
N LYS A 54 9.41 8.77 9.27
CA LYS A 54 9.62 7.36 8.95
C LYS A 54 8.88 6.97 7.65
N TYR A 55 7.55 7.17 7.61
CA TYR A 55 6.77 6.79 6.44
C TYR A 55 6.37 8.05 5.66
N ASN A 56 6.62 8.06 4.35
CA ASN A 56 6.23 9.23 3.52
C ASN A 56 5.01 8.88 2.66
N PHE A 57 3.89 9.55 2.92
CA PHE A 57 2.67 9.31 2.15
C PHE A 57 2.48 10.45 1.15
N ARG A 58 2.41 10.15 -0.15
CA ARG A 58 2.22 11.20 -1.16
C ARG A 58 0.92 10.98 -1.94
N ASN A 59 0.06 12.01 -1.97
CA ASN A 59 -1.21 11.92 -2.69
C ASN A 59 -1.13 12.65 -4.03
N ASP A 60 -1.07 11.91 -5.13
CA ASP A 60 -1.01 12.51 -6.46
C ASP A 60 -2.18 12.04 -7.29
N GLY A 61 -3.27 12.81 -7.30
CA GLY A 61 -4.45 12.42 -8.07
C GLY A 61 -4.97 11.06 -7.61
N ARG A 62 -5.26 10.19 -8.59
CA ARG A 62 -5.75 8.84 -8.31
C ARG A 62 -4.65 7.99 -7.68
N CYS A 63 -3.41 8.42 -7.88
CA CYS A 63 -2.24 7.69 -7.39
C CYS A 63 -1.87 8.10 -5.97
N HIS A 64 -1.42 7.12 -5.19
CA HIS A 64 -0.97 7.35 -3.83
C HIS A 64 0.26 6.48 -3.57
N TYR A 65 1.34 7.10 -3.10
CA TYR A 65 2.59 6.35 -2.88
C TYR A 65 2.94 6.33 -1.40
N MET A 66 3.46 5.21 -0.92
CA MET A 66 3.89 5.08 0.46
C MET A 66 5.32 4.59 0.45
N THR A 67 6.20 5.29 1.17
CA THR A 67 7.63 4.95 1.19
C THR A 67 8.11 4.70 2.60
N ILE A 68 8.81 3.58 2.78
CA ILE A 68 9.33 3.20 4.08
C ILE A 68 10.85 3.37 4.04
N HIS A 69 11.41 4.12 5.00
CA HIS A 69 12.85 4.36 5.01
C HIS A 69 13.53 3.54 6.10
N ASN A 70 14.70 2.99 5.76
CA ASN A 70 15.46 2.17 6.71
C ASN A 70 14.73 0.88 7.00
N VAL A 71 14.84 -0.06 6.07
CA VAL A 71 14.17 -1.34 6.20
C VAL A 71 15.06 -2.37 6.88
N THR A 72 14.51 -3.02 7.90
CA THR A 72 15.24 -4.04 8.66
C THR A 72 14.68 -5.43 8.37
N PRO A 73 15.44 -6.49 8.57
CA PRO A 73 14.92 -7.87 8.36
C PRO A 73 13.65 -8.06 9.18
N ASP A 74 13.68 -7.45 10.36
CA ASP A 74 12.56 -7.49 11.29
C ASP A 74 11.33 -6.83 10.67
N ASP A 75 11.56 -5.74 9.97
CA ASP A 75 10.47 -4.99 9.36
C ASP A 75 9.83 -5.77 8.22
N GLU A 76 10.52 -6.78 7.70
CA GLU A 76 9.95 -7.57 6.61
C GLU A 76 8.61 -8.12 7.07
N GLY A 77 7.64 -8.12 6.18
CA GLY A 77 6.33 -8.62 6.52
C GLY A 77 5.33 -8.34 5.42
N VAL A 78 4.09 -8.01 5.83
CA VAL A 78 3.03 -7.74 4.87
C VAL A 78 2.50 -6.33 5.01
N TYR A 79 2.41 -5.66 3.86
CA TYR A 79 1.89 -4.30 3.79
C TYR A 79 0.63 -4.30 2.98
N SER A 80 -0.38 -3.58 3.44
CA SER A 80 -1.66 -3.54 2.74
C SER A 80 -2.09 -2.10 2.54
N VAL A 81 -2.88 -1.89 1.51
CA VAL A 81 -3.41 -0.57 1.21
C VAL A 81 -4.91 -0.71 1.11
N ILE A 82 -5.62 0.18 1.78
CA ILE A 82 -7.08 0.11 1.79
C ILE A 82 -7.67 1.42 1.31
N ALA A 83 -8.59 1.36 0.34
CA ALA A 83 -9.23 2.56 -0.16
C ALA A 83 -10.68 2.60 0.31
N ARG A 84 -11.09 3.74 0.89
CA ARG A 84 -12.46 3.85 1.42
C ARG A 84 -13.19 5.11 0.95
N LEU A 85 -14.48 4.93 0.72
CA LEU A 85 -15.39 5.98 0.30
C LEU A 85 -16.73 5.60 0.91
N GLU A 86 -17.72 6.48 0.89
CA GLU A 86 -19.02 6.12 1.48
C GLU A 86 -19.36 4.70 1.01
N PRO A 87 -20.30 3.99 1.60
CA PRO A 87 -20.48 2.58 1.17
C PRO A 87 -20.70 2.45 -0.33
N ARG A 88 -19.71 1.83 -0.98
CA ARG A 88 -19.73 1.57 -2.41
C ARG A 88 -19.09 0.21 -2.67
N GLY A 89 -18.53 -0.39 -1.61
CA GLY A 89 -17.82 -1.66 -1.73
C GLY A 89 -16.29 -1.46 -1.56
N GLU A 90 -15.85 -1.41 -0.29
CA GLU A 90 -14.44 -1.19 0.07
C GLU A 90 -13.53 -2.32 -0.44
N ALA A 91 -12.26 -1.98 -0.65
CA ALA A 91 -11.26 -2.94 -1.17
C ALA A 91 -10.00 -3.01 -0.29
N ARG A 92 -9.40 -4.20 -0.25
CA ARG A 92 -8.17 -4.42 0.51
C ARG A 92 -7.16 -5.11 -0.41
N SER A 93 -5.89 -4.71 -0.33
CA SER A 93 -4.83 -5.34 -1.15
C SER A 93 -3.60 -5.64 -0.31
N THR A 94 -2.82 -6.64 -0.72
CA THR A 94 -1.61 -7.02 0.03
C THR A 94 -0.37 -7.17 -0.84
N ALA A 95 0.74 -7.06 -0.12
CA ALA A 95 2.06 -7.21 -0.70
C ALA A 95 3.05 -7.53 0.42
N GLU A 96 4.16 -8.17 0.07
CA GLU A 96 5.17 -8.55 1.04
C GLU A 96 6.44 -7.75 0.91
N LEU A 97 7.05 -7.51 2.05
CA LEU A 97 8.31 -6.79 2.15
C LEU A 97 9.43 -7.75 2.49
N LYS A 98 10.49 -7.66 1.73
CA LYS A 98 11.67 -8.52 1.91
C LYS A 98 12.93 -7.69 1.99
N GLY A 99 13.87 -8.13 2.81
CA GLY A 99 15.13 -7.43 2.96
C GLY A 99 16.25 -8.09 2.17
N GLU A 100 16.85 -7.26 1.33
CA GLU A 100 17.96 -7.67 0.49
C GLU A 100 19.28 -7.45 1.25
N LEU A 101 20.15 -8.43 1.17
CA LEU A 101 21.44 -8.37 1.83
C LEU A 101 22.38 -7.43 1.07
N ARG A 102 23.16 -6.66 1.81
CA ARG A 102 24.10 -5.72 1.18
C ARG A 102 25.21 -6.48 0.45
N SER A 103 25.53 -6.03 -0.75
CA SER A 103 26.56 -6.67 -1.55
C SER A 103 27.96 -6.42 -0.97
N GLY A 104 28.84 -7.40 -1.14
CA GLY A 104 30.20 -7.29 -0.63
C GLY A 104 31.06 -8.44 -1.15
N CYS A 105 32.35 -8.41 -0.82
CA CYS A 105 33.26 -9.46 -1.25
C CYS A 105 33.08 -10.71 -0.39
N GLY A 1 -23.54 -4.11 -13.11
CA GLY A 1 -24.88 -4.70 -13.41
C GLY A 1 -25.95 -3.63 -13.26
N ILE A 2 -27.00 -3.95 -12.51
CA ILE A 2 -28.10 -3.01 -12.31
C ILE A 2 -27.61 -1.79 -11.55
N ASP A 3 -26.81 -2.03 -10.52
CA ASP A 3 -26.28 -0.94 -9.71
C ASP A 3 -25.57 0.08 -10.59
N PRO A 4 -25.56 1.34 -10.20
CA PRO A 4 -24.90 2.43 -10.98
C PRO A 4 -23.38 2.34 -10.96
N PHE A 5 -22.76 2.92 -11.97
CA PHE A 5 -21.30 2.89 -12.13
C PHE A 5 -20.57 3.55 -10.95
N THR A 6 -21.04 4.71 -10.53
CA THR A 6 -20.36 5.45 -9.46
C THR A 6 -20.37 4.70 -8.12
N ALA A 7 -21.45 3.98 -7.85
CA ALA A 7 -21.57 3.23 -6.60
C ALA A 7 -20.84 1.90 -6.66
N GLU A 8 -20.36 1.54 -7.83
CA GLU A 8 -19.69 0.28 -8.01
C GLU A 8 -18.48 0.20 -7.06
N PRO A 9 -18.07 -0.98 -6.66
CA PRO A 9 -16.91 -1.14 -5.75
C PRO A 9 -15.62 -0.58 -6.31
N ILE A 10 -14.82 -0.06 -5.39
CA ILE A 10 -13.53 0.50 -5.69
C ILE A 10 -12.48 -0.57 -5.51
N GLN A 11 -11.59 -0.69 -6.49
CA GLN A 11 -10.55 -1.71 -6.44
C GLN A 11 -9.24 -1.14 -6.94
N PHE A 12 -8.14 -1.79 -6.61
CA PHE A 12 -6.83 -1.32 -7.05
C PHE A 12 -6.48 -2.00 -8.35
N THR A 13 -6.45 -1.20 -9.40
CA THR A 13 -6.12 -1.74 -10.70
C THR A 13 -4.67 -2.18 -10.74
N LYS A 14 -3.78 -1.34 -10.20
CA LYS A 14 -2.36 -1.66 -10.17
C LYS A 14 -2.05 -2.85 -9.28
N ARG A 15 -2.74 -2.91 -8.14
CA ARG A 15 -2.57 -4.00 -7.18
C ARG A 15 -1.12 -4.16 -6.71
N ILE A 16 -0.77 -3.42 -5.67
CA ILE A 16 0.60 -3.47 -5.12
C ILE A 16 1.17 -4.88 -5.12
N GLN A 17 2.50 -4.95 -5.29
CA GLN A 17 3.22 -6.20 -5.35
C GLN A 17 4.39 -6.25 -4.36
N ASN A 18 4.89 -7.45 -4.18
CA ASN A 18 6.00 -7.72 -3.26
C ASN A 18 7.24 -6.91 -3.63
N ILE A 19 7.90 -6.38 -2.61
CA ILE A 19 9.09 -5.55 -2.77
C ILE A 19 10.27 -6.11 -1.99
N VAL A 20 11.44 -6.18 -2.62
CA VAL A 20 12.64 -6.63 -1.94
C VAL A 20 13.56 -5.40 -1.91
N VAL A 21 14.02 -5.05 -0.72
CA VAL A 21 14.86 -3.86 -0.54
C VAL A 21 16.07 -4.07 0.37
N SER A 22 17.12 -3.30 0.11
CA SER A 22 18.33 -3.35 0.93
C SER A 22 18.01 -2.84 2.34
N GLU A 23 18.78 -3.25 3.32
CA GLU A 23 18.49 -2.86 4.68
C GLU A 23 18.56 -1.34 4.90
N HIS A 24 19.50 -0.67 4.27
CA HIS A 24 19.66 0.77 4.46
C HIS A 24 18.90 1.62 3.43
N GLN A 25 18.32 1.01 2.40
CA GLN A 25 17.59 1.79 1.39
C GLN A 25 16.16 2.08 1.84
N SER A 26 15.20 1.96 0.92
CA SER A 26 13.80 2.27 1.23
C SER A 26 12.89 1.45 0.32
N ALA A 27 11.61 1.33 0.69
CA ALA A 27 10.66 0.55 -0.11
C ALA A 27 9.41 1.37 -0.42
N THR A 28 8.91 1.24 -1.66
CA THR A 28 7.71 1.97 -2.06
C THR A 28 6.63 1.06 -2.59
N PHE A 29 5.42 1.20 -2.05
CA PHE A 29 4.29 0.43 -2.54
C PHE A 29 3.43 1.42 -3.30
N GLU A 30 3.26 1.18 -4.58
CA GLU A 30 2.49 2.08 -5.43
C GLU A 30 1.16 1.43 -5.80
N CYS A 31 0.11 2.23 -5.86
CA CYS A 31 -1.22 1.69 -6.21
C CYS A 31 -2.00 2.70 -7.05
N GLU A 32 -2.96 2.19 -7.80
CA GLU A 32 -3.84 2.99 -8.64
C GLU A 32 -5.25 2.55 -8.32
N VAL A 33 -6.20 3.47 -8.31
CA VAL A 33 -7.58 3.11 -7.96
C VAL A 33 -8.60 3.64 -8.95
N SER A 34 -9.77 3.02 -8.90
CA SER A 34 -10.89 3.35 -9.76
C SER A 34 -11.36 4.79 -9.53
N PHE A 35 -11.39 5.24 -8.26
CA PHE A 35 -11.85 6.61 -7.95
C PHE A 35 -10.79 7.40 -7.17
N ASP A 36 -10.78 8.72 -7.39
CA ASP A 36 -9.82 9.62 -6.72
C ASP A 36 -10.37 10.17 -5.42
N ASP A 37 -11.67 10.10 -5.31
CA ASP A 37 -12.39 10.61 -4.14
C ASP A 37 -12.17 9.70 -2.95
N ALA A 38 -11.53 8.57 -3.20
CA ALA A 38 -11.28 7.57 -2.16
C ALA A 38 -10.16 8.02 -1.20
N ILE A 39 -10.27 7.54 0.03
CA ILE A 39 -9.30 7.84 1.08
C ILE A 39 -8.46 6.59 1.32
N VAL A 40 -7.14 6.73 1.34
CA VAL A 40 -6.26 5.55 1.46
C VAL A 40 -5.30 5.59 2.66
N THR A 41 -5.32 4.46 3.38
CA THR A 41 -4.47 4.24 4.56
C THR A 41 -3.69 2.93 4.41
N TRP A 42 -2.41 2.95 4.76
CA TRP A 42 -1.58 1.74 4.62
C TRP A 42 -1.46 1.02 5.95
N TYR A 43 -1.51 -0.31 5.89
CA TYR A 43 -1.39 -1.13 7.10
C TYR A 43 -0.26 -2.14 7.06
N LYS A 44 0.43 -2.24 8.18
CA LYS A 44 1.48 -3.23 8.36
C LYS A 44 1.01 -4.08 9.52
N GLY A 45 0.80 -5.38 9.32
CA GLY A 45 0.28 -6.18 10.42
C GLY A 45 -0.97 -5.46 10.93
N PRO A 46 -1.41 -5.68 12.13
CA PRO A 46 -2.62 -4.96 12.65
C PRO A 46 -2.35 -3.46 12.81
N THR A 47 -1.06 -3.11 12.85
CA THR A 47 -0.62 -1.73 13.03
C THR A 47 -0.75 -0.90 11.76
N GLU A 48 -1.30 0.30 11.92
CA GLU A 48 -1.43 1.24 10.82
C GLU A 48 -0.15 2.06 10.71
N LEU A 49 0.18 2.48 9.51
CA LEU A 49 1.41 3.24 9.30
C LEU A 49 1.10 4.72 9.28
N THR A 50 1.88 5.46 10.04
CA THR A 50 1.74 6.91 10.12
C THR A 50 3.10 7.57 10.01
N GLU A 51 3.07 8.83 9.62
CA GLU A 51 4.28 9.59 9.44
C GLU A 51 4.93 9.93 10.78
N SER A 52 6.24 9.73 10.83
CA SER A 52 7.05 10.02 11.99
C SER A 52 8.51 9.98 11.56
N GLN A 53 8.85 10.87 10.63
CA GLN A 53 10.20 10.90 10.10
C GLN A 53 10.60 9.48 9.69
N LYS A 54 9.57 8.69 9.38
CA LYS A 54 9.76 7.28 8.99
C LYS A 54 8.99 6.93 7.70
N TYR A 55 7.66 7.12 7.69
CA TYR A 55 6.86 6.78 6.52
C TYR A 55 6.44 8.03 5.76
N ASN A 56 6.67 8.06 4.44
CA ASN A 56 6.29 9.22 3.62
C ASN A 56 5.09 8.87 2.76
N PHE A 57 3.97 9.52 3.01
CA PHE A 57 2.75 9.28 2.26
C PHE A 57 2.53 10.43 1.27
N ARG A 58 2.51 10.12 -0.03
CA ARG A 58 2.29 11.14 -1.06
C ARG A 58 1.05 10.80 -1.88
N ASN A 59 0.16 11.77 -2.06
CA ASN A 59 -1.06 11.55 -2.84
C ASN A 59 -1.03 12.41 -4.09
N ASP A 60 -1.08 11.76 -5.25
CA ASP A 60 -1.08 12.45 -6.53
C ASP A 60 -2.21 11.93 -7.39
N GLY A 61 -3.32 12.67 -7.43
CA GLY A 61 -4.46 12.25 -8.22
C GLY A 61 -4.94 10.86 -7.80
N ARG A 62 -5.21 10.03 -8.79
CA ARG A 62 -5.68 8.68 -8.55
C ARG A 62 -4.59 7.81 -7.92
N CYS A 63 -3.33 8.21 -8.11
CA CYS A 63 -2.20 7.42 -7.60
C CYS A 63 -1.80 7.89 -6.19
N HIS A 64 -1.48 6.92 -5.34
CA HIS A 64 -1.04 7.19 -3.97
C HIS A 64 0.25 6.40 -3.72
N TYR A 65 1.25 7.03 -3.10
CA TYR A 65 2.52 6.34 -2.86
C TYR A 65 2.87 6.31 -1.37
N MET A 66 3.47 5.21 -0.93
CA MET A 66 3.94 5.08 0.45
C MET A 66 5.39 4.67 0.39
N THR A 67 6.26 5.39 1.08
CA THR A 67 7.70 5.07 1.08
C THR A 67 8.19 4.81 2.50
N ILE A 68 8.88 3.68 2.67
CA ILE A 68 9.40 3.29 3.97
C ILE A 68 10.92 3.43 3.94
N HIS A 69 11.48 4.13 4.92
CA HIS A 69 12.93 4.36 4.95
C HIS A 69 13.62 3.52 6.02
N ASN A 70 14.85 3.09 5.73
CA ASN A 70 15.63 2.29 6.69
C ASN A 70 14.92 0.97 7.00
N VAL A 71 14.69 0.18 5.95
CA VAL A 71 14.01 -1.09 6.12
C VAL A 71 14.92 -2.08 6.84
N THR A 72 14.37 -2.72 7.87
CA THR A 72 15.12 -3.70 8.66
C THR A 72 14.62 -5.11 8.36
N PRO A 73 15.41 -6.14 8.56
CA PRO A 73 14.95 -7.53 8.34
C PRO A 73 13.68 -7.77 9.14
N ASP A 74 13.67 -7.15 10.32
CA ASP A 74 12.55 -7.24 11.24
C ASP A 74 11.30 -6.66 10.62
N ASP A 75 11.49 -5.56 9.89
CA ASP A 75 10.39 -4.86 9.26
C ASP A 75 9.77 -5.69 8.14
N GLU A 76 10.49 -6.69 7.63
CA GLU A 76 9.95 -7.52 6.56
C GLU A 76 8.63 -8.09 7.04
N GLY A 77 7.66 -8.14 6.15
CA GLY A 77 6.35 -8.65 6.53
C GLY A 77 5.33 -8.43 5.43
N VAL A 78 4.12 -8.05 5.82
CA VAL A 78 3.04 -7.81 4.88
C VAL A 78 2.52 -6.39 5.03
N TYR A 79 2.41 -5.72 3.89
CA TYR A 79 1.91 -4.35 3.81
C TYR A 79 0.62 -4.33 3.00
N SER A 80 -0.37 -3.60 3.46
CA SER A 80 -1.66 -3.54 2.76
C SER A 80 -2.09 -2.11 2.55
N VAL A 81 -2.89 -1.92 1.52
CA VAL A 81 -3.43 -0.60 1.20
C VAL A 81 -4.93 -0.76 1.12
N ILE A 82 -5.63 0.14 1.80
CA ILE A 82 -7.08 0.08 1.82
C ILE A 82 -7.67 1.39 1.34
N ALA A 83 -8.58 1.33 0.38
CA ALA A 83 -9.23 2.54 -0.14
C ALA A 83 -10.68 2.58 0.34
N ARG A 84 -11.09 3.72 0.90
CA ARG A 84 -12.45 3.85 1.42
C ARG A 84 -13.17 5.12 0.94
N LEU A 85 -14.45 4.94 0.71
CA LEU A 85 -15.36 6.00 0.31
C LEU A 85 -16.69 5.63 0.93
N GLU A 86 -17.69 6.52 0.89
CA GLU A 86 -18.99 6.17 1.49
C GLU A 86 -19.31 4.74 1.02
N PRO A 87 -20.22 4.01 1.63
CA PRO A 87 -20.41 2.61 1.20
C PRO A 87 -20.67 2.49 -0.29
N ARG A 88 -19.69 1.88 -0.96
CA ARG A 88 -19.73 1.62 -2.38
C ARG A 88 -19.11 0.27 -2.66
N GLY A 89 -18.56 -0.36 -1.62
CA GLY A 89 -17.85 -1.65 -1.77
C GLY A 89 -16.33 -1.46 -1.59
N GLU A 90 -15.90 -1.42 -0.33
CA GLU A 90 -14.48 -1.21 0.03
C GLU A 90 -13.57 -2.33 -0.49
N ALA A 91 -12.29 -1.97 -0.67
CA ALA A 91 -11.28 -2.91 -1.20
C ALA A 91 -10.05 -3.01 -0.31
N ARG A 92 -9.45 -4.21 -0.28
CA ARG A 92 -8.23 -4.44 0.49
C ARG A 92 -7.22 -5.16 -0.41
N SER A 93 -5.95 -4.77 -0.33
CA SER A 93 -4.89 -5.40 -1.14
C SER A 93 -3.66 -5.68 -0.29
N THR A 94 -2.88 -6.70 -0.69
CA THR A 94 -1.65 -7.06 0.07
C THR A 94 -0.42 -7.19 -0.78
N ALA A 95 0.69 -7.07 -0.08
CA ALA A 95 2.02 -7.17 -0.65
C ALA A 95 3.00 -7.52 0.47
N GLU A 96 4.11 -8.12 0.10
CA GLU A 96 5.14 -8.52 1.06
C GLU A 96 6.40 -7.72 0.92
N LEU A 97 7.03 -7.51 2.06
CA LEU A 97 8.29 -6.78 2.16
C LEU A 97 9.39 -7.75 2.52
N LYS A 98 10.48 -7.68 1.77
CA LYS A 98 11.63 -8.56 1.98
C LYS A 98 12.91 -7.76 2.05
N GLY A 99 13.85 -8.22 2.85
CA GLY A 99 15.13 -7.54 2.98
C GLY A 99 16.22 -8.24 2.19
N GLU A 100 16.83 -7.46 1.32
CA GLU A 100 17.92 -7.89 0.48
C GLU A 100 19.23 -7.67 1.21
N LEU A 101 20.15 -8.59 1.02
CA LEU A 101 21.45 -8.51 1.66
C LEU A 101 22.33 -7.45 1.00
N ARG A 102 23.10 -6.74 1.82
CA ARG A 102 23.96 -5.68 1.32
C ARG A 102 25.09 -6.29 0.48
N SER A 103 25.34 -5.69 -0.69
CA SER A 103 26.40 -6.17 -1.56
C SER A 103 27.77 -5.83 -0.99
N GLY A 104 28.75 -6.68 -1.26
CA GLY A 104 30.10 -6.45 -0.76
C GLY A 104 30.68 -5.16 -1.34
N CYS A 105 30.37 -4.91 -2.61
CA CYS A 105 30.86 -3.70 -3.27
C CYS A 105 30.17 -3.51 -4.62
N GLY A 1 -29.68 -6.21 -13.10
CA GLY A 1 -29.27 -4.81 -13.36
C GLY A 1 -27.88 -4.61 -12.78
N ILE A 2 -27.18 -3.56 -13.21
CA ILE A 2 -25.84 -3.27 -12.69
C ILE A 2 -25.87 -2.06 -11.80
N ASP A 3 -25.34 -2.21 -10.59
CA ASP A 3 -25.30 -1.13 -9.61
C ASP A 3 -24.83 0.16 -10.31
N PRO A 4 -25.03 1.33 -9.71
CA PRO A 4 -24.56 2.61 -10.34
C PRO A 4 -23.05 2.67 -10.53
N PHE A 5 -22.62 3.31 -11.62
CA PHE A 5 -21.20 3.43 -11.92
C PHE A 5 -20.46 4.15 -10.80
N THR A 6 -21.03 5.26 -10.34
CA THR A 6 -20.42 6.05 -9.28
C THR A 6 -20.34 5.25 -7.98
N ALA A 7 -21.41 4.56 -7.65
CA ALA A 7 -21.46 3.78 -6.40
C ALA A 7 -20.83 2.41 -6.57
N GLU A 8 -20.36 2.11 -7.77
CA GLU A 8 -19.76 0.82 -8.03
C GLU A 8 -18.56 0.60 -7.10
N PRO A 9 -18.17 -0.62 -6.86
CA PRO A 9 -17.02 -0.93 -5.97
C PRO A 9 -15.70 -0.36 -6.47
N ILE A 10 -14.87 0.01 -5.51
CA ILE A 10 -13.56 0.55 -5.77
C ILE A 10 -12.52 -0.52 -5.53
N GLN A 11 -11.61 -0.68 -6.49
CA GLN A 11 -10.58 -1.70 -6.39
C GLN A 11 -9.27 -1.13 -6.88
N PHE A 12 -8.17 -1.79 -6.54
CA PHE A 12 -6.85 -1.31 -6.96
C PHE A 12 -6.50 -1.97 -8.27
N THR A 13 -6.47 -1.18 -9.32
CA THR A 13 -6.14 -1.72 -10.62
C THR A 13 -4.67 -2.18 -10.64
N LYS A 14 -3.80 -1.34 -10.10
CA LYS A 14 -2.37 -1.67 -10.06
C LYS A 14 -2.11 -2.87 -9.15
N ARG A 15 -2.82 -2.89 -8.02
CA ARG A 15 -2.67 -3.99 -7.06
C ARG A 15 -1.22 -4.16 -6.59
N ILE A 16 -0.85 -3.42 -5.55
CA ILE A 16 0.52 -3.49 -5.02
C ILE A 16 1.07 -4.92 -5.00
N GLN A 17 2.39 -5.00 -5.19
CA GLN A 17 3.10 -6.29 -5.23
C GLN A 17 4.28 -6.28 -4.27
N ASN A 18 4.84 -7.48 -4.07
CA ASN A 18 5.95 -7.67 -3.16
C ASN A 18 7.19 -6.87 -3.56
N ILE A 19 7.88 -6.37 -2.53
CA ILE A 19 9.07 -5.55 -2.69
C ILE A 19 10.25 -6.12 -1.94
N VAL A 20 11.40 -6.18 -2.60
CA VAL A 20 12.61 -6.63 -1.93
C VAL A 20 13.52 -5.41 -1.91
N VAL A 21 14.01 -5.06 -0.72
CA VAL A 21 14.84 -3.86 -0.55
C VAL A 21 16.05 -4.10 0.35
N SER A 22 17.08 -3.29 0.17
CA SER A 22 18.30 -3.42 0.96
C SER A 22 18.05 -2.92 2.39
N GLU A 23 18.97 -3.23 3.27
CA GLU A 23 18.81 -2.86 4.67
C GLU A 23 18.78 -1.34 4.91
N HIS A 24 19.64 -0.60 4.22
CA HIS A 24 19.73 0.86 4.39
C HIS A 24 18.85 1.65 3.41
N GLN A 25 18.27 0.97 2.43
CA GLN A 25 17.44 1.65 1.43
C GLN A 25 16.00 1.86 1.91
N SER A 26 15.13 2.14 0.95
CA SER A 26 13.70 2.42 1.22
C SER A 26 12.81 1.62 0.28
N ALA A 27 11.60 1.29 0.76
CA ALA A 27 10.63 0.53 -0.04
C ALA A 27 9.38 1.34 -0.32
N THR A 28 8.89 1.23 -1.55
CA THR A 28 7.69 1.95 -1.97
C THR A 28 6.62 1.01 -2.51
N PHE A 29 5.41 1.13 -1.97
CA PHE A 29 4.28 0.35 -2.47
C PHE A 29 3.41 1.32 -3.22
N GLU A 30 3.27 1.10 -4.51
CA GLU A 30 2.48 2.00 -5.35
C GLU A 30 1.16 1.35 -5.72
N CYS A 31 0.11 2.15 -5.74
CA CYS A 31 -1.23 1.64 -6.09
C CYS A 31 -1.99 2.66 -6.95
N GLU A 32 -2.94 2.14 -7.70
CA GLU A 32 -3.80 2.96 -8.54
C GLU A 32 -5.23 2.51 -8.26
N VAL A 33 -6.18 3.45 -8.29
CA VAL A 33 -7.56 3.09 -7.98
C VAL A 33 -8.57 3.63 -8.98
N SER A 34 -9.72 2.99 -8.96
CA SER A 34 -10.83 3.36 -9.83
C SER A 34 -11.28 4.81 -9.59
N PHE A 35 -11.27 5.26 -8.32
CA PHE A 35 -11.72 6.62 -8.00
C PHE A 35 -10.66 7.41 -7.21
N ASP A 36 -10.65 8.73 -7.43
CA ASP A 36 -9.69 9.61 -6.75
C ASP A 36 -10.24 10.15 -5.45
N ASP A 37 -11.54 10.12 -5.34
CA ASP A 37 -12.23 10.65 -4.17
C ASP A 37 -12.07 9.73 -2.96
N ALA A 38 -11.50 8.56 -3.18
CA ALA A 38 -11.31 7.60 -2.12
C ALA A 38 -10.17 8.01 -1.18
N ILE A 39 -10.31 7.63 0.09
CA ILE A 39 -9.34 7.92 1.12
C ILE A 39 -8.55 6.64 1.39
N VAL A 40 -7.22 6.74 1.35
CA VAL A 40 -6.38 5.54 1.49
C VAL A 40 -5.41 5.59 2.68
N THR A 41 -5.40 4.47 3.42
CA THR A 41 -4.54 4.27 4.59
C THR A 41 -3.72 2.99 4.40
N TRP A 42 -2.44 3.05 4.78
CA TRP A 42 -1.56 1.90 4.63
C TRP A 42 -1.45 1.14 5.94
N TYR A 43 -1.45 -0.19 5.86
CA TYR A 43 -1.35 -1.02 7.05
C TYR A 43 -0.21 -2.01 7.02
N LYS A 44 0.46 -2.13 8.15
CA LYS A 44 1.51 -3.10 8.32
C LYS A 44 1.02 -4.01 9.42
N GLY A 45 0.86 -5.30 9.15
CA GLY A 45 0.33 -6.20 10.16
C GLY A 45 -0.90 -5.55 10.83
N PRO A 46 -1.18 -5.80 12.09
CA PRO A 46 -2.35 -5.18 12.79
C PRO A 46 -2.18 -3.67 12.99
N THR A 47 -0.93 -3.21 12.86
CA THR A 47 -0.57 -1.82 13.09
C THR A 47 -0.66 -0.97 11.82
N GLU A 48 -1.28 0.20 11.96
CA GLU A 48 -1.41 1.14 10.86
C GLU A 48 -0.17 2.01 10.81
N LEU A 49 0.20 2.45 9.62
CA LEU A 49 1.39 3.27 9.46
C LEU A 49 1.05 4.75 9.51
N THR A 50 1.83 5.48 10.29
CA THR A 50 1.65 6.91 10.43
C THR A 50 2.99 7.62 10.29
N GLU A 51 2.92 8.90 9.98
CA GLU A 51 4.10 9.69 9.78
C GLU A 51 4.85 9.99 11.09
N SER A 52 6.16 9.86 11.00
CA SER A 52 7.09 10.09 12.09
C SER A 52 8.47 10.22 11.47
N GLN A 53 8.49 10.99 10.38
CA GLN A 53 9.69 11.16 9.57
C GLN A 53 10.20 9.76 9.23
N LYS A 54 9.27 8.80 9.33
CA LYS A 54 9.53 7.40 9.02
C LYS A 54 8.84 6.98 7.71
N TYR A 55 7.52 7.22 7.61
CA TYR A 55 6.77 6.85 6.41
C TYR A 55 6.37 8.11 5.64
N ASN A 56 6.68 8.15 4.35
CA ASN A 56 6.30 9.29 3.51
C ASN A 56 5.08 8.91 2.67
N PHE A 57 3.96 9.58 2.93
CA PHE A 57 2.74 9.31 2.19
C PHE A 57 2.51 10.41 1.17
N ARG A 58 2.49 10.07 -0.13
CA ARG A 58 2.29 11.07 -1.18
C ARG A 58 1.10 10.70 -2.03
N ASN A 59 0.20 11.66 -2.26
CA ASN A 59 -0.98 11.42 -3.09
C ASN A 59 -0.89 12.28 -4.34
N ASP A 60 -0.91 11.63 -5.49
CA ASP A 60 -0.84 12.31 -6.77
C ASP A 60 -1.95 11.78 -7.68
N GLY A 61 -3.02 12.55 -7.80
CA GLY A 61 -4.13 12.13 -8.64
C GLY A 61 -4.67 10.79 -8.17
N ARG A 62 -4.91 9.89 -9.12
CA ARG A 62 -5.43 8.55 -8.82
C ARG A 62 -4.37 7.66 -8.14
N CYS A 63 -3.09 8.00 -8.31
CA CYS A 63 -2.01 7.18 -7.74
C CYS A 63 -1.62 7.63 -6.33
N HIS A 64 -1.49 6.66 -5.43
CA HIS A 64 -1.10 6.93 -4.03
C HIS A 64 0.21 6.18 -3.74
N TYR A 65 1.24 6.90 -3.25
CA TYR A 65 2.53 6.26 -2.98
C TYR A 65 2.87 6.29 -1.48
N MET A 66 3.40 5.18 -0.97
CA MET A 66 3.83 5.09 0.42
C MET A 66 5.28 4.62 0.42
N THR A 67 6.15 5.33 1.13
CA THR A 67 7.58 4.98 1.16
C THR A 67 8.07 4.72 2.57
N ILE A 68 8.76 3.61 2.74
CA ILE A 68 9.29 3.23 4.05
C ILE A 68 10.80 3.40 4.00
N HIS A 69 11.36 4.13 4.97
CA HIS A 69 12.79 4.39 4.99
C HIS A 69 13.49 3.55 6.06
N ASN A 70 14.69 3.07 5.71
CA ASN A 70 15.48 2.24 6.61
C ASN A 70 14.72 0.96 6.91
N VAL A 71 14.81 0.02 5.98
CA VAL A 71 14.13 -1.24 6.11
C VAL A 71 15.04 -2.27 6.76
N THR A 72 14.53 -2.93 7.80
CA THR A 72 15.29 -3.93 8.53
C THR A 72 14.73 -5.34 8.24
N PRO A 73 15.52 -6.39 8.43
CA PRO A 73 15.01 -7.77 8.23
C PRO A 73 13.75 -7.97 9.07
N ASP A 74 13.78 -7.35 10.25
CA ASP A 74 12.68 -7.38 11.19
C ASP A 74 11.44 -6.72 10.61
N ASP A 75 11.68 -5.63 9.90
CA ASP A 75 10.61 -4.85 9.29
C ASP A 75 9.93 -5.63 8.16
N GLU A 76 10.60 -6.67 7.66
CA GLU A 76 10.01 -7.48 6.59
C GLU A 76 8.67 -8.00 7.07
N GLY A 77 7.70 -8.01 6.17
CA GLY A 77 6.37 -8.49 6.52
C GLY A 77 5.37 -8.26 5.42
N VAL A 78 4.14 -7.93 5.81
CA VAL A 78 3.06 -7.70 4.87
C VAL A 78 2.52 -6.30 5.00
N TYR A 79 2.40 -5.64 3.87
CA TYR A 79 1.88 -4.27 3.78
C TYR A 79 0.60 -4.27 2.97
N SER A 80 -0.42 -3.55 3.44
CA SER A 80 -1.69 -3.49 2.73
C SER A 80 -2.12 -2.06 2.53
N VAL A 81 -2.90 -1.85 1.49
CA VAL A 81 -3.44 -0.53 1.20
C VAL A 81 -4.94 -0.67 1.09
N ILE A 82 -5.65 0.19 1.78
CA ILE A 82 -7.10 0.15 1.79
C ILE A 82 -7.68 1.45 1.31
N ALA A 83 -8.61 1.36 0.36
CA ALA A 83 -9.27 2.54 -0.17
C ALA A 83 -10.73 2.47 0.25
N ARG A 84 -11.26 3.53 0.86
CA ARG A 84 -12.64 3.51 1.31
C ARG A 84 -13.36 4.85 1.18
N LEU A 85 -14.63 4.70 0.86
CA LEU A 85 -15.57 5.81 0.71
C LEU A 85 -16.87 5.30 1.32
N GLU A 86 -17.88 6.17 1.50
CA GLU A 86 -19.13 5.67 2.08
C GLU A 86 -19.48 4.34 1.38
N PRO A 87 -20.28 3.48 1.94
CA PRO A 87 -20.51 2.15 1.32
C PRO A 87 -20.72 2.17 -0.19
N ARG A 88 -19.72 1.61 -0.89
CA ARG A 88 -19.74 1.47 -2.35
C ARG A 88 -19.11 0.13 -2.72
N GLY A 89 -18.56 -0.54 -1.70
CA GLY A 89 -17.86 -1.81 -1.89
C GLY A 89 -16.34 -1.59 -1.73
N GLU A 90 -15.89 -1.57 -0.46
CA GLU A 90 -14.48 -1.34 -0.10
C GLU A 90 -13.56 -2.45 -0.61
N ALA A 91 -12.30 -2.07 -0.85
CA ALA A 91 -11.27 -2.99 -1.36
C ALA A 91 -10.04 -3.07 -0.47
N ARG A 92 -9.43 -4.26 -0.44
CA ARG A 92 -8.21 -4.48 0.33
C ARG A 92 -7.17 -5.19 -0.55
N SER A 93 -5.92 -4.76 -0.46
CA SER A 93 -4.82 -5.37 -1.23
C SER A 93 -3.62 -5.64 -0.36
N THR A 94 -2.81 -6.61 -0.76
CA THR A 94 -1.60 -6.99 0.00
C THR A 94 -0.35 -7.09 -0.84
N ALA A 95 0.75 -6.99 -0.12
CA ALA A 95 2.08 -7.08 -0.67
C ALA A 95 3.06 -7.45 0.45
N GLU A 96 4.17 -8.06 0.08
CA GLU A 96 5.18 -8.48 1.04
C GLU A 96 6.46 -7.70 0.92
N LEU A 97 7.06 -7.47 2.07
CA LEU A 97 8.33 -6.76 2.17
C LEU A 97 9.45 -7.73 2.51
N LYS A 98 10.50 -7.66 1.73
CA LYS A 98 11.66 -8.54 1.93
C LYS A 98 12.95 -7.75 1.98
N GLY A 99 13.88 -8.21 2.78
CA GLY A 99 15.17 -7.54 2.92
C GLY A 99 16.25 -8.26 2.11
N GLU A 100 16.87 -7.50 1.24
CA GLU A 100 17.93 -7.95 0.38
C GLU A 100 19.28 -7.75 1.06
N LEU A 101 20.13 -8.74 0.89
CA LEU A 101 21.47 -8.72 1.46
C LEU A 101 22.38 -7.77 0.69
N ARG A 102 23.25 -7.08 1.40
CA ARG A 102 24.17 -6.13 0.75
C ARG A 102 25.28 -6.87 0.01
N SER A 103 25.66 -6.31 -1.13
CA SER A 103 26.72 -6.91 -1.95
C SER A 103 28.09 -6.71 -1.29
N GLY A 104 28.99 -7.67 -1.48
CA GLY A 104 30.32 -7.59 -0.90
C GLY A 104 31.22 -8.68 -1.46
N CYS A 105 32.50 -8.61 -1.10
CA CYS A 105 33.48 -9.58 -1.56
C CYS A 105 34.67 -9.64 -0.61
N GLY A 1 -22.57 9.02 -23.16
CA GLY A 1 -22.39 7.60 -22.76
C GLY A 1 -22.70 7.43 -21.28
N ILE A 2 -23.89 6.94 -20.99
CA ILE A 2 -24.34 6.72 -19.61
C ILE A 2 -24.40 5.22 -19.32
N ASP A 3 -23.77 4.80 -18.23
CA ASP A 3 -23.77 3.39 -17.85
C ASP A 3 -23.00 3.19 -16.54
N PRO A 4 -21.86 3.81 -16.40
CA PRO A 4 -21.03 3.72 -15.16
C PRO A 4 -21.75 4.26 -13.94
N PHE A 5 -21.49 3.66 -12.77
CA PHE A 5 -22.12 4.10 -11.53
C PHE A 5 -21.04 4.65 -10.59
N THR A 6 -21.32 5.81 -10.02
CA THR A 6 -20.38 6.45 -9.10
C THR A 6 -20.23 5.63 -7.82
N ALA A 7 -21.31 4.97 -7.41
CA ALA A 7 -21.31 4.17 -6.19
C ALA A 7 -20.73 2.78 -6.43
N GLU A 8 -20.29 2.51 -7.65
CA GLU A 8 -19.73 1.21 -7.95
C GLU A 8 -18.54 0.94 -7.03
N PRO A 9 -18.20 -0.31 -6.81
CA PRO A 9 -17.06 -0.67 -5.93
C PRO A 9 -15.73 -0.14 -6.42
N ILE A 10 -14.89 0.20 -5.46
CA ILE A 10 -13.56 0.71 -5.71
C ILE A 10 -12.55 -0.40 -5.52
N GLN A 11 -11.64 -0.55 -6.47
CA GLN A 11 -10.62 -1.59 -6.40
C GLN A 11 -9.30 -1.06 -6.89
N PHE A 12 -8.21 -1.75 -6.56
CA PHE A 12 -6.89 -1.30 -6.99
C PHE A 12 -6.54 -1.97 -8.29
N THR A 13 -6.48 -1.18 -9.35
CA THR A 13 -6.15 -1.73 -10.64
C THR A 13 -4.71 -2.22 -10.66
N LYS A 14 -3.81 -1.40 -10.13
CA LYS A 14 -2.39 -1.75 -10.10
C LYS A 14 -2.11 -2.94 -9.19
N ARG A 15 -2.80 -2.96 -8.05
CA ARG A 15 -2.65 -4.05 -7.08
C ARG A 15 -1.19 -4.22 -6.63
N ILE A 16 -0.81 -3.47 -5.60
CA ILE A 16 0.56 -3.52 -5.07
C ILE A 16 1.13 -4.94 -5.06
N GLN A 17 2.45 -5.02 -5.23
CA GLN A 17 3.15 -6.32 -5.26
C GLN A 17 4.33 -6.31 -4.29
N ASN A 18 4.87 -7.51 -4.07
CA ASN A 18 5.98 -7.69 -3.14
C ASN A 18 7.22 -6.90 -3.55
N ILE A 19 7.90 -6.39 -2.52
CA ILE A 19 9.09 -5.57 -2.68
C ILE A 19 10.28 -6.14 -1.92
N VAL A 20 11.43 -6.21 -2.57
CA VAL A 20 12.64 -6.64 -1.89
C VAL A 20 13.55 -5.43 -1.88
N VAL A 21 14.04 -5.07 -0.69
CA VAL A 21 14.85 -3.87 -0.53
C VAL A 21 16.08 -4.11 0.36
N SER A 22 17.10 -3.27 0.18
CA SER A 22 18.33 -3.38 0.94
C SER A 22 18.11 -2.88 2.37
N GLU A 23 19.07 -3.16 3.24
CA GLU A 23 18.94 -2.78 4.64
C GLU A 23 18.89 -1.27 4.86
N HIS A 24 19.71 -0.52 4.14
CA HIS A 24 19.77 0.94 4.33
C HIS A 24 18.91 1.73 3.32
N GLN A 25 18.25 1.05 2.39
CA GLN A 25 17.43 1.72 1.39
C GLN A 25 16.00 1.93 1.85
N SER A 26 15.11 2.19 0.90
CA SER A 26 13.69 2.45 1.19
C SER A 26 12.79 1.65 0.27
N ALA A 27 11.61 1.28 0.77
CA ALA A 27 10.65 0.50 0.00
C ALA A 27 9.39 1.31 -0.30
N THR A 28 8.89 1.19 -1.53
CA THR A 28 7.68 1.91 -1.95
C THR A 28 6.62 0.97 -2.50
N PHE A 29 5.40 1.08 -1.97
CA PHE A 29 4.29 0.30 -2.47
C PHE A 29 3.41 1.27 -3.23
N GLU A 30 3.29 1.03 -4.52
CA GLU A 30 2.50 1.91 -5.38
C GLU A 30 1.18 1.25 -5.75
N CYS A 31 0.14 2.05 -5.81
CA CYS A 31 -1.20 1.55 -6.17
C CYS A 31 -1.95 2.57 -7.02
N GLU A 32 -2.89 2.06 -7.80
CA GLU A 32 -3.75 2.89 -8.63
C GLU A 32 -5.18 2.47 -8.33
N VAL A 33 -6.11 3.42 -8.32
CA VAL A 33 -7.51 3.10 -8.00
C VAL A 33 -8.50 3.69 -8.98
N SER A 34 -9.70 3.12 -8.93
CA SER A 34 -10.80 3.54 -9.77
C SER A 34 -11.18 5.00 -9.50
N PHE A 35 -11.18 5.38 -8.21
CA PHE A 35 -11.56 6.76 -7.85
C PHE A 35 -10.45 7.43 -7.02
N ASP A 36 -10.34 8.76 -7.19
CA ASP A 36 -9.33 9.56 -6.51
C ASP A 36 -9.89 10.14 -5.20
N ASP A 37 -11.20 10.29 -5.16
CA ASP A 37 -11.86 10.87 -4.00
C ASP A 37 -11.86 9.89 -2.84
N ALA A 38 -11.33 8.71 -3.10
CA ALA A 38 -11.25 7.67 -2.09
C ALA A 38 -10.16 8.00 -1.08
N ILE A 39 -10.34 7.57 0.16
CA ILE A 39 -9.38 7.80 1.22
C ILE A 39 -8.56 6.54 1.40
N VAL A 40 -7.23 6.68 1.39
CA VAL A 40 -6.36 5.51 1.48
C VAL A 40 -5.40 5.54 2.67
N THR A 41 -5.38 4.41 3.37
CA THR A 41 -4.54 4.20 4.56
C THR A 41 -3.71 2.93 4.38
N TRP A 42 -2.44 2.98 4.75
CA TRP A 42 -1.56 1.84 4.63
C TRP A 42 -1.46 1.11 5.95
N TYR A 43 -1.46 -0.21 5.87
CA TYR A 43 -1.37 -1.06 7.07
C TYR A 43 -0.23 -2.04 7.03
N LYS A 44 0.42 -2.15 8.17
CA LYS A 44 1.47 -3.13 8.37
C LYS A 44 0.98 -4.00 9.51
N GLY A 45 0.81 -5.29 9.24
CA GLY A 45 0.28 -6.17 10.27
C GLY A 45 -0.94 -5.51 10.93
N PRO A 46 -1.22 -5.73 12.19
CA PRO A 46 -2.39 -5.10 12.89
C PRO A 46 -2.19 -3.59 13.07
N THR A 47 -0.95 -3.14 12.90
CA THR A 47 -0.57 -1.75 13.11
C THR A 47 -0.68 -0.92 11.83
N GLU A 48 -1.31 0.25 11.95
CA GLU A 48 -1.44 1.18 10.83
C GLU A 48 -0.20 2.05 10.76
N LEU A 49 0.15 2.49 9.56
CA LEU A 49 1.34 3.31 9.38
C LEU A 49 0.98 4.78 9.37
N THR A 50 1.73 5.54 10.16
CA THR A 50 1.56 6.97 10.26
C THR A 50 2.90 7.66 10.15
N GLU A 51 2.87 8.93 9.80
CA GLU A 51 4.08 9.69 9.63
C GLU A 51 4.77 9.97 10.96
N SER A 52 6.08 9.84 10.92
CA SER A 52 6.96 10.09 12.06
C SER A 52 8.38 10.21 11.50
N GLN A 53 8.47 10.96 10.41
CA GLN A 53 9.74 11.12 9.70
C GLN A 53 10.21 9.70 9.34
N LYS A 54 9.24 8.80 9.31
CA LYS A 54 9.46 7.39 8.99
C LYS A 54 8.78 7.01 7.68
N TYR A 55 7.45 7.19 7.62
CA TYR A 55 6.69 6.83 6.42
C TYR A 55 6.29 8.09 5.66
N ASN A 56 6.61 8.12 4.36
CA ASN A 56 6.23 9.26 3.52
C ASN A 56 5.05 8.90 2.62
N PHE A 57 3.92 9.57 2.84
CA PHE A 57 2.73 9.31 2.05
C PHE A 57 2.57 10.44 1.03
N ARG A 58 2.57 10.11 -0.26
CA ARG A 58 2.43 11.15 -1.30
C ARG A 58 1.23 10.85 -2.20
N ASN A 59 0.37 11.85 -2.39
CA ASN A 59 -0.81 11.70 -3.22
C ASN A 59 -0.60 12.40 -4.56
N ASP A 60 -1.04 11.74 -5.64
CA ASP A 60 -0.91 12.32 -6.98
C ASP A 60 -2.12 11.89 -7.81
N GLY A 61 -3.20 12.66 -7.74
CA GLY A 61 -4.41 12.30 -8.47
C GLY A 61 -4.91 10.94 -8.00
N ARG A 62 -5.19 10.05 -8.95
CA ARG A 62 -5.66 8.70 -8.64
C ARG A 62 -4.56 7.87 -7.97
N CYS A 63 -3.32 8.27 -8.17
CA CYS A 63 -2.17 7.53 -7.63
C CYS A 63 -1.84 7.93 -6.20
N HIS A 64 -1.49 6.93 -5.39
CA HIS A 64 -1.11 7.13 -3.99
C HIS A 64 0.18 6.36 -3.73
N TYR A 65 1.17 6.99 -3.10
CA TYR A 65 2.46 6.32 -2.84
C TYR A 65 2.80 6.30 -1.36
N MET A 66 3.39 5.19 -0.91
CA MET A 66 3.84 5.07 0.47
C MET A 66 5.27 4.58 0.45
N THR A 67 6.15 5.31 1.12
CA THR A 67 7.58 4.98 1.14
C THR A 67 8.07 4.74 2.56
N ILE A 68 8.77 3.62 2.75
CA ILE A 68 9.29 3.25 4.05
C ILE A 68 10.81 3.43 4.03
N HIS A 69 11.37 4.16 4.99
CA HIS A 69 12.81 4.40 5.01
C HIS A 69 13.50 3.56 6.08
N ASN A 70 14.69 3.06 5.73
CA ASN A 70 15.49 2.22 6.63
C ASN A 70 14.76 0.92 6.95
N VAL A 71 14.80 -0.01 5.99
CA VAL A 71 14.13 -1.28 6.15
C VAL A 71 15.09 -2.30 6.74
N THR A 72 14.65 -2.95 7.82
CA THR A 72 15.46 -3.98 8.49
C THR A 72 14.84 -5.36 8.26
N PRO A 73 15.56 -6.43 8.51
CA PRO A 73 14.99 -7.79 8.35
C PRO A 73 13.69 -7.93 9.15
N ASP A 74 13.72 -7.30 10.32
CA ASP A 74 12.56 -7.31 11.22
C ASP A 74 11.37 -6.62 10.57
N ASP A 75 11.64 -5.56 9.83
CA ASP A 75 10.58 -4.81 9.19
C ASP A 75 9.92 -5.62 8.07
N GLU A 76 10.58 -6.68 7.62
CA GLU A 76 10.00 -7.50 6.57
C GLU A 76 8.66 -8.01 7.06
N GLY A 77 7.68 -8.05 6.17
CA GLY A 77 6.35 -8.50 6.56
C GLY A 77 5.34 -8.29 5.44
N VAL A 78 4.11 -7.98 5.83
CA VAL A 78 3.03 -7.76 4.88
C VAL A 78 2.49 -6.35 5.04
N TYR A 79 2.39 -5.68 3.90
CA TYR A 79 1.86 -4.33 3.82
C TYR A 79 0.58 -4.34 3.00
N SER A 80 -0.42 -3.60 3.45
CA SER A 80 -1.69 -3.54 2.74
C SER A 80 -2.12 -2.12 2.53
N VAL A 81 -2.91 -1.91 1.49
CA VAL A 81 -3.45 -0.59 1.19
C VAL A 81 -4.94 -0.72 1.11
N ILE A 82 -5.64 0.17 1.80
CA ILE A 82 -7.09 0.11 1.81
C ILE A 82 -7.69 1.41 1.32
N ALA A 83 -8.60 1.31 0.36
CA ALA A 83 -9.27 2.49 -0.17
C ALA A 83 -10.73 2.42 0.23
N ARG A 84 -11.24 3.48 0.88
CA ARG A 84 -12.64 3.45 1.33
C ARG A 84 -13.36 4.79 1.19
N LEU A 85 -14.63 4.63 0.88
CA LEU A 85 -15.59 5.72 0.72
C LEU A 85 -16.87 5.22 1.36
N GLU A 86 -17.87 6.08 1.55
CA GLU A 86 -19.12 5.60 2.15
C GLU A 86 -19.48 4.27 1.47
N PRO A 87 -20.29 3.42 2.04
CA PRO A 87 -20.53 2.08 1.44
C PRO A 87 -20.72 2.08 -0.08
N ARG A 88 -19.73 1.48 -0.76
CA ARG A 88 -19.73 1.31 -2.21
C ARG A 88 -19.13 -0.04 -2.54
N GLY A 89 -18.54 -0.69 -1.53
CA GLY A 89 -17.85 -1.97 -1.70
C GLY A 89 -16.32 -1.74 -1.58
N GLU A 90 -15.85 -1.65 -0.34
CA GLU A 90 -14.44 -1.40 -0.03
C GLU A 90 -13.51 -2.50 -0.53
N ALA A 91 -12.27 -2.11 -0.81
CA ALA A 91 -11.25 -3.03 -1.36
C ALA A 91 -10.00 -3.11 -0.49
N ARG A 92 -9.41 -4.31 -0.45
CA ARG A 92 -8.18 -4.52 0.31
C ARG A 92 -7.13 -5.22 -0.59
N SER A 93 -5.89 -4.78 -0.49
CA SER A 93 -4.79 -5.38 -1.28
C SER A 93 -3.57 -5.65 -0.39
N THR A 94 -2.76 -6.64 -0.79
CA THR A 94 -1.57 -7.01 -0.01
C THR A 94 -0.32 -7.13 -0.86
N ALA A 95 0.78 -7.00 -0.14
CA ALA A 95 2.12 -7.11 -0.70
C ALA A 95 3.08 -7.47 0.42
N GLU A 96 4.20 -8.08 0.06
CA GLU A 96 5.20 -8.49 1.04
C GLU A 96 6.49 -7.71 0.92
N LEU A 97 7.08 -7.48 2.07
CA LEU A 97 8.35 -6.76 2.17
C LEU A 97 9.45 -7.74 2.51
N LYS A 98 10.53 -7.67 1.74
CA LYS A 98 11.68 -8.55 1.94
C LYS A 98 12.97 -7.77 2.00
N GLY A 99 13.90 -8.26 2.79
CA GLY A 99 15.19 -7.61 2.93
C GLY A 99 16.26 -8.31 2.11
N GLU A 100 16.88 -7.53 1.26
CA GLU A 100 17.95 -7.97 0.40
C GLU A 100 19.28 -7.79 1.11
N LEU A 101 20.20 -8.71 0.84
CA LEU A 101 21.51 -8.65 1.46
C LEU A 101 22.35 -7.54 0.82
N ARG A 102 23.12 -6.85 1.65
CA ARG A 102 23.96 -5.75 1.16
C ARG A 102 25.06 -6.29 0.24
N SER A 103 25.24 -5.64 -0.90
CA SER A 103 26.25 -6.05 -1.86
C SER A 103 27.65 -5.71 -1.34
N GLY A 104 28.62 -6.56 -1.68
CA GLY A 104 29.99 -6.33 -1.25
C GLY A 104 30.95 -7.30 -1.95
N CYS A 105 32.25 -7.11 -1.70
CA CYS A 105 33.25 -7.97 -2.32
C CYS A 105 32.93 -9.44 -2.08
N GLY A 1 -26.24 1.63 -4.84
CA GLY A 1 -26.71 0.64 -5.85
C GLY A 1 -25.59 0.36 -6.84
N ILE A 2 -25.48 -0.89 -7.26
CA ILE A 2 -24.44 -1.29 -8.21
C ILE A 2 -24.67 -0.64 -9.58
N ASP A 3 -25.92 -0.60 -9.99
CA ASP A 3 -26.31 -0.03 -11.29
C ASP A 3 -25.42 1.17 -11.67
N PRO A 4 -25.45 2.25 -10.95
CA PRO A 4 -24.61 3.45 -11.28
C PRO A 4 -23.11 3.17 -11.20
N PHE A 5 -22.37 3.78 -12.14
CA PHE A 5 -20.92 3.62 -12.23
C PHE A 5 -20.18 4.13 -10.99
N THR A 6 -20.57 5.30 -10.50
CA THR A 6 -19.89 5.93 -9.36
C THR A 6 -19.98 5.10 -8.07
N ALA A 7 -21.16 4.59 -7.77
CA ALA A 7 -21.35 3.81 -6.55
C ALA A 7 -20.71 2.43 -6.64
N GLU A 8 -20.27 2.05 -7.82
CA GLU A 8 -19.68 0.74 -8.01
C GLU A 8 -18.47 0.56 -7.07
N PRO A 9 -18.10 -0.66 -6.77
CA PRO A 9 -16.96 -0.92 -5.86
C PRO A 9 -15.63 -0.40 -6.37
N ILE A 10 -14.83 0.03 -5.42
CA ILE A 10 -13.52 0.55 -5.68
C ILE A 10 -12.49 -0.56 -5.51
N GLN A 11 -11.61 -0.69 -6.48
CA GLN A 11 -10.58 -1.72 -6.44
C GLN A 11 -9.26 -1.13 -6.92
N PHE A 12 -8.15 -1.81 -6.62
CA PHE A 12 -6.85 -1.33 -7.06
C PHE A 12 -6.51 -1.99 -8.36
N THR A 13 -6.46 -1.21 -9.41
CA THR A 13 -6.12 -1.75 -10.71
C THR A 13 -4.66 -2.21 -10.73
N LYS A 14 -3.78 -1.36 -10.20
CA LYS A 14 -2.37 -1.70 -10.17
C LYS A 14 -2.07 -2.89 -9.26
N ARG A 15 -2.76 -2.93 -8.13
CA ARG A 15 -2.59 -4.03 -7.17
C ARG A 15 -1.14 -4.18 -6.69
N ILE A 16 -0.77 -3.44 -5.66
CA ILE A 16 0.59 -3.50 -5.10
C ILE A 16 1.14 -4.92 -5.12
N GLN A 17 2.46 -5.02 -5.29
CA GLN A 17 3.15 -6.32 -5.35
C GLN A 17 4.31 -6.36 -4.36
N ASN A 18 4.86 -7.55 -4.18
CA ASN A 18 5.97 -7.77 -3.24
C ASN A 18 7.21 -6.94 -3.61
N ILE A 19 7.86 -6.41 -2.58
CA ILE A 19 9.05 -5.57 -2.72
C ILE A 19 10.23 -6.12 -1.96
N VAL A 20 11.40 -6.16 -2.61
CA VAL A 20 12.61 -6.57 -1.93
C VAL A 20 13.51 -5.33 -1.87
N VAL A 21 13.94 -5.01 -0.66
CA VAL A 21 14.72 -3.79 -0.39
C VAL A 21 15.96 -4.02 0.46
N SER A 22 17.05 -3.36 0.06
CA SER A 22 18.29 -3.45 0.82
C SER A 22 18.06 -2.85 2.19
N GLU A 23 18.83 -3.26 3.17
CA GLU A 23 18.61 -2.81 4.53
C GLU A 23 18.71 -1.30 4.68
N HIS A 24 19.66 -0.69 3.98
CA HIS A 24 19.85 0.76 4.09
C HIS A 24 18.96 1.56 3.12
N GLN A 25 18.33 0.89 2.15
CA GLN A 25 17.49 1.59 1.18
C GLN A 25 16.08 1.81 1.72
N SER A 26 15.13 1.99 0.81
CA SER A 26 13.74 2.28 1.18
C SER A 26 12.79 1.48 0.28
N ALA A 27 11.56 1.29 0.73
CA ALA A 27 10.57 0.53 -0.02
C ALA A 27 9.36 1.36 -0.37
N THR A 28 8.89 1.24 -1.61
CA THR A 28 7.71 1.99 -2.04
C THR A 28 6.64 1.07 -2.58
N PHE A 29 5.43 1.18 -2.04
CA PHE A 29 4.32 0.40 -2.54
C PHE A 29 3.45 1.39 -3.30
N GLU A 30 3.30 1.19 -4.58
CA GLU A 30 2.51 2.11 -5.40
C GLU A 30 1.21 1.42 -5.79
N CYS A 31 0.13 2.19 -5.81
CA CYS A 31 -1.18 1.66 -6.17
C CYS A 31 -1.95 2.68 -7.01
N GLU A 32 -2.89 2.16 -7.78
CA GLU A 32 -3.77 2.98 -8.62
C GLU A 32 -5.19 2.53 -8.35
N VAL A 33 -6.14 3.47 -8.33
CA VAL A 33 -7.53 3.10 -8.02
C VAL A 33 -8.52 3.72 -9.00
N SER A 34 -9.72 3.12 -9.01
CA SER A 34 -10.79 3.56 -9.88
C SER A 34 -11.23 5.00 -9.57
N PHE A 35 -11.32 5.35 -8.28
CA PHE A 35 -11.76 6.71 -7.89
C PHE A 35 -10.64 7.50 -7.22
N ASP A 36 -10.64 8.81 -7.42
CA ASP A 36 -9.62 9.69 -6.84
C ASP A 36 -10.09 10.25 -5.49
N ASP A 37 -11.39 10.23 -5.32
CA ASP A 37 -12.03 10.76 -4.13
C ASP A 37 -11.88 9.80 -2.95
N ALA A 38 -11.33 8.64 -3.21
CA ALA A 38 -11.15 7.62 -2.18
C ALA A 38 -10.02 8.00 -1.22
N ILE A 39 -10.18 7.61 0.04
CA ILE A 39 -9.22 7.87 1.08
C ILE A 39 -8.46 6.58 1.35
N VAL A 40 -7.13 6.64 1.32
CA VAL A 40 -6.32 5.43 1.47
C VAL A 40 -5.37 5.44 2.67
N THR A 41 -5.39 4.33 3.41
CA THR A 41 -4.54 4.12 4.60
C THR A 41 -3.76 2.82 4.44
N TRP A 42 -2.47 2.85 4.77
CA TRP A 42 -1.61 1.67 4.65
C TRP A 42 -1.47 0.97 5.98
N TYR A 43 -1.46 -0.37 5.93
CA TYR A 43 -1.35 -1.18 7.14
C TYR A 43 -0.20 -2.17 7.10
N LYS A 44 0.45 -2.30 8.24
CA LYS A 44 1.52 -3.27 8.42
C LYS A 44 1.07 -4.12 9.58
N GLY A 45 0.82 -5.40 9.36
CA GLY A 45 0.29 -6.21 10.43
C GLY A 45 -0.93 -5.49 11.01
N PRO A 46 -1.29 -5.70 12.25
CA PRO A 46 -2.46 -5.00 12.85
C PRO A 46 -2.20 -3.50 13.02
N THR A 47 -0.91 -3.11 12.96
CA THR A 47 -0.50 -1.74 13.15
C THR A 47 -0.63 -0.92 11.86
N GLU A 48 -1.24 0.26 11.99
CA GLU A 48 -1.41 1.15 10.85
C GLU A 48 -0.17 2.01 10.73
N LEU A 49 0.15 2.42 9.52
CA LEU A 49 1.34 3.23 9.30
C LEU A 49 0.99 4.70 9.31
N THR A 50 1.78 5.45 10.06
CA THR A 50 1.61 6.89 10.19
C THR A 50 2.93 7.59 10.03
N GLU A 51 2.86 8.86 9.66
CA GLU A 51 4.06 9.63 9.43
C GLU A 51 4.75 10.03 10.73
N SER A 52 6.06 9.88 10.71
CA SER A 52 6.92 10.23 11.83
C SER A 52 8.36 10.18 11.37
N GLN A 53 8.71 11.08 10.46
CA GLN A 53 10.05 11.12 9.92
C GLN A 53 10.48 9.70 9.55
N LYS A 54 9.46 8.87 9.28
CA LYS A 54 9.67 7.46 8.94
C LYS A 54 8.90 7.06 7.66
N TYR A 55 7.57 7.25 7.65
CA TYR A 55 6.76 6.87 6.49
C TYR A 55 6.34 8.12 5.72
N ASN A 56 6.60 8.14 4.41
CA ASN A 56 6.20 9.28 3.57
C ASN A 56 4.99 8.90 2.72
N PHE A 57 3.85 9.53 2.98
CA PHE A 57 2.64 9.27 2.23
C PHE A 57 2.43 10.39 1.21
N ARG A 58 2.35 10.07 -0.09
CA ARG A 58 2.14 11.09 -1.12
C ARG A 58 0.90 10.78 -1.94
N ASN A 59 0.00 11.75 -2.02
CA ASN A 59 -1.24 11.58 -2.80
C ASN A 59 -1.19 12.41 -4.07
N ASP A 60 -1.02 11.74 -5.22
CA ASP A 60 -0.97 12.43 -6.50
C ASP A 60 -2.08 11.91 -7.39
N GLY A 61 -3.16 12.65 -7.49
CA GLY A 61 -4.29 12.25 -8.31
C GLY A 61 -4.80 10.87 -7.88
N ARG A 62 -5.06 10.02 -8.85
CA ARG A 62 -5.55 8.68 -8.58
C ARG A 62 -4.48 7.81 -7.92
N CYS A 63 -3.21 8.16 -8.09
CA CYS A 63 -2.12 7.35 -7.53
C CYS A 63 -1.68 7.86 -6.16
N HIS A 64 -1.53 6.91 -5.24
CA HIS A 64 -1.06 7.19 -3.88
C HIS A 64 0.21 6.39 -3.63
N TYR A 65 1.27 7.04 -3.14
CA TYR A 65 2.54 6.35 -2.91
C TYR A 65 2.90 6.33 -1.42
N MET A 66 3.44 5.20 -0.96
CA MET A 66 3.91 5.09 0.43
C MET A 66 5.35 4.64 0.38
N THR A 67 6.23 5.40 1.03
CA THR A 67 7.66 5.07 1.05
C THR A 67 8.16 4.83 2.47
N ILE A 68 8.84 3.71 2.68
CA ILE A 68 9.36 3.35 3.98
C ILE A 68 10.88 3.51 3.94
N HIS A 69 11.45 4.24 4.90
CA HIS A 69 12.89 4.46 4.92
C HIS A 69 13.57 3.62 6.00
N ASN A 70 14.76 3.09 5.67
CA ASN A 70 15.53 2.25 6.60
C ASN A 70 14.77 0.98 6.92
N VAL A 71 14.86 0.03 6.00
CA VAL A 71 14.15 -1.22 6.17
C VAL A 71 15.05 -2.24 6.87
N THR A 72 14.52 -2.86 7.92
CA THR A 72 15.26 -3.86 8.69
C THR A 72 14.71 -5.27 8.43
N PRO A 73 15.46 -6.32 8.71
CA PRO A 73 14.94 -7.71 8.51
C PRO A 73 13.64 -7.88 9.30
N ASP A 74 13.62 -7.22 10.46
CA ASP A 74 12.48 -7.25 11.35
C ASP A 74 11.25 -6.64 10.67
N ASP A 75 11.49 -5.57 9.93
CA ASP A 75 10.43 -4.84 9.26
C ASP A 75 9.82 -5.66 8.12
N GLU A 76 10.51 -6.70 7.66
CA GLU A 76 9.96 -7.51 6.59
C GLU A 76 8.63 -8.08 7.07
N GLY A 77 7.66 -8.10 6.17
CA GLY A 77 6.35 -8.61 6.54
C GLY A 77 5.34 -8.39 5.42
N VAL A 78 4.11 -8.09 5.81
CA VAL A 78 3.03 -7.85 4.87
C VAL A 78 2.51 -6.43 5.02
N TYR A 79 2.40 -5.75 3.90
CA TYR A 79 1.89 -4.38 3.85
C TYR A 79 0.61 -4.36 3.04
N SER A 80 -0.39 -3.62 3.49
CA SER A 80 -1.66 -3.57 2.79
C SER A 80 -2.09 -2.13 2.57
N VAL A 81 -2.88 -1.92 1.54
CA VAL A 81 -3.40 -0.59 1.23
C VAL A 81 -4.89 -0.75 1.13
N ILE A 82 -5.62 0.12 1.82
CA ILE A 82 -7.07 0.04 1.83
C ILE A 82 -7.67 1.36 1.39
N ALA A 83 -8.57 1.33 0.41
CA ALA A 83 -9.21 2.54 -0.06
C ALA A 83 -10.67 2.58 0.39
N ARG A 84 -11.09 3.69 1.00
CA ARG A 84 -12.46 3.81 1.50
C ARG A 84 -13.15 5.09 1.05
N LEU A 85 -14.43 4.94 0.78
CA LEU A 85 -15.34 6.01 0.37
C LEU A 85 -16.69 5.64 0.96
N GLU A 86 -17.67 6.55 0.90
CA GLU A 86 -18.99 6.23 1.44
C GLU A 86 -19.35 4.81 0.99
N PRO A 87 -20.28 4.10 1.59
CA PRO A 87 -20.49 2.69 1.16
C PRO A 87 -20.70 2.55 -0.34
N ARG A 88 -19.70 1.92 -0.97
CA ARG A 88 -19.70 1.63 -2.40
C ARG A 88 -19.07 0.27 -2.65
N GLY A 89 -18.51 -0.35 -1.59
CA GLY A 89 -17.82 -1.63 -1.73
C GLY A 89 -16.30 -1.43 -1.58
N GLU A 90 -15.83 -1.42 -0.31
CA GLU A 90 -14.42 -1.21 0.03
C GLU A 90 -13.52 -2.31 -0.51
N ALA A 91 -12.25 -1.96 -0.73
CA ALA A 91 -11.25 -2.91 -1.25
C ALA A 91 -10.00 -3.00 -0.36
N ARG A 92 -9.40 -4.19 -0.35
CA ARG A 92 -8.19 -4.45 0.41
C ARG A 92 -7.16 -5.14 -0.49
N SER A 93 -5.90 -4.75 -0.38
CA SER A 93 -4.82 -5.35 -1.19
C SER A 93 -3.60 -5.66 -0.33
N THR A 94 -2.80 -6.66 -0.75
CA THR A 94 -1.60 -7.02 0.00
C THR A 94 -0.36 -7.16 -0.84
N ALA A 95 0.75 -7.06 -0.13
CA ALA A 95 2.08 -7.17 -0.70
C ALA A 95 3.06 -7.50 0.41
N GLU A 96 4.17 -8.11 0.04
CA GLU A 96 5.19 -8.51 1.01
C GLU A 96 6.46 -7.71 0.89
N LEU A 97 7.06 -7.50 2.04
CA LEU A 97 8.32 -6.76 2.14
C LEU A 97 9.44 -7.74 2.49
N LYS A 98 10.51 -7.66 1.73
CA LYS A 98 11.67 -8.53 1.94
C LYS A 98 12.94 -7.69 2.01
N GLY A 99 13.87 -8.11 2.85
CA GLY A 99 15.11 -7.38 3.00
C GLY A 99 16.24 -8.04 2.22
N GLU A 100 16.74 -7.32 1.25
CA GLU A 100 17.83 -7.78 0.42
C GLU A 100 19.12 -7.78 1.23
N LEU A 101 19.91 -8.82 1.02
CA LEU A 101 21.17 -8.97 1.71
C LEU A 101 22.22 -8.01 1.15
N ARG A 102 23.06 -7.49 2.04
CA ARG A 102 24.11 -6.55 1.62
C ARG A 102 25.26 -7.30 0.95
N SER A 103 25.87 -6.68 -0.05
CA SER A 103 26.98 -7.30 -0.76
C SER A 103 28.20 -7.41 0.15
N GLY A 104 28.95 -8.49 0.00
CA GLY A 104 30.14 -8.71 0.80
C GLY A 104 29.78 -9.28 2.17
N CYS A 105 28.53 -9.71 2.30
CA CYS A 105 28.05 -10.27 3.55
C CYS A 105 26.78 -11.09 3.33
N GLY A 1 -28.12 1.16 -22.56
CA GLY A 1 -29.19 1.47 -21.57
C GLY A 1 -28.61 1.70 -20.19
N ILE A 2 -27.59 0.91 -19.84
CA ILE A 2 -26.93 1.03 -18.53
C ILE A 2 -25.54 1.66 -18.64
N ASP A 3 -25.33 2.70 -17.82
CA ASP A 3 -24.07 3.44 -17.79
C ASP A 3 -23.24 3.02 -16.56
N PRO A 4 -22.03 3.52 -16.41
CA PRO A 4 -21.18 3.19 -15.21
C PRO A 4 -21.84 3.66 -13.91
N PHE A 5 -21.64 2.89 -12.83
CA PHE A 5 -22.21 3.27 -11.53
C PHE A 5 -21.12 3.76 -10.58
N THR A 6 -21.29 4.97 -10.08
CA THR A 6 -20.30 5.54 -9.16
C THR A 6 -20.28 4.74 -7.87
N ALA A 7 -21.45 4.22 -7.50
CA ALA A 7 -21.60 3.44 -6.28
C ALA A 7 -20.92 2.09 -6.39
N GLU A 8 -20.50 1.75 -7.60
CA GLU A 8 -19.85 0.46 -7.81
C GLU A 8 -18.62 0.36 -6.90
N PRO A 9 -18.18 -0.84 -6.58
CA PRO A 9 -16.98 -1.05 -5.72
C PRO A 9 -15.70 -0.46 -6.30
N ILE A 10 -14.86 0.00 -5.38
CA ILE A 10 -13.58 0.56 -5.70
C ILE A 10 -12.50 -0.49 -5.49
N GLN A 11 -11.63 -0.62 -6.48
CA GLN A 11 -10.57 -1.63 -6.42
C GLN A 11 -9.26 -1.04 -6.92
N PHE A 12 -8.15 -1.71 -6.60
CA PHE A 12 -6.86 -1.22 -7.04
C PHE A 12 -6.50 -1.91 -8.34
N THR A 13 -6.46 -1.13 -9.40
CA THR A 13 -6.14 -1.69 -10.68
C THR A 13 -4.68 -2.15 -10.73
N LYS A 14 -3.78 -1.31 -10.19
CA LYS A 14 -2.37 -1.64 -10.17
C LYS A 14 -2.08 -2.84 -9.27
N ARG A 15 -2.77 -2.89 -8.13
CA ARG A 15 -2.57 -3.99 -7.18
C ARG A 15 -1.12 -4.13 -6.72
N ILE A 16 -0.78 -3.40 -5.65
CA ILE A 16 0.59 -3.42 -5.10
C ILE A 16 1.18 -4.85 -5.13
N GLN A 17 2.51 -4.92 -5.29
CA GLN A 17 3.22 -6.20 -5.37
C GLN A 17 4.37 -6.27 -4.37
N ASN A 18 4.91 -7.48 -4.21
CA ASN A 18 6.02 -7.74 -3.28
C ASN A 18 7.26 -6.92 -3.62
N ILE A 19 7.90 -6.41 -2.57
CA ILE A 19 9.09 -5.57 -2.68
C ILE A 19 10.28 -6.14 -1.91
N VAL A 20 11.44 -6.20 -2.55
CA VAL A 20 12.65 -6.64 -1.87
C VAL A 20 13.55 -5.41 -1.82
N VAL A 21 14.02 -5.07 -0.62
CA VAL A 21 14.84 -3.87 -0.44
C VAL A 21 16.05 -4.10 0.46
N SER A 22 17.08 -3.28 0.28
CA SER A 22 18.30 -3.37 1.08
C SER A 22 18.04 -2.87 2.50
N GLU A 23 18.95 -3.21 3.40
CA GLU A 23 18.80 -2.83 4.79
C GLU A 23 18.82 -1.32 4.99
N HIS A 24 19.63 -0.60 4.22
CA HIS A 24 19.74 0.85 4.39
C HIS A 24 18.92 1.66 3.37
N GLN A 25 18.32 1.01 2.37
CA GLN A 25 17.54 1.74 1.36
C GLN A 25 16.12 2.03 1.85
N SER A 26 15.16 1.94 0.95
CA SER A 26 13.77 2.22 1.27
C SER A 26 12.85 1.43 0.36
N ALA A 27 11.59 1.30 0.77
CA ALA A 27 10.60 0.52 -0.01
C ALA A 27 9.38 1.35 -0.34
N THR A 28 8.89 1.21 -1.57
CA THR A 28 7.70 1.94 -2.01
C THR A 28 6.63 0.99 -2.53
N PHE A 29 5.42 1.12 -1.99
CA PHE A 29 4.30 0.34 -2.47
C PHE A 29 3.43 1.33 -3.24
N GLU A 30 3.27 1.07 -4.53
CA GLU A 30 2.50 1.96 -5.37
C GLU A 30 1.17 1.32 -5.74
N CYS A 31 0.12 2.12 -5.76
CA CYS A 31 -1.20 1.63 -6.13
C CYS A 31 -1.95 2.66 -6.96
N GLU A 32 -2.90 2.17 -7.74
CA GLU A 32 -3.75 3.02 -8.56
C GLU A 32 -5.19 2.57 -8.34
N VAL A 33 -6.13 3.50 -8.35
CA VAL A 33 -7.53 3.14 -8.09
C VAL A 33 -8.49 3.75 -9.10
N SER A 34 -9.67 3.13 -9.16
CA SER A 34 -10.73 3.55 -10.05
C SER A 34 -11.22 4.96 -9.75
N PHE A 35 -11.29 5.33 -8.45
CA PHE A 35 -11.80 6.66 -8.07
C PHE A 35 -10.70 7.53 -7.44
N ASP A 36 -10.81 8.84 -7.66
CA ASP A 36 -9.83 9.81 -7.16
C ASP A 36 -10.18 10.34 -5.78
N ASP A 37 -11.46 10.35 -5.47
CA ASP A 37 -11.95 10.90 -4.20
C ASP A 37 -11.82 9.93 -3.04
N ALA A 38 -11.27 8.76 -3.31
CA ALA A 38 -11.12 7.74 -2.27
C ALA A 38 -10.00 8.10 -1.31
N ILE A 39 -10.17 7.70 -0.05
CA ILE A 39 -9.21 7.94 1.00
C ILE A 39 -8.44 6.65 1.26
N VAL A 40 -7.11 6.72 1.26
CA VAL A 40 -6.29 5.51 1.40
C VAL A 40 -5.34 5.52 2.60
N THR A 41 -5.37 4.42 3.35
CA THR A 41 -4.52 4.19 4.52
C THR A 41 -3.74 2.89 4.38
N TRP A 42 -2.46 2.89 4.73
CA TRP A 42 -1.63 1.69 4.62
C TRP A 42 -1.53 0.99 5.97
N TYR A 43 -1.53 -0.34 5.93
CA TYR A 43 -1.43 -1.14 7.16
C TYR A 43 -0.29 -2.14 7.12
N LYS A 44 0.38 -2.23 8.26
CA LYS A 44 1.44 -3.21 8.45
C LYS A 44 0.96 -4.04 9.63
N GLY A 45 0.80 -5.33 9.44
CA GLY A 45 0.27 -6.17 10.52
C GLY A 45 -0.96 -5.48 11.13
N PRO A 46 -1.23 -5.63 12.41
CA PRO A 46 -2.39 -4.96 13.06
C PRO A 46 -2.19 -3.45 13.21
N THR A 47 -0.93 -3.03 13.01
CA THR A 47 -0.53 -1.64 13.16
C THR A 47 -0.65 -0.85 11.86
N GLU A 48 -1.26 0.33 11.98
CA GLU A 48 -1.40 1.23 10.84
C GLU A 48 -0.14 2.08 10.74
N LEU A 49 0.19 2.49 9.52
CA LEU A 49 1.39 3.29 9.29
C LEU A 49 1.04 4.76 9.26
N THR A 50 1.82 5.53 10.00
CA THR A 50 1.63 6.98 10.06
C THR A 50 2.95 7.69 9.90
N GLU A 51 2.90 8.94 9.49
CA GLU A 51 4.11 9.71 9.29
C GLU A 51 4.77 10.08 10.60
N SER A 52 6.08 9.92 10.63
CA SER A 52 6.88 10.24 11.80
C SER A 52 8.35 10.21 11.40
N GLN A 53 8.68 11.01 10.39
CA GLN A 53 10.03 11.05 9.87
C GLN A 53 10.44 9.63 9.50
N LYS A 54 9.42 8.81 9.22
CA LYS A 54 9.63 7.41 8.86
C LYS A 54 8.84 7.02 7.59
N TYR A 55 7.51 7.23 7.58
CA TYR A 55 6.70 6.86 6.43
C TYR A 55 6.29 8.10 5.65
N ASN A 56 6.56 8.11 4.33
CA ASN A 56 6.17 9.24 3.48
C ASN A 56 4.96 8.88 2.64
N PHE A 57 3.83 9.52 2.89
CA PHE A 57 2.61 9.27 2.13
C PHE A 57 2.39 10.43 1.15
N ARG A 58 2.37 10.14 -0.16
CA ARG A 58 2.16 11.20 -1.15
C ARG A 58 0.87 10.97 -1.93
N ASN A 59 -0.01 11.96 -1.91
CA ASN A 59 -1.29 11.88 -2.62
C ASN A 59 -1.22 12.64 -3.95
N ASP A 60 -1.19 11.91 -5.07
CA ASP A 60 -1.14 12.54 -6.39
C ASP A 60 -2.27 12.00 -7.26
N GLY A 61 -3.37 12.74 -7.31
CA GLY A 61 -4.51 12.35 -8.12
C GLY A 61 -5.03 10.98 -7.69
N ARG A 62 -5.28 10.13 -8.68
CA ARG A 62 -5.77 8.77 -8.43
C ARG A 62 -4.68 7.92 -7.79
N CYS A 63 -3.43 8.31 -7.96
CA CYS A 63 -2.30 7.55 -7.44
C CYS A 63 -1.88 8.05 -6.06
N HIS A 64 -1.44 7.10 -5.23
CA HIS A 64 -0.95 7.41 -3.89
C HIS A 64 0.26 6.52 -3.62
N TYR A 65 1.33 7.11 -3.09
CA TYR A 65 2.57 6.35 -2.87
C TYR A 65 2.94 6.33 -1.39
N MET A 66 3.46 5.19 -0.93
CA MET A 66 3.94 5.05 0.45
C MET A 66 5.38 4.63 0.40
N THR A 67 6.24 5.37 1.07
CA THR A 67 7.68 5.04 1.08
C THR A 67 8.17 4.81 2.50
N ILE A 68 8.85 3.69 2.69
CA ILE A 68 9.37 3.32 4.01
C ILE A 68 10.87 3.48 3.99
N HIS A 69 11.41 4.21 4.95
CA HIS A 69 12.84 4.46 5.02
C HIS A 69 13.52 3.62 6.08
N ASN A 70 14.70 3.08 5.74
CA ASN A 70 15.47 2.24 6.64
C ASN A 70 14.71 0.96 6.96
N VAL A 71 14.78 0.02 6.02
CA VAL A 71 14.09 -1.24 6.16
C VAL A 71 15.02 -2.26 6.83
N THR A 72 14.50 -2.93 7.87
CA THR A 72 15.26 -3.94 8.61
C THR A 72 14.71 -5.34 8.32
N PRO A 73 15.47 -6.39 8.54
CA PRO A 73 14.96 -7.78 8.34
C PRO A 73 13.68 -7.97 9.15
N ASP A 74 13.68 -7.35 10.32
CA ASP A 74 12.55 -7.40 11.25
C ASP A 74 11.33 -6.75 10.60
N ASP A 75 11.58 -5.67 9.89
CA ASP A 75 10.50 -4.92 9.24
C ASP A 75 9.89 -5.72 8.10
N GLU A 76 10.57 -6.76 7.63
CA GLU A 76 10.01 -7.57 6.56
C GLU A 76 8.66 -8.10 7.03
N GLY A 77 7.69 -8.14 6.13
CA GLY A 77 6.38 -8.62 6.50
C GLY A 77 5.36 -8.36 5.41
N VAL A 78 4.13 -8.05 5.83
CA VAL A 78 3.05 -7.81 4.88
C VAL A 78 2.52 -6.39 5.04
N TYR A 79 2.42 -5.71 3.92
CA TYR A 79 1.90 -4.35 3.86
C TYR A 79 0.62 -4.35 3.04
N SER A 80 -0.39 -3.63 3.51
CA SER A 80 -1.67 -3.59 2.81
C SER A 80 -2.11 -2.16 2.59
N VAL A 81 -2.91 -1.96 1.56
CA VAL A 81 -3.43 -0.63 1.27
C VAL A 81 -4.93 -0.73 1.17
N ILE A 82 -5.62 0.16 1.86
CA ILE A 82 -7.08 0.13 1.86
C ILE A 82 -7.64 1.43 1.36
N ALA A 83 -8.55 1.35 0.38
CA ALA A 83 -9.20 2.54 -0.15
C ALA A 83 -10.65 2.48 0.28
N ARG A 84 -11.17 3.56 0.87
CA ARG A 84 -12.55 3.54 1.34
C ARG A 84 -13.27 4.88 1.22
N LEU A 85 -14.56 4.74 0.94
CA LEU A 85 -15.51 5.84 0.80
C LEU A 85 -16.79 5.35 1.44
N GLU A 86 -17.78 6.21 1.64
CA GLU A 86 -19.04 5.73 2.23
C GLU A 86 -19.40 4.42 1.53
N PRO A 87 -20.22 3.57 2.09
CA PRO A 87 -20.45 2.22 1.47
C PRO A 87 -20.69 2.25 -0.04
N ARG A 88 -19.70 1.68 -0.76
CA ARG A 88 -19.74 1.53 -2.21
C ARG A 88 -19.12 0.18 -2.59
N GLY A 89 -18.54 -0.49 -1.59
CA GLY A 89 -17.85 -1.77 -1.82
C GLY A 89 -16.31 -1.56 -1.67
N GLU A 90 -15.86 -1.55 -0.41
CA GLU A 90 -14.45 -1.32 -0.06
C GLU A 90 -13.54 -2.43 -0.60
N ALA A 91 -12.27 -2.06 -0.81
CA ALA A 91 -11.25 -2.99 -1.34
C ALA A 91 -10.02 -3.07 -0.45
N ARG A 92 -9.40 -4.25 -0.39
CA ARG A 92 -8.19 -4.45 0.39
C ARG A 92 -7.16 -5.15 -0.49
N SER A 93 -5.90 -4.75 -0.39
CA SER A 93 -4.81 -5.36 -1.18
C SER A 93 -3.59 -5.66 -0.32
N THR A 94 -2.79 -6.64 -0.73
CA THR A 94 -1.58 -7.02 0.01
C THR A 94 -0.34 -7.14 -0.85
N ALA A 95 0.77 -7.02 -0.15
CA ALA A 95 2.10 -7.14 -0.73
C ALA A 95 3.07 -7.49 0.38
N GLU A 96 4.20 -8.10 0.01
CA GLU A 96 5.21 -8.52 0.98
C GLU A 96 6.48 -7.72 0.88
N LEU A 97 7.07 -7.50 2.03
CA LEU A 97 8.33 -6.79 2.15
C LEU A 97 9.44 -7.75 2.51
N LYS A 98 10.52 -7.69 1.74
CA LYS A 98 11.67 -8.57 1.95
C LYS A 98 12.96 -7.78 2.02
N GLY A 99 13.90 -8.28 2.81
CA GLY A 99 15.19 -7.62 2.96
C GLY A 99 16.26 -8.31 2.14
N GLU A 100 16.83 -7.53 1.24
CA GLU A 100 17.88 -7.97 0.37
C GLU A 100 19.21 -8.02 1.12
N LEU A 101 20.10 -8.86 0.62
CA LEU A 101 21.43 -9.05 1.21
C LEU A 101 22.32 -7.86 0.88
N ARG A 102 23.19 -7.51 1.82
CA ARG A 102 24.10 -6.38 1.64
C ARG A 102 25.23 -6.76 0.68
N SER A 103 25.65 -5.80 -0.12
CA SER A 103 26.73 -6.03 -1.08
C SER A 103 28.08 -6.17 -0.36
N GLY A 104 28.95 -7.01 -0.92
CA GLY A 104 30.26 -7.22 -0.33
C GLY A 104 30.20 -8.23 0.82
N CYS A 105 29.09 -8.94 0.92
CA CYS A 105 28.93 -9.93 1.98
C CYS A 105 29.76 -11.18 1.65
N GLY A 1 -28.39 0.35 -17.84
CA GLY A 1 -27.51 1.37 -17.21
C GLY A 1 -26.14 1.35 -17.86
N ILE A 2 -26.06 1.85 -19.09
CA ILE A 2 -24.79 1.87 -19.81
C ILE A 2 -23.79 2.80 -19.16
N ASP A 3 -24.28 3.95 -18.70
CA ASP A 3 -23.41 4.93 -18.06
C ASP A 3 -22.78 4.32 -16.80
N PRO A 4 -21.60 4.75 -16.42
CA PRO A 4 -20.91 4.21 -15.22
C PRO A 4 -21.59 4.62 -13.90
N PHE A 5 -21.45 3.77 -12.88
CA PHE A 5 -22.04 4.03 -11.57
C PHE A 5 -20.96 4.42 -10.56
N THR A 6 -21.13 5.60 -9.99
CA THR A 6 -20.19 6.14 -9.02
C THR A 6 -20.14 5.25 -7.77
N ALA A 7 -21.31 4.85 -7.31
CA ALA A 7 -21.41 4.02 -6.10
C ALA A 7 -20.81 2.63 -6.30
N GLU A 8 -20.48 2.31 -7.54
CA GLU A 8 -19.91 1.01 -7.82
C GLU A 8 -18.66 0.77 -6.97
N PRO A 9 -18.29 -0.46 -6.74
CA PRO A 9 -17.08 -0.80 -5.91
C PRO A 9 -15.77 -0.25 -6.46
N ILE A 10 -14.91 0.10 -5.53
CA ILE A 10 -13.60 0.62 -5.80
C ILE A 10 -12.55 -0.45 -5.57
N GLN A 11 -11.67 -0.62 -6.52
CA GLN A 11 -10.62 -1.64 -6.43
C GLN A 11 -9.31 -1.09 -6.91
N PHE A 12 -8.22 -1.76 -6.56
CA PHE A 12 -6.90 -1.30 -6.99
C PHE A 12 -6.55 -1.98 -8.28
N THR A 13 -6.47 -1.20 -9.34
CA THR A 13 -6.15 -1.77 -10.63
C THR A 13 -4.71 -2.27 -10.64
N LYS A 14 -3.81 -1.43 -10.10
CA LYS A 14 -2.40 -1.79 -10.07
C LYS A 14 -2.12 -2.97 -9.14
N ARG A 15 -2.80 -2.98 -8.00
CA ARG A 15 -2.64 -4.06 -7.04
C ARG A 15 -1.18 -4.22 -6.60
N ILE A 16 -0.80 -3.48 -5.56
CA ILE A 16 0.58 -3.54 -5.02
C ILE A 16 1.13 -4.95 -5.02
N GLN A 17 2.46 -5.04 -5.20
CA GLN A 17 3.17 -6.31 -5.25
C GLN A 17 4.37 -6.32 -4.30
N ASN A 18 4.93 -7.52 -4.14
CA ASN A 18 6.06 -7.75 -3.23
C ASN A 18 7.28 -6.93 -3.62
N ILE A 19 7.96 -6.42 -2.58
CA ILE A 19 9.14 -5.57 -2.73
C ILE A 19 10.33 -6.13 -1.97
N VAL A 20 11.51 -6.18 -2.61
CA VAL A 20 12.72 -6.59 -1.91
C VAL A 20 13.60 -5.35 -1.85
N VAL A 21 14.02 -5.03 -0.64
CA VAL A 21 14.80 -3.83 -0.36
C VAL A 21 16.04 -4.04 0.50
N SER A 22 17.12 -3.38 0.12
CA SER A 22 18.35 -3.45 0.89
C SER A 22 18.10 -2.84 2.25
N GLU A 23 18.88 -3.24 3.24
CA GLU A 23 18.66 -2.79 4.59
C GLU A 23 18.76 -1.28 4.73
N HIS A 24 19.71 -0.67 4.05
CA HIS A 24 19.91 0.77 4.15
C HIS A 24 19.04 1.58 3.18
N GLN A 25 18.38 0.91 2.22
CA GLN A 25 17.54 1.64 1.26
C GLN A 25 16.13 1.85 1.80
N SER A 26 15.18 2.02 0.88
CA SER A 26 13.78 2.28 1.25
C SER A 26 12.86 1.48 0.33
N ALA A 27 11.60 1.28 0.76
CA ALA A 27 10.64 0.50 -0.02
C ALA A 27 9.41 1.34 -0.36
N THR A 28 8.91 1.21 -1.58
CA THR A 28 7.72 1.95 -2.00
C THR A 28 6.65 1.01 -2.54
N PHE A 29 5.44 1.13 -2.00
CA PHE A 29 4.32 0.35 -2.48
C PHE A 29 3.44 1.33 -3.25
N GLU A 30 3.30 1.11 -4.53
CA GLU A 30 2.51 2.02 -5.36
C GLU A 30 1.21 1.34 -5.75
N CYS A 31 0.14 2.13 -5.80
CA CYS A 31 -1.18 1.60 -6.15
C CYS A 31 -1.94 2.62 -7.00
N GLU A 32 -2.89 2.11 -7.77
CA GLU A 32 -3.75 2.92 -8.62
C GLU A 32 -5.18 2.49 -8.32
N VAL A 33 -6.12 3.43 -8.34
CA VAL A 33 -7.51 3.10 -8.02
C VAL A 33 -8.49 3.69 -9.02
N SER A 34 -9.68 3.11 -9.00
CA SER A 34 -10.78 3.52 -9.86
C SER A 34 -11.20 4.97 -9.59
N PHE A 35 -11.24 5.37 -8.31
CA PHE A 35 -11.68 6.75 -7.98
C PHE A 35 -10.61 7.50 -7.18
N ASP A 36 -10.57 8.82 -7.38
CA ASP A 36 -9.61 9.69 -6.71
C ASP A 36 -10.18 10.23 -5.41
N ASP A 37 -11.49 10.22 -5.34
CA ASP A 37 -12.21 10.73 -4.18
C ASP A 37 -12.02 9.81 -2.98
N ALA A 38 -11.45 8.64 -3.22
CA ALA A 38 -11.24 7.67 -2.17
C ALA A 38 -10.09 8.07 -1.25
N ILE A 39 -10.21 7.67 0.02
CA ILE A 39 -9.21 7.96 1.03
C ILE A 39 -8.44 6.68 1.30
N VAL A 40 -7.11 6.76 1.29
CA VAL A 40 -6.29 5.55 1.43
C VAL A 40 -5.32 5.58 2.61
N THR A 41 -5.32 4.46 3.36
CA THR A 41 -4.48 4.26 4.55
C THR A 41 -3.67 2.97 4.37
N TRP A 42 -2.40 3.02 4.74
CA TRP A 42 -1.52 1.86 4.62
C TRP A 42 -1.43 1.11 5.94
N TYR A 43 -1.43 -0.21 5.86
CA TYR A 43 -1.35 -1.06 7.05
C TYR A 43 -0.22 -2.05 7.01
N LYS A 44 0.44 -2.19 8.14
CA LYS A 44 1.48 -3.18 8.31
C LYS A 44 1.03 -4.05 9.46
N GLY A 45 0.85 -5.34 9.23
CA GLY A 45 0.36 -6.19 10.30
C GLY A 45 -0.88 -5.53 10.93
N PRO A 46 -1.18 -5.77 12.18
CA PRO A 46 -2.35 -5.12 12.84
C PRO A 46 -2.15 -3.60 13.03
N THR A 47 -0.90 -3.17 12.90
CA THR A 47 -0.51 -1.78 13.10
C THR A 47 -0.64 -0.96 11.81
N GLU A 48 -1.25 0.22 11.95
CA GLU A 48 -1.41 1.15 10.84
C GLU A 48 -0.17 2.01 10.75
N LEU A 49 0.17 2.45 9.55
CA LEU A 49 1.38 3.26 9.38
C LEU A 49 1.03 4.73 9.39
N THR A 50 1.80 5.47 10.17
CA THR A 50 1.62 6.91 10.29
C THR A 50 2.96 7.62 10.15
N GLU A 51 2.87 8.88 9.79
CA GLU A 51 4.04 9.69 9.60
C GLU A 51 4.74 10.02 10.91
N SER A 52 6.06 9.88 10.86
CA SER A 52 6.94 10.17 11.98
C SER A 52 8.35 10.24 11.42
N GLN A 53 8.46 11.04 10.37
CA GLN A 53 9.70 11.17 9.63
C GLN A 53 10.19 9.78 9.27
N LYS A 54 9.25 8.84 9.28
CA LYS A 54 9.51 7.43 8.95
C LYS A 54 8.82 7.02 7.64
N TYR A 55 7.48 7.23 7.57
CA TYR A 55 6.71 6.85 6.39
C TYR A 55 6.30 8.10 5.62
N ASN A 56 6.59 8.13 4.31
CA ASN A 56 6.18 9.28 3.49
C ASN A 56 4.96 8.91 2.65
N PHE A 57 3.85 9.59 2.91
CA PHE A 57 2.61 9.34 2.18
C PHE A 57 2.40 10.46 1.16
N ARG A 58 2.33 10.14 -0.14
CA ARG A 58 2.13 11.17 -1.17
C ARG A 58 0.87 10.88 -1.98
N ASN A 59 -0.01 11.88 -2.06
CA ASN A 59 -1.26 11.75 -2.83
C ASN A 59 -1.19 12.55 -4.13
N ASP A 60 -1.11 11.84 -5.26
CA ASP A 60 -1.06 12.47 -6.56
C ASP A 60 -2.15 11.92 -7.46
N GLY A 61 -3.25 12.68 -7.57
CA GLY A 61 -4.37 12.26 -8.40
C GLY A 61 -4.90 10.90 -7.95
N ARG A 62 -5.17 10.03 -8.91
CA ARG A 62 -5.67 8.68 -8.62
C ARG A 62 -4.60 7.83 -7.93
N CYS A 63 -3.34 8.21 -8.11
CA CYS A 63 -2.23 7.45 -7.53
C CYS A 63 -1.84 7.98 -6.15
N HIS A 64 -1.41 7.07 -5.30
CA HIS A 64 -0.94 7.39 -3.96
C HIS A 64 0.26 6.50 -3.66
N TYR A 65 1.32 7.11 -3.12
CA TYR A 65 2.56 6.37 -2.87
C TYR A 65 2.91 6.34 -1.39
N MET A 66 3.41 5.21 -0.91
CA MET A 66 3.85 5.09 0.46
C MET A 66 5.28 4.59 0.45
N THR A 67 6.17 5.32 1.12
CA THR A 67 7.60 4.98 1.15
C THR A 67 8.09 4.74 2.57
N ILE A 68 8.79 3.62 2.75
CA ILE A 68 9.31 3.24 4.05
C ILE A 68 10.83 3.41 4.02
N HIS A 69 11.38 4.15 4.98
CA HIS A 69 12.82 4.40 5.01
C HIS A 69 13.53 3.57 6.07
N ASN A 70 14.72 3.08 5.73
CA ASN A 70 15.51 2.27 6.66
C ASN A 70 14.77 0.98 6.96
N VAL A 71 14.86 0.02 6.04
CA VAL A 71 14.16 -1.24 6.20
C VAL A 71 15.05 -2.26 6.90
N THR A 72 14.49 -2.89 7.93
CA THR A 72 15.22 -3.89 8.71
C THR A 72 14.68 -5.29 8.42
N PRO A 73 15.45 -6.34 8.63
CA PRO A 73 14.94 -7.72 8.39
C PRO A 73 13.65 -7.93 9.19
N ASP A 74 13.65 -7.32 10.37
CA ASP A 74 12.51 -7.38 11.29
C ASP A 74 11.30 -6.70 10.66
N ASP A 75 11.56 -5.62 9.94
CA ASP A 75 10.49 -4.88 9.28
C ASP A 75 9.88 -5.66 8.13
N GLU A 76 10.57 -6.70 7.65
CA GLU A 76 10.01 -7.51 6.57
C GLU A 76 8.66 -8.04 7.04
N GLY A 77 7.70 -8.06 6.14
CA GLY A 77 6.38 -8.55 6.52
C GLY A 77 5.36 -8.32 5.42
N VAL A 78 4.13 -7.99 5.82
CA VAL A 78 3.05 -7.76 4.88
C VAL A 78 2.52 -6.35 5.02
N TYR A 79 2.39 -5.69 3.87
CA TYR A 79 1.89 -4.32 3.79
C TYR A 79 0.61 -4.32 2.97
N SER A 80 -0.41 -3.61 3.45
CA SER A 80 -1.68 -3.54 2.75
C SER A 80 -2.10 -2.11 2.55
N VAL A 81 -2.90 -1.90 1.53
CA VAL A 81 -3.41 -0.57 1.22
C VAL A 81 -4.91 -0.68 1.13
N ILE A 82 -5.61 0.21 1.80
CA ILE A 82 -7.06 0.17 1.82
C ILE A 82 -7.65 1.47 1.32
N ALA A 83 -8.57 1.38 0.36
CA ALA A 83 -9.24 2.56 -0.16
C ALA A 83 -10.70 2.50 0.26
N ARG A 84 -11.21 3.56 0.87
CA ARG A 84 -12.61 3.54 1.32
C ARG A 84 -13.32 4.89 1.18
N LEU A 85 -14.61 4.75 0.87
CA LEU A 85 -15.54 5.85 0.71
C LEU A 85 -16.83 5.35 1.35
N GLU A 86 -17.84 6.21 1.52
CA GLU A 86 -19.08 5.73 2.13
C GLU A 86 -19.45 4.39 1.48
N PRO A 87 -20.28 3.57 2.06
CA PRO A 87 -20.52 2.22 1.46
C PRO A 87 -20.73 2.23 -0.06
N ARG A 88 -19.74 1.63 -0.75
CA ARG A 88 -19.75 1.48 -2.20
C ARG A 88 -19.14 0.13 -2.55
N GLY A 89 -18.55 -0.52 -1.55
CA GLY A 89 -17.85 -1.80 -1.74
C GLY A 89 -16.33 -1.58 -1.61
N GLU A 90 -15.86 -1.55 -0.35
CA GLU A 90 -14.45 -1.32 -0.03
C GLU A 90 -13.54 -2.42 -0.56
N ALA A 91 -12.27 -2.05 -0.79
CA ALA A 91 -11.25 -2.97 -1.34
C ALA A 91 -10.02 -3.05 -0.44
N ARG A 92 -9.42 -4.25 -0.40
CA ARG A 92 -8.19 -4.48 0.36
C ARG A 92 -7.16 -5.17 -0.54
N SER A 93 -5.90 -4.77 -0.45
CA SER A 93 -4.82 -5.37 -1.25
C SER A 93 -3.60 -5.67 -0.38
N THR A 94 -2.80 -6.65 -0.80
CA THR A 94 -1.60 -7.03 -0.03
C THR A 94 -0.35 -7.16 -0.87
N ALA A 95 0.74 -7.05 -0.15
CA ALA A 95 2.09 -7.14 -0.71
C ALA A 95 3.06 -7.50 0.41
N GLU A 96 4.18 -8.10 0.03
CA GLU A 96 5.18 -8.51 1.00
C GLU A 96 6.46 -7.72 0.88
N LEU A 97 7.07 -7.51 2.04
CA LEU A 97 8.33 -6.79 2.14
C LEU A 97 9.44 -7.77 2.48
N LYS A 98 10.52 -7.68 1.72
CA LYS A 98 11.68 -8.54 1.91
C LYS A 98 12.93 -7.71 2.00
N GLY A 99 13.87 -8.16 2.82
CA GLY A 99 15.13 -7.46 2.98
C GLY A 99 16.25 -8.11 2.18
N GLU A 100 16.77 -7.35 1.25
CA GLU A 100 17.84 -7.77 0.40
C GLU A 100 19.15 -7.82 1.20
N LEU A 101 19.90 -8.88 0.98
CA LEU A 101 21.16 -9.06 1.67
C LEU A 101 22.24 -8.16 1.07
N ARG A 102 23.09 -7.60 1.93
CA ARG A 102 24.16 -6.72 1.47
C ARG A 102 25.26 -7.52 0.80
N SER A 103 25.87 -6.95 -0.23
CA SER A 103 26.93 -7.63 -0.94
C SER A 103 28.22 -7.61 -0.13
N GLY A 104 29.14 -8.51 -0.44
CA GLY A 104 30.40 -8.59 0.28
C GLY A 104 31.40 -9.48 -0.46
N CYS A 105 32.65 -9.47 0.02
CA CYS A 105 33.70 -10.27 -0.59
C CYS A 105 34.92 -10.32 0.31
N GLY A 1 -25.16 -3.70 -12.18
CA GLY A 1 -26.62 -3.91 -12.00
C GLY A 1 -27.31 -2.55 -12.00
N ILE A 2 -28.40 -2.46 -11.24
CA ILE A 2 -29.15 -1.20 -11.17
C ILE A 2 -28.31 -0.10 -10.55
N ASP A 3 -27.61 -0.43 -9.47
CA ASP A 3 -26.78 0.55 -8.77
C ASP A 3 -26.04 1.45 -9.78
N PRO A 4 -25.81 2.70 -9.45
CA PRO A 4 -25.09 3.65 -10.35
C PRO A 4 -23.60 3.35 -10.46
N PHE A 5 -23.00 3.78 -11.55
CA PHE A 5 -21.57 3.56 -11.80
C PHE A 5 -20.70 4.24 -10.75
N THR A 6 -21.08 5.45 -10.33
CA THR A 6 -20.29 6.19 -9.36
C THR A 6 -20.26 5.48 -8.00
N ALA A 7 -21.33 4.81 -7.64
CA ALA A 7 -21.39 4.09 -6.37
C ALA A 7 -20.81 2.70 -6.50
N GLU A 8 -20.36 2.36 -7.69
CA GLU A 8 -19.80 1.04 -7.92
C GLU A 8 -18.60 0.81 -6.98
N PRO A 9 -18.26 -0.42 -6.70
CA PRO A 9 -17.12 -0.75 -5.81
C PRO A 9 -15.78 -0.24 -6.35
N ILE A 10 -14.91 0.12 -5.42
CA ILE A 10 -13.59 0.61 -5.74
C ILE A 10 -12.57 -0.50 -5.55
N GLN A 11 -11.68 -0.65 -6.53
CA GLN A 11 -10.67 -1.71 -6.49
C GLN A 11 -9.32 -1.16 -6.95
N PHE A 12 -8.24 -1.87 -6.63
CA PHE A 12 -6.92 -1.42 -7.05
C PHE A 12 -6.54 -2.05 -8.37
N THR A 13 -6.47 -1.23 -9.40
CA THR A 13 -6.13 -1.74 -10.70
C THR A 13 -4.69 -2.22 -10.72
N LYS A 14 -3.79 -1.41 -10.16
CA LYS A 14 -2.38 -1.77 -10.11
C LYS A 14 -2.11 -2.96 -9.21
N ARG A 15 -2.81 -3.01 -8.07
CA ARG A 15 -2.63 -4.10 -7.12
C ARG A 15 -1.18 -4.23 -6.66
N ILE A 16 -0.81 -3.50 -5.62
CA ILE A 16 0.56 -3.53 -5.10
C ILE A 16 1.14 -4.94 -5.12
N GLN A 17 2.46 -5.00 -5.31
CA GLN A 17 3.18 -6.28 -5.39
C GLN A 17 4.30 -6.34 -4.35
N ASN A 18 4.88 -7.53 -4.22
CA ASN A 18 5.95 -7.79 -3.27
C ASN A 18 7.20 -6.96 -3.61
N ILE A 19 7.86 -6.46 -2.57
CA ILE A 19 9.04 -5.62 -2.70
C ILE A 19 10.24 -6.16 -1.95
N VAL A 20 11.41 -6.19 -2.60
CA VAL A 20 12.64 -6.60 -1.92
C VAL A 20 13.51 -5.35 -1.84
N VAL A 21 13.95 -5.04 -0.64
CA VAL A 21 14.71 -3.82 -0.36
C VAL A 21 15.96 -4.02 0.49
N SER A 22 17.02 -3.34 0.09
CA SER A 22 18.29 -3.39 0.83
C SER A 22 18.05 -2.77 2.20
N GLU A 23 18.84 -3.18 3.17
CA GLU A 23 18.62 -2.72 4.52
C GLU A 23 18.72 -1.20 4.64
N HIS A 24 19.67 -0.61 3.97
CA HIS A 24 19.85 0.85 4.05
C HIS A 24 18.95 1.64 3.07
N GLN A 25 18.29 0.98 2.14
CA GLN A 25 17.43 1.68 1.18
C GLN A 25 16.01 1.88 1.72
N SER A 26 15.11 2.19 0.80
CA SER A 26 13.71 2.46 1.14
C SER A 26 12.78 1.66 0.22
N ALA A 27 11.61 1.31 0.75
CA ALA A 27 10.63 0.53 -0.01
C ALA A 27 9.40 1.38 -0.35
N THR A 28 8.91 1.23 -1.58
CA THR A 28 7.72 1.99 -2.01
C THR A 28 6.65 1.05 -2.53
N PHE A 29 5.44 1.18 -2.00
CA PHE A 29 4.32 0.39 -2.48
C PHE A 29 3.45 1.37 -3.24
N GLU A 30 3.32 1.15 -4.54
CA GLU A 30 2.54 2.04 -5.38
C GLU A 30 1.24 1.37 -5.78
N CYS A 31 0.16 2.13 -5.79
CA CYS A 31 -1.16 1.61 -6.16
C CYS A 31 -1.94 2.60 -7.02
N GLU A 32 -2.87 2.06 -7.79
CA GLU A 32 -3.74 2.87 -8.64
C GLU A 32 -5.17 2.44 -8.33
N VAL A 33 -6.10 3.39 -8.32
CA VAL A 33 -7.49 3.07 -7.98
C VAL A 33 -8.50 3.66 -8.97
N SER A 34 -9.69 3.09 -8.93
CA SER A 34 -10.79 3.52 -9.79
C SER A 34 -11.15 4.97 -9.51
N PHE A 35 -11.15 5.37 -8.22
CA PHE A 35 -11.51 6.75 -7.85
C PHE A 35 -10.39 7.41 -7.04
N ASP A 36 -10.25 8.73 -7.21
CA ASP A 36 -9.22 9.50 -6.52
C ASP A 36 -9.72 10.05 -5.18
N ASP A 37 -11.02 10.21 -5.10
CA ASP A 37 -11.65 10.77 -3.91
C ASP A 37 -11.62 9.80 -2.73
N ALA A 38 -11.22 8.57 -2.99
CA ALA A 38 -11.18 7.57 -1.94
C ALA A 38 -10.03 7.82 -0.96
N ILE A 39 -10.31 7.62 0.32
CA ILE A 39 -9.32 7.79 1.36
C ILE A 39 -8.49 6.52 1.44
N VAL A 40 -7.16 6.67 1.45
CA VAL A 40 -6.29 5.48 1.48
C VAL A 40 -5.37 5.47 2.70
N THR A 41 -5.37 4.31 3.37
CA THR A 41 -4.55 4.07 4.56
C THR A 41 -3.73 2.80 4.39
N TRP A 42 -2.46 2.85 4.75
CA TRP A 42 -1.58 1.69 4.63
C TRP A 42 -1.46 0.97 5.96
N TYR A 43 -1.47 -0.36 5.92
CA TYR A 43 -1.36 -1.18 7.13
C TYR A 43 -0.20 -2.15 7.07
N LYS A 44 0.46 -2.30 8.20
CA LYS A 44 1.53 -3.27 8.36
C LYS A 44 1.07 -4.19 9.46
N GLY A 45 0.44 -5.29 9.06
CA GLY A 45 -0.12 -6.19 10.04
C GLY A 45 -1.22 -5.41 10.77
N PRO A 46 -1.51 -5.74 11.98
CA PRO A 46 -2.54 -5.01 12.77
C PRO A 46 -2.27 -3.49 12.85
N THR A 47 -0.98 -3.13 12.93
CA THR A 47 -0.57 -1.74 13.06
C THR A 47 -0.72 -0.94 11.77
N GLU A 48 -1.27 0.26 11.92
CA GLU A 48 -1.43 1.20 10.81
C GLU A 48 -0.17 2.04 10.71
N LEU A 49 0.16 2.47 9.49
CA LEU A 49 1.35 3.27 9.28
C LEU A 49 1.01 4.74 9.24
N THR A 50 1.77 5.50 10.01
CA THR A 50 1.60 6.94 10.08
C THR A 50 2.94 7.63 9.97
N GLU A 51 2.89 8.89 9.57
CA GLU A 51 4.11 9.65 9.39
C GLU A 51 4.76 10.02 10.71
N SER A 52 6.07 9.83 10.75
CA SER A 52 6.87 10.17 11.92
C SER A 52 8.33 10.14 11.51
N GLN A 53 8.70 11.04 10.60
CA GLN A 53 10.07 11.07 10.11
C GLN A 53 10.49 9.65 9.73
N LYS A 54 9.49 8.83 9.40
CA LYS A 54 9.71 7.43 9.01
C LYS A 54 8.94 7.07 7.74
N TYR A 55 7.61 7.26 7.72
CA TYR A 55 6.81 6.90 6.54
C TYR A 55 6.40 8.15 5.77
N ASN A 56 6.64 8.15 4.45
CA ASN A 56 6.24 9.29 3.60
C ASN A 56 5.03 8.92 2.75
N PHE A 57 3.90 9.57 2.98
CA PHE A 57 2.70 9.32 2.21
C PHE A 57 2.51 10.45 1.19
N ARG A 58 2.53 10.13 -0.11
CA ARG A 58 2.35 11.16 -1.14
C ARG A 58 1.18 10.80 -2.04
N ASN A 59 0.24 11.73 -2.19
CA ASN A 59 -0.94 11.50 -3.02
C ASN A 59 -0.81 12.29 -4.32
N ASP A 60 -1.22 11.66 -5.43
CA ASP A 60 -1.17 12.31 -6.73
C ASP A 60 -2.38 11.86 -7.55
N GLY A 61 -3.51 12.53 -7.37
CA GLY A 61 -4.71 12.14 -8.11
C GLY A 61 -5.11 10.74 -7.72
N ARG A 62 -5.36 9.89 -8.71
CA ARG A 62 -5.74 8.50 -8.47
C ARG A 62 -4.57 7.71 -7.87
N CYS A 63 -3.35 8.19 -8.07
CA CYS A 63 -2.17 7.49 -7.57
C CYS A 63 -1.85 7.86 -6.13
N HIS A 64 -1.46 6.86 -5.34
CA HIS A 64 -1.06 7.07 -3.94
C HIS A 64 0.25 6.33 -3.70
N TYR A 65 1.21 6.97 -3.05
CA TYR A 65 2.51 6.33 -2.81
C TYR A 65 2.86 6.30 -1.32
N MET A 66 3.47 5.21 -0.88
CA MET A 66 3.95 5.09 0.49
C MET A 66 5.39 4.65 0.44
N THR A 67 6.26 5.42 1.10
CA THR A 67 7.69 5.10 1.10
C THR A 67 8.18 4.87 2.52
N ILE A 68 8.85 3.74 2.71
CA ILE A 68 9.38 3.37 4.03
C ILE A 68 10.89 3.52 3.98
N HIS A 69 11.45 4.24 4.95
CA HIS A 69 12.89 4.47 4.97
C HIS A 69 13.58 3.65 6.03
N ASN A 70 14.76 3.11 5.69
CA ASN A 70 15.55 2.30 6.61
C ASN A 70 14.79 1.03 6.95
N VAL A 71 14.86 0.06 6.03
CA VAL A 71 14.17 -1.20 6.21
C VAL A 71 15.08 -2.21 6.90
N THR A 72 14.56 -2.83 7.96
CA THR A 72 15.31 -3.83 8.72
C THR A 72 14.74 -5.22 8.45
N PRO A 73 15.47 -6.28 8.72
CA PRO A 73 14.94 -7.66 8.52
C PRO A 73 13.63 -7.84 9.29
N ASP A 74 13.59 -7.20 10.44
CA ASP A 74 12.42 -7.23 11.31
C ASP A 74 11.22 -6.60 10.63
N ASP A 75 11.49 -5.53 9.89
CA ASP A 75 10.43 -4.80 9.22
C ASP A 75 9.81 -5.63 8.10
N GLU A 76 10.49 -6.68 7.65
CA GLU A 76 9.96 -7.51 6.59
C GLU A 76 8.62 -8.07 7.07
N GLY A 77 7.66 -8.11 6.18
CA GLY A 77 6.34 -8.61 6.55
C GLY A 77 5.33 -8.37 5.44
N VAL A 78 4.11 -8.00 5.84
CA VAL A 78 3.04 -7.76 4.89
C VAL A 78 2.52 -6.34 5.03
N TYR A 79 2.41 -5.68 3.88
CA TYR A 79 1.90 -4.31 3.79
C TYR A 79 0.63 -4.32 2.97
N SER A 80 -0.39 -3.60 3.44
CA SER A 80 -1.66 -3.56 2.73
C SER A 80 -2.10 -2.13 2.54
N VAL A 81 -2.89 -1.92 1.50
CA VAL A 81 -3.43 -0.59 1.20
C VAL A 81 -4.93 -0.75 1.10
N ILE A 82 -5.66 0.11 1.79
CA ILE A 82 -7.12 0.03 1.79
C ILE A 82 -7.71 1.36 1.34
N ALA A 83 -8.61 1.31 0.37
CA ALA A 83 -9.25 2.53 -0.14
C ALA A 83 -10.71 2.57 0.30
N ARG A 84 -11.14 3.71 0.86
CA ARG A 84 -12.52 3.83 1.33
C ARG A 84 -13.20 5.14 0.89
N LEU A 85 -14.47 4.98 0.58
CA LEU A 85 -15.38 6.06 0.20
C LEU A 85 -16.69 5.70 0.87
N GLU A 86 -17.69 6.58 0.89
CA GLU A 86 -18.96 6.23 1.52
C GLU A 86 -19.33 4.81 1.04
N PRO A 87 -20.22 4.09 1.66
CA PRO A 87 -20.42 2.68 1.22
C PRO A 87 -20.68 2.53 -0.26
N ARG A 88 -19.72 1.85 -0.90
CA ARG A 88 -19.75 1.53 -2.31
C ARG A 88 -19.17 0.13 -2.48
N GLY A 89 -18.51 -0.37 -1.43
CA GLY A 89 -17.83 -1.66 -1.46
C GLY A 89 -16.31 -1.41 -1.52
N GLU A 90 -15.69 -1.18 -0.36
CA GLU A 90 -14.27 -0.86 -0.30
C GLU A 90 -13.42 -2.02 -0.84
N ALA A 91 -12.09 -1.84 -0.79
CA ALA A 91 -11.15 -2.84 -1.29
C ALA A 91 -9.91 -2.99 -0.41
N ARG A 92 -9.36 -4.20 -0.38
CA ARG A 92 -8.16 -4.46 0.39
C ARG A 92 -7.14 -5.16 -0.51
N SER A 93 -5.88 -4.76 -0.41
CA SER A 93 -4.81 -5.37 -1.22
C SER A 93 -3.59 -5.67 -0.35
N THR A 94 -2.79 -6.68 -0.74
CA THR A 94 -1.61 -7.05 0.02
C THR A 94 -0.36 -7.21 -0.82
N ALA A 95 0.74 -7.10 -0.10
CA ALA A 95 2.07 -7.23 -0.67
C ALA A 95 3.07 -7.56 0.44
N GLU A 96 4.17 -8.19 0.08
CA GLU A 96 5.19 -8.57 1.04
C GLU A 96 6.46 -7.77 0.89
N LEU A 97 7.07 -7.53 2.03
CA LEU A 97 8.32 -6.79 2.12
C LEU A 97 9.45 -7.75 2.48
N LYS A 98 10.52 -7.68 1.70
CA LYS A 98 11.69 -8.55 1.91
C LYS A 98 12.95 -7.71 2.00
N GLY A 99 13.88 -8.15 2.84
CA GLY A 99 15.13 -7.44 3.01
C GLY A 99 16.26 -8.08 2.21
N GLU A 100 16.75 -7.31 1.27
CA GLU A 100 17.84 -7.72 0.41
C GLU A 100 19.15 -7.71 1.20
N LEU A 101 19.92 -8.75 1.00
CA LEU A 101 21.21 -8.90 1.68
C LEU A 101 22.27 -8.03 1.00
N ARG A 102 23.13 -7.41 1.81
CA ARG A 102 24.17 -6.55 1.25
C ARG A 102 25.20 -7.38 0.49
N SER A 103 25.57 -6.92 -0.69
CA SER A 103 26.54 -7.63 -1.51
C SER A 103 27.94 -7.51 -0.91
N GLY A 104 28.74 -8.56 -1.11
CA GLY A 104 30.11 -8.55 -0.59
C GLY A 104 30.93 -7.44 -1.24
N CYS A 105 30.69 -7.23 -2.54
CA CYS A 105 31.40 -6.19 -3.28
C CYS A 105 30.85 -4.81 -2.92
N GLY A 1 -29.48 4.32 -15.59
CA GLY A 1 -28.66 3.34 -14.81
C GLY A 1 -27.79 2.56 -15.77
N ILE A 2 -28.04 2.70 -17.07
CA ILE A 2 -27.23 2.01 -18.06
C ILE A 2 -25.79 2.50 -18.00
N ASP A 3 -25.66 3.82 -17.93
CA ASP A 3 -24.34 4.45 -17.89
C ASP A 3 -23.56 3.98 -16.65
N PRO A 4 -22.34 4.45 -16.46
CA PRO A 4 -21.50 4.04 -15.29
C PRO A 4 -22.12 4.44 -13.95
N PHE A 5 -21.89 3.61 -12.93
CA PHE A 5 -22.41 3.88 -11.60
C PHE A 5 -21.28 4.43 -10.71
N THR A 6 -21.48 5.63 -10.20
CA THR A 6 -20.49 6.28 -9.34
C THR A 6 -20.30 5.51 -8.04
N ALA A 7 -21.39 4.89 -7.58
CA ALA A 7 -21.37 4.15 -6.33
C ALA A 7 -20.79 2.75 -6.51
N GLU A 8 -20.37 2.45 -7.72
CA GLU A 8 -19.81 1.12 -8.01
C GLU A 8 -18.61 0.87 -7.11
N PRO A 9 -18.26 -0.37 -6.86
CA PRO A 9 -17.10 -0.72 -6.00
C PRO A 9 -15.76 -0.20 -6.52
N ILE A 10 -14.91 0.13 -5.57
CA ILE A 10 -13.59 0.65 -5.81
C ILE A 10 -12.57 -0.45 -5.58
N GLN A 11 -11.66 -0.62 -6.52
CA GLN A 11 -10.64 -1.67 -6.44
C GLN A 11 -9.30 -1.13 -6.91
N PHE A 12 -8.22 -1.82 -6.56
CA PHE A 12 -6.90 -1.36 -6.97
C PHE A 12 -6.54 -2.04 -8.27
N THR A 13 -6.49 -1.26 -9.32
CA THR A 13 -6.16 -1.80 -10.63
C THR A 13 -4.72 -2.30 -10.65
N LYS A 14 -3.81 -1.46 -10.13
CA LYS A 14 -2.40 -1.82 -10.09
C LYS A 14 -2.12 -2.99 -9.16
N ARG A 15 -2.81 -2.99 -8.03
CA ARG A 15 -2.63 -4.06 -7.05
C ARG A 15 -1.17 -4.20 -6.61
N ILE A 16 -0.79 -3.45 -5.59
CA ILE A 16 0.59 -3.46 -5.09
C ILE A 16 1.18 -4.88 -5.10
N GLN A 17 2.49 -4.94 -5.31
CA GLN A 17 3.21 -6.21 -5.37
C GLN A 17 4.36 -6.27 -4.35
N ASN A 18 4.92 -7.47 -4.22
CA ASN A 18 6.00 -7.72 -3.28
C ASN A 18 7.24 -6.92 -3.62
N ILE A 19 7.90 -6.40 -2.57
CA ILE A 19 9.09 -5.56 -2.71
C ILE A 19 10.28 -6.11 -1.95
N VAL A 20 11.45 -6.14 -2.60
CA VAL A 20 12.68 -6.56 -1.91
C VAL A 20 13.55 -5.32 -1.85
N VAL A 21 13.99 -4.99 -0.65
CA VAL A 21 14.76 -3.78 -0.37
C VAL A 21 16.00 -4.01 0.49
N SER A 22 17.09 -3.37 0.11
CA SER A 22 18.33 -3.46 0.87
C SER A 22 18.12 -2.85 2.25
N GLU A 23 18.88 -3.30 3.21
CA GLU A 23 18.70 -2.86 4.58
C GLU A 23 18.80 -1.34 4.73
N HIS A 24 19.72 -0.72 4.03
CA HIS A 24 19.88 0.74 4.14
C HIS A 24 19.00 1.53 3.17
N GLN A 25 18.38 0.85 2.20
CA GLN A 25 17.53 1.56 1.24
C GLN A 25 16.12 1.80 1.77
N SER A 26 15.17 1.98 0.86
CA SER A 26 13.77 2.25 1.23
C SER A 26 12.83 1.47 0.31
N ALA A 27 11.58 1.29 0.76
CA ALA A 27 10.59 0.54 -0.03
C ALA A 27 9.36 1.39 -0.36
N THR A 28 8.89 1.26 -1.60
CA THR A 28 7.69 2.00 -2.04
C THR A 28 6.63 1.06 -2.57
N PHE A 29 5.42 1.17 -2.04
CA PHE A 29 4.30 0.38 -2.53
C PHE A 29 3.42 1.35 -3.29
N GLU A 30 3.31 1.14 -4.59
CA GLU A 30 2.51 2.03 -5.42
C GLU A 30 1.20 1.36 -5.80
N CYS A 31 0.13 2.14 -5.84
CA CYS A 31 -1.18 1.60 -6.19
C CYS A 31 -1.96 2.59 -7.06
N GLU A 32 -2.90 2.04 -7.81
CA GLU A 32 -3.79 2.83 -8.66
C GLU A 32 -5.20 2.41 -8.34
N VAL A 33 -6.14 3.34 -8.33
CA VAL A 33 -7.53 3.02 -8.00
C VAL A 33 -8.52 3.59 -9.00
N SER A 34 -9.71 3.01 -8.95
CA SER A 34 -10.81 3.43 -9.81
C SER A 34 -11.22 4.87 -9.56
N PHE A 35 -11.24 5.30 -8.29
CA PHE A 35 -11.64 6.68 -7.98
C PHE A 35 -10.56 7.41 -7.16
N ASP A 36 -10.47 8.72 -7.38
CA ASP A 36 -9.50 9.57 -6.67
C ASP A 36 -10.07 10.14 -5.40
N ASP A 37 -11.39 10.16 -5.35
CA ASP A 37 -12.10 10.73 -4.21
C ASP A 37 -11.98 9.82 -3.00
N ALA A 38 -11.42 8.64 -3.22
CA ALA A 38 -11.24 7.66 -2.17
C ALA A 38 -10.11 8.05 -1.21
N ILE A 39 -10.26 7.62 0.04
CA ILE A 39 -9.29 7.90 1.09
C ILE A 39 -8.50 6.62 1.34
N VAL A 40 -7.16 6.73 1.37
CA VAL A 40 -6.32 5.53 1.51
C VAL A 40 -5.35 5.58 2.70
N THR A 41 -5.34 4.45 3.42
CA THR A 41 -4.50 4.23 4.60
C THR A 41 -3.70 2.96 4.43
N TRP A 42 -2.43 3.01 4.79
CA TRP A 42 -1.54 1.85 4.66
C TRP A 42 -1.42 1.11 5.97
N TYR A 43 -1.41 -0.21 5.89
CA TYR A 43 -1.30 -1.06 7.08
C TYR A 43 -0.16 -2.04 7.03
N LYS A 44 0.50 -2.18 8.16
CA LYS A 44 1.56 -3.15 8.31
C LYS A 44 1.10 -4.08 9.42
N GLY A 45 0.89 -5.35 9.15
CA GLY A 45 0.36 -6.22 10.19
C GLY A 45 -0.88 -5.56 10.81
N PRO A 46 -1.19 -5.79 12.06
CA PRO A 46 -2.38 -5.16 12.73
C PRO A 46 -2.17 -3.64 12.95
N THR A 47 -0.92 -3.21 12.82
CA THR A 47 -0.54 -1.84 13.07
C THR A 47 -0.64 -0.98 11.81
N GLU A 48 -1.25 0.19 11.96
CA GLU A 48 -1.39 1.14 10.87
C GLU A 48 -0.14 2.01 10.80
N LEU A 49 0.20 2.46 9.60
CA LEU A 49 1.39 3.28 9.42
C LEU A 49 1.04 4.75 9.43
N THR A 50 1.80 5.49 10.22
CA THR A 50 1.63 6.93 10.37
C THR A 50 2.96 7.63 10.25
N GLU A 51 2.90 8.91 9.93
CA GLU A 51 4.08 9.69 9.75
C GLU A 51 4.79 9.97 11.07
N SER A 52 6.11 9.82 11.02
CA SER A 52 6.99 10.06 12.16
C SER A 52 8.40 10.19 11.59
N GLN A 53 8.47 10.95 10.50
CA GLN A 53 9.71 11.14 9.76
C GLN A 53 10.21 9.74 9.39
N LYS A 54 9.26 8.79 9.40
CA LYS A 54 9.54 7.39 9.05
C LYS A 54 8.83 7.00 7.75
N TYR A 55 7.50 7.23 7.68
CA TYR A 55 6.74 6.86 6.49
C TYR A 55 6.35 8.13 5.71
N ASN A 56 6.64 8.16 4.41
CA ASN A 56 6.26 9.30 3.58
C ASN A 56 5.05 8.94 2.73
N PHE A 57 3.93 9.60 2.98
CA PHE A 57 2.70 9.34 2.26
C PHE A 57 2.47 10.45 1.23
N ARG A 58 2.43 10.09 -0.06
CA ARG A 58 2.20 11.09 -1.12
C ARG A 58 0.99 10.70 -1.95
N ASN A 59 0.06 11.63 -2.11
CA ASN A 59 -1.14 11.36 -2.92
C ASN A 59 -1.13 12.24 -4.16
N ASP A 60 -1.12 11.58 -5.32
CA ASP A 60 -1.12 12.29 -6.59
C ASP A 60 -2.22 11.75 -7.48
N GLY A 61 -3.33 12.47 -7.55
CA GLY A 61 -4.43 12.04 -8.40
C GLY A 61 -4.89 10.64 -7.98
N ARG A 62 -5.11 9.79 -8.97
CA ARG A 62 -5.56 8.42 -8.71
C ARG A 62 -4.46 7.57 -8.06
N CYS A 63 -3.20 7.98 -8.24
CA CYS A 63 -2.07 7.21 -7.70
C CYS A 63 -1.68 7.68 -6.29
N HIS A 64 -1.56 6.71 -5.38
CA HIS A 64 -1.14 6.97 -4.00
C HIS A 64 0.17 6.23 -3.73
N TYR A 65 1.17 6.93 -3.19
CA TYR A 65 2.47 6.29 -2.94
C TYR A 65 2.81 6.30 -1.45
N MET A 66 3.41 5.22 -0.97
CA MET A 66 3.84 5.14 0.41
C MET A 66 5.28 4.67 0.42
N THR A 67 6.15 5.37 1.14
CA THR A 67 7.58 5.03 1.17
C THR A 67 8.08 4.78 2.58
N ILE A 68 8.77 3.66 2.74
CA ILE A 68 9.33 3.27 4.04
C ILE A 68 10.84 3.45 3.99
N HIS A 69 11.41 4.18 4.94
CA HIS A 69 12.85 4.41 4.95
C HIS A 69 13.55 3.58 6.03
N ASN A 70 14.73 3.07 5.68
CA ASN A 70 15.50 2.24 6.61
C ASN A 70 14.76 0.96 6.93
N VAL A 71 14.84 0.02 6.00
CA VAL A 71 14.16 -1.26 6.16
C VAL A 71 15.06 -2.27 6.85
N THR A 72 14.54 -2.90 7.89
CA THR A 72 15.27 -3.90 8.65
C THR A 72 14.71 -5.30 8.38
N PRO A 73 15.45 -6.35 8.64
CA PRO A 73 14.91 -7.73 8.45
C PRO A 73 13.63 -7.89 9.25
N ASP A 74 13.63 -7.25 10.41
CA ASP A 74 12.49 -7.30 11.33
C ASP A 74 11.27 -6.67 10.67
N ASP A 75 11.53 -5.59 9.94
CA ASP A 75 10.47 -4.86 9.27
C ASP A 75 9.86 -5.65 8.13
N GLU A 76 10.52 -6.72 7.67
CA GLU A 76 9.97 -7.50 6.59
C GLU A 76 8.63 -8.04 7.04
N GLY A 77 7.67 -8.06 6.15
CA GLY A 77 6.33 -8.54 6.51
C GLY A 77 5.33 -8.29 5.40
N VAL A 78 4.11 -7.93 5.80
CA VAL A 78 3.04 -7.68 4.86
C VAL A 78 2.53 -6.25 4.99
N TYR A 79 2.43 -5.59 3.85
CA TYR A 79 1.92 -4.23 3.75
C TYR A 79 0.64 -4.23 2.94
N SER A 80 -0.36 -3.51 3.42
CA SER A 80 -1.64 -3.46 2.72
C SER A 80 -2.08 -2.03 2.53
N VAL A 81 -2.87 -1.81 1.50
CA VAL A 81 -3.40 -0.49 1.20
C VAL A 81 -4.90 -0.63 1.10
N ILE A 82 -5.61 0.24 1.78
CA ILE A 82 -7.08 0.18 1.80
C ILE A 82 -7.69 1.47 1.32
N ALA A 83 -8.61 1.37 0.36
CA ALA A 83 -9.30 2.55 -0.15
C ALA A 83 -10.74 2.48 0.28
N ARG A 84 -11.26 3.56 0.89
CA ARG A 84 -12.65 3.53 1.36
C ARG A 84 -13.38 4.86 1.20
N LEU A 85 -14.65 4.71 0.91
CA LEU A 85 -15.61 5.80 0.74
C LEU A 85 -16.90 5.29 1.37
N GLU A 86 -17.91 6.14 1.55
CA GLU A 86 -19.17 5.67 2.14
C GLU A 86 -19.50 4.33 1.47
N PRO A 87 -20.32 3.48 2.03
CA PRO A 87 -20.53 2.14 1.42
C PRO A 87 -20.73 2.16 -0.10
N ARG A 88 -19.74 1.58 -0.80
CA ARG A 88 -19.76 1.43 -2.25
C ARG A 88 -19.13 0.09 -2.62
N GLY A 89 -18.56 -0.59 -1.62
CA GLY A 89 -17.85 -1.85 -1.82
C GLY A 89 -16.34 -1.62 -1.69
N GLU A 90 -15.87 -1.58 -0.43
CA GLU A 90 -14.46 -1.35 -0.08
C GLU A 90 -13.54 -2.46 -0.59
N ALA A 91 -12.28 -2.07 -0.80
CA ALA A 91 -11.25 -2.99 -1.34
C ALA A 91 -10.02 -3.05 -0.45
N ARG A 92 -9.39 -4.24 -0.41
CA ARG A 92 -8.16 -4.43 0.37
C ARG A 92 -7.13 -5.10 -0.53
N SER A 93 -5.88 -4.68 -0.41
CA SER A 93 -4.78 -5.28 -1.21
C SER A 93 -3.58 -5.57 -0.34
N THR A 94 -2.79 -6.56 -0.73
CA THR A 94 -1.59 -6.94 0.03
C THR A 94 -0.35 -7.09 -0.81
N ALA A 95 0.76 -7.01 -0.10
CA ALA A 95 2.08 -7.15 -0.67
C ALA A 95 3.06 -7.49 0.43
N GLU A 96 4.16 -8.13 0.07
CA GLU A 96 5.18 -8.52 1.04
C GLU A 96 6.47 -7.73 0.88
N LEU A 97 7.05 -7.48 2.03
CA LEU A 97 8.32 -6.76 2.14
C LEU A 97 9.44 -7.72 2.50
N LYS A 98 10.51 -7.65 1.73
CA LYS A 98 11.67 -8.51 1.93
C LYS A 98 12.94 -7.68 2.01
N GLY A 99 13.87 -8.15 2.83
CA GLY A 99 15.13 -7.45 2.99
C GLY A 99 16.23 -8.10 2.18
N GLU A 100 16.73 -7.34 1.22
CA GLU A 100 17.80 -7.78 0.36
C GLU A 100 19.10 -7.88 1.17
N LEU A 101 19.83 -8.94 0.90
CA LEU A 101 21.09 -9.22 1.57
C LEU A 101 22.19 -8.28 1.06
N ARG A 102 23.07 -7.87 1.98
CA ARG A 102 24.16 -6.97 1.62
C ARG A 102 25.23 -7.71 0.83
N SER A 103 25.83 -7.01 -0.13
CA SER A 103 26.88 -7.61 -0.95
C SER A 103 28.15 -7.81 -0.15
N GLY A 104 28.91 -8.86 -0.47
CA GLY A 104 30.15 -9.15 0.22
C GLY A 104 29.89 -9.87 1.54
N CYS A 105 28.66 -10.37 1.71
CA CYS A 105 28.29 -11.08 2.92
C CYS A 105 28.91 -12.47 2.93
N GLY A 1 -31.65 -1.38 -7.53
CA GLY A 1 -32.29 -0.09 -7.93
C GLY A 1 -31.22 0.96 -8.15
N ILE A 2 -30.00 0.49 -8.45
CA ILE A 2 -28.86 1.39 -8.67
C ILE A 2 -28.49 1.40 -10.15
N ASP A 3 -28.39 2.61 -10.71
CA ASP A 3 -28.03 2.79 -12.12
C ASP A 3 -26.66 3.46 -12.26
N PRO A 4 -26.40 4.48 -11.50
CA PRO A 4 -25.09 5.18 -11.56
C PRO A 4 -23.94 4.24 -11.21
N PHE A 5 -22.79 4.42 -11.87
CA PHE A 5 -21.62 3.57 -11.63
C PHE A 5 -20.65 4.27 -10.68
N THR A 6 -20.97 5.50 -10.31
CA THR A 6 -20.11 6.25 -9.40
C THR A 6 -20.06 5.62 -8.03
N ALA A 7 -21.17 5.00 -7.62
CA ALA A 7 -21.25 4.35 -6.31
C ALA A 7 -20.72 2.92 -6.38
N GLU A 8 -20.34 2.49 -7.57
CA GLU A 8 -19.85 1.14 -7.75
C GLU A 8 -18.61 0.90 -6.86
N PRO A 9 -18.29 -0.34 -6.56
CA PRO A 9 -17.13 -0.69 -5.70
C PRO A 9 -15.80 -0.22 -6.28
N ILE A 10 -14.90 0.14 -5.37
CA ILE A 10 -13.57 0.61 -5.69
C ILE A 10 -12.55 -0.49 -5.47
N GLN A 11 -11.68 -0.66 -6.44
CA GLN A 11 -10.65 -1.70 -6.37
C GLN A 11 -9.34 -1.13 -6.87
N PHE A 12 -8.23 -1.80 -6.56
CA PHE A 12 -6.92 -1.33 -7.00
C PHE A 12 -6.57 -2.00 -8.30
N THR A 13 -6.52 -1.22 -9.36
CA THR A 13 -6.18 -1.77 -10.64
C THR A 13 -4.72 -2.24 -10.66
N LYS A 14 -3.82 -1.39 -10.14
CA LYS A 14 -2.41 -1.74 -10.11
C LYS A 14 -2.13 -2.92 -9.18
N ARG A 15 -2.80 -2.94 -8.05
CA ARG A 15 -2.65 -4.02 -7.07
C ARG A 15 -1.18 -4.18 -6.64
N ILE A 16 -0.80 -3.43 -5.61
CA ILE A 16 0.59 -3.47 -5.10
C ILE A 16 1.17 -4.88 -5.12
N GLN A 17 2.48 -4.94 -5.32
CA GLN A 17 3.22 -6.21 -5.40
C GLN A 17 4.34 -6.26 -4.36
N ASN A 18 4.93 -7.45 -4.23
CA ASN A 18 6.00 -7.70 -3.28
C ASN A 18 7.25 -6.89 -3.61
N ILE A 19 7.91 -6.40 -2.56
CA ILE A 19 9.10 -5.56 -2.69
C ILE A 19 10.29 -6.11 -1.93
N VAL A 20 11.45 -6.14 -2.58
CA VAL A 20 12.67 -6.55 -1.89
C VAL A 20 13.56 -5.31 -1.82
N VAL A 21 13.98 -4.99 -0.61
CA VAL A 21 14.76 -3.77 -0.32
C VAL A 21 15.99 -3.98 0.55
N SER A 22 17.07 -3.33 0.15
CA SER A 22 18.31 -3.39 0.91
C SER A 22 18.06 -2.78 2.28
N GLU A 23 18.83 -3.19 3.26
CA GLU A 23 18.60 -2.73 4.62
C GLU A 23 18.72 -1.21 4.76
N HIS A 24 19.67 -0.60 4.07
CA HIS A 24 19.86 0.85 4.17
C HIS A 24 18.99 1.64 3.19
N GLN A 25 18.35 0.97 2.23
CA GLN A 25 17.52 1.67 1.25
C GLN A 25 16.11 1.93 1.78
N SER A 26 15.16 2.05 0.86
CA SER A 26 13.76 2.31 1.21
C SER A 26 12.83 1.51 0.30
N ALA A 27 11.59 1.33 0.75
CA ALA A 27 10.60 0.55 -0.03
C ALA A 27 9.40 1.40 -0.38
N THR A 28 8.91 1.26 -1.62
CA THR A 28 7.74 2.00 -2.06
C THR A 28 6.67 1.07 -2.60
N PHE A 29 5.45 1.20 -2.05
CA PHE A 29 4.34 0.41 -2.54
C PHE A 29 3.46 1.39 -3.30
N GLU A 30 3.30 1.17 -4.59
CA GLU A 30 2.50 2.07 -5.42
C GLU A 30 1.19 1.39 -5.79
N CYS A 31 0.12 2.19 -5.83
CA CYS A 31 -1.20 1.65 -6.18
C CYS A 31 -1.99 2.65 -7.02
N GLU A 32 -2.93 2.11 -7.78
CA GLU A 32 -3.81 2.91 -8.63
C GLU A 32 -5.23 2.46 -8.34
N VAL A 33 -6.18 3.38 -8.36
CA VAL A 33 -7.57 3.04 -8.06
C VAL A 33 -8.56 3.62 -9.04
N SER A 34 -9.74 3.03 -9.01
CA SER A 34 -10.84 3.43 -9.89
C SER A 34 -11.26 4.88 -9.62
N PHE A 35 -11.29 5.29 -8.34
CA PHE A 35 -11.72 6.66 -7.99
C PHE A 35 -10.66 7.40 -7.16
N ASP A 36 -10.59 8.71 -7.33
CA ASP A 36 -9.62 9.56 -6.63
C ASP A 36 -10.20 10.10 -5.32
N ASP A 37 -11.51 10.17 -5.29
CA ASP A 37 -12.23 10.70 -4.14
C ASP A 37 -12.04 9.76 -2.94
N ALA A 38 -11.45 8.62 -3.21
CA ALA A 38 -11.23 7.61 -2.19
C ALA A 38 -10.10 8.01 -1.23
N ILE A 39 -10.24 7.59 0.03
CA ILE A 39 -9.26 7.86 1.07
C ILE A 39 -8.48 6.59 1.33
N VAL A 40 -7.14 6.70 1.33
CA VAL A 40 -6.30 5.50 1.46
C VAL A 40 -5.35 5.52 2.66
N THR A 41 -5.35 4.38 3.37
CA THR A 41 -4.49 4.16 4.54
C THR A 41 -3.69 2.87 4.36
N TRP A 42 -2.41 2.90 4.73
CA TRP A 42 -1.55 1.73 4.60
C TRP A 42 -1.44 1.01 5.93
N TYR A 43 -1.44 -0.33 5.87
CA TYR A 43 -1.33 -1.15 7.07
C TYR A 43 -0.18 -2.14 7.02
N LYS A 44 0.48 -2.27 8.16
CA LYS A 44 1.55 -3.24 8.33
C LYS A 44 1.06 -4.13 9.46
N GLY A 45 0.92 -5.43 9.22
CA GLY A 45 0.37 -6.30 10.27
C GLY A 45 -0.88 -5.61 10.84
N PRO A 46 -1.23 -5.84 12.09
CA PRO A 46 -2.42 -5.17 12.69
C PRO A 46 -2.20 -3.66 12.89
N THR A 47 -0.94 -3.25 12.81
CA THR A 47 -0.53 -1.88 13.04
C THR A 47 -0.61 -1.01 11.78
N GLU A 48 -1.21 0.16 11.93
CA GLU A 48 -1.35 1.11 10.83
C GLU A 48 -0.08 1.96 10.75
N LEU A 49 0.25 2.40 9.55
CA LEU A 49 1.45 3.19 9.35
C LEU A 49 1.12 4.67 9.36
N THR A 50 1.89 5.42 10.12
CA THR A 50 1.70 6.87 10.24
C THR A 50 3.02 7.58 10.12
N GLU A 51 2.94 8.85 9.76
CA GLU A 51 4.12 9.67 9.56
C GLU A 51 4.83 9.98 10.88
N SER A 52 6.14 9.84 10.83
CA SER A 52 7.02 10.14 11.96
C SER A 52 8.43 10.27 11.39
N GLN A 53 8.52 11.01 10.28
CA GLN A 53 9.77 11.17 9.55
C GLN A 53 10.27 9.76 9.22
N LYS A 54 9.32 8.82 9.25
CA LYS A 54 9.58 7.42 8.93
C LYS A 54 8.86 7.01 7.64
N TYR A 55 7.53 7.22 7.59
CA TYR A 55 6.75 6.84 6.41
C TYR A 55 6.33 8.08 5.63
N ASN A 56 6.59 8.09 4.32
CA ASN A 56 6.17 9.24 3.49
C ASN A 56 4.94 8.87 2.68
N PHE A 57 3.83 9.54 2.97
CA PHE A 57 2.59 9.27 2.26
C PHE A 57 2.35 10.40 1.26
N ARG A 58 2.31 10.09 -0.03
CA ARG A 58 2.08 11.12 -1.06
C ARG A 58 0.87 10.74 -1.91
N ASN A 59 -0.05 11.69 -2.08
CA ASN A 59 -1.24 11.45 -2.89
C ASN A 59 -1.20 12.30 -4.14
N ASP A 60 -1.25 11.65 -5.29
CA ASP A 60 -1.23 12.35 -6.58
C ASP A 60 -2.31 11.79 -7.48
N GLY A 61 -3.42 12.51 -7.56
CA GLY A 61 -4.54 12.08 -8.40
C GLY A 61 -5.02 10.69 -7.97
N ARG A 62 -5.24 9.82 -8.95
CA ARG A 62 -5.68 8.45 -8.71
C ARG A 62 -4.59 7.62 -8.05
N CYS A 63 -3.34 8.05 -8.18
CA CYS A 63 -2.21 7.29 -7.62
C CYS A 63 -1.84 7.77 -6.21
N HIS A 64 -1.47 6.81 -5.37
CA HIS A 64 -1.05 7.08 -4.00
C HIS A 64 0.26 6.32 -3.75
N TYR A 65 1.24 6.96 -3.10
CA TYR A 65 2.52 6.31 -2.86
C TYR A 65 2.87 6.31 -1.37
N MET A 66 3.49 5.22 -0.92
CA MET A 66 3.96 5.09 0.46
C MET A 66 5.40 4.66 0.42
N THR A 67 6.28 5.39 1.08
CA THR A 67 7.71 5.07 1.09
C THR A 67 8.21 4.83 2.50
N ILE A 68 8.91 3.71 2.68
CA ILE A 68 9.44 3.34 3.99
C ILE A 68 10.95 3.50 3.97
N HIS A 69 11.49 4.23 4.94
CA HIS A 69 12.94 4.46 4.99
C HIS A 69 13.61 3.64 6.08
N ASN A 70 14.77 3.07 5.74
CA ASN A 70 15.52 2.25 6.68
C ASN A 70 14.75 0.98 6.98
N VAL A 71 14.85 0.03 6.07
CA VAL A 71 14.14 -1.23 6.20
C VAL A 71 15.03 -2.25 6.92
N THR A 72 14.47 -2.87 7.95
CA THR A 72 15.19 -3.88 8.73
C THR A 72 14.64 -5.29 8.43
N PRO A 73 15.41 -6.33 8.66
CA PRO A 73 14.91 -7.72 8.47
C PRO A 73 13.64 -7.92 9.27
N ASP A 74 13.63 -7.28 10.44
CA ASP A 74 12.48 -7.35 11.35
C ASP A 74 11.26 -6.70 10.71
N ASP A 75 11.49 -5.62 9.99
CA ASP A 75 10.42 -4.88 9.34
C ASP A 75 9.82 -5.68 8.19
N GLU A 76 10.51 -6.70 7.71
CA GLU A 76 9.97 -7.52 6.63
C GLU A 76 8.63 -8.08 7.09
N GLY A 77 7.68 -8.10 6.19
CA GLY A 77 6.36 -8.61 6.55
C GLY A 77 5.36 -8.36 5.44
N VAL A 78 4.12 -8.03 5.84
CA VAL A 78 3.05 -7.79 4.89
C VAL A 78 2.51 -6.37 5.03
N TYR A 79 2.41 -5.72 3.89
CA TYR A 79 1.90 -4.35 3.81
C TYR A 79 0.63 -4.35 2.99
N SER A 80 -0.38 -3.62 3.44
CA SER A 80 -1.65 -3.56 2.72
C SER A 80 -2.09 -2.13 2.54
N VAL A 81 -2.86 -1.90 1.50
CA VAL A 81 -3.39 -0.56 1.22
C VAL A 81 -4.88 -0.70 1.11
N ILE A 82 -5.61 0.17 1.79
CA ILE A 82 -7.07 0.10 1.78
C ILE A 82 -7.66 1.41 1.32
N ALA A 83 -8.57 1.35 0.34
CA ALA A 83 -9.21 2.58 -0.17
C ALA A 83 -10.67 2.60 0.27
N ARG A 84 -11.11 3.72 0.86
CA ARG A 84 -12.50 3.85 1.34
C ARG A 84 -13.18 5.14 0.88
N LEU A 85 -14.46 4.98 0.59
CA LEU A 85 -15.36 6.06 0.19
C LEU A 85 -16.70 5.75 0.85
N GLU A 86 -17.65 6.67 0.80
CA GLU A 86 -18.96 6.40 1.40
C GLU A 86 -19.37 4.98 0.95
N PRO A 87 -20.28 4.30 1.60
CA PRO A 87 -20.56 2.89 1.21
C PRO A 87 -20.72 2.68 -0.30
N ARG A 88 -19.75 1.96 -0.86
CA ARG A 88 -19.72 1.59 -2.27
C ARG A 88 -19.15 0.19 -2.43
N GLY A 89 -18.51 -0.29 -1.36
CA GLY A 89 -17.84 -1.59 -1.38
C GLY A 89 -16.33 -1.38 -1.46
N GLU A 90 -15.68 -1.13 -0.31
CA GLU A 90 -14.25 -0.85 -0.29
C GLU A 90 -13.42 -2.00 -0.80
N ALA A 91 -12.09 -1.83 -0.76
CA ALA A 91 -11.16 -2.85 -1.26
C ALA A 91 -9.93 -2.96 -0.37
N ARG A 92 -9.35 -4.18 -0.35
CA ARG A 92 -8.14 -4.45 0.41
C ARG A 92 -7.14 -5.14 -0.51
N SER A 93 -5.87 -4.75 -0.41
CA SER A 93 -4.80 -5.36 -1.23
C SER A 93 -3.59 -5.68 -0.37
N THR A 94 -2.80 -6.68 -0.78
CA THR A 94 -1.60 -7.07 -0.03
C THR A 94 -0.35 -7.20 -0.87
N ALA A 95 0.74 -7.08 -0.14
CA ALA A 95 2.08 -7.20 -0.70
C ALA A 95 3.04 -7.53 0.42
N GLU A 96 4.16 -8.13 0.07
CA GLU A 96 5.17 -8.54 1.03
C GLU A 96 6.45 -7.75 0.90
N LEU A 97 7.05 -7.49 2.04
CA LEU A 97 8.31 -6.77 2.14
C LEU A 97 9.42 -7.74 2.51
N LYS A 98 10.50 -7.66 1.75
CA LYS A 98 11.65 -8.52 1.96
C LYS A 98 12.92 -7.69 2.05
N GLY A 99 13.85 -8.13 2.87
CA GLY A 99 15.12 -7.42 3.03
C GLY A 99 16.23 -8.07 2.23
N GLU A 100 16.71 -7.31 1.26
CA GLU A 100 17.80 -7.74 0.41
C GLU A 100 19.11 -7.78 1.19
N LEU A 101 19.85 -8.85 0.95
CA LEU A 101 21.14 -9.07 1.63
C LEU A 101 22.24 -8.23 0.98
N ARG A 102 23.18 -7.77 1.79
CA ARG A 102 24.28 -6.95 1.27
C ARG A 102 25.25 -7.83 0.47
N SER A 103 25.78 -7.27 -0.60
CA SER A 103 26.73 -8.00 -1.43
C SER A 103 28.07 -8.15 -0.71
N GLY A 104 28.75 -9.26 -0.98
CA GLY A 104 30.04 -9.51 -0.35
C GLY A 104 31.06 -8.46 -0.77
N CYS A 105 31.00 -8.05 -2.03
CA CYS A 105 31.92 -7.05 -2.53
C CYS A 105 33.37 -7.48 -2.24
N GLY A 1 -23.59 -3.50 -11.68
CA GLY A 1 -24.02 -2.72 -12.88
C GLY A 1 -25.34 -2.03 -12.59
N ILE A 2 -26.19 -2.68 -11.80
CA ILE A 2 -27.48 -2.12 -11.46
C ILE A 2 -27.32 -0.86 -10.62
N ASP A 3 -26.41 -0.91 -9.67
CA ASP A 3 -26.14 0.22 -8.80
C ASP A 3 -25.53 1.38 -9.61
N PRO A 4 -25.49 2.60 -9.10
CA PRO A 4 -24.90 3.74 -9.87
C PRO A 4 -23.42 3.50 -10.19
N PHE A 5 -22.99 3.98 -11.36
CA PHE A 5 -21.59 3.80 -11.77
C PHE A 5 -20.64 4.50 -10.81
N THR A 6 -20.99 5.70 -10.39
CA THR A 6 -20.13 6.45 -9.48
C THR A 6 -20.04 5.77 -8.12
N ALA A 7 -21.13 5.12 -7.72
CA ALA A 7 -21.19 4.43 -6.44
C ALA A 7 -20.67 3.00 -6.55
N GLU A 8 -20.26 2.62 -7.75
CA GLU A 8 -19.77 1.28 -7.97
C GLU A 8 -18.57 1.00 -7.06
N PRO A 9 -18.27 -0.24 -6.77
CA PRO A 9 -17.13 -0.61 -5.90
C PRO A 9 -15.78 -0.13 -6.45
N ILE A 10 -14.91 0.20 -5.51
CA ILE A 10 -13.58 0.68 -5.80
C ILE A 10 -12.57 -0.43 -5.59
N GLN A 11 -11.67 -0.59 -6.56
CA GLN A 11 -10.66 -1.65 -6.50
C GLN A 11 -9.32 -1.11 -6.96
N PHE A 12 -8.25 -1.81 -6.63
CA PHE A 12 -6.92 -1.35 -7.04
C PHE A 12 -6.55 -2.03 -8.35
N THR A 13 -6.48 -1.24 -9.39
CA THR A 13 -6.14 -1.79 -10.69
C THR A 13 -4.69 -2.28 -10.69
N LYS A 14 -3.80 -1.44 -10.15
CA LYS A 14 -2.39 -1.79 -10.10
C LYS A 14 -2.11 -2.97 -9.18
N ARG A 15 -2.81 -3.00 -8.06
CA ARG A 15 -2.65 -4.09 -7.10
C ARG A 15 -1.20 -4.23 -6.64
N ILE A 16 -0.83 -3.49 -5.60
CA ILE A 16 0.54 -3.53 -5.08
C ILE A 16 1.12 -4.95 -5.10
N GLN A 17 2.45 -5.01 -5.28
CA GLN A 17 3.18 -6.27 -5.36
C GLN A 17 4.32 -6.33 -4.35
N ASN A 18 4.90 -7.52 -4.22
CA ASN A 18 5.98 -7.77 -3.29
C ASN A 18 7.23 -6.94 -3.63
N ILE A 19 7.89 -6.45 -2.57
CA ILE A 19 9.07 -5.61 -2.72
C ILE A 19 10.28 -6.16 -1.96
N VAL A 20 11.45 -6.19 -2.61
CA VAL A 20 12.67 -6.62 -1.92
C VAL A 20 13.55 -5.38 -1.86
N VAL A 21 13.99 -5.05 -0.66
CA VAL A 21 14.77 -3.83 -0.40
C VAL A 21 16.03 -4.03 0.44
N SER A 22 17.08 -3.37 0.01
CA SER A 22 18.35 -3.40 0.74
C SER A 22 18.11 -2.79 2.11
N GLU A 23 18.88 -3.21 3.10
CA GLU A 23 18.66 -2.74 4.44
C GLU A 23 18.76 -1.23 4.56
N HIS A 24 19.75 -0.63 3.93
CA HIS A 24 19.92 0.82 4.01
C HIS A 24 19.00 1.60 3.08
N GLN A 25 18.34 0.92 2.13
CA GLN A 25 17.46 1.62 1.19
C GLN A 25 16.05 1.80 1.75
N SER A 26 15.14 2.16 0.86
CA SER A 26 13.74 2.41 1.21
C SER A 26 12.81 1.60 0.30
N ALA A 27 11.62 1.30 0.81
CA ALA A 27 10.63 0.51 0.04
C ALA A 27 9.40 1.34 -0.28
N THR A 28 8.91 1.20 -1.52
CA THR A 28 7.71 1.93 -1.94
C THR A 28 6.65 1.00 -2.49
N PHE A 29 5.44 1.12 -1.95
CA PHE A 29 4.31 0.35 -2.45
C PHE A 29 3.45 1.33 -3.21
N GLU A 30 3.29 1.10 -4.50
CA GLU A 30 2.51 2.00 -5.34
C GLU A 30 1.21 1.34 -5.75
N CYS A 31 0.14 2.12 -5.76
CA CYS A 31 -1.18 1.60 -6.11
C CYS A 31 -1.93 2.60 -6.98
N GLU A 32 -2.90 2.09 -7.73
CA GLU A 32 -3.76 2.90 -8.58
C GLU A 32 -5.18 2.46 -8.29
N VAL A 33 -6.12 3.39 -8.30
CA VAL A 33 -7.53 3.05 -8.00
C VAL A 33 -8.50 3.65 -8.99
N SER A 34 -9.69 3.07 -8.98
CA SER A 34 -10.79 3.51 -9.84
C SER A 34 -11.19 4.94 -9.57
N PHE A 35 -11.22 5.34 -8.28
CA PHE A 35 -11.63 6.71 -7.93
C PHE A 35 -10.56 7.40 -7.08
N ASP A 36 -10.45 8.72 -7.25
CA ASP A 36 -9.48 9.54 -6.50
C ASP A 36 -10.09 10.09 -5.21
N ASP A 37 -11.40 10.18 -5.22
CA ASP A 37 -12.13 10.72 -4.07
C ASP A 37 -11.96 9.79 -2.87
N ALA A 38 -11.39 8.62 -3.12
CA ALA A 38 -11.20 7.64 -2.06
C ALA A 38 -10.08 8.04 -1.12
N ILE A 39 -10.22 7.64 0.14
CA ILE A 39 -9.25 7.91 1.17
C ILE A 39 -8.47 6.63 1.42
N VAL A 40 -7.15 6.70 1.39
CA VAL A 40 -6.33 5.50 1.53
C VAL A 40 -5.37 5.51 2.72
N THR A 41 -5.40 4.38 3.45
CA THR A 41 -4.54 4.16 4.63
C THR A 41 -3.76 2.86 4.45
N TRP A 42 -2.47 2.90 4.80
CA TRP A 42 -1.62 1.72 4.66
C TRP A 42 -1.50 0.99 5.99
N TYR A 43 -1.52 -0.34 5.94
CA TYR A 43 -1.39 -1.17 7.15
C TYR A 43 -0.24 -2.14 7.10
N LYS A 44 0.44 -2.23 8.22
CA LYS A 44 1.51 -3.20 8.42
C LYS A 44 1.06 -4.06 9.58
N GLY A 45 0.90 -5.35 9.38
CA GLY A 45 0.42 -6.19 10.47
C GLY A 45 -0.84 -5.51 11.05
N PRO A 46 -1.19 -5.72 12.31
CA PRO A 46 -2.37 -5.05 12.92
C PRO A 46 -2.14 -3.53 13.08
N THR A 47 -0.88 -3.13 12.99
CA THR A 47 -0.46 -1.76 13.13
C THR A 47 -0.60 -0.94 11.85
N GLU A 48 -1.24 0.22 11.98
CA GLU A 48 -1.41 1.15 10.88
C GLU A 48 -0.18 2.02 10.77
N LEU A 49 0.14 2.46 9.57
CA LEU A 49 1.33 3.27 9.35
C LEU A 49 0.97 4.75 9.35
N THR A 50 1.75 5.50 10.10
CA THR A 50 1.57 6.94 10.23
C THR A 50 2.90 7.64 10.09
N GLU A 51 2.85 8.91 9.77
CA GLU A 51 4.05 9.69 9.57
C GLU A 51 4.74 10.02 10.89
N SER A 52 6.07 9.87 10.86
CA SER A 52 6.93 10.16 11.99
C SER A 52 8.36 10.23 11.46
N GLN A 53 8.50 11.00 10.37
CA GLN A 53 9.75 11.14 9.67
C GLN A 53 10.24 9.73 9.34
N LYS A 54 9.26 8.81 9.33
CA LYS A 54 9.50 7.40 9.01
C LYS A 54 8.79 6.99 7.72
N TYR A 55 7.47 7.23 7.65
CA TYR A 55 6.69 6.84 6.47
C TYR A 55 6.30 8.09 5.68
N ASN A 56 6.59 8.10 4.38
CA ASN A 56 6.21 9.24 3.54
C ASN A 56 5.01 8.88 2.67
N PHE A 57 3.89 9.54 2.92
CA PHE A 57 2.66 9.30 2.16
C PHE A 57 2.45 10.44 1.17
N ARG A 58 2.47 10.13 -0.13
CA ARG A 58 2.27 11.16 -1.16
C ARG A 58 1.10 10.80 -2.05
N ASN A 59 0.17 11.75 -2.19
CA ASN A 59 -1.00 11.55 -3.04
C ASN A 59 -0.85 12.28 -4.36
N ASP A 60 -1.26 11.64 -5.45
CA ASP A 60 -1.20 12.25 -6.78
C ASP A 60 -2.39 11.79 -7.59
N GLY A 61 -3.52 12.46 -7.42
CA GLY A 61 -4.72 12.09 -8.14
C GLY A 61 -5.14 10.67 -7.76
N ARG A 62 -5.39 9.84 -8.76
CA ARG A 62 -5.78 8.46 -8.54
C ARG A 62 -4.63 7.65 -7.94
N CYS A 63 -3.41 8.14 -8.14
CA CYS A 63 -2.21 7.44 -7.64
C CYS A 63 -1.89 7.81 -6.19
N HIS A 64 -1.47 6.80 -5.43
CA HIS A 64 -1.09 6.99 -4.03
C HIS A 64 0.23 6.26 -3.78
N TYR A 65 1.16 6.89 -3.05
CA TYR A 65 2.47 6.29 -2.80
C TYR A 65 2.79 6.26 -1.31
N MET A 66 3.43 5.18 -0.88
CA MET A 66 3.90 5.04 0.49
C MET A 66 5.34 4.62 0.45
N THR A 67 6.22 5.36 1.12
CA THR A 67 7.65 5.03 1.14
C THR A 67 8.12 4.79 2.55
N ILE A 68 8.82 3.68 2.74
CA ILE A 68 9.35 3.30 4.04
C ILE A 68 10.85 3.48 3.99
N HIS A 69 11.41 4.21 4.95
CA HIS A 69 12.84 4.48 4.94
C HIS A 69 13.57 3.65 6.00
N ASN A 70 14.77 3.15 5.63
CA ASN A 70 15.56 2.32 6.55
C ASN A 70 14.82 1.04 6.88
N VAL A 71 14.88 0.08 5.97
CA VAL A 71 14.18 -1.18 6.14
C VAL A 71 15.09 -2.20 6.82
N THR A 72 14.57 -2.82 7.87
CA THR A 72 15.31 -3.83 8.64
C THR A 72 14.75 -5.23 8.37
N PRO A 73 15.50 -6.29 8.60
CA PRO A 73 14.99 -7.67 8.40
C PRO A 73 13.71 -7.86 9.21
N ASP A 74 13.70 -7.24 10.37
CA ASP A 74 12.57 -7.28 11.31
C ASP A 74 11.33 -6.66 10.68
N ASP A 75 11.56 -5.58 9.95
CA ASP A 75 10.46 -4.86 9.30
C ASP A 75 9.84 -5.67 8.17
N GLU A 76 10.55 -6.70 7.70
CA GLU A 76 10.01 -7.53 6.63
C GLU A 76 8.68 -8.07 7.08
N GLY A 77 7.73 -8.14 6.17
CA GLY A 77 6.40 -8.64 6.53
C GLY A 77 5.39 -8.37 5.43
N VAL A 78 4.16 -8.06 5.85
CA VAL A 78 3.09 -7.80 4.91
C VAL A 78 2.54 -6.40 5.06
N TYR A 79 2.42 -5.72 3.92
CA TYR A 79 1.90 -4.37 3.85
C TYR A 79 0.63 -4.37 3.02
N SER A 80 -0.38 -3.64 3.48
CA SER A 80 -1.65 -3.60 2.76
C SER A 80 -2.10 -2.17 2.57
N VAL A 81 -2.88 -1.96 1.52
CA VAL A 81 -3.42 -0.64 1.21
C VAL A 81 -4.92 -0.79 1.11
N ILE A 82 -5.64 0.08 1.79
CA ILE A 82 -7.10 0.02 1.78
C ILE A 82 -7.66 1.35 1.32
N ALA A 83 -8.57 1.32 0.35
CA ALA A 83 -9.18 2.55 -0.15
C ALA A 83 -10.65 2.60 0.27
N ARG A 84 -11.07 3.74 0.84
CA ARG A 84 -12.47 3.86 1.32
C ARG A 84 -13.12 5.16 0.87
N LEU A 85 -14.39 5.02 0.54
CA LEU A 85 -15.28 6.12 0.15
C LEU A 85 -16.63 5.76 0.75
N GLU A 86 -17.61 6.68 0.71
CA GLU A 86 -18.93 6.37 1.27
C GLU A 86 -19.31 4.95 0.84
N PRO A 87 -20.26 4.29 1.45
CA PRO A 87 -20.49 2.87 1.08
C PRO A 87 -20.70 2.66 -0.43
N ARG A 88 -19.73 1.96 -1.01
CA ARG A 88 -19.71 1.63 -2.42
C ARG A 88 -19.14 0.23 -2.59
N GLY A 89 -18.50 -0.27 -1.52
CA GLY A 89 -17.84 -1.57 -1.55
C GLY A 89 -16.32 -1.35 -1.60
N GLU A 90 -15.70 -1.10 -0.44
CA GLU A 90 -14.27 -0.82 -0.36
C GLU A 90 -13.42 -1.98 -0.86
N ALA A 91 -12.10 -1.80 -0.82
CA ALA A 91 -11.17 -2.81 -1.31
C ALA A 91 -9.92 -2.92 -0.44
N ARG A 92 -9.37 -4.14 -0.40
CA ARG A 92 -8.15 -4.40 0.37
C ARG A 92 -7.13 -5.11 -0.53
N SER A 93 -5.86 -4.73 -0.42
CA SER A 93 -4.79 -5.36 -1.23
C SER A 93 -3.58 -5.66 -0.36
N THR A 94 -2.80 -6.66 -0.77
CA THR A 94 -1.60 -7.05 0.00
C THR A 94 -0.35 -7.19 -0.84
N ALA A 95 0.75 -7.09 -0.12
CA ALA A 95 2.08 -7.23 -0.67
C ALA A 95 3.06 -7.56 0.44
N GLU A 96 4.18 -8.17 0.07
CA GLU A 96 5.20 -8.56 1.03
C GLU A 96 6.46 -7.74 0.89
N LEU A 97 7.06 -7.51 2.03
CA LEU A 97 8.31 -6.78 2.13
C LEU A 97 9.43 -7.74 2.49
N LYS A 98 10.51 -7.65 1.72
CA LYS A 98 11.66 -8.51 1.92
C LYS A 98 12.93 -7.69 1.99
N GLY A 99 13.87 -8.15 2.79
CA GLY A 99 15.14 -7.45 2.95
C GLY A 99 16.24 -8.09 2.12
N GLU A 100 16.86 -7.25 1.30
CA GLU A 100 17.93 -7.67 0.43
C GLU A 100 19.28 -7.53 1.13
N LEU A 101 20.00 -8.63 1.15
CA LEU A 101 21.31 -8.68 1.77
C LEU A 101 22.36 -8.01 0.90
N ARG A 102 23.33 -7.35 1.53
CA ARG A 102 24.38 -6.67 0.78
C ARG A 102 25.33 -7.68 0.16
N SER A 103 25.84 -7.34 -1.02
CA SER A 103 26.76 -8.23 -1.72
C SER A 103 28.12 -8.24 -1.03
N GLY A 104 28.80 -9.37 -1.07
CA GLY A 104 30.10 -9.48 -0.43
C GLY A 104 30.83 -10.75 -0.88
N CYS A 105 32.10 -10.86 -0.48
CA CYS A 105 32.90 -12.02 -0.84
C CYS A 105 32.34 -13.28 -0.18
N GLY A 1 -21.88 8.93 -6.91
CA GLY A 1 -22.73 9.86 -7.70
C GLY A 1 -24.17 9.32 -7.72
N ILE A 2 -25.05 10.02 -8.43
CA ILE A 2 -26.44 9.60 -8.52
C ILE A 2 -26.56 8.24 -9.20
N ASP A 3 -25.84 8.10 -10.31
CA ASP A 3 -25.85 6.86 -11.06
C ASP A 3 -25.13 5.76 -10.26
N PRO A 4 -25.52 4.52 -10.41
CA PRO A 4 -24.89 3.38 -9.68
C PRO A 4 -23.43 3.15 -10.11
N PHE A 5 -23.10 3.65 -11.30
CA PHE A 5 -21.75 3.50 -11.81
C PHE A 5 -20.74 4.17 -10.87
N THR A 6 -21.07 5.39 -10.45
CA THR A 6 -20.20 6.13 -9.54
C THR A 6 -20.13 5.44 -8.18
N ALA A 7 -21.23 4.82 -7.79
CA ALA A 7 -21.30 4.13 -6.50
C ALA A 7 -20.75 2.71 -6.59
N GLU A 8 -20.34 2.31 -7.78
CA GLU A 8 -19.82 0.99 -7.98
C GLU A 8 -18.61 0.76 -7.08
N PRO A 9 -18.27 -0.47 -6.77
CA PRO A 9 -17.11 -0.78 -5.89
C PRO A 9 -15.77 -0.29 -6.45
N ILE A 10 -14.92 0.09 -5.52
CA ILE A 10 -13.59 0.59 -5.80
C ILE A 10 -12.56 -0.51 -5.57
N GLN A 11 -11.67 -0.68 -6.53
CA GLN A 11 -10.64 -1.72 -6.44
C GLN A 11 -9.32 -1.15 -6.93
N PHE A 12 -8.22 -1.81 -6.58
CA PHE A 12 -6.90 -1.33 -7.00
C PHE A 12 -6.54 -2.01 -8.30
N THR A 13 -6.47 -1.22 -9.34
CA THR A 13 -6.12 -1.76 -10.64
C THR A 13 -4.67 -2.23 -10.65
N LYS A 14 -3.77 -1.40 -10.12
CA LYS A 14 -2.35 -1.76 -10.08
C LYS A 14 -2.09 -2.94 -9.16
N ARG A 15 -2.79 -2.95 -8.03
CA ARG A 15 -2.64 -4.03 -7.06
C ARG A 15 -1.17 -4.19 -6.61
N ILE A 16 -0.80 -3.45 -5.57
CA ILE A 16 0.58 -3.49 -5.04
C ILE A 16 1.13 -4.91 -5.03
N GLN A 17 2.45 -5.00 -5.21
CA GLN A 17 3.16 -6.28 -5.26
C GLN A 17 4.34 -6.31 -4.28
N ASN A 18 4.89 -7.51 -4.10
CA ASN A 18 6.01 -7.74 -3.18
C ASN A 18 7.25 -6.92 -3.57
N ILE A 19 7.91 -6.39 -2.54
CA ILE A 19 9.10 -5.55 -2.71
C ILE A 19 10.30 -6.11 -1.97
N VAL A 20 11.45 -6.17 -2.63
CA VAL A 20 12.67 -6.60 -1.97
C VAL A 20 13.58 -5.37 -1.93
N VAL A 21 14.07 -5.04 -0.74
CA VAL A 21 14.88 -3.84 -0.54
C VAL A 21 16.10 -4.09 0.35
N SER A 22 17.12 -3.26 0.15
CA SER A 22 18.35 -3.34 0.93
C SER A 22 18.10 -2.85 2.35
N GLU A 23 18.97 -3.22 3.27
CA GLU A 23 18.80 -2.83 4.66
C GLU A 23 18.83 -1.32 4.85
N HIS A 24 19.71 -0.64 4.14
CA HIS A 24 19.83 0.82 4.29
C HIS A 24 18.95 1.62 3.32
N GLN A 25 18.37 0.97 2.32
CA GLN A 25 17.51 1.69 1.36
C GLN A 25 16.10 1.88 1.88
N SER A 26 15.15 2.05 0.95
CA SER A 26 13.75 2.27 1.30
C SER A 26 12.85 1.48 0.35
N ALA A 27 11.60 1.27 0.75
CA ALA A 27 10.65 0.50 -0.06
C ALA A 27 9.40 1.31 -0.36
N THR A 28 8.89 1.19 -1.58
CA THR A 28 7.69 1.92 -1.98
C THR A 28 6.61 0.99 -2.51
N PHE A 29 5.40 1.11 -1.97
CA PHE A 29 4.28 0.34 -2.46
C PHE A 29 3.40 1.32 -3.21
N GLU A 30 3.23 1.10 -4.50
CA GLU A 30 2.45 2.00 -5.32
C GLU A 30 1.14 1.33 -5.71
N CYS A 31 0.06 2.10 -5.71
CA CYS A 31 -1.25 1.56 -6.08
C CYS A 31 -2.02 2.58 -6.92
N GLU A 32 -2.95 2.06 -7.71
CA GLU A 32 -3.81 2.88 -8.55
C GLU A 32 -5.24 2.43 -8.29
N VAL A 33 -6.18 3.37 -8.28
CA VAL A 33 -7.58 3.03 -8.01
C VAL A 33 -8.54 3.67 -9.01
N SER A 34 -9.73 3.09 -9.05
CA SER A 34 -10.77 3.55 -9.95
C SER A 34 -11.20 4.99 -9.66
N PHE A 35 -11.31 5.36 -8.36
CA PHE A 35 -11.74 6.71 -8.00
C PHE A 35 -10.63 7.49 -7.28
N ASP A 36 -10.61 8.81 -7.50
CA ASP A 36 -9.63 9.70 -6.88
C ASP A 36 -10.14 10.25 -5.57
N ASP A 37 -11.45 10.20 -5.44
CA ASP A 37 -12.13 10.72 -4.25
C ASP A 37 -11.97 9.77 -3.07
N ALA A 38 -11.37 8.63 -3.32
CA ALA A 38 -11.18 7.63 -2.28
C ALA A 38 -10.09 8.02 -1.29
N ILE A 39 -10.26 7.57 -0.05
CA ILE A 39 -9.34 7.83 1.04
C ILE A 39 -8.54 6.56 1.29
N VAL A 40 -7.21 6.67 1.35
CA VAL A 40 -6.37 5.48 1.50
C VAL A 40 -5.43 5.52 2.72
N THR A 41 -5.44 4.38 3.42
CA THR A 41 -4.62 4.16 4.63
C THR A 41 -3.80 2.90 4.46
N TRP A 42 -2.52 2.96 4.84
CA TRP A 42 -1.64 1.79 4.72
C TRP A 42 -1.53 1.07 6.05
N TYR A 43 -1.48 -0.27 5.98
CA TYR A 43 -1.37 -1.09 7.19
C TYR A 43 -0.22 -2.06 7.15
N LYS A 44 0.43 -2.19 8.30
CA LYS A 44 1.51 -3.15 8.47
C LYS A 44 1.05 -4.01 9.62
N GLY A 45 0.91 -5.32 9.44
CA GLY A 45 0.39 -6.13 10.55
C GLY A 45 -0.89 -5.44 11.06
N PRO A 46 -1.30 -5.66 12.28
CA PRO A 46 -2.51 -4.96 12.84
C PRO A 46 -2.28 -3.46 13.01
N THR A 47 -1.02 -3.06 12.99
CA THR A 47 -0.63 -1.66 13.17
C THR A 47 -0.75 -0.84 11.89
N GLU A 48 -1.37 0.32 12.02
CA GLU A 48 -1.53 1.25 10.91
C GLU A 48 -0.29 2.11 10.80
N LEU A 49 0.02 2.55 9.59
CA LEU A 49 1.22 3.36 9.37
C LEU A 49 0.89 4.83 9.33
N THR A 50 1.67 5.58 10.09
CA THR A 50 1.52 7.03 10.17
C THR A 50 2.88 7.69 10.06
N GLU A 51 2.86 8.95 9.65
CA GLU A 51 4.08 9.70 9.47
C GLU A 51 4.74 10.07 10.79
N SER A 52 6.04 9.84 10.84
CA SER A 52 6.87 10.14 12.00
C SER A 52 8.32 10.13 11.54
N GLN A 53 8.56 10.88 10.46
CA GLN A 53 9.87 10.94 9.85
C GLN A 53 10.31 9.52 9.50
N LYS A 54 9.31 8.65 9.37
CA LYS A 54 9.53 7.24 9.03
C LYS A 54 8.84 6.88 7.71
N TYR A 55 7.53 7.09 7.63
CA TYR A 55 6.78 6.75 6.41
C TYR A 55 6.42 8.04 5.66
N ASN A 56 6.71 8.08 4.36
CA ASN A 56 6.34 9.26 3.54
C ASN A 56 5.14 8.92 2.68
N PHE A 57 4.01 9.59 2.94
CA PHE A 57 2.80 9.34 2.18
C PHE A 57 2.60 10.47 1.15
N ARG A 58 2.57 10.12 -0.14
CA ARG A 58 2.39 11.15 -1.19
C ARG A 58 1.19 10.78 -2.05
N ASN A 59 0.28 11.74 -2.21
CA ASN A 59 -0.92 11.54 -3.02
C ASN A 59 -0.80 12.29 -4.35
N ASP A 60 -1.25 11.64 -5.43
CA ASP A 60 -1.22 12.25 -6.75
C ASP A 60 -2.44 11.78 -7.53
N GLY A 61 -3.56 12.47 -7.38
CA GLY A 61 -4.76 12.07 -8.08
C GLY A 61 -5.17 10.66 -7.68
N ARG A 62 -5.43 9.83 -8.69
CA ARG A 62 -5.82 8.44 -8.44
C ARG A 62 -4.66 7.63 -7.86
N CYS A 63 -3.44 8.12 -8.06
CA CYS A 63 -2.25 7.42 -7.56
C CYS A 63 -1.90 7.80 -6.13
N HIS A 64 -1.54 6.79 -5.33
CA HIS A 64 -1.14 7.01 -3.94
C HIS A 64 0.17 6.27 -3.70
N TYR A 65 1.15 6.91 -3.06
CA TYR A 65 2.46 6.28 -2.81
C TYR A 65 2.79 6.26 -1.33
N MET A 66 3.40 5.16 -0.88
CA MET A 66 3.85 5.05 0.50
C MET A 66 5.28 4.57 0.48
N THR A 67 6.16 5.29 1.18
CA THR A 67 7.60 4.93 1.19
C THR A 67 8.08 4.67 2.61
N ILE A 68 8.78 3.55 2.77
CA ILE A 68 9.29 3.15 4.06
C ILE A 68 10.80 3.36 4.05
N HIS A 69 11.33 4.08 5.04
CA HIS A 69 12.76 4.38 5.07
C HIS A 69 13.48 3.54 6.11
N ASN A 70 14.69 3.09 5.78
CA ASN A 70 15.48 2.26 6.68
C ASN A 70 14.75 0.96 6.96
N VAL A 71 14.85 0.03 6.01
CA VAL A 71 14.18 -1.25 6.13
C VAL A 71 15.12 -2.26 6.78
N THR A 72 14.61 -2.93 7.82
CA THR A 72 15.39 -3.93 8.55
C THR A 72 14.85 -5.33 8.24
N PRO A 73 15.61 -6.39 8.42
CA PRO A 73 15.08 -7.76 8.19
C PRO A 73 13.81 -7.97 9.03
N ASP A 74 13.85 -7.36 10.21
CA ASP A 74 12.75 -7.42 11.15
C ASP A 74 11.52 -6.76 10.56
N ASP A 75 11.74 -5.66 9.85
CA ASP A 75 10.66 -4.90 9.25
C ASP A 75 9.98 -5.68 8.12
N GLU A 76 10.65 -6.72 7.61
CA GLU A 76 10.05 -7.50 6.54
C GLU A 76 8.71 -8.03 7.02
N GLY A 77 7.72 -8.00 6.16
CA GLY A 77 6.39 -8.47 6.54
C GLY A 77 5.38 -8.25 5.43
N VAL A 78 4.15 -7.93 5.83
CA VAL A 78 3.08 -7.70 4.88
C VAL A 78 2.53 -6.29 5.04
N TYR A 79 2.42 -5.62 3.90
CA TYR A 79 1.91 -4.25 3.83
C TYR A 79 0.62 -4.25 3.03
N SER A 80 -0.37 -3.51 3.49
CA SER A 80 -1.66 -3.47 2.80
C SER A 80 -2.11 -2.04 2.58
N VAL A 81 -2.89 -1.85 1.53
CA VAL A 81 -3.43 -0.54 1.21
C VAL A 81 -4.93 -0.70 1.08
N ILE A 82 -5.66 0.18 1.75
CA ILE A 82 -7.12 0.10 1.73
C ILE A 82 -7.70 1.42 1.26
N ALA A 83 -8.60 1.35 0.27
CA ALA A 83 -9.23 2.57 -0.26
C ALA A 83 -10.68 2.61 0.19
N ARG A 84 -11.11 3.75 0.75
CA ARG A 84 -12.49 3.89 1.24
C ARG A 84 -13.17 5.17 0.75
N LEU A 85 -14.47 5.01 0.52
CA LEU A 85 -15.37 6.08 0.10
C LEU A 85 -16.70 5.72 0.73
N GLU A 86 -17.71 6.61 0.69
CA GLU A 86 -19.00 6.28 1.29
C GLU A 86 -19.36 4.84 0.85
N PRO A 87 -20.31 4.17 1.45
CA PRO A 87 -20.53 2.75 1.06
C PRO A 87 -20.73 2.56 -0.44
N ARG A 88 -19.76 1.85 -1.01
CA ARG A 88 -19.73 1.52 -2.42
C ARG A 88 -19.14 0.12 -2.59
N GLY A 89 -18.50 -0.37 -1.51
CA GLY A 89 -17.82 -1.66 -1.54
C GLY A 89 -16.30 -1.43 -1.59
N GLU A 90 -15.70 -1.16 -0.43
CA GLU A 90 -14.27 -0.84 -0.37
C GLU A 90 -13.42 -2.01 -0.87
N ALA A 91 -12.10 -1.83 -0.80
CA ALA A 91 -11.16 -2.86 -1.30
C ALA A 91 -9.92 -2.97 -0.42
N ARG A 92 -9.35 -4.18 -0.37
CA ARG A 92 -8.13 -4.41 0.40
C ARG A 92 -7.11 -5.12 -0.50
N SER A 93 -5.85 -4.71 -0.42
CA SER A 93 -4.78 -5.33 -1.23
C SER A 93 -3.57 -5.60 -0.36
N THR A 94 -2.76 -6.60 -0.74
CA THR A 94 -1.57 -6.97 0.03
C THR A 94 -0.31 -7.10 -0.80
N ALA A 95 0.78 -6.97 -0.07
CA ALA A 95 2.11 -7.08 -0.62
C ALA A 95 3.09 -7.43 0.47
N GLU A 96 4.19 -8.05 0.11
CA GLU A 96 5.20 -8.46 1.07
C GLU A 96 6.48 -7.67 0.93
N LEU A 97 7.09 -7.46 2.08
CA LEU A 97 8.37 -6.75 2.17
C LEU A 97 9.46 -7.75 2.50
N LYS A 98 10.53 -7.68 1.73
CA LYS A 98 11.68 -8.57 1.91
C LYS A 98 12.96 -7.78 1.96
N GLY A 99 13.92 -8.28 2.73
CA GLY A 99 15.21 -7.63 2.85
C GLY A 99 16.25 -8.32 1.99
N GLU A 100 16.84 -7.53 1.13
CA GLU A 100 17.87 -7.95 0.22
C GLU A 100 19.19 -8.16 0.97
N LEU A 101 20.06 -8.91 0.35
CA LEU A 101 21.36 -9.23 0.91
C LEU A 101 22.30 -8.03 0.81
N ARG A 102 23.17 -7.88 1.80
CA ARG A 102 24.10 -6.76 1.83
C ARG A 102 25.18 -6.94 0.76
N SER A 103 25.60 -5.84 0.15
CA SER A 103 26.63 -5.90 -0.88
C SER A 103 27.99 -6.22 -0.25
N GLY A 104 28.83 -6.94 -0.99
CA GLY A 104 30.14 -7.31 -0.50
C GLY A 104 31.01 -6.06 -0.29
N CYS A 105 30.85 -5.10 -1.18
CA CYS A 105 31.61 -3.85 -1.10
C CYS A 105 31.05 -2.80 -2.05
N GLY A 1 -19.47 2.52 -20.49
CA GLY A 1 -18.27 2.63 -19.63
C GLY A 1 -18.68 3.10 -18.24
N ILE A 2 -19.03 4.38 -18.15
CA ILE A 2 -19.47 4.99 -16.89
C ILE A 2 -20.93 5.42 -16.97
N ASP A 3 -21.70 4.98 -15.98
CA ASP A 3 -23.13 5.28 -15.89
C ASP A 3 -23.37 6.45 -14.93
N PRO A 4 -24.59 6.91 -14.79
CA PRO A 4 -24.93 8.04 -13.88
C PRO A 4 -24.50 7.77 -12.44
N PHE A 5 -24.59 6.51 -12.05
CA PHE A 5 -24.23 6.08 -10.71
C PHE A 5 -22.73 5.80 -10.67
N THR A 6 -22.01 6.58 -9.85
CA THR A 6 -20.55 6.47 -9.73
C THR A 6 -20.12 5.91 -8.38
N ALA A 7 -21.09 5.58 -7.55
CA ALA A 7 -20.80 5.05 -6.21
C ALA A 7 -20.45 3.57 -6.28
N GLU A 8 -20.24 3.07 -7.49
CA GLU A 8 -19.92 1.67 -7.66
C GLU A 8 -18.66 1.33 -6.86
N PRO A 9 -18.35 0.06 -6.74
CA PRO A 9 -17.16 -0.43 -5.98
C PRO A 9 -15.83 0.09 -6.51
N ILE A 10 -14.92 0.29 -5.57
CA ILE A 10 -13.58 0.75 -5.83
C ILE A 10 -12.60 -0.39 -5.62
N GLN A 11 -11.71 -0.57 -6.58
CA GLN A 11 -10.73 -1.65 -6.52
C GLN A 11 -9.37 -1.14 -6.98
N PHE A 12 -8.29 -1.84 -6.63
CA PHE A 12 -6.97 -1.39 -7.03
C PHE A 12 -6.57 -2.06 -8.32
N THR A 13 -6.51 -1.28 -9.38
CA THR A 13 -6.14 -1.80 -10.68
C THR A 13 -4.69 -2.27 -10.68
N LYS A 14 -3.81 -1.43 -10.14
CA LYS A 14 -2.39 -1.76 -10.10
C LYS A 14 -2.08 -2.96 -9.21
N ARG A 15 -2.77 -3.02 -8.08
CA ARG A 15 -2.59 -4.12 -7.13
C ARG A 15 -1.14 -4.25 -6.66
N ILE A 16 -0.79 -3.52 -5.61
CA ILE A 16 0.58 -3.55 -5.07
C ILE A 16 1.17 -4.96 -5.07
N GLN A 17 2.49 -5.03 -5.25
CA GLN A 17 3.22 -6.30 -5.29
C GLN A 17 4.39 -6.33 -4.31
N ASN A 18 4.93 -7.53 -4.15
CA ASN A 18 6.04 -7.79 -3.22
C ASN A 18 7.28 -6.97 -3.60
N ILE A 19 7.95 -6.47 -2.56
CA ILE A 19 9.14 -5.61 -2.70
C ILE A 19 10.33 -6.17 -1.95
N VAL A 20 11.50 -6.21 -2.60
CA VAL A 20 12.72 -6.63 -1.89
C VAL A 20 13.60 -5.39 -1.82
N VAL A 21 14.03 -5.06 -0.62
CA VAL A 21 14.81 -3.84 -0.34
C VAL A 21 16.04 -4.06 0.51
N SER A 22 17.11 -3.37 0.13
CA SER A 22 18.35 -3.44 0.87
C SER A 22 18.11 -2.85 2.25
N GLU A 23 18.90 -3.25 3.23
CA GLU A 23 18.69 -2.80 4.59
C GLU A 23 18.76 -1.28 4.73
N HIS A 24 19.68 -0.65 4.04
CA HIS A 24 19.84 0.81 4.15
C HIS A 24 18.95 1.58 3.15
N GLN A 25 18.33 0.91 2.20
CA GLN A 25 17.49 1.60 1.22
C GLN A 25 16.07 1.81 1.74
N SER A 26 15.13 1.99 0.81
CA SER A 26 13.73 2.25 1.18
C SER A 26 12.81 1.45 0.27
N ALA A 27 11.57 1.25 0.72
CA ALA A 27 10.58 0.47 -0.04
C ALA A 27 9.36 1.30 -0.37
N THR A 28 8.85 1.15 -1.59
CA THR A 28 7.66 1.88 -2.02
C THR A 28 6.59 0.94 -2.53
N PHE A 29 5.39 1.06 -1.98
CA PHE A 29 4.26 0.28 -2.47
C PHE A 29 3.38 1.24 -3.24
N GLU A 30 3.26 1.01 -4.53
CA GLU A 30 2.48 1.88 -5.39
C GLU A 30 1.17 1.22 -5.77
N CYS A 31 0.12 2.02 -5.83
CA CYS A 31 -1.22 1.51 -6.18
C CYS A 31 -1.99 2.52 -7.02
N GLU A 32 -2.94 1.99 -7.78
CA GLU A 32 -3.81 2.81 -8.62
C GLU A 32 -5.24 2.40 -8.33
N VAL A 33 -6.15 3.36 -8.33
CA VAL A 33 -7.55 3.05 -8.01
C VAL A 33 -8.53 3.66 -9.01
N SER A 34 -9.73 3.09 -9.00
CA SER A 34 -10.81 3.52 -9.86
C SER A 34 -11.22 4.97 -9.59
N PHE A 35 -11.25 5.38 -8.31
CA PHE A 35 -11.67 6.74 -7.96
C PHE A 35 -10.63 7.47 -7.11
N ASP A 36 -10.56 8.79 -7.29
CA ASP A 36 -9.61 9.64 -6.56
C ASP A 36 -10.20 10.17 -5.26
N ASP A 37 -11.51 10.24 -5.25
CA ASP A 37 -12.25 10.75 -4.10
C ASP A 37 -12.06 9.80 -2.92
N ALA A 38 -11.46 8.66 -3.20
CA ALA A 38 -11.24 7.64 -2.17
C ALA A 38 -10.12 8.06 -1.21
N ILE A 39 -10.26 7.62 0.03
CA ILE A 39 -9.31 7.89 1.09
C ILE A 39 -8.51 6.63 1.36
N VAL A 40 -7.18 6.75 1.41
CA VAL A 40 -6.31 5.57 1.55
C VAL A 40 -5.37 5.61 2.76
N THR A 41 -5.35 4.48 3.46
CA THR A 41 -4.52 4.26 4.64
C THR A 41 -3.69 2.99 4.47
N TRP A 42 -2.41 3.05 4.81
CA TRP A 42 -1.54 1.89 4.65
C TRP A 42 -1.41 1.14 5.97
N TYR A 43 -1.41 -0.19 5.87
CA TYR A 43 -1.30 -1.04 7.06
C TYR A 43 -0.16 -2.01 7.00
N LYS A 44 0.49 -2.17 8.14
CA LYS A 44 1.55 -3.15 8.29
C LYS A 44 1.07 -4.06 9.41
N GLY A 45 0.93 -5.35 9.14
CA GLY A 45 0.38 -6.23 10.17
C GLY A 45 -0.87 -5.57 10.78
N PRO A 46 -1.22 -5.84 12.01
CA PRO A 46 -2.40 -5.20 12.67
C PRO A 46 -2.19 -3.69 12.89
N THR A 47 -0.93 -3.28 12.83
CA THR A 47 -0.52 -1.90 13.04
C THR A 47 -0.67 -1.04 11.80
N GLU A 48 -1.28 0.13 11.97
CA GLU A 48 -1.43 1.08 10.88
C GLU A 48 -0.19 1.95 10.82
N LEU A 49 0.17 2.39 9.63
CA LEU A 49 1.36 3.22 9.46
C LEU A 49 0.99 4.68 9.52
N THR A 50 1.78 5.43 10.29
CA THR A 50 1.57 6.86 10.46
C THR A 50 2.88 7.60 10.30
N GLU A 51 2.77 8.87 9.99
CA GLU A 51 3.93 9.70 9.76
C GLU A 51 4.70 9.98 11.05
N SER A 52 6.01 9.88 10.92
CA SER A 52 6.96 10.12 11.99
C SER A 52 8.32 10.26 11.34
N GLN A 53 8.36 11.07 10.28
CA GLN A 53 9.57 11.23 9.50
C GLN A 53 10.10 9.84 9.17
N LYS A 54 9.18 8.88 9.20
CA LYS A 54 9.48 7.48 8.90
C LYS A 54 8.77 7.04 7.60
N TYR A 55 7.45 7.24 7.53
CA TYR A 55 6.68 6.85 6.36
C TYR A 55 6.26 8.10 5.56
N ASN A 56 6.54 8.11 4.27
CA ASN A 56 6.14 9.25 3.42
C ASN A 56 4.90 8.88 2.61
N PHE A 57 3.80 9.56 2.89
CA PHE A 57 2.54 9.32 2.19
C PHE A 57 2.32 10.44 1.18
N ARG A 58 2.25 10.11 -0.12
CA ARG A 58 2.05 11.15 -1.15
C ARG A 58 0.79 10.85 -1.97
N ASN A 59 -0.11 11.84 -2.01
CA ASN A 59 -1.35 11.70 -2.79
C ASN A 59 -1.23 12.47 -4.09
N ASP A 60 -1.08 11.76 -5.21
CA ASP A 60 -0.97 12.40 -6.51
C ASP A 60 -2.03 11.83 -7.44
N GLY A 61 -3.11 12.58 -7.59
CA GLY A 61 -4.20 12.14 -8.44
C GLY A 61 -4.72 10.79 -7.97
N ARG A 62 -5.01 9.92 -8.93
CA ARG A 62 -5.51 8.59 -8.62
C ARG A 62 -4.45 7.71 -7.97
N CYS A 63 -3.17 8.06 -8.14
CA CYS A 63 -2.08 7.25 -7.60
C CYS A 63 -1.69 7.70 -6.19
N HIS A 64 -1.55 6.72 -5.29
CA HIS A 64 -1.15 6.96 -3.91
C HIS A 64 0.16 6.22 -3.65
N TYR A 65 1.20 6.93 -3.18
CA TYR A 65 2.49 6.28 -2.94
C TYR A 65 2.84 6.30 -1.45
N MET A 66 3.40 5.19 -0.97
CA MET A 66 3.85 5.10 0.42
C MET A 66 5.28 4.62 0.40
N THR A 67 6.16 5.34 1.09
CA THR A 67 7.59 4.99 1.10
C THR A 67 8.10 4.75 2.51
N ILE A 68 8.80 3.63 2.70
CA ILE A 68 9.34 3.29 4.00
C ILE A 68 10.85 3.47 3.95
N HIS A 69 11.41 4.22 4.91
CA HIS A 69 12.85 4.47 4.92
C HIS A 69 13.55 3.66 6.00
N ASN A 70 14.70 3.08 5.66
CA ASN A 70 15.46 2.27 6.61
C ASN A 70 14.72 0.98 6.91
N VAL A 71 14.83 0.03 6.01
CA VAL A 71 14.16 -1.25 6.16
C VAL A 71 15.09 -2.24 6.86
N THR A 72 14.55 -2.88 7.90
CA THR A 72 15.29 -3.88 8.67
C THR A 72 14.74 -5.28 8.38
N PRO A 73 15.51 -6.33 8.59
CA PRO A 73 14.98 -7.71 8.39
C PRO A 73 13.70 -7.89 9.20
N ASP A 74 13.71 -7.27 10.37
CA ASP A 74 12.57 -7.32 11.29
C ASP A 74 11.34 -6.68 10.65
N ASP A 75 11.58 -5.60 9.93
CA ASP A 75 10.50 -4.85 9.29
C ASP A 75 9.87 -5.64 8.15
N GLU A 76 10.56 -6.68 7.67
CA GLU A 76 10.00 -7.49 6.59
C GLU A 76 8.66 -8.02 7.07
N GLY A 77 7.69 -8.06 6.17
CA GLY A 77 6.37 -8.55 6.55
C GLY A 77 5.37 -8.32 5.43
N VAL A 78 4.14 -7.98 5.83
CA VAL A 78 3.08 -7.74 4.87
C VAL A 78 2.56 -6.33 5.00
N TYR A 79 2.47 -5.66 3.86
CA TYR A 79 1.96 -4.30 3.77
C TYR A 79 0.69 -4.31 2.94
N SER A 80 -0.33 -3.58 3.41
CA SER A 80 -1.60 -3.54 2.71
C SER A 80 -2.03 -2.10 2.51
N VAL A 81 -2.85 -1.90 1.48
CA VAL A 81 -3.38 -0.58 1.18
C VAL A 81 -4.88 -0.71 1.10
N ILE A 82 -5.58 0.18 1.79
CA ILE A 82 -7.03 0.14 1.81
C ILE A 82 -7.61 1.45 1.32
N ALA A 83 -8.53 1.37 0.36
CA ALA A 83 -9.20 2.55 -0.14
C ALA A 83 -10.63 2.50 0.31
N ARG A 84 -11.11 3.53 1.01
CA ARG A 84 -12.49 3.50 1.50
C ARG A 84 -13.21 4.84 1.39
N LEU A 85 -14.49 4.71 1.10
CA LEU A 85 -15.43 5.81 0.94
C LEU A 85 -16.74 5.32 1.55
N GLU A 86 -17.73 6.19 1.69
CA GLU A 86 -19.02 5.75 2.25
C GLU A 86 -19.36 4.42 1.56
N PRO A 87 -20.27 3.62 2.05
CA PRO A 87 -20.45 2.28 1.41
C PRO A 87 -20.65 2.34 -0.10
N ARG A 88 -19.68 1.71 -0.77
CA ARG A 88 -19.65 1.58 -2.23
C ARG A 88 -19.09 0.21 -2.58
N GLY A 89 -18.51 -0.46 -1.58
CA GLY A 89 -17.84 -1.74 -1.77
C GLY A 89 -16.32 -1.55 -1.66
N GLU A 90 -15.83 -1.50 -0.40
CA GLU A 90 -14.42 -1.27 -0.08
C GLU A 90 -13.52 -2.38 -0.62
N ALA A 91 -12.25 -2.01 -0.82
CA ALA A 91 -11.25 -2.94 -1.38
C ALA A 91 -10.00 -3.03 -0.50
N ARG A 92 -9.38 -4.22 -0.47
CA ARG A 92 -8.16 -4.43 0.29
C ARG A 92 -7.13 -5.10 -0.61
N SER A 93 -5.86 -4.71 -0.48
CA SER A 93 -4.78 -5.31 -1.28
C SER A 93 -3.58 -5.61 -0.40
N THR A 94 -2.77 -6.60 -0.79
CA THR A 94 -1.60 -6.98 0.00
C THR A 94 -0.34 -7.12 -0.84
N ALA A 95 0.76 -7.01 -0.12
CA ALA A 95 2.09 -7.13 -0.69
C ALA A 95 3.06 -7.49 0.42
N GLU A 96 4.18 -8.10 0.06
CA GLU A 96 5.18 -8.51 1.03
C GLU A 96 6.47 -7.72 0.90
N LEU A 97 7.08 -7.52 2.06
CA LEU A 97 8.35 -6.80 2.15
C LEU A 97 9.45 -7.77 2.51
N LYS A 98 10.53 -7.70 1.75
CA LYS A 98 11.69 -8.56 1.97
C LYS A 98 12.95 -7.73 2.06
N GLY A 99 13.89 -8.17 2.87
CA GLY A 99 15.15 -7.46 3.02
C GLY A 99 16.26 -8.13 2.24
N GLU A 100 16.89 -7.33 1.40
CA GLU A 100 17.98 -7.76 0.57
C GLU A 100 19.30 -7.59 1.32
N LEU A 101 20.14 -8.59 1.20
CA LEU A 101 21.44 -8.60 1.86
C LEU A 101 22.43 -7.69 1.13
N ARG A 102 23.27 -6.99 1.91
CA ARG A 102 24.25 -6.09 1.32
C ARG A 102 25.31 -6.88 0.56
N SER A 103 25.64 -6.42 -0.65
CA SER A 103 26.64 -7.10 -1.47
C SER A 103 28.04 -6.81 -0.96
N GLY A 104 28.99 -7.65 -1.36
CA GLY A 104 30.38 -7.48 -0.96
C GLY A 104 31.29 -8.42 -1.73
N CYS A 105 32.60 -8.24 -1.56
CA CYS A 105 33.57 -9.08 -2.25
C CYS A 105 33.42 -10.54 -1.83
N GLY A 1 -20.02 11.94 -11.75
CA GLY A 1 -20.45 11.01 -10.67
C GLY A 1 -21.92 10.68 -10.85
N ILE A 2 -22.55 11.28 -11.86
CA ILE A 2 -23.95 11.04 -12.14
C ILE A 2 -24.19 9.60 -12.59
N ASP A 3 -23.29 9.11 -13.43
CA ASP A 3 -23.40 7.75 -13.95
C ASP A 3 -23.71 6.75 -12.82
N PRO A 4 -24.44 5.70 -13.09
CA PRO A 4 -24.78 4.68 -12.06
C PRO A 4 -23.54 3.92 -11.56
N PHE A 5 -22.50 3.95 -12.36
CA PHE A 5 -21.25 3.26 -12.02
C PHE A 5 -20.43 4.07 -11.03
N THR A 6 -20.93 5.26 -10.69
CA THR A 6 -20.22 6.13 -9.76
C THR A 6 -20.09 5.48 -8.38
N ALA A 7 -21.18 4.90 -7.92
CA ALA A 7 -21.21 4.25 -6.61
C ALA A 7 -20.67 2.82 -6.66
N GLU A 8 -20.24 2.39 -7.83
CA GLU A 8 -19.73 1.04 -7.99
C GLU A 8 -18.53 0.81 -7.04
N PRO A 9 -18.23 -0.42 -6.72
CA PRO A 9 -17.08 -0.76 -5.82
C PRO A 9 -15.73 -0.30 -6.37
N ILE A 10 -14.87 0.08 -5.44
CA ILE A 10 -13.54 0.56 -5.74
C ILE A 10 -12.52 -0.54 -5.52
N GLN A 11 -11.64 -0.70 -6.50
CA GLN A 11 -10.61 -1.72 -6.44
C GLN A 11 -9.29 -1.15 -6.95
N PHE A 12 -8.19 -1.81 -6.63
CA PHE A 12 -6.89 -1.32 -7.06
C PHE A 12 -6.53 -2.00 -8.37
N THR A 13 -6.48 -1.20 -9.42
CA THR A 13 -6.15 -1.74 -10.71
C THR A 13 -4.70 -2.20 -10.74
N LYS A 14 -3.82 -1.36 -10.18
CA LYS A 14 -2.39 -1.69 -10.16
C LYS A 14 -2.11 -2.88 -9.25
N ARG A 15 -2.79 -2.92 -8.12
CA ARG A 15 -2.61 -4.02 -7.16
C ARG A 15 -1.16 -4.17 -6.71
N ILE A 16 -0.78 -3.43 -5.67
CA ILE A 16 0.60 -3.48 -5.14
C ILE A 16 1.17 -4.88 -5.16
N GLN A 17 2.49 -4.95 -5.36
CA GLN A 17 3.22 -6.22 -5.42
C GLN A 17 4.34 -6.27 -4.39
N ASN A 18 4.91 -7.45 -4.22
CA ASN A 18 5.98 -7.70 -3.27
C ASN A 18 7.23 -6.88 -3.60
N ILE A 19 7.90 -6.40 -2.56
CA ILE A 19 9.10 -5.57 -2.69
C ILE A 19 10.30 -6.13 -1.93
N VAL A 20 11.46 -6.17 -2.59
CA VAL A 20 12.67 -6.59 -1.90
C VAL A 20 13.56 -5.34 -1.84
N VAL A 21 13.98 -5.00 -0.63
CA VAL A 21 14.75 -3.78 -0.35
C VAL A 21 15.97 -3.98 0.53
N SER A 22 17.05 -3.31 0.15
CA SER A 22 18.28 -3.36 0.93
C SER A 22 18.02 -2.73 2.30
N GLU A 23 18.78 -3.12 3.30
CA GLU A 23 18.55 -2.64 4.64
C GLU A 23 18.65 -1.12 4.75
N HIS A 24 19.60 -0.52 4.06
CA HIS A 24 19.77 0.93 4.15
C HIS A 24 18.94 1.71 3.13
N GLN A 25 18.34 1.03 2.16
CA GLN A 25 17.53 1.73 1.15
C GLN A 25 16.13 2.03 1.67
N SER A 26 15.13 1.95 0.79
CA SER A 26 13.76 2.25 1.16
C SER A 26 12.81 1.46 0.27
N ALA A 27 11.55 1.32 0.70
CA ALA A 27 10.57 0.55 -0.07
C ALA A 27 9.35 1.38 -0.40
N THR A 28 8.86 1.24 -1.63
CA THR A 28 7.67 1.97 -2.07
C THR A 28 6.61 1.03 -2.58
N PHE A 29 5.40 1.15 -2.03
CA PHE A 29 4.28 0.36 -2.51
C PHE A 29 3.40 1.32 -3.28
N GLU A 30 3.26 1.08 -4.56
CA GLU A 30 2.47 1.96 -5.41
C GLU A 30 1.16 1.30 -5.80
N CYS A 31 0.10 2.10 -5.83
CA CYS A 31 -1.23 1.61 -6.18
C CYS A 31 -1.99 2.64 -7.00
N GLU A 32 -2.95 2.15 -7.76
CA GLU A 32 -3.82 2.99 -8.58
C GLU A 32 -5.24 2.56 -8.30
N VAL A 33 -6.19 3.49 -8.32
CA VAL A 33 -7.58 3.14 -8.00
C VAL A 33 -8.59 3.70 -9.00
N SER A 34 -9.77 3.09 -8.95
CA SER A 34 -10.89 3.45 -9.80
C SER A 34 -11.35 4.88 -9.54
N PHE A 35 -11.37 5.32 -8.27
CA PHE A 35 -11.82 6.68 -7.93
C PHE A 35 -10.77 7.41 -7.09
N ASP A 36 -10.73 8.74 -7.25
CA ASP A 36 -9.78 9.58 -6.51
C ASP A 36 -10.39 10.08 -5.21
N ASP A 37 -11.70 10.12 -5.19
CA ASP A 37 -12.44 10.61 -4.02
C ASP A 37 -12.21 9.68 -2.83
N ALA A 38 -11.59 8.53 -3.10
CA ALA A 38 -11.33 7.55 -2.07
C ALA A 38 -10.18 7.97 -1.15
N ILE A 39 -10.28 7.57 0.11
CA ILE A 39 -9.29 7.87 1.11
C ILE A 39 -8.51 6.59 1.38
N VAL A 40 -7.17 6.68 1.34
CA VAL A 40 -6.34 5.47 1.49
C VAL A 40 -5.38 5.51 2.68
N THR A 41 -5.38 4.38 3.40
CA THR A 41 -4.54 4.14 4.57
C THR A 41 -3.76 2.84 4.39
N TRP A 42 -2.47 2.87 4.76
CA TRP A 42 -1.62 1.69 4.64
C TRP A 42 -1.53 0.98 5.98
N TYR A 43 -1.54 -0.36 5.92
CA TYR A 43 -1.44 -1.17 7.14
C TYR A 43 -0.31 -2.17 7.11
N LYS A 44 0.34 -2.29 8.26
CA LYS A 44 1.39 -3.26 8.46
C LYS A 44 0.93 -4.09 9.62
N GLY A 45 0.77 -5.39 9.41
CA GLY A 45 0.25 -6.23 10.50
C GLY A 45 -0.97 -5.53 11.12
N PRO A 46 -1.25 -5.71 12.38
CA PRO A 46 -2.42 -5.03 13.04
C PRO A 46 -2.22 -3.51 13.17
N THR A 47 -0.98 -3.08 13.03
CA THR A 47 -0.58 -1.69 13.19
C THR A 47 -0.68 -0.88 11.88
N GLU A 48 -1.29 0.29 11.98
CA GLU A 48 -1.43 1.20 10.85
C GLU A 48 -0.17 2.06 10.75
N LEU A 49 0.19 2.44 9.53
CA LEU A 49 1.41 3.22 9.33
C LEU A 49 1.10 4.70 9.31
N THR A 50 1.89 5.45 10.06
CA THR A 50 1.74 6.90 10.14
C THR A 50 3.07 7.59 10.00
N GLU A 51 3.03 8.85 9.61
CA GLU A 51 4.24 9.60 9.41
C GLU A 51 4.93 9.93 10.73
N SER A 52 6.25 9.75 10.74
CA SER A 52 7.06 10.04 11.90
C SER A 52 8.52 10.06 11.49
N GLN A 53 8.84 10.89 10.51
CA GLN A 53 10.20 10.96 10.00
C GLN A 53 10.61 9.53 9.62
N LYS A 54 9.60 8.73 9.32
CA LYS A 54 9.80 7.32 8.94
C LYS A 54 9.02 6.95 7.67
N TYR A 55 7.69 7.15 7.68
CA TYR A 55 6.86 6.80 6.52
C TYR A 55 6.45 8.06 5.76
N ASN A 56 6.68 8.08 4.44
CA ASN A 56 6.28 9.23 3.62
C ASN A 56 5.09 8.88 2.74
N PHE A 57 3.97 9.53 2.97
CA PHE A 57 2.76 9.28 2.19
C PHE A 57 2.57 10.43 1.20
N ARG A 58 2.63 10.12 -0.11
CA ARG A 58 2.46 11.16 -1.14
C ARG A 58 1.28 10.83 -2.03
N ASN A 59 0.37 11.78 -2.18
CA ASN A 59 -0.82 11.60 -3.02
C ASN A 59 -0.66 12.35 -4.34
N ASP A 60 -1.09 11.73 -5.43
CA ASP A 60 -1.03 12.37 -6.74
C ASP A 60 -2.24 11.94 -7.56
N GLY A 61 -3.33 12.67 -7.44
CA GLY A 61 -4.53 12.32 -8.19
C GLY A 61 -5.01 10.93 -7.79
N ARG A 62 -5.25 10.10 -8.79
CA ARG A 62 -5.71 8.73 -8.56
C ARG A 62 -4.60 7.88 -7.93
N CYS A 63 -3.35 8.32 -8.09
CA CYS A 63 -2.21 7.57 -7.56
C CYS A 63 -1.88 7.95 -6.12
N HIS A 64 -1.52 6.94 -5.33
CA HIS A 64 -1.13 7.14 -3.93
C HIS A 64 0.17 6.37 -3.69
N TYR A 65 1.13 6.98 -3.00
CA TYR A 65 2.41 6.31 -2.75
C TYR A 65 2.76 6.28 -1.26
N MET A 66 3.39 5.20 -0.84
CA MET A 66 3.86 5.07 0.54
C MET A 66 5.32 4.64 0.49
N THR A 67 6.20 5.39 1.15
CA THR A 67 7.63 5.05 1.14
C THR A 67 8.13 4.80 2.57
N ILE A 68 8.80 3.66 2.73
CA ILE A 68 9.34 3.28 4.03
C ILE A 68 10.87 3.44 3.96
N HIS A 69 11.45 4.13 4.92
CA HIS A 69 12.89 4.39 4.89
C HIS A 69 13.63 3.58 5.96
N ASN A 70 14.85 3.15 5.64
CA ASN A 70 15.67 2.37 6.59
C ASN A 70 14.98 1.07 6.93
N VAL A 71 14.76 0.25 5.90
CA VAL A 71 14.10 -1.03 6.07
C VAL A 71 14.98 -1.98 6.87
N THR A 72 14.37 -2.61 7.86
CA THR A 72 15.05 -3.56 8.74
C THR A 72 14.63 -5.00 8.41
N PRO A 73 15.50 -5.99 8.49
CA PRO A 73 15.09 -7.39 8.20
C PRO A 73 13.89 -7.78 9.05
N ASP A 74 13.89 -7.27 10.27
CA ASP A 74 12.81 -7.50 11.21
C ASP A 74 11.51 -6.87 10.70
N ASP A 75 11.63 -5.73 10.02
CA ASP A 75 10.47 -5.04 9.50
C ASP A 75 9.84 -5.81 8.34
N GLU A 76 10.54 -6.78 7.78
CA GLU A 76 9.98 -7.52 6.66
C GLU A 76 8.64 -8.08 7.10
N GLY A 77 7.67 -8.08 6.20
CA GLY A 77 6.35 -8.57 6.56
C GLY A 77 5.35 -8.35 5.45
N VAL A 78 4.11 -8.04 5.86
CA VAL A 78 3.03 -7.83 4.92
C VAL A 78 2.49 -6.42 5.06
N TYR A 79 2.37 -5.77 3.91
CA TYR A 79 1.84 -4.40 3.84
C TYR A 79 0.56 -4.40 3.02
N SER A 80 -0.45 -3.69 3.48
CA SER A 80 -1.72 -3.64 2.77
C SER A 80 -2.17 -2.21 2.55
N VAL A 81 -2.94 -2.00 1.50
CA VAL A 81 -3.47 -0.68 1.20
C VAL A 81 -4.97 -0.82 1.09
N ILE A 82 -5.68 0.06 1.77
CA ILE A 82 -7.13 0.01 1.77
C ILE A 82 -7.70 1.34 1.31
N ALA A 83 -8.61 1.31 0.34
CA ALA A 83 -9.24 2.53 -0.16
C ALA A 83 -10.71 2.58 0.27
N ARG A 84 -11.13 3.72 0.85
CA ARG A 84 -12.51 3.86 1.32
C ARG A 84 -13.18 5.17 0.86
N LEU A 85 -14.45 5.02 0.54
CA LEU A 85 -15.34 6.12 0.13
C LEU A 85 -16.70 5.78 0.71
N GLU A 86 -17.68 6.69 0.64
CA GLU A 86 -19.00 6.40 1.21
C GLU A 86 -19.37 4.96 0.77
N PRO A 87 -20.32 4.30 1.39
CA PRO A 87 -20.53 2.87 1.02
C PRO A 87 -20.75 2.66 -0.48
N ARG A 88 -19.77 1.96 -1.05
CA ARG A 88 -19.76 1.60 -2.46
C ARG A 88 -19.16 0.20 -2.59
N GLY A 89 -18.52 -0.27 -1.51
CA GLY A 89 -17.85 -1.56 -1.50
C GLY A 89 -16.32 -1.36 -1.55
N GLU A 90 -15.70 -1.11 -0.38
CA GLU A 90 -14.28 -0.83 -0.33
C GLU A 90 -13.43 -2.01 -0.83
N ALA A 91 -12.12 -1.84 -0.78
CA ALA A 91 -11.19 -2.86 -1.28
C ALA A 91 -9.95 -3.02 -0.40
N ARG A 92 -9.40 -4.23 -0.38
CA ARG A 92 -8.19 -4.53 0.37
C ARG A 92 -7.18 -5.23 -0.55
N SER A 93 -5.91 -4.85 -0.45
CA SER A 93 -4.84 -5.46 -1.26
C SER A 93 -3.64 -5.77 -0.39
N THR A 94 -2.83 -6.76 -0.78
CA THR A 94 -1.65 -7.13 0.01
C THR A 94 -0.38 -7.26 -0.82
N ALA A 95 0.72 -7.15 -0.09
CA ALA A 95 2.06 -7.26 -0.66
C ALA A 95 3.04 -7.58 0.46
N GLU A 96 4.17 -8.20 0.10
CA GLU A 96 5.18 -8.58 1.07
C GLU A 96 6.46 -7.79 0.93
N LEU A 97 7.05 -7.51 2.08
CA LEU A 97 8.30 -6.78 2.16
C LEU A 97 9.43 -7.75 2.51
N LYS A 98 10.48 -7.69 1.74
CA LYS A 98 11.66 -8.54 1.94
C LYS A 98 12.90 -7.72 2.02
N GLY A 99 13.84 -8.14 2.85
CA GLY A 99 15.09 -7.41 3.02
C GLY A 99 16.23 -8.05 2.27
N GLU A 100 16.72 -7.32 1.29
CA GLU A 100 17.82 -7.74 0.47
C GLU A 100 19.12 -7.70 1.28
N LEU A 101 19.89 -8.75 1.13
CA LEU A 101 21.15 -8.87 1.83
C LEU A 101 22.21 -7.97 1.20
N ARG A 102 23.03 -7.34 2.04
CA ARG A 102 24.08 -6.45 1.55
C ARG A 102 25.13 -7.25 0.80
N SER A 103 25.53 -6.74 -0.37
CA SER A 103 26.54 -7.40 -1.18
C SER A 103 27.93 -7.23 -0.57
N GLY A 104 28.87 -8.08 -0.99
CA GLY A 104 30.23 -8.01 -0.47
C GLY A 104 30.89 -6.68 -0.84
N CYS A 105 30.63 -6.21 -2.05
CA CYS A 105 31.21 -4.95 -2.51
C CYS A 105 30.56 -3.76 -1.79
N GLY A 1 -29.82 12.53 -8.25
CA GLY A 1 -29.80 11.42 -9.26
C GLY A 1 -28.37 10.95 -9.46
N ILE A 2 -28.01 9.88 -8.76
CA ILE A 2 -26.67 9.32 -8.85
C ILE A 2 -26.71 7.95 -9.50
N ASP A 3 -25.88 7.75 -10.53
CA ASP A 3 -25.84 6.47 -11.22
C ASP A 3 -25.11 5.42 -10.38
N PRO A 4 -25.45 4.16 -10.52
CA PRO A 4 -24.81 3.06 -9.74
C PRO A 4 -23.33 2.92 -10.08
N PHE A 5 -22.95 3.39 -11.26
CA PHE A 5 -21.57 3.33 -11.71
C PHE A 5 -20.65 4.09 -10.76
N THR A 6 -21.05 5.30 -10.39
CA THR A 6 -20.25 6.12 -9.49
C THR A 6 -20.17 5.49 -8.10
N ALA A 7 -21.26 4.83 -7.71
CA ALA A 7 -21.32 4.19 -6.39
C ALA A 7 -20.79 2.76 -6.46
N GLU A 8 -20.39 2.33 -7.64
CA GLU A 8 -19.89 0.99 -7.82
C GLU A 8 -18.66 0.77 -6.91
N PRO A 9 -18.31 -0.46 -6.63
CA PRO A 9 -17.13 -0.78 -5.76
C PRO A 9 -15.81 -0.26 -6.32
N ILE A 10 -14.93 0.10 -5.40
CA ILE A 10 -13.61 0.60 -5.72
C ILE A 10 -12.59 -0.49 -5.51
N GLN A 11 -11.71 -0.66 -6.48
CA GLN A 11 -10.68 -1.69 -6.42
C GLN A 11 -9.36 -1.12 -6.93
N PHE A 12 -8.25 -1.78 -6.59
CA PHE A 12 -6.95 -1.28 -7.05
C PHE A 12 -6.60 -1.95 -8.36
N THR A 13 -6.54 -1.17 -9.41
CA THR A 13 -6.21 -1.71 -10.71
C THR A 13 -4.75 -2.18 -10.72
N LYS A 14 -3.86 -1.34 -10.18
CA LYS A 14 -2.44 -1.67 -10.16
C LYS A 14 -2.14 -2.87 -9.26
N ARG A 15 -2.82 -2.92 -8.12
CA ARG A 15 -2.65 -4.03 -7.17
C ARG A 15 -1.18 -4.19 -6.73
N ILE A 16 -0.79 -3.47 -5.68
CA ILE A 16 0.59 -3.52 -5.16
C ILE A 16 1.17 -4.94 -5.19
N GLN A 17 2.49 -5.01 -5.37
CA GLN A 17 3.21 -6.28 -5.43
C GLN A 17 4.33 -6.33 -4.38
N ASN A 18 4.91 -7.51 -4.24
CA ASN A 18 5.98 -7.74 -3.26
C ASN A 18 7.23 -6.93 -3.59
N ILE A 19 7.89 -6.43 -2.54
CA ILE A 19 9.07 -5.59 -2.69
C ILE A 19 10.28 -6.13 -1.93
N VAL A 20 11.43 -6.15 -2.58
CA VAL A 20 12.67 -6.57 -1.90
C VAL A 20 13.55 -5.34 -1.84
N VAL A 21 13.97 -5.00 -0.64
CA VAL A 21 14.75 -3.79 -0.36
C VAL A 21 15.97 -4.00 0.53
N SER A 22 17.06 -3.35 0.16
CA SER A 22 18.29 -3.41 0.95
C SER A 22 18.02 -2.78 2.30
N GLU A 23 18.75 -3.19 3.32
CA GLU A 23 18.50 -2.69 4.66
C GLU A 23 18.61 -1.18 4.76
N HIS A 24 19.61 -0.59 4.13
CA HIS A 24 19.79 0.86 4.21
C HIS A 24 18.93 1.63 3.21
N GLN A 25 18.33 0.96 2.23
CA GLN A 25 17.50 1.66 1.24
C GLN A 25 16.08 1.90 1.75
N SER A 26 15.14 2.02 0.83
CA SER A 26 13.74 2.31 1.18
C SER A 26 12.81 1.50 0.29
N ALA A 27 11.56 1.32 0.72
CA ALA A 27 10.59 0.54 -0.05
C ALA A 27 9.35 1.36 -0.38
N THR A 28 8.87 1.22 -1.61
CA THR A 28 7.67 1.95 -2.03
C THR A 28 6.62 1.00 -2.57
N PHE A 29 5.41 1.12 -2.02
CA PHE A 29 4.28 0.34 -2.50
C PHE A 29 3.41 1.32 -3.25
N GLU A 30 3.26 1.09 -4.53
CA GLU A 30 2.49 1.97 -5.39
C GLU A 30 1.17 1.31 -5.75
N CYS A 31 0.12 2.12 -5.84
CA CYS A 31 -1.21 1.61 -6.19
C CYS A 31 -1.99 2.63 -7.02
N GLU A 32 -2.95 2.12 -7.77
CA GLU A 32 -3.83 2.94 -8.60
C GLU A 32 -5.26 2.51 -8.31
N VAL A 33 -6.19 3.45 -8.31
CA VAL A 33 -7.59 3.11 -8.01
C VAL A 33 -8.57 3.72 -9.00
N SER A 34 -9.76 3.13 -9.02
CA SER A 34 -10.82 3.56 -9.92
C SER A 34 -11.27 5.00 -9.66
N PHE A 35 -11.41 5.41 -8.37
CA PHE A 35 -11.86 6.77 -8.05
C PHE A 35 -10.75 7.57 -7.37
N ASP A 36 -10.71 8.89 -7.62
CA ASP A 36 -9.67 9.74 -7.02
C ASP A 36 -10.09 10.39 -5.72
N ASP A 37 -11.33 10.19 -5.39
CA ASP A 37 -11.92 10.75 -4.17
C ASP A 37 -11.79 9.79 -3.00
N ALA A 38 -11.18 8.65 -3.23
CA ALA A 38 -11.03 7.65 -2.18
C ALA A 38 -9.94 8.04 -1.17
N ILE A 39 -10.13 7.62 0.08
CA ILE A 39 -9.18 7.88 1.14
C ILE A 39 -8.41 6.60 1.38
N VAL A 40 -7.07 6.67 1.38
CA VAL A 40 -6.25 5.47 1.51
C VAL A 40 -5.31 5.47 2.71
N THR A 41 -5.34 4.34 3.45
CA THR A 41 -4.52 4.12 4.63
C THR A 41 -3.73 2.83 4.47
N TRP A 42 -2.44 2.87 4.80
CA TRP A 42 -1.59 1.69 4.67
C TRP A 42 -1.46 0.96 6.00
N TYR A 43 -1.47 -0.37 5.94
CA TYR A 43 -1.35 -1.18 7.15
C TYR A 43 -0.21 -2.17 7.10
N LYS A 44 0.47 -2.28 8.23
CA LYS A 44 1.53 -3.25 8.41
C LYS A 44 1.07 -4.11 9.58
N GLY A 45 0.91 -5.42 9.38
CA GLY A 45 0.38 -6.23 10.46
C GLY A 45 -0.88 -5.52 10.98
N PRO A 46 -1.32 -5.74 12.19
CA PRO A 46 -2.52 -5.02 12.71
C PRO A 46 -2.25 -3.53 12.89
N THR A 47 -0.97 -3.18 12.90
CA THR A 47 -0.52 -1.81 13.10
C THR A 47 -0.67 -0.97 11.84
N GLU A 48 -1.21 0.24 12.00
CA GLU A 48 -1.37 1.18 10.89
C GLU A 48 -0.10 2.01 10.75
N LEU A 49 0.21 2.44 9.53
CA LEU A 49 1.42 3.23 9.32
C LEU A 49 1.08 4.71 9.29
N THR A 50 1.84 5.46 10.06
CA THR A 50 1.66 6.90 10.15
C THR A 50 3.00 7.60 10.06
N GLU A 51 2.96 8.86 9.67
CA GLU A 51 4.18 9.62 9.51
C GLU A 51 4.83 9.95 10.85
N SER A 52 6.14 9.75 10.89
CA SER A 52 6.95 10.00 12.07
C SER A 52 8.40 10.09 11.61
N GLN A 53 8.61 10.86 10.54
CA GLN A 53 9.92 11.00 9.95
C GLN A 53 10.38 9.58 9.58
N LYS A 54 9.39 8.70 9.41
CA LYS A 54 9.63 7.30 9.06
C LYS A 54 8.91 6.92 7.75
N TYR A 55 7.58 7.14 7.69
CA TYR A 55 6.80 6.78 6.51
C TYR A 55 6.41 8.05 5.75
N ASN A 56 6.65 8.07 4.44
CA ASN A 56 6.28 9.23 3.61
C ASN A 56 5.09 8.86 2.72
N PHE A 57 3.96 9.52 2.95
CA PHE A 57 2.76 9.26 2.16
C PHE A 57 2.58 10.41 1.16
N ARG A 58 2.56 10.09 -0.14
CA ARG A 58 2.36 11.12 -1.17
C ARG A 58 1.18 10.79 -2.05
N ASN A 59 0.25 11.73 -2.17
CA ASN A 59 -0.93 11.53 -3.00
C ASN A 59 -0.80 12.29 -4.32
N ASP A 60 -1.22 11.64 -5.41
CA ASP A 60 -1.17 12.26 -6.74
C ASP A 60 -2.38 11.79 -7.54
N GLY A 61 -3.49 12.48 -7.40
CA GLY A 61 -4.70 12.09 -8.12
C GLY A 61 -5.12 10.68 -7.73
N ARG A 62 -5.37 9.86 -8.73
CA ARG A 62 -5.78 8.48 -8.49
C ARG A 62 -4.63 7.67 -7.91
N CYS A 63 -3.41 8.15 -8.10
CA CYS A 63 -2.23 7.44 -7.62
C CYS A 63 -1.89 7.81 -6.17
N HIS A 64 -1.52 6.80 -5.39
CA HIS A 64 -1.14 7.00 -3.99
C HIS A 64 0.17 6.24 -3.73
N TYR A 65 1.13 6.89 -3.08
CA TYR A 65 2.44 6.26 -2.83
C TYR A 65 2.78 6.24 -1.34
N MET A 66 3.39 5.15 -0.90
CA MET A 66 3.87 5.03 0.48
C MET A 66 5.32 4.60 0.42
N THR A 67 6.19 5.35 1.08
CA THR A 67 7.63 5.04 1.08
C THR A 67 8.14 4.80 2.50
N ILE A 68 8.83 3.68 2.68
CA ILE A 68 9.37 3.30 3.98
C ILE A 68 10.89 3.45 3.91
N HIS A 69 11.50 4.17 4.85
CA HIS A 69 12.95 4.38 4.83
C HIS A 69 13.64 3.57 5.93
N ASN A 70 14.87 3.13 5.63
CA ASN A 70 15.66 2.35 6.59
C ASN A 70 14.96 1.04 6.91
N VAL A 71 14.76 0.22 5.89
CA VAL A 71 14.10 -1.05 6.07
C VAL A 71 14.96 -2.00 6.87
N THR A 72 14.34 -2.63 7.87
CA THR A 72 15.03 -3.56 8.74
C THR A 72 14.59 -5.00 8.39
N PRO A 73 15.46 -6.00 8.49
CA PRO A 73 15.05 -7.42 8.21
C PRO A 73 13.83 -7.79 9.05
N ASP A 74 13.82 -7.28 10.26
CA ASP A 74 12.73 -7.49 11.21
C ASP A 74 11.44 -6.88 10.68
N ASP A 75 11.56 -5.73 10.03
CA ASP A 75 10.42 -5.02 9.49
C ASP A 75 9.78 -5.77 8.32
N GLU A 76 10.50 -6.74 7.74
CA GLU A 76 9.94 -7.50 6.62
C GLU A 76 8.62 -8.09 7.08
N GLY A 77 7.63 -8.06 6.20
CA GLY A 77 6.32 -8.58 6.54
C GLY A 77 5.31 -8.33 5.44
N VAL A 78 4.07 -8.02 5.85
CA VAL A 78 3.00 -7.78 4.89
C VAL A 78 2.48 -6.36 5.04
N TYR A 79 2.38 -5.71 3.89
CA TYR A 79 1.89 -4.35 3.79
C TYR A 79 0.61 -4.36 2.97
N SER A 80 -0.39 -3.62 3.43
CA SER A 80 -1.68 -3.58 2.73
C SER A 80 -2.12 -2.15 2.52
N VAL A 81 -2.91 -1.96 1.48
CA VAL A 81 -3.44 -0.64 1.16
C VAL A 81 -4.95 -0.79 1.06
N ILE A 82 -5.66 0.08 1.74
CA ILE A 82 -7.12 0.02 1.73
C ILE A 82 -7.68 1.35 1.28
N ALA A 83 -8.59 1.31 0.30
CA ALA A 83 -9.19 2.55 -0.21
C ALA A 83 -10.65 2.62 0.24
N ARG A 84 -11.07 3.78 0.75
CA ARG A 84 -12.45 3.94 1.22
C ARG A 84 -13.13 5.23 0.77
N LEU A 85 -14.41 5.10 0.52
CA LEU A 85 -15.31 6.18 0.13
C LEU A 85 -16.64 5.82 0.74
N GLU A 86 -17.63 6.72 0.73
CA GLU A 86 -18.93 6.40 1.32
C GLU A 86 -19.29 4.98 0.88
N PRO A 87 -20.22 4.29 1.50
CA PRO A 87 -20.45 2.88 1.10
C PRO A 87 -20.68 2.67 -0.38
N ARG A 88 -19.72 1.95 -0.97
CA ARG A 88 -19.72 1.60 -2.38
C ARG A 88 -19.14 0.20 -2.53
N GLY A 89 -18.50 -0.28 -1.46
CA GLY A 89 -17.83 -1.58 -1.48
C GLY A 89 -16.30 -1.34 -1.55
N GLU A 90 -15.68 -1.09 -0.38
CA GLU A 90 -14.25 -0.80 -0.32
C GLU A 90 -13.40 -1.96 -0.84
N ALA A 91 -12.08 -1.82 -0.73
CA ALA A 91 -11.16 -2.84 -1.23
C ALA A 91 -9.91 -2.97 -0.36
N ARG A 92 -9.34 -4.18 -0.36
CA ARG A 92 -8.12 -4.46 0.39
C ARG A 92 -7.12 -5.16 -0.53
N SER A 93 -5.85 -4.75 -0.46
CA SER A 93 -4.79 -5.37 -1.29
C SER A 93 -3.57 -5.66 -0.42
N THR A 94 -2.77 -6.66 -0.81
CA THR A 94 -1.58 -7.04 -0.03
C THR A 94 -0.33 -7.18 -0.86
N ALA A 95 0.77 -7.07 -0.12
CA ALA A 95 2.11 -7.21 -0.68
C ALA A 95 3.07 -7.52 0.45
N GLU A 96 4.20 -8.14 0.10
CA GLU A 96 5.20 -8.51 1.09
C GLU A 96 6.49 -7.73 0.93
N LEU A 97 7.07 -7.44 2.08
CA LEU A 97 8.33 -6.72 2.16
C LEU A 97 9.44 -7.68 2.53
N LYS A 98 10.51 -7.64 1.75
CA LYS A 98 11.67 -8.49 1.98
C LYS A 98 12.92 -7.65 2.06
N GLY A 99 13.84 -8.08 2.90
CA GLY A 99 15.10 -7.36 3.06
C GLY A 99 16.23 -8.02 2.29
N GLU A 100 16.71 -7.29 1.31
CA GLU A 100 17.81 -7.74 0.48
C GLU A 100 19.11 -7.73 1.28
N LEU A 101 19.87 -8.78 1.12
CA LEU A 101 21.15 -8.92 1.82
C LEU A 101 22.20 -7.99 1.22
N ARG A 102 23.05 -7.43 2.07
CA ARG A 102 24.10 -6.52 1.62
C ARG A 102 25.22 -7.31 0.95
N SER A 103 25.82 -6.71 -0.07
CA SER A 103 26.91 -7.35 -0.79
C SER A 103 28.13 -7.48 0.13
N GLY A 104 28.86 -8.59 0.01
CA GLY A 104 30.03 -8.80 0.84
C GLY A 104 31.11 -7.74 0.57
N CYS A 105 31.26 -7.38 -0.69
CA CYS A 105 32.24 -6.37 -1.07
C CYS A 105 32.12 -6.03 -2.55
N GLY A 1 -22.27 -1.46 -4.78
CA GLY A 1 -22.81 -0.77 -6.00
C GLY A 1 -24.32 -1.02 -6.09
N ILE A 2 -25.08 -0.11 -5.49
CA ILE A 2 -26.53 -0.23 -5.51
C ILE A 2 -27.06 -0.13 -6.93
N ASP A 3 -26.52 0.83 -7.68
CA ASP A 3 -26.93 1.05 -9.06
C ASP A 3 -26.04 2.10 -9.74
N PRO A 4 -25.77 3.20 -9.08
CA PRO A 4 -24.93 4.29 -9.64
C PRO A 4 -23.51 3.83 -9.95
N PHE A 5 -22.95 4.37 -11.03
CA PHE A 5 -21.59 4.03 -11.46
C PHE A 5 -20.57 4.40 -10.39
N THR A 6 -20.70 5.61 -9.85
CA THR A 6 -19.77 6.10 -8.82
C THR A 6 -19.90 5.28 -7.54
N ALA A 7 -21.11 4.82 -7.26
CA ALA A 7 -21.35 4.04 -6.05
C ALA A 7 -20.79 2.64 -6.19
N GLU A 8 -20.39 2.29 -7.41
CA GLU A 8 -19.85 0.98 -7.67
C GLU A 8 -18.62 0.74 -6.79
N PRO A 9 -18.26 -0.49 -6.52
CA PRO A 9 -17.08 -0.81 -5.69
C PRO A 9 -15.77 -0.28 -6.26
N ILE A 10 -14.88 0.09 -5.36
CA ILE A 10 -13.58 0.61 -5.72
C ILE A 10 -12.54 -0.48 -5.53
N GLN A 11 -11.67 -0.65 -6.51
CA GLN A 11 -10.64 -1.68 -6.45
C GLN A 11 -9.32 -1.10 -6.94
N PHE A 12 -8.20 -1.78 -6.62
CA PHE A 12 -6.89 -1.29 -7.05
C PHE A 12 -6.52 -1.94 -8.36
N THR A 13 -6.44 -1.15 -9.40
CA THR A 13 -6.09 -1.70 -10.70
C THR A 13 -4.65 -2.19 -10.69
N LYS A 14 -3.75 -1.36 -10.14
CA LYS A 14 -2.34 -1.73 -10.11
C LYS A 14 -2.07 -2.93 -9.19
N ARG A 15 -2.76 -2.95 -8.05
CA ARG A 15 -2.61 -4.04 -7.08
C ARG A 15 -1.16 -4.21 -6.64
N ILE A 16 -0.78 -3.48 -5.61
CA ILE A 16 0.59 -3.53 -5.07
C ILE A 16 1.16 -4.94 -5.07
N GLN A 17 2.49 -5.02 -5.26
CA GLN A 17 3.19 -6.32 -5.31
C GLN A 17 4.39 -6.36 -4.36
N ASN A 18 4.96 -7.56 -4.23
CA ASN A 18 6.09 -7.82 -3.33
C ASN A 18 7.30 -6.96 -3.68
N ILE A 19 7.96 -6.47 -2.62
CA ILE A 19 9.14 -5.59 -2.75
C ILE A 19 10.35 -6.15 -1.99
N VAL A 20 11.51 -6.16 -2.64
CA VAL A 20 12.73 -6.58 -1.95
C VAL A 20 13.61 -5.34 -1.87
N VAL A 21 14.03 -5.01 -0.65
CA VAL A 21 14.81 -3.79 -0.37
C VAL A 21 16.03 -4.02 0.50
N SER A 22 17.11 -3.36 0.12
CA SER A 22 18.36 -3.42 0.87
C SER A 22 18.13 -2.83 2.25
N GLU A 23 18.92 -3.22 3.23
CA GLU A 23 18.69 -2.77 4.59
C GLU A 23 18.78 -1.25 4.72
N HIS A 24 19.72 -0.63 4.02
CA HIS A 24 19.88 0.83 4.13
C HIS A 24 18.99 1.60 3.16
N GLN A 25 18.35 0.93 2.21
CA GLN A 25 17.49 1.61 1.24
C GLN A 25 16.08 1.84 1.79
N SER A 26 15.12 2.01 0.87
CA SER A 26 13.73 2.26 1.24
C SER A 26 12.80 1.46 0.34
N ALA A 27 11.56 1.25 0.78
CA ALA A 27 10.59 0.48 0.00
C ALA A 27 9.36 1.29 -0.33
N THR A 28 8.87 1.18 -1.55
CA THR A 28 7.67 1.90 -1.98
C THR A 28 6.60 0.96 -2.52
N PHE A 29 5.41 1.08 -1.98
CA PHE A 29 4.28 0.30 -2.47
C PHE A 29 3.41 1.28 -3.20
N GLU A 30 3.27 1.09 -4.49
CA GLU A 30 2.49 2.02 -5.32
C GLU A 30 1.19 1.35 -5.73
N CYS A 31 0.12 2.13 -5.75
CA CYS A 31 -1.19 1.61 -6.14
C CYS A 31 -1.94 2.62 -7.00
N GLU A 32 -2.90 2.10 -7.75
CA GLU A 32 -3.76 2.91 -8.61
C GLU A 32 -5.19 2.49 -8.34
N VAL A 33 -6.13 3.42 -8.38
CA VAL A 33 -7.52 3.09 -8.08
C VAL A 33 -8.51 3.68 -9.08
N SER A 34 -9.70 3.08 -9.08
CA SER A 34 -10.79 3.49 -9.95
C SER A 34 -11.24 4.93 -9.69
N PHE A 35 -11.31 5.32 -8.41
CA PHE A 35 -11.77 6.68 -8.05
C PHE A 35 -10.66 7.50 -7.37
N ASP A 36 -10.69 8.82 -7.61
CA ASP A 36 -9.69 9.74 -7.07
C ASP A 36 -10.08 10.33 -5.71
N ASP A 37 -11.38 10.34 -5.46
CA ASP A 37 -11.91 10.91 -4.21
C ASP A 37 -11.78 9.95 -3.06
N ALA A 38 -11.23 8.77 -3.32
CA ALA A 38 -11.08 7.74 -2.29
C ALA A 38 -9.98 8.11 -1.30
N ILE A 39 -10.18 7.70 -0.05
CA ILE A 39 -9.24 7.93 1.03
C ILE A 39 -8.49 6.64 1.29
N VAL A 40 -7.15 6.72 1.36
CA VAL A 40 -6.32 5.51 1.52
C VAL A 40 -5.37 5.55 2.71
N THR A 41 -5.39 4.41 3.44
CA THR A 41 -4.56 4.19 4.63
C THR A 41 -3.74 2.92 4.46
N TRP A 42 -2.46 2.99 4.82
CA TRP A 42 -1.57 1.84 4.69
C TRP A 42 -1.45 1.11 6.02
N TYR A 43 -1.44 -0.21 5.94
CA TYR A 43 -1.35 -1.04 7.14
C TYR A 43 -0.20 -2.03 7.08
N LYS A 44 0.47 -2.17 8.21
CA LYS A 44 1.53 -3.15 8.38
C LYS A 44 1.06 -4.01 9.53
N GLY A 45 0.90 -5.31 9.33
CA GLY A 45 0.37 -6.13 10.42
C GLY A 45 -0.90 -5.44 10.94
N PRO A 46 -1.31 -5.69 12.16
CA PRO A 46 -2.52 -5.01 12.72
C PRO A 46 -2.26 -3.52 12.93
N THR A 47 -0.98 -3.14 12.91
CA THR A 47 -0.56 -1.78 13.14
C THR A 47 -0.69 -0.91 11.88
N GLU A 48 -1.30 0.26 12.04
CA GLU A 48 -1.46 1.19 10.93
C GLU A 48 -0.20 2.06 10.84
N LEU A 49 0.12 2.49 9.63
CA LEU A 49 1.31 3.30 9.44
C LEU A 49 0.97 4.77 9.46
N THR A 50 1.74 5.51 10.24
CA THR A 50 1.57 6.95 10.37
C THR A 50 2.89 7.66 10.24
N GLU A 51 2.83 8.92 9.88
CA GLU A 51 4.02 9.71 9.67
C GLU A 51 4.78 9.97 10.98
N SER A 52 6.10 9.84 10.86
CA SER A 52 7.03 10.09 11.94
C SER A 52 8.38 10.23 11.28
N GLN A 53 8.39 11.01 10.21
CA GLN A 53 9.58 11.18 9.37
C GLN A 53 10.10 9.77 9.05
N LYS A 54 9.19 8.81 9.19
CA LYS A 54 9.46 7.41 8.89
C LYS A 54 8.75 6.97 7.61
N TYR A 55 7.43 7.20 7.53
CA TYR A 55 6.65 6.81 6.36
C TYR A 55 6.24 8.06 5.58
N ASN A 56 6.51 8.08 4.27
CA ASN A 56 6.13 9.23 3.45
C ASN A 56 4.91 8.89 2.60
N PHE A 57 3.80 9.56 2.85
CA PHE A 57 2.58 9.30 2.10
C PHE A 57 2.38 10.43 1.09
N ARG A 58 2.37 10.12 -0.22
CA ARG A 58 2.18 11.17 -1.23
C ARG A 58 0.93 10.89 -2.06
N ASN A 59 0.03 11.88 -2.10
CA ASN A 59 -1.20 11.75 -2.87
C ASN A 59 -1.07 12.51 -4.19
N ASP A 60 -0.96 11.77 -5.29
CA ASP A 60 -0.83 12.38 -6.62
C ASP A 60 -1.91 11.84 -7.53
N GLY A 61 -2.97 12.61 -7.70
CA GLY A 61 -4.06 12.21 -8.57
C GLY A 61 -4.64 10.88 -8.10
N ARG A 62 -4.89 10.00 -9.06
CA ARG A 62 -5.45 8.69 -8.75
C ARG A 62 -4.43 7.79 -8.04
N CYS A 63 -3.14 8.11 -8.18
CA CYS A 63 -2.08 7.28 -7.60
C CYS A 63 -1.68 7.75 -6.19
N HIS A 64 -1.55 6.77 -5.30
CA HIS A 64 -1.14 6.99 -3.92
C HIS A 64 0.16 6.23 -3.66
N TYR A 65 1.19 6.91 -3.15
CA TYR A 65 2.48 6.27 -2.88
C TYR A 65 2.80 6.27 -1.39
N MET A 66 3.40 5.17 -0.93
CA MET A 66 3.84 5.06 0.46
C MET A 66 5.27 4.58 0.45
N THR A 67 6.15 5.31 1.13
CA THR A 67 7.59 4.96 1.15
C THR A 67 8.09 4.73 2.56
N ILE A 68 8.78 3.61 2.74
CA ILE A 68 9.33 3.25 4.05
C ILE A 68 10.84 3.43 4.01
N HIS A 69 11.39 4.18 4.95
CA HIS A 69 12.83 4.43 4.98
C HIS A 69 13.54 3.61 6.05
N ASN A 70 14.73 3.10 5.70
CA ASN A 70 15.52 2.27 6.62
C ASN A 70 14.78 0.99 6.94
N VAL A 71 14.87 0.04 6.03
CA VAL A 71 14.18 -1.24 6.19
C VAL A 71 15.08 -2.25 6.88
N THR A 72 14.54 -2.88 7.92
CA THR A 72 15.28 -3.90 8.67
C THR A 72 14.72 -5.29 8.38
N PRO A 73 15.49 -6.34 8.56
CA PRO A 73 14.97 -7.72 8.34
C PRO A 73 13.68 -7.93 9.15
N ASP A 74 13.69 -7.33 10.33
CA ASP A 74 12.57 -7.40 11.25
C ASP A 74 11.34 -6.73 10.64
N ASP A 75 11.57 -5.64 9.93
CA ASP A 75 10.50 -4.88 9.31
C ASP A 75 9.86 -5.66 8.17
N GLU A 76 10.55 -6.69 7.68
CA GLU A 76 9.99 -7.50 6.60
C GLU A 76 8.65 -8.04 7.07
N GLY A 77 7.68 -8.07 6.18
CA GLY A 77 6.35 -8.54 6.55
C GLY A 77 5.36 -8.30 5.43
N VAL A 78 4.12 -7.99 5.81
CA VAL A 78 3.06 -7.74 4.85
C VAL A 78 2.51 -6.32 5.00
N TYR A 79 2.42 -5.65 3.86
CA TYR A 79 1.90 -4.27 3.80
C TYR A 79 0.63 -4.28 2.99
N SER A 80 -0.39 -3.57 3.47
CA SER A 80 -1.67 -3.53 2.76
C SER A 80 -2.12 -2.10 2.58
N VAL A 81 -2.89 -1.88 1.54
CA VAL A 81 -3.44 -0.55 1.26
C VAL A 81 -4.93 -0.69 1.13
N ILE A 82 -5.66 0.18 1.82
CA ILE A 82 -7.11 0.14 1.79
C ILE A 82 -7.70 1.45 1.32
N ALA A 83 -8.58 1.37 0.33
CA ALA A 83 -9.25 2.56 -0.17
C ALA A 83 -10.71 2.48 0.26
N ARG A 84 -11.20 3.55 0.91
CA ARG A 84 -12.59 3.54 1.39
C ARG A 84 -13.30 4.88 1.26
N LEU A 85 -14.57 4.77 0.94
CA LEU A 85 -15.50 5.87 0.77
C LEU A 85 -16.79 5.39 1.42
N GLU A 86 -17.80 6.26 1.58
CA GLU A 86 -19.06 5.81 2.19
C GLU A 86 -19.43 4.44 1.56
N PRO A 87 -20.37 3.69 2.07
CA PRO A 87 -20.55 2.34 1.49
C PRO A 87 -20.76 2.33 -0.02
N ARG A 88 -19.79 1.70 -0.69
CA ARG A 88 -19.80 1.52 -2.14
C ARG A 88 -19.21 0.15 -2.47
N GLY A 89 -18.56 -0.43 -1.46
CA GLY A 89 -17.86 -1.71 -1.59
C GLY A 89 -16.35 -1.46 -1.62
N GLU A 90 -15.74 -1.27 -0.44
CA GLU A 90 -14.31 -0.97 -0.34
C GLU A 90 -13.44 -2.11 -0.88
N ALA A 91 -12.13 -1.91 -0.82
CA ALA A 91 -11.18 -2.90 -1.32
C ALA A 91 -9.93 -3.01 -0.43
N ARG A 92 -9.36 -4.20 -0.40
CA ARG A 92 -8.15 -4.46 0.36
C ARG A 92 -7.13 -5.13 -0.56
N SER A 93 -5.86 -4.75 -0.44
CA SER A 93 -4.79 -5.34 -1.27
C SER A 93 -3.58 -5.66 -0.40
N THR A 94 -2.79 -6.66 -0.80
CA THR A 94 -1.59 -7.04 -0.04
C THR A 94 -0.34 -7.16 -0.87
N ALA A 95 0.76 -7.04 -0.16
CA ALA A 95 2.07 -7.16 -0.72
C ALA A 95 3.07 -7.49 0.39
N GLU A 96 4.17 -8.11 0.02
CA GLU A 96 5.19 -8.51 0.98
C GLU A 96 6.45 -7.69 0.86
N LEU A 97 7.07 -7.52 2.01
CA LEU A 97 8.34 -6.80 2.13
C LEU A 97 9.45 -7.77 2.46
N LYS A 98 10.51 -7.68 1.69
CA LYS A 98 11.68 -8.54 1.89
C LYS A 98 12.94 -7.71 1.96
N GLY A 99 13.88 -8.17 2.77
CA GLY A 99 15.14 -7.47 2.92
C GLY A 99 16.25 -8.13 2.11
N GLU A 100 16.77 -7.36 1.17
CA GLU A 100 17.84 -7.80 0.31
C GLU A 100 19.12 -7.92 1.12
N LEU A 101 19.89 -8.94 0.79
CA LEU A 101 21.16 -9.20 1.48
C LEU A 101 22.24 -8.21 1.04
N ARG A 102 23.10 -7.83 1.98
CA ARG A 102 24.18 -6.89 1.69
C ARG A 102 25.28 -7.59 0.89
N SER A 103 25.87 -6.87 -0.05
CA SER A 103 26.94 -7.44 -0.87
C SER A 103 28.24 -7.50 -0.08
N GLY A 104 29.18 -8.33 -0.54
CA GLY A 104 30.45 -8.46 0.15
C GLY A 104 30.33 -9.38 1.36
N CYS A 105 31.42 -9.52 2.11
CA CYS A 105 31.43 -10.39 3.28
C CYS A 105 30.44 -9.90 4.33
N GLY A 1 -30.08 6.49 -17.12
CA GLY A 1 -29.85 6.94 -15.71
C GLY A 1 -28.47 6.48 -15.24
N ILE A 2 -27.63 7.43 -14.84
CA ILE A 2 -26.28 7.13 -14.37
C ILE A 2 -26.17 7.37 -12.87
N ASP A 3 -25.65 6.38 -12.15
CA ASP A 3 -25.48 6.50 -10.71
C ASP A 3 -24.88 5.20 -10.14
N PRO A 4 -25.40 4.06 -10.51
CA PRO A 4 -24.88 2.75 -10.02
C PRO A 4 -23.37 2.60 -10.27
N PHE A 5 -22.94 3.11 -11.42
CA PHE A 5 -21.54 3.04 -11.80
C PHE A 5 -20.65 3.77 -10.78
N THR A 6 -21.07 4.96 -10.38
CA THR A 6 -20.30 5.73 -9.41
C THR A 6 -20.28 5.03 -8.05
N ALA A 7 -21.37 4.35 -7.73
CA ALA A 7 -21.48 3.65 -6.46
C ALA A 7 -20.84 2.27 -6.53
N GLU A 8 -20.40 1.90 -7.73
CA GLU A 8 -19.81 0.59 -7.92
C GLU A 8 -18.59 0.44 -7.00
N PRO A 9 -18.19 -0.78 -6.70
CA PRO A 9 -17.01 -1.03 -5.82
C PRO A 9 -15.73 -0.45 -6.37
N ILE A 10 -14.89 -0.01 -5.44
CA ILE A 10 -13.59 0.56 -5.74
C ILE A 10 -12.54 -0.49 -5.51
N GLN A 11 -11.65 -0.64 -6.48
CA GLN A 11 -10.59 -1.66 -6.40
C GLN A 11 -9.28 -1.09 -6.90
N PHE A 12 -8.18 -1.75 -6.56
CA PHE A 12 -6.87 -1.26 -7.01
C PHE A 12 -6.52 -1.95 -8.31
N THR A 13 -6.48 -1.19 -9.38
CA THR A 13 -6.16 -1.75 -10.66
C THR A 13 -4.70 -2.21 -10.69
N LYS A 14 -3.80 -1.37 -10.15
CA LYS A 14 -2.39 -1.71 -10.13
C LYS A 14 -2.11 -2.89 -9.21
N ARG A 15 -2.81 -2.92 -8.08
CA ARG A 15 -2.66 -4.01 -7.11
C ARG A 15 -1.20 -4.16 -6.65
N ILE A 16 -0.83 -3.43 -5.61
CA ILE A 16 0.55 -3.47 -5.07
C ILE A 16 1.13 -4.89 -5.07
N GLN A 17 2.44 -4.97 -5.25
CA GLN A 17 3.15 -6.26 -5.30
C GLN A 17 4.32 -6.30 -4.32
N ASN A 18 4.87 -7.50 -4.16
CA ASN A 18 5.98 -7.74 -3.24
C ASN A 18 7.22 -6.93 -3.61
N ILE A 19 7.87 -6.41 -2.58
CA ILE A 19 9.07 -5.57 -2.72
C ILE A 19 10.27 -6.13 -1.97
N VAL A 20 11.43 -6.16 -2.61
CA VAL A 20 12.65 -6.59 -1.92
C VAL A 20 13.53 -5.35 -1.87
N VAL A 21 13.97 -5.01 -0.65
CA VAL A 21 14.75 -3.81 -0.39
C VAL A 21 15.99 -4.01 0.45
N SER A 22 17.07 -3.36 0.05
CA SER A 22 18.31 -3.44 0.81
C SER A 22 18.06 -2.83 2.19
N GLU A 23 18.83 -3.24 3.17
CA GLU A 23 18.63 -2.78 4.53
C GLU A 23 18.77 -1.26 4.67
N HIS A 24 19.71 -0.67 3.95
CA HIS A 24 19.92 0.78 4.06
C HIS A 24 19.05 1.59 3.10
N GLN A 25 18.39 0.93 2.15
CA GLN A 25 17.55 1.63 1.18
C GLN A 25 16.13 1.84 1.70
N SER A 26 15.18 2.01 0.77
CA SER A 26 13.79 2.28 1.14
C SER A 26 12.84 1.49 0.26
N ALA A 27 11.60 1.31 0.71
CA ALA A 27 10.60 0.54 -0.03
C ALA A 27 9.40 1.38 -0.38
N THR A 28 8.91 1.22 -1.59
CA THR A 28 7.72 1.95 -2.05
C THR A 28 6.66 1.01 -2.56
N PHE A 29 5.46 1.14 -2.01
CA PHE A 29 4.33 0.36 -2.49
C PHE A 29 3.47 1.33 -3.26
N GLU A 30 3.31 1.08 -4.55
CA GLU A 30 2.53 1.96 -5.41
C GLU A 30 1.21 1.31 -5.78
N CYS A 31 0.16 2.12 -5.83
CA CYS A 31 -1.17 1.59 -6.18
C CYS A 31 -1.93 2.60 -7.03
N GLU A 32 -2.89 2.10 -7.79
CA GLU A 32 -3.76 2.91 -8.64
C GLU A 32 -5.18 2.48 -8.36
N VAL A 33 -6.12 3.41 -8.37
CA VAL A 33 -7.51 3.08 -8.07
C VAL A 33 -8.49 3.68 -9.07
N SER A 34 -9.67 3.09 -9.09
CA SER A 34 -10.75 3.51 -9.97
C SER A 34 -11.21 4.94 -9.69
N PHE A 35 -11.30 5.31 -8.40
CA PHE A 35 -11.77 6.65 -8.03
C PHE A 35 -10.65 7.48 -7.38
N ASP A 36 -10.70 8.79 -7.62
CA ASP A 36 -9.69 9.72 -7.10
C ASP A 36 -10.06 10.32 -5.74
N ASP A 37 -11.35 10.35 -5.47
CA ASP A 37 -11.86 10.96 -4.24
C ASP A 37 -11.77 9.99 -3.06
N ALA A 38 -11.27 8.79 -3.33
CA ALA A 38 -11.15 7.79 -2.28
C ALA A 38 -10.01 8.12 -1.32
N ILE A 39 -10.18 7.71 -0.07
CA ILE A 39 -9.21 7.95 0.97
C ILE A 39 -8.46 6.65 1.22
N VAL A 40 -7.13 6.71 1.24
CA VAL A 40 -6.33 5.51 1.37
C VAL A 40 -5.35 5.55 2.57
N THR A 41 -5.34 4.43 3.30
CA THR A 41 -4.50 4.24 4.48
C THR A 41 -3.72 2.93 4.33
N TRP A 42 -2.44 2.94 4.72
CA TRP A 42 -1.60 1.74 4.61
C TRP A 42 -1.52 1.04 5.96
N TYR A 43 -1.56 -0.30 5.91
CA TYR A 43 -1.49 -1.11 7.13
C TYR A 43 -0.38 -2.13 7.11
N LYS A 44 0.29 -2.23 8.24
CA LYS A 44 1.31 -3.25 8.44
C LYS A 44 0.79 -4.09 9.60
N GLY A 45 0.56 -5.38 9.38
CA GLY A 45 -0.01 -6.19 10.45
C GLY A 45 -1.21 -5.45 11.06
N PRO A 46 -1.51 -5.62 12.33
CA PRO A 46 -2.66 -4.90 13.00
C PRO A 46 -2.40 -3.39 13.15
N THR A 47 -1.13 -3.02 12.99
CA THR A 47 -0.66 -1.66 13.15
C THR A 47 -0.76 -0.86 11.86
N GLU A 48 -1.33 0.34 11.97
CA GLU A 48 -1.45 1.24 10.83
C GLU A 48 -0.18 2.06 10.73
N LEU A 49 0.17 2.45 9.50
CA LEU A 49 1.39 3.23 9.31
C LEU A 49 1.06 4.70 9.29
N THR A 50 1.82 5.45 10.07
CA THR A 50 1.65 6.89 10.16
C THR A 50 3.00 7.56 10.07
N GLU A 51 2.96 8.83 9.70
CA GLU A 51 4.17 9.60 9.54
C GLU A 51 4.84 9.90 10.87
N SER A 52 6.15 9.73 10.88
CA SER A 52 6.97 9.99 12.05
C SER A 52 8.41 10.08 11.59
N GLN A 53 8.61 10.85 10.53
CA GLN A 53 9.92 10.99 9.92
C GLN A 53 10.39 9.60 9.54
N LYS A 54 9.40 8.72 9.42
CA LYS A 54 9.62 7.32 9.05
C LYS A 54 8.89 6.95 7.75
N TYR A 55 7.56 7.17 7.70
CA TYR A 55 6.77 6.83 6.51
C TYR A 55 6.36 8.07 5.76
N ASN A 56 6.64 8.11 4.45
CA ASN A 56 6.22 9.25 3.61
C ASN A 56 5.03 8.87 2.76
N PHE A 57 3.90 9.53 3.01
CA PHE A 57 2.68 9.27 2.26
C PHE A 57 2.46 10.41 1.27
N ARG A 58 2.44 10.10 -0.03
CA ARG A 58 2.23 11.13 -1.05
C ARG A 58 1.01 10.78 -1.88
N ASN A 59 0.08 11.72 -2.02
CA ASN A 59 -1.12 11.48 -2.81
C ASN A 59 -1.09 12.34 -4.06
N ASP A 60 -1.12 11.70 -5.23
CA ASP A 60 -1.11 12.40 -6.49
C ASP A 60 -2.24 11.89 -7.38
N GLY A 61 -3.33 12.65 -7.44
CA GLY A 61 -4.46 12.24 -8.26
C GLY A 61 -4.95 10.86 -7.83
N ARG A 62 -5.19 10.00 -8.81
CA ARG A 62 -5.67 8.63 -8.53
C ARG A 62 -4.58 7.77 -7.88
N CYS A 63 -3.31 8.17 -8.06
CA CYS A 63 -2.20 7.38 -7.53
C CYS A 63 -1.78 7.85 -6.12
N HIS A 64 -1.50 6.86 -5.26
CA HIS A 64 -1.04 7.15 -3.89
C HIS A 64 0.23 6.35 -3.65
N TYR A 65 1.25 6.99 -3.06
CA TYR A 65 2.53 6.34 -2.81
C TYR A 65 2.86 6.32 -1.32
N MET A 66 3.47 5.24 -0.87
CA MET A 66 3.94 5.11 0.51
C MET A 66 5.39 4.67 0.46
N THR A 67 6.27 5.43 1.11
CA THR A 67 7.70 5.10 1.11
C THR A 67 8.20 4.86 2.52
N ILE A 68 8.88 3.74 2.71
CA ILE A 68 9.41 3.37 4.01
C ILE A 68 10.94 3.53 3.96
N HIS A 69 11.50 4.27 4.90
CA HIS A 69 12.95 4.51 4.92
C HIS A 69 13.64 3.67 6.00
N ASN A 70 14.80 3.12 5.65
CA ASN A 70 15.57 2.29 6.58
C ASN A 70 14.80 1.02 6.90
N VAL A 71 14.87 0.07 5.99
CA VAL A 71 14.17 -1.20 6.15
C VAL A 71 15.07 -2.21 6.83
N THR A 72 14.55 -2.85 7.87
CA THR A 72 15.29 -3.84 8.63
C THR A 72 14.75 -5.25 8.35
N PRO A 73 15.53 -6.29 8.58
CA PRO A 73 15.02 -7.67 8.38
C PRO A 73 13.75 -7.88 9.20
N ASP A 74 13.75 -7.23 10.36
CA ASP A 74 12.64 -7.27 11.28
C ASP A 74 11.40 -6.65 10.66
N ASP A 75 11.61 -5.57 9.93
CA ASP A 75 10.54 -4.83 9.29
C ASP A 75 9.90 -5.64 8.16
N GLU A 76 10.60 -6.67 7.68
CA GLU A 76 10.04 -7.49 6.62
C GLU A 76 8.70 -8.04 7.10
N GLY A 77 7.73 -8.05 6.22
CA GLY A 77 6.40 -8.54 6.61
C GLY A 77 5.38 -8.32 5.50
N VAL A 78 4.16 -7.95 5.90
CA VAL A 78 3.08 -7.73 4.94
C VAL A 78 2.54 -6.30 5.06
N TYR A 79 2.44 -5.66 3.89
CA TYR A 79 1.93 -4.30 3.80
C TYR A 79 0.64 -4.30 2.99
N SER A 80 -0.37 -3.58 3.46
CA SER A 80 -1.65 -3.54 2.76
C SER A 80 -2.10 -2.12 2.54
N VAL A 81 -2.89 -1.92 1.51
CA VAL A 81 -3.43 -0.61 1.19
C VAL A 81 -4.93 -0.74 1.10
N ILE A 82 -5.62 0.16 1.77
CA ILE A 82 -7.09 0.12 1.78
C ILE A 82 -7.67 1.42 1.29
N ALA A 83 -8.58 1.34 0.33
CA ALA A 83 -9.24 2.52 -0.19
C ALA A 83 -10.69 2.47 0.27
N ARG A 84 -11.18 3.54 0.89
CA ARG A 84 -12.56 3.54 1.39
C ARG A 84 -13.27 4.88 1.24
N LEU A 85 -14.56 4.74 0.97
CA LEU A 85 -15.50 5.85 0.80
C LEU A 85 -16.78 5.34 1.43
N GLU A 86 -17.79 6.18 1.60
CA GLU A 86 -19.05 5.68 2.20
C GLU A 86 -19.39 4.34 1.52
N PRO A 87 -20.34 3.58 1.97
CA PRO A 87 -20.54 2.25 1.36
C PRO A 87 -20.73 2.29 -0.16
N ARG A 88 -19.74 1.70 -0.84
CA ARG A 88 -19.72 1.59 -2.29
C ARG A 88 -19.12 0.25 -2.69
N GLY A 89 -18.54 -0.45 -1.69
CA GLY A 89 -17.85 -1.71 -1.91
C GLY A 89 -16.33 -1.51 -1.75
N GLU A 90 -15.88 -1.53 -0.48
CA GLU A 90 -14.47 -1.31 -0.11
C GLU A 90 -13.55 -2.42 -0.63
N ALA A 91 -12.28 -2.04 -0.84
CA ALA A 91 -11.25 -2.98 -1.36
C ALA A 91 -10.02 -3.05 -0.45
N ARG A 92 -9.41 -4.25 -0.39
CA ARG A 92 -8.19 -4.44 0.40
C ARG A 92 -7.15 -5.14 -0.50
N SER A 93 -5.90 -4.72 -0.41
CA SER A 93 -4.81 -5.34 -1.20
C SER A 93 -3.59 -5.62 -0.35
N THR A 94 -2.79 -6.61 -0.77
CA THR A 94 -1.57 -6.98 -0.02
C THR A 94 -0.33 -7.09 -0.88
N ALA A 95 0.76 -7.01 -0.16
CA ALA A 95 2.10 -7.12 -0.71
C ALA A 95 3.06 -7.48 0.40
N GLU A 96 4.17 -8.09 0.03
CA GLU A 96 5.18 -8.50 1.01
C GLU A 96 6.45 -7.71 0.88
N LEU A 97 7.07 -7.49 2.03
CA LEU A 97 8.33 -6.76 2.13
C LEU A 97 9.44 -7.74 2.48
N LYS A 98 10.52 -7.66 1.71
CA LYS A 98 11.69 -8.51 1.92
C LYS A 98 12.94 -7.68 1.99
N GLY A 99 13.88 -8.12 2.82
CA GLY A 99 15.14 -7.41 2.96
C GLY A 99 16.24 -8.07 2.17
N GLU A 100 16.76 -7.32 1.21
CA GLU A 100 17.83 -7.77 0.38
C GLU A 100 19.13 -7.84 1.18
N LEU A 101 19.88 -8.90 0.93
CA LEU A 101 21.15 -9.13 1.62
C LEU A 101 22.22 -8.16 1.11
N ARG A 102 23.10 -7.74 2.01
CA ARG A 102 24.16 -6.81 1.63
C ARG A 102 25.23 -7.51 0.80
N SER A 103 25.80 -6.79 -0.14
CA SER A 103 26.84 -7.33 -1.01
C SER A 103 28.10 -7.67 -0.20
N GLY A 104 28.75 -8.76 -0.57
CA GLY A 104 29.98 -9.17 0.11
C GLY A 104 29.67 -9.92 1.40
N CYS A 105 28.41 -10.33 1.57
CA CYS A 105 28.01 -11.05 2.77
C CYS A 105 28.66 -12.44 2.81
N GLY A 1 -28.26 5.86 -20.57
CA GLY A 1 -27.53 4.56 -20.65
C GLY A 1 -27.84 3.72 -19.42
N ILE A 2 -26.86 2.92 -19.00
CA ILE A 2 -27.02 2.05 -17.83
C ILE A 2 -26.14 2.56 -16.68
N ASP A 3 -26.76 2.74 -15.51
CA ASP A 3 -26.06 3.24 -14.32
C ASP A 3 -24.70 2.52 -14.17
N PRO A 4 -23.91 2.84 -13.16
CA PRO A 4 -22.59 2.18 -12.92
C PRO A 4 -22.70 0.69 -12.64
N PHE A 5 -21.68 -0.07 -13.06
CA PHE A 5 -21.67 -1.52 -12.85
C PHE A 5 -20.77 -1.86 -11.67
N THR A 6 -21.35 -2.51 -10.66
CA THR A 6 -20.61 -2.89 -9.47
C THR A 6 -19.55 -3.93 -9.83
N ALA A 7 -19.85 -4.77 -10.81
CA ALA A 7 -18.94 -5.82 -11.24
C ALA A 7 -17.74 -5.24 -11.97
N GLU A 8 -17.82 -3.95 -12.27
CA GLU A 8 -16.73 -3.31 -12.98
C GLU A 8 -15.44 -3.48 -12.18
N PRO A 9 -14.30 -3.49 -12.84
CA PRO A 9 -13.00 -3.66 -12.15
C PRO A 9 -12.73 -2.54 -11.14
N ILE A 10 -12.06 -2.93 -10.07
CA ILE A 10 -11.69 -2.02 -9.00
C ILE A 10 -10.30 -1.47 -9.25
N GLN A 11 -10.15 -0.17 -9.06
CA GLN A 11 -8.87 0.49 -9.28
C GLN A 11 -8.59 1.43 -8.12
N PHE A 12 -7.32 1.79 -7.93
CA PHE A 12 -6.97 2.67 -6.83
C PHE A 12 -6.95 4.09 -7.32
N THR A 13 -7.87 4.89 -6.82
CA THR A 13 -7.93 6.27 -7.22
C THR A 13 -6.72 7.03 -6.70
N LYS A 14 -6.38 6.81 -5.42
CA LYS A 14 -5.24 7.48 -4.83
C LYS A 14 -3.92 7.03 -5.43
N ARG A 15 -3.82 5.74 -5.71
CA ARG A 15 -2.61 5.18 -6.30
C ARG A 15 -1.37 5.49 -5.46
N ILE A 16 -1.09 4.61 -4.49
CA ILE A 16 0.06 4.79 -3.60
C ILE A 16 1.28 5.35 -4.32
N GLN A 17 2.07 6.13 -3.58
CA GLN A 17 3.28 6.76 -4.11
C GLN A 17 4.52 6.37 -3.30
N ASN A 18 5.67 6.73 -3.83
CA ASN A 18 6.96 6.42 -3.24
C ASN A 18 7.12 7.09 -1.87
N ILE A 19 7.75 6.36 -0.94
CA ILE A 19 7.95 6.83 0.43
C ILE A 19 9.43 6.81 0.85
N VAL A 20 9.89 7.89 1.46
CA VAL A 20 11.26 7.92 1.98
C VAL A 20 11.12 8.00 3.49
N VAL A 21 11.77 7.08 4.17
CA VAL A 21 11.67 6.94 5.63
C VAL A 21 13.00 6.79 6.36
N SER A 22 13.11 7.48 7.48
CA SER A 22 14.30 7.41 8.31
C SER A 22 14.45 6.00 8.84
N GLU A 23 15.66 5.60 9.16
CA GLU A 23 15.92 4.24 9.59
C GLU A 23 15.11 3.85 10.82
N HIS A 24 14.98 4.75 11.78
CA HIS A 24 14.25 4.45 13.01
C HIS A 24 12.75 4.74 12.93
N GLN A 25 12.30 5.42 11.88
CA GLN A 25 10.88 5.75 11.75
C GLN A 25 10.08 4.60 11.12
N SER A 26 8.95 4.94 10.52
CA SER A 26 8.06 3.94 9.91
C SER A 26 7.52 4.47 8.59
N ALA A 27 7.04 3.56 7.74
CA ALA A 27 6.51 3.95 6.42
C ALA A 27 5.05 3.53 6.27
N THR A 28 4.24 4.41 5.70
CA THR A 28 2.83 4.13 5.46
C THR A 28 2.46 4.32 4.00
N PHE A 29 1.85 3.29 3.41
CA PHE A 29 1.36 3.39 2.05
C PHE A 29 -0.15 3.47 2.16
N GLU A 30 -0.72 4.59 1.74
CA GLU A 30 -2.16 4.78 1.84
C GLU A 30 -2.80 4.67 0.46
N CYS A 31 -3.98 4.08 0.40
CA CYS A 31 -4.69 3.92 -0.87
C CYS A 31 -6.20 4.12 -0.69
N GLU A 32 -6.84 4.46 -1.80
CA GLU A 32 -8.29 4.64 -1.84
C GLU A 32 -8.81 3.82 -3.00
N VAL A 33 -10.00 3.23 -2.86
CA VAL A 33 -10.54 2.38 -3.92
C VAL A 33 -12.00 2.69 -4.25
N SER A 34 -12.38 2.23 -5.43
CA SER A 34 -13.74 2.41 -5.93
C SER A 34 -14.77 1.75 -5.02
N PHE A 35 -14.47 0.54 -4.51
CA PHE A 35 -15.42 -0.18 -3.64
C PHE A 35 -14.78 -0.54 -2.30
N ASP A 36 -15.61 -0.57 -1.25
CA ASP A 36 -15.15 -0.89 0.10
C ASP A 36 -15.25 -2.37 0.41
N ASP A 37 -16.11 -3.03 -0.35
CA ASP A 37 -16.36 -4.46 -0.17
C ASP A 37 -15.15 -5.29 -0.62
N ALA A 38 -14.20 -4.62 -1.26
CA ALA A 38 -13.02 -5.30 -1.76
C ALA A 38 -12.04 -5.65 -0.65
N ILE A 39 -11.32 -6.76 -0.85
CA ILE A 39 -10.34 -7.26 0.08
C ILE A 39 -8.96 -6.89 -0.44
N VAL A 40 -8.13 -6.29 0.42
CA VAL A 40 -6.82 -5.80 -0.03
C VAL A 40 -5.64 -6.41 0.74
N THR A 41 -4.64 -6.84 -0.04
CA THR A 41 -3.41 -7.45 0.48
C THR A 41 -2.19 -6.70 -0.01
N TRP A 42 -1.23 -6.46 0.88
CA TRP A 42 -0.01 -5.72 0.53
C TRP A 42 1.12 -6.68 0.22
N TYR A 43 1.90 -6.34 -0.80
CA TYR A 43 3.02 -7.17 -1.23
C TYR A 43 4.35 -6.43 -1.28
N LYS A 44 5.38 -7.14 -0.86
CA LYS A 44 6.74 -6.64 -0.91
C LYS A 44 7.52 -7.64 -1.74
N GLY A 45 7.63 -7.39 -3.04
CA GLY A 45 8.29 -8.33 -3.91
C GLY A 45 7.41 -9.60 -3.97
N PRO A 46 8.00 -10.74 -4.15
CA PRO A 46 7.22 -12.01 -4.19
C PRO A 46 6.60 -12.34 -2.82
N THR A 47 7.15 -11.73 -1.78
CA THR A 47 6.72 -11.95 -0.42
C THR A 47 5.54 -11.05 -0.03
N GLU A 48 4.51 -11.67 0.54
CA GLU A 48 3.34 -10.95 1.01
C GLU A 48 3.60 -10.49 2.43
N LEU A 49 2.99 -9.37 2.81
CA LEU A 49 3.19 -8.83 4.16
C LEU A 49 2.07 -9.26 5.08
N THR A 50 2.47 -9.75 6.23
CA THR A 50 1.53 -10.19 7.26
C THR A 50 1.93 -9.63 8.60
N GLU A 51 0.96 -9.57 9.50
CA GLU A 51 1.21 -9.02 10.81
C GLU A 51 2.06 -9.97 11.65
N SER A 52 3.04 -9.37 12.33
CA SER A 52 3.93 -10.10 13.21
C SER A 52 4.67 -9.09 14.07
N GLN A 53 3.90 -8.24 14.74
CA GLN A 53 4.48 -7.18 15.55
C GLN A 53 5.42 -6.36 14.68
N LYS A 54 5.15 -6.41 13.37
CA LYS A 54 5.97 -5.68 12.39
C LYS A 54 5.10 -4.81 11.47
N TYR A 55 4.11 -5.41 10.79
CA TYR A 55 3.26 -4.65 9.86
C TYR A 55 1.89 -4.41 10.48
N ASN A 56 1.43 -3.15 10.49
CA ASN A 56 0.11 -2.82 11.02
C ASN A 56 -0.86 -2.55 9.88
N PHE A 57 -1.87 -3.40 9.73
CA PHE A 57 -2.86 -3.23 8.67
C PHE A 57 -4.15 -2.66 9.26
N ARG A 58 -4.56 -1.48 8.79
CA ARG A 58 -5.81 -0.86 9.29
C ARG A 58 -6.75 -0.59 8.13
N ASN A 59 -8.00 -1.03 8.28
CA ASN A 59 -9.00 -0.82 7.24
C ASN A 59 -10.09 0.12 7.74
N ASP A 60 -10.27 1.24 7.04
CA ASP A 60 -11.28 2.21 7.41
C ASP A 60 -12.11 2.59 6.20
N GLY A 61 -13.29 2.00 6.08
CA GLY A 61 -14.16 2.29 4.95
C GLY A 61 -13.45 1.98 3.64
N ARG A 62 -13.55 2.91 2.70
CA ARG A 62 -12.93 2.75 1.39
C ARG A 62 -11.40 2.83 1.49
N CYS A 63 -10.90 3.45 2.56
CA CYS A 63 -9.44 3.62 2.72
C CYS A 63 -8.83 2.47 3.50
N HIS A 64 -7.62 2.08 3.10
CA HIS A 64 -6.87 1.02 3.77
C HIS A 64 -5.43 1.51 3.99
N TYR A 65 -4.90 1.31 5.19
CA TYR A 65 -3.55 1.78 5.50
C TYR A 65 -2.65 0.63 5.91
N MET A 66 -1.40 0.68 5.47
CA MET A 66 -0.41 -0.32 5.85
C MET A 66 0.81 0.40 6.37
N THR A 67 1.27 0.04 7.56
CA THR A 67 2.41 0.71 8.18
C THR A 67 3.53 -0.26 8.50
N ILE A 68 4.74 0.11 8.09
CA ILE A 68 5.93 -0.70 8.31
C ILE A 68 6.74 -0.02 9.39
N HIS A 69 7.11 -0.76 10.44
CA HIS A 69 7.86 -0.17 11.56
C HIS A 69 9.32 -0.59 11.54
N ASN A 70 10.21 0.35 11.87
CA ASN A 70 11.64 0.08 11.90
C ASN A 70 12.13 -0.29 10.50
N VAL A 71 12.32 0.72 9.67
CA VAL A 71 12.76 0.51 8.30
C VAL A 71 14.27 0.53 8.21
N THR A 72 14.82 -0.50 7.58
CA THR A 72 16.26 -0.62 7.38
C THR A 72 16.59 -0.38 5.91
N PRO A 73 17.82 -0.14 5.53
CA PRO A 73 18.14 0.09 4.10
C PRO A 73 17.84 -1.18 3.30
N ASP A 74 17.88 -2.29 4.00
CA ASP A 74 17.58 -3.60 3.40
C ASP A 74 16.12 -3.65 2.97
N ASP A 75 15.27 -3.05 3.80
CA ASP A 75 13.84 -3.05 3.56
C ASP A 75 13.47 -2.19 2.35
N GLU A 76 14.36 -1.31 1.92
CA GLU A 76 14.05 -0.47 0.77
C GLU A 76 13.74 -1.38 -0.40
N GLY A 77 12.72 -1.03 -1.16
CA GLY A 77 12.34 -1.85 -2.30
C GLY A 77 11.03 -1.38 -2.89
N VAL A 78 10.21 -2.34 -3.34
CA VAL A 78 8.93 -2.02 -3.94
C VAL A 78 7.79 -2.64 -3.15
N TYR A 79 6.80 -1.81 -2.87
CA TYR A 79 5.60 -2.21 -2.14
C TYR A 79 4.40 -2.04 -3.05
N SER A 80 3.46 -2.97 -2.99
CA SER A 80 2.27 -2.88 -3.83
C SER A 80 1.04 -3.27 -3.05
N VAL A 81 -0.09 -2.78 -3.53
CA VAL A 81 -1.38 -3.06 -2.89
C VAL A 81 -2.31 -3.58 -3.96
N ILE A 82 -2.98 -4.68 -3.66
CA ILE A 82 -3.90 -5.29 -4.61
C ILE A 82 -5.29 -5.42 -4.02
N ALA A 83 -6.27 -4.94 -4.76
CA ALA A 83 -7.67 -5.03 -4.34
C ALA A 83 -8.36 -6.00 -5.26
N ARG A 84 -9.00 -7.04 -4.70
CA ARG A 84 -9.64 -8.04 -5.56
C ARG A 84 -10.96 -8.58 -5.03
N LEU A 85 -11.87 -8.77 -5.96
CA LEU A 85 -13.18 -9.36 -5.73
C LEU A 85 -13.56 -10.00 -7.06
N GLU A 86 -13.65 -11.32 -7.12
CA GLU A 86 -13.94 -11.97 -8.40
C GLU A 86 -15.41 -12.38 -8.53
N PRO A 87 -15.96 -12.39 -9.74
CA PRO A 87 -15.28 -11.93 -11.01
C PRO A 87 -15.45 -10.41 -11.23
N ARG A 88 -14.36 -9.60 -11.15
CA ARG A 88 -14.51 -8.16 -11.42
C ARG A 88 -13.28 -7.59 -12.16
N GLY A 89 -12.08 -8.13 -11.89
CA GLY A 89 -10.86 -7.62 -12.51
C GLY A 89 -10.04 -6.79 -11.50
N GLU A 90 -9.27 -7.48 -10.66
CA GLU A 90 -8.46 -6.82 -9.63
C GLU A 90 -7.40 -5.89 -10.19
N ALA A 91 -7.06 -4.90 -9.38
CA ALA A 91 -6.08 -3.86 -9.74
C ALA A 91 -4.78 -4.03 -8.96
N ARG A 92 -3.67 -3.59 -9.56
CA ARG A 92 -2.37 -3.64 -8.91
C ARG A 92 -1.73 -2.26 -8.94
N SER A 93 -1.11 -1.86 -7.84
CA SER A 93 -0.44 -0.55 -7.76
C SER A 93 0.93 -0.72 -7.11
N THR A 94 1.86 0.18 -7.46
CA THR A 94 3.22 0.13 -6.90
C THR A 94 3.72 1.44 -6.35
N ALA A 95 4.70 1.29 -5.50
CA ALA A 95 5.38 2.38 -4.85
C ALA A 95 6.73 1.90 -4.34
N GLU A 96 7.67 2.82 -4.19
CA GLU A 96 9.01 2.49 -3.73
C GLU A 96 9.30 3.03 -2.36
N LEU A 97 10.06 2.23 -1.63
CA LEU A 97 10.49 2.56 -0.28
C LEU A 97 11.96 2.95 -0.29
N LYS A 98 12.24 4.07 0.33
CA LYS A 98 13.61 4.58 0.40
C LYS A 98 13.97 4.91 1.83
N GLY A 99 15.23 4.67 2.19
CA GLY A 99 15.68 4.94 3.54
C GLY A 99 16.44 6.25 3.63
N GLU A 100 15.86 7.17 4.37
CA GLU A 100 16.43 8.47 4.60
C GLU A 100 17.64 8.35 5.52
N LEU A 101 18.68 9.09 5.20
CA LEU A 101 19.90 9.06 5.98
C LEU A 101 19.71 9.83 7.29
N ARG A 102 20.29 9.32 8.36
CA ARG A 102 20.17 9.96 9.67
C ARG A 102 20.92 11.29 9.67
N SER A 103 20.28 12.33 10.21
CA SER A 103 20.90 13.65 10.27
C SER A 103 22.10 13.64 11.20
N GLY A 104 23.13 14.39 10.84
CA GLY A 104 24.34 14.46 11.66
C GLY A 104 24.03 15.06 13.03
N CYS A 105 23.16 16.05 13.05
CA CYS A 105 22.79 16.71 14.31
C CYS A 105 22.17 15.70 15.28
N GLY A 1 -28.59 6.53 -21.94
CA GLY A 1 -28.42 6.63 -20.46
C GLY A 1 -27.94 5.30 -19.91
N ILE A 2 -26.69 5.28 -19.45
CA ILE A 2 -26.10 4.07 -18.88
C ILE A 2 -25.84 4.25 -17.38
N ASP A 3 -26.33 3.30 -16.58
CA ASP A 3 -26.16 3.38 -15.13
C ASP A 3 -24.82 2.78 -14.71
N PRO A 4 -24.27 3.15 -13.56
CA PRO A 4 -22.96 2.57 -13.11
C PRO A 4 -23.05 1.05 -12.92
N PHE A 5 -21.95 0.35 -13.22
CA PHE A 5 -21.91 -1.11 -13.06
C PHE A 5 -21.12 -1.47 -11.81
N THR A 6 -21.77 -2.17 -10.90
CA THR A 6 -21.14 -2.58 -9.65
C THR A 6 -20.04 -3.60 -9.92
N ALA A 7 -20.24 -4.40 -10.96
CA ALA A 7 -19.28 -5.43 -11.34
C ALA A 7 -18.10 -4.83 -12.08
N GLU A 8 -18.11 -3.52 -12.26
CA GLU A 8 -17.05 -2.85 -12.97
C GLU A 8 -15.72 -3.10 -12.25
N PRO A 9 -14.60 -3.11 -12.96
CA PRO A 9 -13.29 -3.33 -12.32
C PRO A 9 -12.96 -2.26 -11.29
N ILE A 10 -12.27 -2.70 -10.24
CA ILE A 10 -11.86 -1.86 -9.14
C ILE A 10 -10.45 -1.34 -9.38
N GLN A 11 -10.25 -0.06 -9.15
CA GLN A 11 -8.93 0.55 -9.34
C GLN A 11 -8.63 1.48 -8.16
N PHE A 12 -7.36 1.80 -7.96
CA PHE A 12 -6.99 2.67 -6.85
C PHE A 12 -6.96 4.11 -7.32
N THR A 13 -7.89 4.89 -6.81
CA THR A 13 -7.95 6.29 -7.18
C THR A 13 -6.74 7.06 -6.65
N LYS A 14 -6.40 6.80 -5.38
CA LYS A 14 -5.27 7.48 -4.76
C LYS A 14 -3.94 7.09 -5.38
N ARG A 15 -3.81 5.80 -5.69
CA ARG A 15 -2.56 5.28 -6.28
C ARG A 15 -1.33 5.57 -5.43
N ILE A 16 -1.06 4.67 -4.49
CA ILE A 16 0.10 4.82 -3.59
C ILE A 16 1.33 5.34 -4.32
N GLN A 17 2.14 6.11 -3.59
CA GLN A 17 3.36 6.70 -4.13
C GLN A 17 4.58 6.34 -3.29
N ASN A 18 5.75 6.64 -3.83
CA ASN A 18 7.02 6.35 -3.18
C ASN A 18 7.16 7.07 -1.84
N ILE A 19 7.75 6.35 -0.89
CA ILE A 19 7.95 6.83 0.47
C ILE A 19 9.41 6.82 0.88
N VAL A 20 9.89 7.91 1.49
CA VAL A 20 11.25 7.94 2.00
C VAL A 20 11.11 8.02 3.52
N VAL A 21 11.76 7.09 4.20
CA VAL A 21 11.66 6.95 5.67
C VAL A 21 12.99 6.82 6.39
N SER A 22 13.09 7.51 7.51
CA SER A 22 14.28 7.44 8.35
C SER A 22 14.42 6.03 8.87
N GLU A 23 15.65 5.63 9.16
CA GLU A 23 15.92 4.27 9.58
C GLU A 23 15.14 3.88 10.83
N HIS A 24 15.00 4.79 11.77
CA HIS A 24 14.29 4.49 13.03
C HIS A 24 12.78 4.76 12.95
N GLN A 25 12.32 5.44 11.90
CA GLN A 25 10.89 5.76 11.79
C GLN A 25 10.09 4.61 11.18
N SER A 26 8.95 4.95 10.57
CA SER A 26 8.06 3.96 9.97
C SER A 26 7.51 4.49 8.64
N ALA A 27 7.03 3.58 7.80
CA ALA A 27 6.50 3.96 6.48
C ALA A 27 5.05 3.55 6.33
N THR A 28 4.25 4.43 5.74
CA THR A 28 2.83 4.13 5.51
C THR A 28 2.46 4.32 4.04
N PHE A 29 1.86 3.29 3.46
CA PHE A 29 1.38 3.39 2.09
C PHE A 29 -0.13 3.47 2.19
N GLU A 30 -0.67 4.59 1.76
CA GLU A 30 -2.11 4.81 1.82
C GLU A 30 -2.72 4.68 0.44
N CYS A 31 -3.91 4.09 0.39
CA CYS A 31 -4.62 3.91 -0.88
C CYS A 31 -6.13 4.10 -0.69
N GLU A 32 -6.79 4.41 -1.78
CA GLU A 32 -8.24 4.58 -1.81
C GLU A 32 -8.77 3.78 -2.98
N VAL A 33 -9.94 3.18 -2.84
CA VAL A 33 -10.51 2.36 -3.91
C VAL A 33 -11.96 2.70 -4.19
N SER A 34 -12.39 2.28 -5.37
CA SER A 34 -13.76 2.49 -5.84
C SER A 34 -14.78 1.79 -4.94
N PHE A 35 -14.46 0.57 -4.47
CA PHE A 35 -15.40 -0.18 -3.62
C PHE A 35 -14.72 -0.57 -2.29
N ASP A 36 -15.55 -0.64 -1.24
CA ASP A 36 -15.07 -0.98 0.10
C ASP A 36 -15.15 -2.47 0.37
N ASP A 37 -16.07 -3.11 -0.32
CA ASP A 37 -16.32 -4.54 -0.15
C ASP A 37 -15.10 -5.34 -0.63
N ALA A 38 -14.16 -4.65 -1.25
CA ALA A 38 -12.96 -5.30 -1.76
C ALA A 38 -12.00 -5.68 -0.64
N ILE A 39 -11.26 -6.77 -0.85
CA ILE A 39 -10.29 -7.27 0.10
C ILE A 39 -8.91 -6.91 -0.42
N VAL A 40 -8.07 -6.31 0.44
CA VAL A 40 -6.76 -5.84 0.00
C VAL A 40 -5.59 -6.44 0.78
N THR A 41 -4.58 -6.87 0.00
CA THR A 41 -3.35 -7.46 0.52
C THR A 41 -2.13 -6.71 -0.01
N TRP A 42 -1.15 -6.46 0.85
CA TRP A 42 0.06 -5.75 0.44
C TRP A 42 1.18 -6.72 0.15
N TYR A 43 1.97 -6.41 -0.88
CA TYR A 43 3.08 -7.26 -1.29
C TYR A 43 4.41 -6.53 -1.35
N LYS A 44 5.43 -7.24 -0.91
CA LYS A 44 6.80 -6.74 -0.98
C LYS A 44 7.57 -7.79 -1.77
N GLY A 45 7.71 -7.57 -3.06
CA GLY A 45 8.37 -8.57 -3.89
C GLY A 45 7.48 -9.83 -3.89
N PRO A 46 8.07 -10.99 -4.03
CA PRO A 46 7.29 -12.26 -4.02
C PRO A 46 6.68 -12.53 -2.64
N THR A 47 7.23 -11.88 -1.62
CA THR A 47 6.79 -12.03 -0.25
C THR A 47 5.61 -11.12 0.07
N GLU A 48 4.58 -11.71 0.67
CA GLU A 48 3.40 -10.98 1.10
C GLU A 48 3.65 -10.44 2.51
N LEU A 49 3.04 -9.32 2.85
CA LEU A 49 3.24 -8.74 4.17
C LEU A 49 2.12 -9.16 5.09
N THR A 50 2.51 -9.63 6.27
CA THR A 50 1.57 -10.06 7.28
C THR A 50 1.97 -9.48 8.63
N GLU A 51 1.00 -9.39 9.51
CA GLU A 51 1.24 -8.82 10.82
C GLU A 51 2.05 -9.75 11.70
N SER A 52 3.03 -9.17 12.38
CA SER A 52 3.89 -9.89 13.31
C SER A 52 4.64 -8.87 14.15
N GLN A 53 3.89 -8.03 14.85
CA GLN A 53 4.50 -6.98 15.66
C GLN A 53 5.46 -6.22 14.76
N LYS A 54 5.16 -6.26 13.46
CA LYS A 54 5.98 -5.60 12.44
C LYS A 54 5.12 -4.77 11.47
N TYR A 55 4.13 -5.40 10.83
CA TYR A 55 3.28 -4.67 9.87
C TYR A 55 1.90 -4.42 10.49
N ASN A 56 1.43 -3.17 10.46
CA ASN A 56 0.10 -2.84 10.99
C ASN A 56 -0.86 -2.53 9.85
N PHE A 57 -1.88 -3.37 9.70
CA PHE A 57 -2.88 -3.17 8.64
C PHE A 57 -4.16 -2.61 9.26
N ARG A 58 -4.57 -1.41 8.84
CA ARG A 58 -5.81 -0.80 9.39
C ARG A 58 -6.78 -0.47 8.27
N ASN A 59 -8.01 -0.93 8.43
CA ASN A 59 -9.06 -0.68 7.44
C ASN A 59 -10.03 0.40 7.93
N ASP A 60 -10.42 1.28 7.02
CA ASP A 60 -11.35 2.36 7.33
C ASP A 60 -12.23 2.62 6.13
N GLY A 61 -13.31 1.85 5.99
CA GLY A 61 -14.19 2.03 4.85
C GLY A 61 -13.43 1.76 3.56
N ARG A 62 -13.56 2.67 2.62
CA ARG A 62 -12.88 2.55 1.32
C ARG A 62 -11.36 2.69 1.48
N CYS A 63 -10.94 3.32 2.59
CA CYS A 63 -9.52 3.54 2.84
C CYS A 63 -8.86 2.37 3.55
N HIS A 64 -7.65 2.03 3.12
CA HIS A 64 -6.87 0.95 3.73
C HIS A 64 -5.45 1.45 3.99
N TYR A 65 -4.91 1.18 5.17
CA TYR A 65 -3.56 1.66 5.51
C TYR A 65 -2.63 0.52 5.91
N MET A 66 -1.37 0.64 5.52
CA MET A 66 -0.35 -0.33 5.90
C MET A 66 0.83 0.44 6.46
N THR A 67 1.27 0.07 7.66
CA THR A 67 2.40 0.76 8.29
C THR A 67 3.52 -0.23 8.61
N ILE A 68 4.73 0.14 8.19
CA ILE A 68 5.91 -0.68 8.41
C ILE A 68 6.74 0.01 9.48
N HIS A 69 7.13 -0.71 10.52
CA HIS A 69 7.89 -0.10 11.62
C HIS A 69 9.35 -0.54 11.59
N ASN A 70 10.25 0.40 11.89
CA ASN A 70 11.68 0.12 11.89
C ASN A 70 12.15 -0.27 10.50
N VAL A 71 12.34 0.74 9.66
CA VAL A 71 12.74 0.52 8.29
C VAL A 71 14.26 0.53 8.18
N THR A 72 14.81 -0.50 7.54
CA THR A 72 16.25 -0.61 7.34
C THR A 72 16.57 -0.37 5.86
N PRO A 73 17.80 -0.08 5.50
CA PRO A 73 18.13 0.16 4.08
C PRO A 73 17.89 -1.11 3.26
N ASP A 74 17.95 -2.25 3.94
CA ASP A 74 17.72 -3.54 3.30
C ASP A 74 16.28 -3.63 2.82
N ASP A 75 15.39 -3.10 3.66
CA ASP A 75 13.96 -3.14 3.39
C ASP A 75 13.55 -2.26 2.22
N GLU A 76 14.41 -1.33 1.81
CA GLU A 76 14.05 -0.46 0.70
C GLU A 76 13.73 -1.34 -0.50
N GLY A 77 12.69 -1.00 -1.22
CA GLY A 77 12.30 -1.80 -2.38
C GLY A 77 10.98 -1.32 -2.95
N VAL A 78 10.17 -2.28 -3.39
CA VAL A 78 8.88 -1.98 -4.00
C VAL A 78 7.76 -2.63 -3.20
N TYR A 79 6.76 -1.82 -2.89
CA TYR A 79 5.58 -2.25 -2.15
C TYR A 79 4.37 -2.13 -3.06
N SER A 80 3.50 -3.13 -3.04
CA SER A 80 2.31 -3.09 -3.89
C SER A 80 1.07 -3.40 -3.08
N VAL A 81 -0.05 -2.88 -3.55
CA VAL A 81 -1.34 -3.13 -2.89
C VAL A 81 -2.27 -3.66 -3.94
N ILE A 82 -2.93 -4.76 -3.62
CA ILE A 82 -3.84 -5.37 -4.57
C ILE A 82 -5.23 -5.51 -3.99
N ALA A 83 -6.22 -5.02 -4.73
CA ALA A 83 -7.61 -5.11 -4.32
C ALA A 83 -8.31 -6.05 -5.29
N ARG A 84 -8.97 -7.10 -4.79
CA ARG A 84 -9.62 -8.05 -5.72
C ARG A 84 -10.95 -8.60 -5.23
N LEU A 85 -11.85 -8.73 -6.20
CA LEU A 85 -13.17 -9.30 -6.01
C LEU A 85 -13.56 -9.88 -7.37
N GLU A 86 -13.67 -11.20 -7.48
CA GLU A 86 -13.99 -11.80 -8.78
C GLU A 86 -15.46 -12.25 -8.87
N PRO A 87 -16.05 -12.23 -10.05
CA PRO A 87 -15.45 -11.71 -11.33
C PRO A 87 -15.67 -10.19 -11.50
N ARG A 88 -14.63 -9.36 -11.44
CA ARG A 88 -14.81 -7.92 -11.67
C ARG A 88 -13.64 -7.30 -12.43
N GLY A 89 -12.43 -7.84 -12.23
CA GLY A 89 -11.24 -7.27 -12.86
C GLY A 89 -10.43 -6.51 -11.81
N GLU A 90 -9.61 -7.22 -11.04
CA GLU A 90 -8.84 -6.62 -9.95
C GLU A 90 -7.85 -5.56 -10.45
N ALA A 91 -7.09 -5.01 -9.50
CA ALA A 91 -6.12 -3.95 -9.81
C ALA A 91 -4.83 -4.12 -9.02
N ARG A 92 -3.72 -3.66 -9.61
CA ARG A 92 -2.42 -3.73 -8.96
C ARG A 92 -1.77 -2.34 -9.00
N SER A 93 -1.16 -1.94 -7.89
CA SER A 93 -0.48 -0.63 -7.81
C SER A 93 0.90 -0.79 -7.16
N THR A 94 1.82 0.12 -7.49
CA THR A 94 3.18 0.06 -6.93
C THR A 94 3.68 1.37 -6.37
N ALA A 95 4.66 1.21 -5.50
CA ALA A 95 5.32 2.30 -4.84
C ALA A 95 6.70 1.84 -4.36
N GLU A 96 7.61 2.79 -4.19
CA GLU A 96 8.97 2.47 -3.75
C GLU A 96 9.25 2.99 -2.36
N LEU A 97 10.03 2.20 -1.64
CA LEU A 97 10.45 2.52 -0.29
C LEU A 97 11.92 2.90 -0.29
N LYS A 98 12.21 4.03 0.33
CA LYS A 98 13.57 4.54 0.40
C LYS A 98 13.92 4.87 1.83
N GLY A 99 15.18 4.67 2.18
CA GLY A 99 15.65 4.95 3.52
C GLY A 99 16.37 6.28 3.60
N GLU A 100 15.92 7.09 4.53
CA GLU A 100 16.47 8.40 4.78
C GLU A 100 17.56 8.31 5.85
N LEU A 101 18.72 8.82 5.51
CA LEU A 101 19.86 8.80 6.42
C LEU A 101 19.68 9.84 7.52
N ARG A 102 20.07 9.48 8.74
CA ARG A 102 19.95 10.42 9.86
C ARG A 102 20.93 11.57 9.69
N SER A 103 20.45 12.79 9.91
CA SER A 103 21.31 13.97 9.78
C SER A 103 22.24 14.09 10.97
N GLY A 104 23.30 14.88 10.83
CA GLY A 104 24.26 15.07 11.90
C GLY A 104 25.24 13.90 11.96
N CYS A 105 25.33 13.14 10.88
CA CYS A 105 26.22 12.00 10.83
C CYS A 105 26.43 11.54 9.39
N GLY A 1 -19.16 -2.29 -25.81
CA GLY A 1 -20.07 -2.70 -24.71
C GLY A 1 -19.43 -2.37 -23.37
N ILE A 2 -20.25 -2.13 -22.35
CA ILE A 2 -19.75 -1.83 -21.01
C ILE A 2 -20.45 -2.71 -19.98
N ASP A 3 -19.66 -3.32 -19.10
CA ASP A 3 -20.21 -4.19 -18.07
C ASP A 3 -20.98 -3.35 -17.04
N PRO A 4 -21.61 -3.97 -16.07
CA PRO A 4 -22.38 -3.23 -15.02
C PRO A 4 -21.45 -2.30 -14.19
N PHE A 5 -21.98 -1.17 -13.77
CA PHE A 5 -21.20 -0.20 -12.99
C PHE A 5 -20.72 -0.80 -11.67
N THR A 6 -21.64 -1.49 -11.00
CA THR A 6 -21.36 -2.13 -9.72
C THR A 6 -20.28 -3.20 -9.87
N ALA A 7 -20.40 -4.03 -10.91
CA ALA A 7 -19.44 -5.11 -11.14
C ALA A 7 -18.22 -4.60 -11.90
N GLU A 8 -18.19 -3.31 -12.19
CA GLU A 8 -17.08 -2.75 -12.93
C GLU A 8 -15.76 -3.00 -12.19
N PRO A 9 -14.64 -3.04 -12.88
CA PRO A 9 -13.33 -3.30 -12.23
C PRO A 9 -12.96 -2.23 -11.21
N ILE A 10 -12.28 -2.68 -10.17
CA ILE A 10 -11.83 -1.84 -9.08
C ILE A 10 -10.43 -1.35 -9.35
N GLN A 11 -10.21 -0.06 -9.13
CA GLN A 11 -8.90 0.54 -9.35
C GLN A 11 -8.58 1.46 -8.18
N PHE A 12 -7.30 1.79 -8.00
CA PHE A 12 -6.94 2.67 -6.89
C PHE A 12 -6.89 4.10 -7.37
N THR A 13 -7.82 4.90 -6.88
CA THR A 13 -7.87 6.29 -7.27
C THR A 13 -6.66 7.04 -6.73
N LYS A 14 -6.35 6.80 -5.45
CA LYS A 14 -5.21 7.47 -4.82
C LYS A 14 -3.89 7.03 -5.43
N ARG A 15 -3.79 5.74 -5.72
CA ARG A 15 -2.58 5.17 -6.31
C ARG A 15 -1.34 5.46 -5.46
N ILE A 16 -1.08 4.57 -4.50
CA ILE A 16 0.08 4.74 -3.60
C ILE A 16 1.31 5.27 -4.33
N GLN A 17 2.12 6.03 -3.61
CA GLN A 17 3.34 6.63 -4.16
C GLN A 17 4.56 6.31 -3.30
N ASN A 18 5.73 6.64 -3.85
CA ASN A 18 7.01 6.38 -3.19
C ASN A 18 7.13 7.10 -1.86
N ILE A 19 7.74 6.39 -0.91
CA ILE A 19 7.93 6.88 0.46
C ILE A 19 9.40 6.86 0.88
N VAL A 20 9.86 7.95 1.49
CA VAL A 20 11.23 7.97 2.02
C VAL A 20 11.08 8.05 3.54
N VAL A 21 11.72 7.11 4.22
CA VAL A 21 11.62 6.98 5.68
C VAL A 21 12.95 6.82 6.40
N SER A 22 13.06 7.50 7.52
CA SER A 22 14.27 7.42 8.34
C SER A 22 14.40 5.99 8.86
N GLU A 23 15.62 5.56 9.15
CA GLU A 23 15.83 4.20 9.57
C GLU A 23 15.05 3.83 10.83
N HIS A 24 14.95 4.75 11.78
CA HIS A 24 14.24 4.47 13.03
C HIS A 24 12.73 4.76 12.97
N GLN A 25 12.29 5.46 11.92
CA GLN A 25 10.87 5.79 11.79
C GLN A 25 10.07 4.64 11.18
N SER A 26 8.93 4.98 10.57
CA SER A 26 8.04 3.99 9.97
C SER A 26 7.50 4.51 8.65
N ALA A 27 7.01 3.60 7.80
CA ALA A 27 6.48 3.99 6.49
C ALA A 27 5.04 3.57 6.32
N THR A 28 4.22 4.46 5.74
CA THR A 28 2.81 4.16 5.50
C THR A 28 2.45 4.34 4.05
N PHE A 29 1.85 3.31 3.47
CA PHE A 29 1.37 3.39 2.10
C PHE A 29 -0.14 3.48 2.19
N GLU A 30 -0.68 4.58 1.73
CA GLU A 30 -2.11 4.82 1.79
C GLU A 30 -2.73 4.68 0.41
N CYS A 31 -3.92 4.09 0.37
CA CYS A 31 -4.63 3.90 -0.90
C CYS A 31 -6.12 4.11 -0.73
N GLU A 32 -6.78 4.43 -1.83
CA GLU A 32 -8.22 4.62 -1.87
C GLU A 32 -8.74 3.81 -3.04
N VAL A 33 -9.93 3.22 -2.90
CA VAL A 33 -10.48 2.38 -3.97
C VAL A 33 -11.93 2.70 -4.28
N SER A 34 -12.35 2.26 -5.45
CA SER A 34 -13.71 2.45 -5.92
C SER A 34 -14.72 1.78 -5.00
N PHE A 35 -14.40 0.56 -4.52
CA PHE A 35 -15.34 -0.17 -3.65
C PHE A 35 -14.67 -0.59 -2.33
N ASP A 36 -15.47 -0.65 -1.27
CA ASP A 36 -14.99 -1.02 0.06
C ASP A 36 -15.11 -2.52 0.30
N ASP A 37 -16.01 -3.13 -0.43
CA ASP A 37 -16.27 -4.56 -0.30
C ASP A 37 -15.06 -5.36 -0.75
N ALA A 38 -14.09 -4.67 -1.34
CA ALA A 38 -12.88 -5.31 -1.82
C ALA A 38 -11.95 -5.70 -0.67
N ILE A 39 -11.21 -6.79 -0.89
CA ILE A 39 -10.26 -7.31 0.06
C ILE A 39 -8.88 -6.93 -0.43
N VAL A 40 -8.07 -6.33 0.44
CA VAL A 40 -6.75 -5.83 0.03
C VAL A 40 -5.58 -6.44 0.80
N THR A 41 -4.56 -6.85 0.02
CA THR A 41 -3.33 -7.46 0.54
C THR A 41 -2.11 -6.71 0.00
N TRP A 42 -1.14 -6.45 0.87
CA TRP A 42 0.06 -5.73 0.47
C TRP A 42 1.19 -6.71 0.17
N TYR A 43 1.97 -6.40 -0.86
CA TYR A 43 3.09 -7.24 -1.26
C TYR A 43 4.41 -6.50 -1.32
N LYS A 44 5.45 -7.20 -0.89
CA LYS A 44 6.81 -6.69 -0.95
C LYS A 44 7.59 -7.71 -1.75
N GLY A 45 7.70 -7.48 -3.05
CA GLY A 45 8.36 -8.44 -3.90
C GLY A 45 7.49 -9.71 -3.94
N PRO A 46 8.07 -10.87 -4.09
CA PRO A 46 7.31 -12.14 -4.11
C PRO A 46 6.68 -12.44 -2.74
N THR A 47 7.23 -11.81 -1.70
CA THR A 47 6.79 -12.00 -0.34
C THR A 47 5.61 -11.10 0.04
N GLU A 48 4.58 -11.71 0.60
CA GLU A 48 3.40 -10.99 1.06
C GLU A 48 3.66 -10.50 2.48
N LEU A 49 3.06 -9.37 2.85
CA LEU A 49 3.26 -8.81 4.17
C LEU A 49 2.14 -9.23 5.11
N THR A 50 2.55 -9.71 6.27
CA THR A 50 1.60 -10.15 7.29
C THR A 50 1.99 -9.58 8.63
N GLU A 51 1.02 -9.50 9.50
CA GLU A 51 1.24 -8.94 10.82
C GLU A 51 2.06 -9.86 11.69
N SER A 52 3.03 -9.25 12.37
CA SER A 52 3.90 -9.97 13.28
C SER A 52 4.69 -8.94 14.09
N GLN A 53 3.98 -8.18 14.90
CA GLN A 53 4.61 -7.11 15.68
C GLN A 53 5.53 -6.31 14.76
N LYS A 54 5.21 -6.33 13.47
CA LYS A 54 6.00 -5.63 12.45
C LYS A 54 5.12 -4.79 11.51
N TYR A 55 4.13 -5.41 10.85
CA TYR A 55 3.27 -4.68 9.90
C TYR A 55 1.89 -4.45 10.51
N ASN A 56 1.42 -3.19 10.48
CA ASN A 56 0.09 -2.85 11.00
C ASN A 56 -0.87 -2.58 9.84
N PHE A 57 -1.88 -3.44 9.70
CA PHE A 57 -2.85 -3.26 8.63
C PHE A 57 -4.15 -2.71 9.22
N ARG A 58 -4.57 -1.53 8.77
CA ARG A 58 -5.81 -0.92 9.29
C ARG A 58 -6.77 -0.66 8.13
N ASN A 59 -8.02 -1.12 8.28
CA ASN A 59 -9.02 -0.93 7.25
C ASN A 59 -10.11 0.02 7.75
N ASP A 60 -10.28 1.14 7.05
CA ASP A 60 -11.29 2.12 7.41
C ASP A 60 -12.12 2.49 6.18
N GLY A 61 -13.30 1.91 6.06
CA GLY A 61 -14.16 2.19 4.92
C GLY A 61 -13.44 1.86 3.62
N ARG A 62 -13.55 2.78 2.65
CA ARG A 62 -12.90 2.60 1.36
C ARG A 62 -11.39 2.68 1.47
N CYS A 63 -10.89 3.32 2.53
CA CYS A 63 -9.44 3.49 2.71
C CYS A 63 -8.84 2.34 3.51
N HIS A 64 -7.62 1.95 3.11
CA HIS A 64 -6.86 0.90 3.79
C HIS A 64 -5.44 1.40 4.02
N TYR A 65 -4.90 1.21 5.21
CA TYR A 65 -3.55 1.70 5.53
C TYR A 65 -2.62 0.57 5.96
N MET A 66 -1.37 0.64 5.51
CA MET A 66 -0.35 -0.33 5.90
C MET A 66 0.83 0.44 6.46
N THR A 67 1.26 0.10 7.66
CA THR A 67 2.39 0.79 8.29
C THR A 67 3.51 -0.19 8.61
N ILE A 68 4.71 0.16 8.18
CA ILE A 68 5.89 -0.67 8.41
C ILE A 68 6.73 0.01 9.48
N HIS A 69 7.09 -0.73 10.53
CA HIS A 69 7.85 -0.15 11.63
C HIS A 69 9.30 -0.60 11.60
N ASN A 70 10.22 0.33 11.86
CA ASN A 70 11.65 0.02 11.86
C ASN A 70 12.09 -0.35 10.46
N VAL A 71 12.30 0.69 9.64
CA VAL A 71 12.70 0.48 8.26
C VAL A 71 14.23 0.46 8.14
N THR A 72 14.73 -0.57 7.46
CA THR A 72 16.17 -0.73 7.26
C THR A 72 16.51 -0.40 5.80
N PRO A 73 17.74 -0.06 5.49
CA PRO A 73 18.10 0.23 4.08
C PRO A 73 17.88 -1.03 3.25
N ASP A 74 17.97 -2.16 3.94
CA ASP A 74 17.75 -3.46 3.33
C ASP A 74 16.31 -3.59 2.88
N ASP A 75 15.42 -3.07 3.70
CA ASP A 75 13.98 -3.13 3.44
C ASP A 75 13.56 -2.27 2.25
N GLU A 76 14.41 -1.33 1.84
CA GLU A 76 14.06 -0.49 0.70
C GLU A 76 13.75 -1.38 -0.48
N GLY A 77 12.72 -1.02 -1.22
CA GLY A 77 12.33 -1.82 -2.37
C GLY A 77 11.00 -1.35 -2.95
N VAL A 78 10.20 -2.30 -3.40
CA VAL A 78 8.90 -2.00 -3.99
C VAL A 78 7.77 -2.65 -3.20
N TYR A 79 6.77 -1.83 -2.90
CA TYR A 79 5.59 -2.26 -2.16
C TYR A 79 4.38 -2.12 -3.06
N SER A 80 3.50 -3.12 -3.05
CA SER A 80 2.31 -3.07 -3.90
C SER A 80 1.07 -3.38 -3.08
N VAL A 81 -0.04 -2.86 -3.56
CA VAL A 81 -1.33 -3.10 -2.91
C VAL A 81 -2.27 -3.64 -3.96
N ILE A 82 -2.95 -4.73 -3.63
CA ILE A 82 -3.84 -5.36 -4.59
C ILE A 82 -5.22 -5.51 -3.98
N ALA A 83 -6.24 -5.07 -4.71
CA ALA A 83 -7.63 -5.19 -4.25
C ALA A 83 -8.33 -6.25 -5.09
N ARG A 84 -8.97 -7.25 -4.47
CA ARG A 84 -9.62 -8.32 -5.26
C ARG A 84 -11.06 -8.64 -4.85
N LEU A 85 -11.89 -8.73 -5.88
CA LEU A 85 -13.29 -9.14 -5.75
C LEU A 85 -13.66 -9.73 -7.11
N GLU A 86 -13.95 -11.03 -7.17
CA GLU A 86 -14.27 -11.65 -8.46
C GLU A 86 -15.74 -12.08 -8.57
N PRO A 87 -16.30 -12.09 -9.77
CA PRO A 87 -15.67 -11.62 -11.05
C PRO A 87 -15.86 -10.10 -11.27
N ARG A 88 -14.78 -9.29 -11.22
CA ARG A 88 -14.95 -7.84 -11.49
C ARG A 88 -13.77 -7.26 -12.25
N GLY A 89 -12.57 -7.83 -12.07
CA GLY A 89 -11.38 -7.29 -12.72
C GLY A 89 -10.52 -6.54 -11.70
N GLU A 90 -9.69 -7.28 -10.95
CA GLU A 90 -8.88 -6.68 -9.88
C GLU A 90 -7.89 -5.63 -10.40
N ALA A 91 -7.08 -5.10 -9.47
CA ALA A 91 -6.11 -4.05 -9.79
C ALA A 91 -4.82 -4.20 -8.99
N ARG A 92 -3.72 -3.72 -9.57
CA ARG A 92 -2.42 -3.77 -8.90
C ARG A 92 -1.78 -2.38 -8.94
N SER A 93 -1.17 -1.96 -7.83
CA SER A 93 -0.49 -0.65 -7.76
C SER A 93 0.87 -0.80 -7.11
N THR A 94 1.80 0.10 -7.44
CA THR A 94 3.16 0.06 -6.88
C THR A 94 3.64 1.38 -6.31
N ALA A 95 4.63 1.21 -5.45
CA ALA A 95 5.29 2.31 -4.78
C ALA A 95 6.66 1.85 -4.30
N GLU A 96 7.57 2.79 -4.13
CA GLU A 96 8.92 2.47 -3.69
C GLU A 96 9.22 2.99 -2.31
N LEU A 97 10.00 2.19 -1.59
CA LEU A 97 10.42 2.52 -0.24
C LEU A 97 11.90 2.91 -0.25
N LYS A 98 12.18 4.03 0.36
CA LYS A 98 13.55 4.55 0.44
C LYS A 98 13.90 4.87 1.87
N GLY A 99 15.16 4.65 2.23
CA GLY A 99 15.61 4.92 3.57
C GLY A 99 16.37 6.24 3.67
N GLU A 100 15.79 7.15 4.43
CA GLU A 100 16.37 8.44 4.66
C GLU A 100 17.59 8.33 5.57
N LEU A 101 18.62 9.06 5.21
CA LEU A 101 19.88 9.06 5.96
C LEU A 101 19.97 10.31 6.83
N ARG A 102 20.30 10.12 8.09
CA ARG A 102 20.41 11.24 9.02
C ARG A 102 21.69 12.03 8.76
N SER A 103 21.63 13.34 8.93
CA SER A 103 22.80 14.19 8.72
C SER A 103 23.82 13.99 9.84
N GLY A 104 25.09 14.11 9.50
CA GLY A 104 26.15 13.94 10.48
C GLY A 104 26.42 12.46 10.74
N CYS A 105 27.33 12.18 11.67
CA CYS A 105 27.66 10.81 12.01
C CYS A 105 26.45 10.08 12.56
N GLY A 1 -22.27 -6.76 -23.89
CA GLY A 1 -22.69 -5.37 -23.58
C GLY A 1 -21.84 -4.84 -22.43
N ILE A 2 -22.50 -4.21 -21.47
CA ILE A 2 -21.83 -3.64 -20.29
C ILE A 2 -22.16 -4.50 -19.08
N ASP A 3 -21.13 -4.95 -18.38
CA ASP A 3 -21.32 -5.80 -17.21
C ASP A 3 -21.97 -4.99 -16.08
N PRO A 4 -22.28 -5.61 -14.96
CA PRO A 4 -22.88 -4.86 -13.82
C PRO A 4 -21.96 -3.77 -13.29
N PHE A 5 -22.58 -2.67 -12.85
CA PHE A 5 -21.83 -1.56 -12.28
C PHE A 5 -21.08 -1.98 -11.01
N THR A 6 -21.76 -2.74 -10.17
CA THR A 6 -21.15 -3.19 -8.92
C THR A 6 -20.00 -4.16 -9.17
N ALA A 7 -20.12 -4.93 -10.25
CA ALA A 7 -19.11 -5.94 -10.60
C ALA A 7 -17.98 -5.35 -11.43
N GLU A 8 -18.06 -4.06 -11.73
CA GLU A 8 -17.04 -3.41 -12.52
C GLU A 8 -15.69 -3.54 -11.83
N PRO A 9 -14.60 -3.51 -12.57
CA PRO A 9 -13.25 -3.65 -11.98
C PRO A 9 -12.93 -2.54 -10.98
N ILE A 10 -12.18 -2.93 -9.95
CA ILE A 10 -11.76 -2.02 -8.90
C ILE A 10 -10.37 -1.48 -9.20
N GLN A 11 -10.21 -0.18 -9.02
CA GLN A 11 -8.93 0.48 -9.26
C GLN A 11 -8.61 1.41 -8.10
N PHE A 12 -7.34 1.77 -7.95
CA PHE A 12 -6.95 2.64 -6.85
C PHE A 12 -6.93 4.07 -7.34
N THR A 13 -7.85 4.85 -6.83
CA THR A 13 -7.93 6.25 -7.22
C THR A 13 -6.70 7.00 -6.71
N LYS A 14 -6.37 6.79 -5.44
CA LYS A 14 -5.22 7.47 -4.84
C LYS A 14 -3.90 7.02 -5.46
N ARG A 15 -3.80 5.73 -5.73
CA ARG A 15 -2.59 5.16 -6.32
C ARG A 15 -1.35 5.47 -5.46
N ILE A 16 -1.07 4.59 -4.51
CA ILE A 16 0.07 4.76 -3.59
C ILE A 16 1.30 5.32 -4.31
N GLN A 17 2.08 6.10 -3.57
CA GLN A 17 3.30 6.74 -4.10
C GLN A 17 4.53 6.37 -3.28
N ASN A 18 5.70 6.74 -3.81
CA ASN A 18 6.98 6.44 -3.20
C ASN A 18 7.13 7.13 -1.83
N ILE A 19 7.76 6.40 -0.90
CA ILE A 19 7.95 6.88 0.47
C ILE A 19 9.42 6.86 0.89
N VAL A 20 9.89 7.95 1.49
CA VAL A 20 11.26 7.97 2.01
C VAL A 20 11.12 8.06 3.53
N VAL A 21 11.78 7.12 4.21
CA VAL A 21 11.69 6.97 5.67
C VAL A 21 13.01 6.81 6.39
N SER A 22 13.12 7.49 7.52
CA SER A 22 14.31 7.40 8.36
C SER A 22 14.44 5.96 8.86
N GLU A 23 15.65 5.56 9.17
CA GLU A 23 15.88 4.18 9.58
C GLU A 23 15.09 3.79 10.82
N HIS A 24 14.98 4.68 11.79
CA HIS A 24 14.27 4.38 13.03
C HIS A 24 12.76 4.68 12.95
N GLN A 25 12.31 5.38 11.91
CA GLN A 25 10.89 5.70 11.80
C GLN A 25 10.09 4.56 11.16
N SER A 26 8.96 4.92 10.56
CA SER A 26 8.07 3.94 9.94
C SER A 26 7.52 4.48 8.63
N ALA A 27 7.04 3.58 7.76
CA ALA A 27 6.51 3.98 6.44
C ALA A 27 5.07 3.56 6.27
N THR A 28 4.26 4.45 5.70
CA THR A 28 2.84 4.14 5.46
C THR A 28 2.47 4.33 4.00
N PHE A 29 1.87 3.31 3.41
CA PHE A 29 1.38 3.41 2.04
C PHE A 29 -0.13 3.49 2.14
N GLU A 30 -0.70 4.60 1.71
CA GLU A 30 -2.13 4.80 1.80
C GLU A 30 -2.75 4.70 0.41
N CYS A 31 -3.93 4.10 0.36
CA CYS A 31 -4.63 3.93 -0.92
C CYS A 31 -6.13 4.15 -0.76
N GLU A 32 -6.76 4.52 -1.87
CA GLU A 32 -8.20 4.72 -1.93
C GLU A 32 -8.72 3.87 -3.07
N VAL A 33 -9.89 3.28 -2.92
CA VAL A 33 -10.44 2.40 -3.96
C VAL A 33 -11.89 2.72 -4.27
N SER A 34 -12.31 2.25 -5.43
CA SER A 34 -13.68 2.43 -5.91
C SER A 34 -14.67 1.77 -4.95
N PHE A 35 -14.35 0.57 -4.46
CA PHE A 35 -15.26 -0.14 -3.54
C PHE A 35 -14.52 -0.49 -2.25
N ASP A 36 -15.27 -0.50 -1.14
CA ASP A 36 -14.70 -0.82 0.18
C ASP A 36 -14.77 -2.29 0.50
N ASP A 37 -15.78 -2.94 -0.07
CA ASP A 37 -16.01 -4.36 0.18
C ASP A 37 -14.88 -5.21 -0.40
N ALA A 38 -14.00 -4.58 -1.16
CA ALA A 38 -12.90 -5.31 -1.77
C ALA A 38 -11.82 -5.68 -0.76
N ILE A 39 -11.29 -6.90 -0.89
CA ILE A 39 -10.25 -7.41 -0.04
C ILE A 39 -8.91 -6.87 -0.54
N VAL A 40 -8.11 -6.32 0.38
CA VAL A 40 -6.83 -5.74 0.00
C VAL A 40 -5.65 -6.38 0.74
N THR A 41 -4.62 -6.75 -0.04
CA THR A 41 -3.40 -7.38 0.47
C THR A 41 -2.18 -6.62 -0.01
N TRP A 42 -1.20 -6.42 0.87
CA TRP A 42 0.02 -5.71 0.51
C TRP A 42 1.14 -6.69 0.20
N TYR A 43 1.94 -6.34 -0.81
CA TYR A 43 3.06 -7.18 -1.23
C TYR A 43 4.38 -6.44 -1.29
N LYS A 44 5.41 -7.15 -0.86
CA LYS A 44 6.78 -6.65 -0.90
C LYS A 44 7.57 -7.66 -1.72
N GLY A 45 7.69 -7.42 -3.01
CA GLY A 45 8.35 -8.37 -3.88
C GLY A 45 7.48 -9.63 -3.96
N PRO A 46 8.05 -10.78 -4.12
CA PRO A 46 7.27 -12.05 -4.17
C PRO A 46 6.63 -12.37 -2.82
N THR A 47 7.16 -11.74 -1.76
CA THR A 47 6.70 -11.97 -0.40
C THR A 47 5.53 -11.07 -0.02
N GLU A 48 4.49 -11.68 0.54
CA GLU A 48 3.31 -10.96 1.00
C GLU A 48 3.56 -10.50 2.42
N LEU A 49 2.97 -9.37 2.81
CA LEU A 49 3.17 -8.85 4.15
C LEU A 49 2.06 -9.28 5.07
N THR A 50 2.46 -9.79 6.22
CA THR A 50 1.52 -10.26 7.23
C THR A 50 1.91 -9.72 8.59
N GLU A 51 0.96 -9.69 9.49
CA GLU A 51 1.20 -9.17 10.81
C GLU A 51 2.11 -10.08 11.64
N SER A 52 3.04 -9.43 12.31
CA SER A 52 4.00 -10.09 13.18
C SER A 52 4.61 -9.01 14.06
N GLN A 53 3.72 -8.20 14.61
CA GLN A 53 4.12 -7.05 15.40
C GLN A 53 5.09 -6.24 14.59
N LYS A 54 5.03 -6.45 13.27
CA LYS A 54 5.87 -5.75 12.30
C LYS A 54 5.04 -4.82 11.41
N TYR A 55 4.03 -5.38 10.73
CA TYR A 55 3.19 -4.61 9.81
C TYR A 55 1.83 -4.36 10.43
N ASN A 56 1.39 -3.10 10.45
CA ASN A 56 0.06 -2.77 10.98
C ASN A 56 -0.91 -2.51 9.84
N PHE A 57 -1.91 -3.37 9.70
CA PHE A 57 -2.88 -3.22 8.63
C PHE A 57 -4.18 -2.66 9.20
N ARG A 58 -4.60 -1.48 8.74
CA ARG A 58 -5.85 -0.87 9.23
C ARG A 58 -6.78 -0.58 8.07
N ASN A 59 -8.03 -1.00 8.20
CA ASN A 59 -9.02 -0.77 7.15
C ASN A 59 -10.11 0.16 7.66
N ASP A 60 -10.28 1.29 6.98
CA ASP A 60 -11.30 2.27 7.36
C ASP A 60 -12.11 2.67 6.13
N GLY A 61 -13.29 2.08 5.99
CA GLY A 61 -14.14 2.39 4.85
C GLY A 61 -13.42 2.10 3.54
N ARG A 62 -13.50 3.03 2.61
CA ARG A 62 -12.85 2.89 1.31
C ARG A 62 -11.33 2.96 1.43
N CYS A 63 -10.84 3.57 2.51
CA CYS A 63 -9.40 3.73 2.70
C CYS A 63 -8.79 2.56 3.47
N HIS A 64 -7.59 2.17 3.05
CA HIS A 64 -6.85 1.09 3.70
C HIS A 64 -5.42 1.57 3.94
N TYR A 65 -4.90 1.34 5.14
CA TYR A 65 -3.54 1.80 5.48
C TYR A 65 -2.64 0.64 5.88
N MET A 66 -1.39 0.69 5.45
CA MET A 66 -0.40 -0.32 5.84
C MET A 66 0.81 0.42 6.35
N THR A 67 1.27 0.06 7.55
CA THR A 67 2.42 0.74 8.16
C THR A 67 3.53 -0.25 8.48
N ILE A 68 4.75 0.13 8.08
CA ILE A 68 5.92 -0.71 8.30
C ILE A 68 6.74 -0.05 9.39
N HIS A 69 7.09 -0.81 10.43
CA HIS A 69 7.83 -0.23 11.57
C HIS A 69 9.29 -0.66 11.54
N ASN A 70 10.19 0.27 11.83
CA ASN A 70 11.63 -0.02 11.85
C ASN A 70 12.09 -0.37 10.45
N VAL A 71 12.30 0.67 9.65
CA VAL A 71 12.72 0.48 8.27
C VAL A 71 14.24 0.49 8.17
N THR A 72 14.76 -0.52 7.48
CA THR A 72 16.21 -0.66 7.30
C THR A 72 16.55 -0.34 5.84
N PRO A 73 17.77 0.02 5.54
CA PRO A 73 18.13 0.30 4.13
C PRO A 73 17.92 -0.96 3.30
N ASP A 74 18.02 -2.09 3.98
CA ASP A 74 17.81 -3.40 3.38
C ASP A 74 16.36 -3.54 2.92
N ASP A 75 15.47 -3.03 3.75
CA ASP A 75 14.04 -3.10 3.51
C ASP A 75 13.60 -2.25 2.32
N GLU A 76 14.42 -1.30 1.89
CA GLU A 76 14.05 -0.47 0.77
C GLU A 76 13.73 -1.37 -0.41
N GLY A 77 12.69 -1.01 -1.14
CA GLY A 77 12.28 -1.82 -2.28
C GLY A 77 10.97 -1.34 -2.87
N VAL A 78 10.15 -2.29 -3.32
CA VAL A 78 8.87 -1.98 -3.92
C VAL A 78 7.73 -2.62 -3.14
N TYR A 79 6.74 -1.79 -2.86
CA TYR A 79 5.54 -2.21 -2.13
C TYR A 79 4.33 -2.07 -3.03
N SER A 80 3.46 -3.07 -3.03
CA SER A 80 2.27 -3.03 -3.88
C SER A 80 1.03 -3.34 -3.07
N VAL A 81 -0.09 -2.83 -3.54
CA VAL A 81 -1.38 -3.07 -2.91
C VAL A 81 -2.31 -3.62 -3.96
N ILE A 82 -2.99 -4.70 -3.65
CA ILE A 82 -3.91 -5.31 -4.59
C ILE A 82 -5.30 -5.45 -4.01
N ALA A 83 -6.28 -4.96 -4.75
CA ALA A 83 -7.67 -5.06 -4.32
C ALA A 83 -8.37 -6.04 -5.24
N ARG A 84 -9.00 -7.08 -4.69
CA ARG A 84 -9.64 -8.08 -5.56
C ARG A 84 -10.97 -8.62 -5.02
N LEU A 85 -11.88 -8.80 -5.97
CA LEU A 85 -13.19 -9.39 -5.73
C LEU A 85 -13.58 -10.03 -7.05
N GLU A 86 -13.69 -11.34 -7.12
CA GLU A 86 -14.01 -11.98 -8.40
C GLU A 86 -15.49 -12.36 -8.53
N PRO A 87 -16.03 -12.35 -9.74
CA PRO A 87 -15.36 -11.90 -11.01
C PRO A 87 -15.49 -10.37 -11.22
N ARG A 88 -14.39 -9.59 -11.14
CA ARG A 88 -14.51 -8.15 -11.42
C ARG A 88 -13.29 -7.60 -12.17
N GLY A 89 -12.10 -8.15 -11.89
CA GLY A 89 -10.87 -7.66 -12.52
C GLY A 89 -10.05 -6.83 -11.52
N GLU A 90 -9.29 -7.51 -10.67
CA GLU A 90 -8.49 -6.86 -9.63
C GLU A 90 -7.42 -5.93 -10.21
N ALA A 91 -7.09 -4.94 -9.40
CA ALA A 91 -6.11 -3.91 -9.76
C ALA A 91 -4.81 -4.07 -8.98
N ARG A 92 -3.70 -3.65 -9.59
CA ARG A 92 -2.39 -3.72 -8.95
C ARG A 92 -1.75 -2.33 -8.99
N SER A 93 -1.13 -1.93 -7.89
CA SER A 93 -0.45 -0.62 -7.80
C SER A 93 0.91 -0.78 -7.16
N THR A 94 1.84 0.13 -7.49
CA THR A 94 3.20 0.07 -6.93
C THR A 94 3.69 1.39 -6.38
N ALA A 95 4.67 1.23 -5.51
CA ALA A 95 5.34 2.33 -4.85
C ALA A 95 6.70 1.86 -4.35
N GLU A 96 7.61 2.79 -4.18
CA GLU A 96 8.95 2.47 -3.73
C GLU A 96 9.24 3.00 -2.34
N LEU A 97 10.01 2.21 -1.62
CA LEU A 97 10.44 2.53 -0.27
C LEU A 97 11.90 2.92 -0.29
N LYS A 98 12.20 4.05 0.33
CA LYS A 98 13.57 4.55 0.40
C LYS A 98 13.93 4.88 1.84
N GLY A 99 15.19 4.66 2.18
CA GLY A 99 15.65 4.93 3.53
C GLY A 99 16.40 6.25 3.60
N GLU A 100 15.91 7.10 4.49
CA GLU A 100 16.47 8.41 4.72
C GLU A 100 17.58 8.31 5.77
N LEU A 101 18.67 9.00 5.50
CA LEU A 101 19.81 9.01 6.40
C LEU A 101 19.53 9.88 7.61
N ARG A 102 20.00 9.44 8.78
CA ARG A 102 19.80 10.19 10.01
C ARG A 102 20.59 11.49 9.98
N SER A 103 19.95 12.58 10.37
CA SER A 103 20.61 13.88 10.38
C SER A 103 21.59 13.99 11.54
N GLY A 104 22.52 14.94 11.45
CA GLY A 104 23.50 15.14 12.49
C GLY A 104 24.65 14.14 12.37
N CYS A 105 24.72 13.48 11.22
CA CYS A 105 25.78 12.49 10.99
C CYS A 105 25.78 12.05 9.53
N GLY A 1 -17.14 2.93 -23.16
CA GLY A 1 -17.85 1.70 -23.62
C GLY A 1 -18.98 1.37 -22.66
N ILE A 2 -18.63 0.81 -21.50
CA ILE A 2 -19.61 0.45 -20.48
C ILE A 2 -19.50 1.39 -19.28
N ASP A 3 -20.64 1.96 -18.88
CA ASP A 3 -20.68 2.90 -17.76
C ASP A 3 -20.29 2.16 -16.47
N PRO A 4 -20.22 2.85 -15.35
CA PRO A 4 -19.84 2.21 -14.04
C PRO A 4 -20.86 1.17 -13.61
N PHE A 5 -20.39 0.09 -12.99
CA PHE A 5 -21.27 -0.97 -12.53
C PHE A 5 -20.71 -1.60 -11.25
N THR A 6 -21.54 -2.34 -10.54
CA THR A 6 -21.14 -2.96 -9.28
C THR A 6 -20.00 -3.95 -9.47
N ALA A 7 -20.09 -4.78 -10.48
CA ALA A 7 -19.06 -5.80 -10.75
C ALA A 7 -17.91 -5.22 -11.57
N GLU A 8 -18.00 -3.95 -11.89
CA GLU A 8 -16.96 -3.33 -12.69
C GLU A 8 -15.61 -3.50 -11.97
N PRO A 9 -14.51 -3.48 -12.68
CA PRO A 9 -13.17 -3.64 -12.06
C PRO A 9 -12.85 -2.53 -11.07
N ILE A 10 -12.13 -2.91 -10.02
CA ILE A 10 -11.72 -2.01 -8.97
C ILE A 10 -10.33 -1.46 -9.24
N GLN A 11 -10.18 -0.15 -9.05
CA GLN A 11 -8.90 0.51 -9.28
C GLN A 11 -8.60 1.44 -8.12
N PHE A 12 -7.34 1.81 -7.94
CA PHE A 12 -6.98 2.69 -6.83
C PHE A 12 -6.96 4.12 -7.31
N THR A 13 -7.90 4.90 -6.82
CA THR A 13 -7.97 6.30 -7.20
C THR A 13 -6.76 7.07 -6.66
N LYS A 14 -6.43 6.82 -5.39
CA LYS A 14 -5.30 7.50 -4.77
C LYS A 14 -3.96 7.10 -5.39
N ARG A 15 -3.83 5.82 -5.71
CA ARG A 15 -2.60 5.31 -6.31
C ARG A 15 -1.37 5.59 -5.44
N ILE A 16 -1.08 4.68 -4.51
CA ILE A 16 0.09 4.83 -3.61
C ILE A 16 1.30 5.40 -4.34
N GLN A 17 2.10 6.15 -3.58
CA GLN A 17 3.31 6.78 -4.11
C GLN A 17 4.56 6.38 -3.31
N ASN A 18 5.71 6.76 -3.85
CA ASN A 18 7.00 6.45 -3.25
C ASN A 18 7.16 7.12 -1.89
N ILE A 19 7.78 6.38 -0.95
CA ILE A 19 7.97 6.85 0.42
C ILE A 19 9.44 6.83 0.84
N VAL A 20 9.89 7.92 1.45
CA VAL A 20 11.25 7.94 1.99
C VAL A 20 11.09 8.02 3.50
N VAL A 21 11.74 7.10 4.20
CA VAL A 21 11.62 6.95 5.66
C VAL A 21 12.95 6.81 6.39
N SER A 22 13.03 7.51 7.50
CA SER A 22 14.23 7.43 8.35
C SER A 22 14.36 6.01 8.87
N GLU A 23 15.57 5.60 9.17
CA GLU A 23 15.81 4.24 9.60
C GLU A 23 15.01 3.85 10.84
N HIS A 24 14.89 4.77 11.78
CA HIS A 24 14.15 4.47 13.02
C HIS A 24 12.66 4.76 12.93
N GLN A 25 12.20 5.43 11.87
CA GLN A 25 10.79 5.74 11.74
C GLN A 25 9.99 4.60 11.09
N SER A 26 8.79 4.96 10.62
CA SER A 26 7.87 3.98 10.01
C SER A 26 7.33 4.51 8.68
N ALA A 27 7.04 3.60 7.76
CA ALA A 27 6.51 3.97 6.44
C ALA A 27 5.06 3.55 6.28
N THR A 28 4.25 4.45 5.70
CA THR A 28 2.84 4.16 5.46
C THR A 28 2.47 4.33 4.00
N PHE A 29 1.86 3.31 3.41
CA PHE A 29 1.39 3.41 2.05
C PHE A 29 -0.12 3.50 2.14
N GLU A 30 -0.66 4.61 1.69
CA GLU A 30 -2.10 4.84 1.77
C GLU A 30 -2.73 4.71 0.39
N CYS A 31 -3.91 4.12 0.35
CA CYS A 31 -4.62 3.93 -0.92
C CYS A 31 -6.12 4.13 -0.71
N GLU A 32 -6.80 4.46 -1.80
CA GLU A 32 -8.25 4.63 -1.81
C GLU A 32 -8.79 3.82 -2.96
N VAL A 33 -9.95 3.23 -2.80
CA VAL A 33 -10.52 2.39 -3.86
C VAL A 33 -11.97 2.71 -4.18
N SER A 34 -12.38 2.25 -5.35
CA SER A 34 -13.73 2.44 -5.84
C SER A 34 -14.75 1.76 -4.92
N PHE A 35 -14.43 0.56 -4.42
CA PHE A 35 -15.37 -0.17 -3.55
C PHE A 35 -14.72 -0.52 -2.21
N ASP A 36 -15.56 -0.57 -1.17
CA ASP A 36 -15.10 -0.87 0.19
C ASP A 36 -15.19 -2.36 0.49
N ASP A 37 -16.05 -3.03 -0.26
CA ASP A 37 -16.29 -4.45 -0.09
C ASP A 37 -15.10 -5.27 -0.56
N ALA A 38 -14.15 -4.60 -1.21
CA ALA A 38 -12.96 -5.27 -1.71
C ALA A 38 -11.98 -5.62 -0.60
N ILE A 39 -11.25 -6.73 -0.81
CA ILE A 39 -10.27 -7.22 0.12
C ILE A 39 -8.90 -6.85 -0.42
N VAL A 40 -8.06 -6.25 0.43
CA VAL A 40 -6.75 -5.77 -0.02
C VAL A 40 -5.58 -6.38 0.74
N THR A 41 -4.58 -6.81 -0.05
CA THR A 41 -3.34 -7.42 0.46
C THR A 41 -2.13 -6.67 -0.07
N TRP A 42 -1.15 -6.43 0.79
CA TRP A 42 0.06 -5.71 0.39
C TRP A 42 1.18 -6.69 0.10
N TYR A 43 1.96 -6.38 -0.94
CA TYR A 43 3.07 -7.24 -1.34
C TYR A 43 4.40 -6.52 -1.41
N LYS A 44 5.43 -7.22 -0.96
CA LYS A 44 6.79 -6.72 -1.01
C LYS A 44 7.58 -7.75 -1.80
N GLY A 45 7.70 -7.54 -3.11
CA GLY A 45 8.36 -8.52 -3.94
C GLY A 45 7.49 -9.78 -3.97
N PRO A 46 8.06 -10.93 -4.11
CA PRO A 46 7.28 -12.20 -4.12
C PRO A 46 6.65 -12.48 -2.75
N THR A 47 7.19 -11.84 -1.71
CA THR A 47 6.74 -12.02 -0.35
C THR A 47 5.57 -11.09 0.01
N GLU A 48 4.53 -11.69 0.59
CA GLU A 48 3.36 -10.95 1.03
C GLU A 48 3.63 -10.44 2.45
N LEU A 49 3.03 -9.31 2.80
CA LEU A 49 3.23 -8.74 4.12
C LEU A 49 2.10 -9.14 5.05
N THR A 50 2.50 -9.61 6.21
CA THR A 50 1.55 -10.02 7.24
C THR A 50 1.96 -9.47 8.59
N GLU A 51 1.00 -9.37 9.48
CA GLU A 51 1.24 -8.84 10.79
C GLU A 51 2.07 -9.79 11.64
N SER A 52 3.05 -9.22 12.33
CA SER A 52 3.93 -9.97 13.20
C SER A 52 4.66 -9.00 14.11
N GLN A 53 3.89 -8.13 14.76
CA GLN A 53 4.47 -7.10 15.61
C GLN A 53 5.44 -6.29 14.74
N LYS A 54 5.16 -6.32 13.44
CA LYS A 54 5.97 -5.62 12.45
C LYS A 54 5.12 -4.78 11.49
N TYR A 55 4.14 -5.39 10.82
CA TYR A 55 3.28 -4.66 9.88
C TYR A 55 1.91 -4.43 10.49
N ASN A 56 1.43 -3.17 10.45
CA ASN A 56 0.09 -2.85 10.98
C ASN A 56 -0.86 -2.53 9.85
N PHE A 57 -1.89 -3.36 9.68
CA PHE A 57 -2.87 -3.15 8.63
C PHE A 57 -4.15 -2.60 9.26
N ARG A 58 -4.57 -1.40 8.84
CA ARG A 58 -5.80 -0.79 9.38
C ARG A 58 -6.78 -0.51 8.27
N ASN A 59 -8.02 -0.98 8.45
CA ASN A 59 -9.08 -0.76 7.46
C ASN A 59 -10.07 0.28 7.96
N ASP A 60 -10.43 1.21 7.08
CA ASP A 60 -11.38 2.27 7.41
C ASP A 60 -12.24 2.56 6.20
N GLY A 61 -13.35 1.84 6.07
CA GLY A 61 -14.22 2.04 4.93
C GLY A 61 -13.47 1.78 3.63
N ARG A 62 -13.59 2.72 2.69
CA ARG A 62 -12.91 2.60 1.41
C ARG A 62 -11.40 2.73 1.57
N CYS A 63 -10.96 3.33 2.67
CA CYS A 63 -9.54 3.54 2.91
C CYS A 63 -8.89 2.36 3.63
N HIS A 64 -7.68 2.02 3.19
CA HIS A 64 -6.90 0.94 3.79
C HIS A 64 -5.47 1.46 4.01
N TYR A 65 -4.91 1.18 5.19
CA TYR A 65 -3.56 1.67 5.51
C TYR A 65 -2.63 0.54 5.92
N MET A 66 -1.38 0.64 5.49
CA MET A 66 -0.35 -0.33 5.89
C MET A 66 0.82 0.44 6.45
N THR A 67 1.25 0.08 7.65
CA THR A 67 2.38 0.77 8.29
C THR A 67 3.51 -0.21 8.59
N ILE A 68 4.71 0.15 8.18
CA ILE A 68 5.88 -0.68 8.40
C ILE A 68 6.72 0.00 9.47
N HIS A 69 7.08 -0.73 10.52
CA HIS A 69 7.84 -0.14 11.62
C HIS A 69 9.30 -0.57 11.60
N ASN A 70 10.20 0.37 11.91
CA ASN A 70 11.63 0.08 11.92
C ASN A 70 12.09 -0.30 10.53
N VAL A 71 12.30 0.70 9.69
CA VAL A 71 12.71 0.47 8.32
C VAL A 71 14.23 0.49 8.21
N THR A 72 14.77 -0.55 7.58
CA THR A 72 16.22 -0.68 7.40
C THR A 72 16.54 -0.45 5.91
N PRO A 73 17.79 -0.21 5.54
CA PRO A 73 18.12 0.01 4.12
C PRO A 73 17.83 -1.25 3.30
N ASP A 74 17.86 -2.38 3.98
CA ASP A 74 17.56 -3.67 3.36
C ASP A 74 16.11 -3.71 2.90
N ASP A 75 15.26 -3.14 3.73
CA ASP A 75 13.83 -3.12 3.49
C ASP A 75 13.45 -2.24 2.31
N GLU A 76 14.35 -1.34 1.89
CA GLU A 76 14.03 -0.48 0.76
C GLU A 76 13.74 -1.36 -0.44
N GLY A 77 12.74 -0.99 -1.19
CA GLY A 77 12.36 -1.78 -2.36
C GLY A 77 11.04 -1.32 -2.95
N VAL A 78 10.23 -2.27 -3.40
CA VAL A 78 8.94 -1.97 -4.00
C VAL A 78 7.81 -2.62 -3.22
N TYR A 79 6.81 -1.81 -2.93
CA TYR A 79 5.63 -2.24 -2.21
C TYR A 79 4.41 -2.10 -3.11
N SER A 80 3.54 -3.10 -3.11
CA SER A 80 2.35 -3.06 -3.96
C SER A 80 1.10 -3.36 -3.16
N VAL A 81 -0.01 -2.84 -3.63
CA VAL A 81 -1.29 -3.07 -2.98
C VAL A 81 -2.25 -3.61 -4.03
N ILE A 82 -2.93 -4.69 -3.70
CA ILE A 82 -3.86 -5.30 -4.64
C ILE A 82 -5.25 -5.42 -4.04
N ALA A 83 -6.24 -4.94 -4.78
CA ALA A 83 -7.63 -5.02 -4.34
C ALA A 83 -8.34 -6.00 -5.27
N ARG A 84 -8.99 -7.04 -4.71
CA ARG A 84 -9.64 -8.03 -5.57
C ARG A 84 -10.97 -8.57 -5.03
N LEU A 85 -11.88 -8.75 -5.98
CA LEU A 85 -13.19 -9.33 -5.74
C LEU A 85 -13.59 -9.98 -7.06
N GLU A 86 -13.69 -11.30 -7.12
CA GLU A 86 -14.01 -11.94 -8.40
C GLU A 86 -15.49 -12.29 -8.52
N PRO A 87 -16.05 -12.26 -9.73
CA PRO A 87 -15.37 -11.82 -11.00
C PRO A 87 -15.51 -10.30 -11.23
N ARG A 88 -14.40 -9.52 -11.16
CA ARG A 88 -14.49 -8.08 -11.43
C ARG A 88 -13.28 -7.55 -12.18
N GLY A 89 -12.09 -8.11 -11.91
CA GLY A 89 -10.86 -7.63 -12.55
C GLY A 89 -10.03 -6.80 -11.55
N GLU A 90 -9.25 -7.49 -10.70
CA GLU A 90 -8.47 -6.83 -9.68
C GLU A 90 -7.41 -5.90 -10.24
N ALA A 91 -7.06 -4.91 -9.43
CA ALA A 91 -6.09 -3.88 -9.80
C ALA A 91 -4.79 -4.04 -9.02
N ARG A 92 -3.68 -3.62 -9.64
CA ARG A 92 -2.37 -3.70 -9.00
C ARG A 92 -1.72 -2.31 -9.05
N SER A 93 -1.10 -1.91 -7.96
CA SER A 93 -0.42 -0.60 -7.88
C SER A 93 0.96 -0.76 -7.23
N THR A 94 1.89 0.14 -7.55
CA THR A 94 3.24 0.08 -6.99
C THR A 94 3.73 1.39 -6.44
N ALA A 95 4.70 1.24 -5.56
CA ALA A 95 5.37 2.34 -4.90
C ALA A 95 6.71 1.87 -4.38
N GLU A 96 7.64 2.80 -4.21
CA GLU A 96 8.98 2.48 -3.75
C GLU A 96 9.26 3.00 -2.37
N LEU A 97 10.04 2.20 -1.65
CA LEU A 97 10.45 2.52 -0.29
C LEU A 97 11.93 2.90 -0.29
N LYS A 98 12.22 4.03 0.34
CA LYS A 98 13.59 4.53 0.43
C LYS A 98 13.93 4.86 1.86
N GLY A 99 15.17 4.63 2.23
CA GLY A 99 15.63 4.92 3.58
C GLY A 99 16.38 6.23 3.67
N GLU A 100 15.80 7.14 4.42
CA GLU A 100 16.37 8.45 4.65
C GLU A 100 17.59 8.33 5.57
N LEU A 101 18.63 9.03 5.20
CA LEU A 101 19.87 9.03 5.97
C LEU A 101 19.71 9.86 7.25
N ARG A 102 20.31 9.38 8.34
CA ARG A 102 20.23 10.08 9.61
C ARG A 102 21.00 11.40 9.53
N SER A 103 20.38 12.46 10.05
CA SER A 103 21.01 13.78 10.03
C SER A 103 22.11 13.85 11.09
N GLY A 104 23.01 14.83 10.94
CA GLY A 104 24.10 15.00 11.89
C GLY A 104 25.22 14.00 11.62
N CYS A 105 26.25 14.02 12.46
CA CYS A 105 27.37 13.11 12.30
C CYS A 105 27.97 13.22 10.91
N GLY A 1 -26.32 -4.71 -22.14
CA GLY A 1 -25.71 -3.54 -22.83
C GLY A 1 -24.46 -3.10 -22.09
N ILE A 2 -24.66 -2.58 -20.87
CA ILE A 2 -23.55 -2.13 -20.03
C ILE A 2 -23.44 -3.03 -18.80
N ASP A 3 -22.25 -3.55 -18.54
CA ASP A 3 -22.03 -4.41 -17.38
C ASP A 3 -22.52 -3.72 -16.10
N PRO A 4 -22.78 -4.44 -15.01
CA PRO A 4 -23.23 -3.79 -13.76
C PRO A 4 -22.18 -2.80 -13.24
N PHE A 5 -22.65 -1.71 -12.67
CA PHE A 5 -21.73 -0.69 -12.13
C PHE A 5 -20.84 -1.27 -11.05
N THR A 6 -21.43 -2.02 -10.14
CA THR A 6 -20.70 -2.62 -9.04
C THR A 6 -19.70 -3.66 -9.56
N ALA A 7 -20.10 -4.35 -10.62
CA ALA A 7 -19.24 -5.38 -11.21
C ALA A 7 -18.09 -4.75 -11.99
N GLU A 8 -18.17 -3.44 -12.19
CA GLU A 8 -17.12 -2.76 -12.93
C GLU A 8 -15.77 -2.98 -12.26
N PRO A 9 -14.69 -2.87 -12.99
CA PRO A 9 -13.34 -3.06 -12.40
C PRO A 9 -13.03 -2.05 -11.30
N ILE A 10 -12.27 -2.52 -10.32
CA ILE A 10 -11.86 -1.74 -9.19
C ILE A 10 -10.44 -1.24 -9.40
N GLN A 11 -10.24 0.04 -9.13
CA GLN A 11 -8.92 0.65 -9.31
C GLN A 11 -8.62 1.54 -8.12
N PHE A 12 -7.34 1.85 -7.93
CA PHE A 12 -6.97 2.70 -6.80
C PHE A 12 -6.94 4.13 -7.27
N THR A 13 -7.87 4.90 -6.76
CA THR A 13 -7.94 6.30 -7.13
C THR A 13 -6.73 7.05 -6.59
N LYS A 14 -6.39 6.79 -5.32
CA LYS A 14 -5.26 7.46 -4.70
C LYS A 14 -3.93 7.03 -5.33
N ARG A 15 -3.83 5.74 -5.63
CA ARG A 15 -2.62 5.17 -6.25
C ARG A 15 -1.37 5.44 -5.40
N ILE A 16 -1.09 4.55 -4.45
CA ILE A 16 0.08 4.71 -3.56
C ILE A 16 1.30 5.25 -4.31
N GLN A 17 2.11 6.01 -3.58
CA GLN A 17 3.32 6.64 -4.12
C GLN A 17 4.56 6.31 -3.29
N ASN A 18 5.69 6.62 -3.86
CA ASN A 18 7.00 6.36 -3.25
C ASN A 18 7.13 7.07 -1.90
N ILE A 19 7.76 6.36 -0.96
CA ILE A 19 7.96 6.84 0.41
C ILE A 19 9.42 6.84 0.81
N VAL A 20 9.88 7.92 1.43
CA VAL A 20 11.25 7.96 1.94
C VAL A 20 11.11 8.06 3.46
N VAL A 21 11.76 7.12 4.15
CA VAL A 21 11.67 7.00 5.61
C VAL A 21 13.00 6.84 6.31
N SER A 22 13.13 7.53 7.43
CA SER A 22 14.34 7.45 8.24
C SER A 22 14.48 6.02 8.76
N GLU A 23 15.69 5.61 9.03
CA GLU A 23 15.91 4.23 9.44
C GLU A 23 15.14 3.85 10.70
N HIS A 24 15.06 4.77 11.66
CA HIS A 24 14.33 4.48 12.90
C HIS A 24 12.83 4.78 12.82
N GLN A 25 12.37 5.46 11.78
CA GLN A 25 10.95 5.79 11.66
C GLN A 25 10.16 4.65 11.03
N SER A 26 8.93 4.97 10.63
CA SER A 26 8.02 3.99 10.02
C SER A 26 7.47 4.52 8.70
N ALA A 27 7.09 3.60 7.80
CA ALA A 27 6.56 3.97 6.49
C ALA A 27 5.11 3.56 6.33
N THR A 28 4.30 4.45 5.74
CA THR A 28 2.88 4.14 5.51
C THR A 28 2.50 4.31 4.05
N PHE A 29 1.89 3.28 3.49
CA PHE A 29 1.40 3.36 2.12
C PHE A 29 -0.10 3.45 2.23
N GLU A 30 -0.66 4.55 1.76
CA GLU A 30 -2.09 4.78 1.84
C GLU A 30 -2.71 4.65 0.46
N CYS A 31 -3.90 4.05 0.42
CA CYS A 31 -4.62 3.86 -0.84
C CYS A 31 -6.12 4.06 -0.64
N GLU A 32 -6.78 4.38 -1.74
CA GLU A 32 -8.23 4.55 -1.74
C GLU A 32 -8.77 3.76 -2.92
N VAL A 33 -9.95 3.16 -2.78
CA VAL A 33 -10.51 2.35 -3.86
C VAL A 33 -11.96 2.68 -4.16
N SER A 34 -12.37 2.29 -5.35
CA SER A 34 -13.72 2.50 -5.82
C SER A 34 -14.75 1.78 -4.95
N PHE A 35 -14.42 0.59 -4.45
CA PHE A 35 -15.37 -0.18 -3.62
C PHE A 35 -14.75 -0.58 -2.28
N ASP A 36 -15.60 -0.68 -1.26
CA ASP A 36 -15.17 -1.04 0.10
C ASP A 36 -15.25 -2.55 0.31
N ASP A 37 -16.12 -3.17 -0.45
CA ASP A 37 -16.35 -4.60 -0.35
C ASP A 37 -15.12 -5.40 -0.80
N ALA A 38 -14.15 -4.69 -1.37
CA ALA A 38 -12.92 -5.33 -1.85
C ALA A 38 -12.00 -5.72 -0.70
N ILE A 39 -11.24 -6.79 -0.91
CA ILE A 39 -10.29 -7.29 0.06
C ILE A 39 -8.89 -6.92 -0.43
N VAL A 40 -8.10 -6.31 0.45
CA VAL A 40 -6.78 -5.82 0.06
C VAL A 40 -5.61 -6.42 0.85
N THR A 41 -4.61 -6.85 0.08
CA THR A 41 -3.37 -7.46 0.60
C THR A 41 -2.16 -6.72 0.04
N TRP A 42 -1.18 -6.45 0.91
CA TRP A 42 0.03 -5.72 0.49
C TRP A 42 1.15 -6.70 0.21
N TYR A 43 1.92 -6.41 -0.84
CA TYR A 43 3.04 -7.27 -1.23
C TYR A 43 4.36 -6.53 -1.30
N LYS A 44 5.39 -7.20 -0.81
CA LYS A 44 6.75 -6.69 -0.88
C LYS A 44 7.50 -7.74 -1.68
N GLY A 45 8.09 -7.36 -2.80
CA GLY A 45 8.76 -8.36 -3.62
C GLY A 45 7.83 -9.57 -3.78
N PRO A 46 8.35 -10.75 -3.93
CA PRO A 46 7.53 -11.98 -4.05
C PRO A 46 6.81 -12.34 -2.74
N THR A 47 7.29 -11.75 -1.65
CA THR A 47 6.78 -12.00 -0.31
C THR A 47 5.60 -11.09 0.06
N GLU A 48 4.56 -11.71 0.62
CA GLU A 48 3.37 -10.98 1.07
C GLU A 48 3.62 -10.48 2.48
N LEU A 49 3.00 -9.35 2.84
CA LEU A 49 3.20 -8.79 4.16
C LEU A 49 2.09 -9.22 5.10
N THR A 50 2.50 -9.70 6.26
CA THR A 50 1.56 -10.16 7.28
C THR A 50 1.96 -9.61 8.63
N GLU A 51 0.99 -9.56 9.52
CA GLU A 51 1.21 -9.04 10.84
C GLU A 51 2.10 -9.94 11.70
N SER A 52 3.02 -9.29 12.39
CA SER A 52 3.96 -9.95 13.29
C SER A 52 4.55 -8.87 14.17
N GLN A 53 3.64 -8.04 14.70
CA GLN A 53 4.02 -6.89 15.50
C GLN A 53 5.03 -6.09 14.70
N LYS A 54 5.00 -6.34 13.39
CA LYS A 54 5.85 -5.65 12.43
C LYS A 54 5.03 -4.75 11.49
N TYR A 55 4.02 -5.35 10.82
CA TYR A 55 3.18 -4.59 9.87
C TYR A 55 1.80 -4.36 10.47
N ASN A 56 1.33 -3.10 10.46
CA ASN A 56 -0.01 -2.80 10.98
C ASN A 56 -0.96 -2.51 9.83
N PHE A 57 -1.96 -3.37 9.66
CA PHE A 57 -2.94 -3.23 8.61
C PHE A 57 -4.24 -2.68 9.20
N ARG A 58 -4.71 -1.51 8.74
CA ARG A 58 -5.95 -0.94 9.28
C ARG A 58 -6.99 -0.74 8.18
N ASN A 59 -8.17 -1.31 8.39
CA ASN A 59 -9.27 -1.20 7.44
C ASN A 59 -10.28 -0.16 7.90
N ASP A 60 -10.31 1.00 7.24
CA ASP A 60 -11.26 2.06 7.59
C ASP A 60 -12.06 2.47 6.37
N GLY A 61 -13.26 1.93 6.25
CA GLY A 61 -14.13 2.25 5.13
C GLY A 61 -13.44 1.87 3.81
N ARG A 62 -13.55 2.76 2.84
CA ARG A 62 -12.94 2.54 1.52
C ARG A 62 -11.41 2.59 1.61
N CYS A 63 -10.92 3.23 2.66
CA CYS A 63 -9.47 3.39 2.85
C CYS A 63 -8.88 2.26 3.69
N HIS A 64 -7.65 1.88 3.34
CA HIS A 64 -6.92 0.84 4.05
C HIS A 64 -5.47 1.30 4.17
N TYR A 65 -4.93 1.27 5.40
CA TYR A 65 -3.57 1.77 5.64
C TYR A 65 -2.63 0.65 6.08
N MET A 66 -1.40 0.70 5.57
CA MET A 66 -0.36 -0.28 5.94
C MET A 66 0.82 0.48 6.48
N THR A 67 1.23 0.15 7.70
CA THR A 67 2.35 0.84 8.34
C THR A 67 3.48 -0.14 8.67
N ILE A 68 4.68 0.21 8.25
CA ILE A 68 5.85 -0.62 8.48
C ILE A 68 6.71 0.07 9.54
N HIS A 69 7.09 -0.66 10.59
CA HIS A 69 7.87 -0.07 11.68
C HIS A 69 9.33 -0.52 11.61
N ASN A 70 10.23 0.42 11.91
CA ASN A 70 11.66 0.14 11.91
C ASN A 70 12.12 -0.26 10.51
N VAL A 71 12.31 0.75 9.67
CA VAL A 71 12.73 0.51 8.29
C VAL A 71 14.25 0.54 8.20
N THR A 72 14.80 -0.50 7.56
CA THR A 72 16.25 -0.60 7.36
C THR A 72 16.57 -0.36 5.89
N PRO A 73 17.81 -0.13 5.52
CA PRO A 73 18.14 0.08 4.09
C PRO A 73 17.83 -1.19 3.27
N ASP A 74 17.87 -2.32 3.96
CA ASP A 74 17.56 -3.60 3.34
C ASP A 74 16.12 -3.65 2.91
N ASP A 75 15.27 -3.07 3.74
CA ASP A 75 13.83 -3.07 3.50
C ASP A 75 13.45 -2.20 2.32
N GLU A 76 14.33 -1.30 1.90
CA GLU A 76 14.03 -0.45 0.76
C GLU A 76 13.72 -1.34 -0.43
N GLY A 77 12.71 -0.98 -1.19
CA GLY A 77 12.34 -1.78 -2.35
C GLY A 77 11.01 -1.33 -2.93
N VAL A 78 10.21 -2.30 -3.35
CA VAL A 78 8.91 -2.01 -3.95
C VAL A 78 7.78 -2.64 -3.15
N TYR A 79 6.79 -1.83 -2.86
CA TYR A 79 5.60 -2.26 -2.13
C TYR A 79 4.40 -2.13 -3.04
N SER A 80 3.53 -3.12 -3.03
CA SER A 80 2.34 -3.10 -3.89
C SER A 80 1.10 -3.37 -3.08
N VAL A 81 -0.03 -2.87 -3.55
CA VAL A 81 -1.30 -3.10 -2.90
C VAL A 81 -2.23 -3.67 -3.94
N ILE A 82 -2.89 -4.76 -3.59
CA ILE A 82 -3.79 -5.42 -4.52
C ILE A 82 -5.19 -5.53 -3.96
N ALA A 83 -6.17 -5.10 -4.75
CA ALA A 83 -7.57 -5.19 -4.36
C ALA A 83 -8.25 -6.14 -5.34
N ARG A 84 -8.94 -7.16 -4.85
CA ARG A 84 -9.57 -8.12 -5.78
C ARG A 84 -10.93 -8.65 -5.32
N LEU A 85 -11.81 -8.75 -6.32
CA LEU A 85 -13.14 -9.31 -6.18
C LEU A 85 -13.48 -9.83 -7.57
N GLU A 86 -13.67 -11.13 -7.72
CA GLU A 86 -13.94 -11.68 -9.06
C GLU A 86 -15.37 -12.19 -9.21
N PRO A 87 -15.93 -12.14 -10.41
CA PRO A 87 -15.31 -11.53 -11.65
C PRO A 87 -15.61 -10.03 -11.76
N ARG A 88 -14.58 -9.15 -11.63
CA ARG A 88 -14.82 -7.71 -11.80
C ARG A 88 -13.68 -7.01 -12.52
N GLY A 89 -12.47 -7.59 -12.48
CA GLY A 89 -11.30 -6.96 -13.11
C GLY A 89 -10.34 -6.39 -12.04
N GLU A 90 -9.48 -7.25 -11.50
CA GLU A 90 -8.51 -6.91 -10.44
C GLU A 90 -7.50 -5.84 -10.86
N ALA A 91 -7.03 -5.11 -9.85
CA ALA A 91 -6.09 -3.99 -10.04
C ALA A 91 -4.83 -4.16 -9.18
N ARG A 92 -3.69 -3.67 -9.71
CA ARG A 92 -2.43 -3.73 -8.98
C ARG A 92 -1.76 -2.35 -9.01
N SER A 93 -1.16 -1.96 -7.89
CA SER A 93 -0.47 -0.66 -7.80
C SER A 93 0.90 -0.82 -7.15
N THR A 94 1.83 0.09 -7.48
CA THR A 94 3.18 0.03 -6.92
C THR A 94 3.66 1.36 -6.36
N ALA A 95 4.63 1.19 -5.48
CA ALA A 95 5.30 2.30 -4.81
C ALA A 95 6.66 1.82 -4.32
N GLU A 96 7.59 2.76 -4.17
CA GLU A 96 8.92 2.42 -3.72
C GLU A 96 9.22 2.94 -2.34
N LEU A 97 10.02 2.17 -1.63
CA LEU A 97 10.44 2.51 -0.27
C LEU A 97 11.91 2.88 -0.29
N LYS A 98 12.20 4.03 0.30
CA LYS A 98 13.57 4.54 0.37
C LYS A 98 13.93 4.87 1.80
N GLY A 99 15.20 4.66 2.15
CA GLY A 99 15.66 4.95 3.49
C GLY A 99 16.39 6.28 3.55
N GLU A 100 15.80 7.20 4.29
CA GLU A 100 16.36 8.51 4.49
C GLU A 100 17.63 8.42 5.32
N LEU A 101 18.63 9.15 4.87
CA LEU A 101 19.93 9.18 5.51
C LEU A 101 19.89 10.09 6.75
N ARG A 102 20.58 9.66 7.80
CA ARG A 102 20.63 10.43 9.03
C ARG A 102 21.51 11.66 8.85
N SER A 103 21.13 12.76 9.49
CA SER A 103 21.89 14.00 9.38
C SER A 103 23.26 13.87 10.04
N GLY A 104 24.27 14.47 9.42
CA GLY A 104 25.62 14.41 9.96
C GLY A 104 26.56 15.36 9.22
N CYS A 105 27.79 15.48 9.71
CA CYS A 105 28.75 16.36 9.07
C CYS A 105 29.05 15.87 7.65
N GLY A 1 -20.29 -2.69 -24.76
CA GLY A 1 -21.08 -2.15 -23.62
C GLY A 1 -20.22 -2.17 -22.37
N ILE A 2 -20.76 -1.66 -21.25
CA ILE A 2 -20.02 -1.65 -20.00
C ILE A 2 -20.60 -2.64 -18.99
N ASP A 3 -19.74 -3.49 -18.46
CA ASP A 3 -20.14 -4.49 -17.48
C ASP A 3 -20.92 -3.80 -16.35
N PRO A 4 -21.44 -4.52 -15.39
CA PRO A 4 -22.23 -3.90 -14.29
C PRO A 4 -21.38 -2.94 -13.44
N PHE A 5 -22.00 -1.87 -12.97
CA PHE A 5 -21.31 -0.88 -12.15
C PHE A 5 -20.78 -1.53 -10.87
N THR A 6 -21.61 -2.31 -10.22
CA THR A 6 -21.22 -2.99 -9.00
C THR A 6 -20.06 -3.95 -9.25
N ALA A 7 -20.18 -4.71 -10.33
CA ALA A 7 -19.16 -5.70 -10.68
C ALA A 7 -18.02 -5.10 -11.50
N GLU A 8 -18.09 -3.80 -11.78
CA GLU A 8 -17.04 -3.18 -12.56
C GLU A 8 -15.68 -3.37 -11.87
N PRO A 9 -14.60 -3.34 -12.60
CA PRO A 9 -13.25 -3.51 -11.99
C PRO A 9 -12.92 -2.41 -10.99
N ILE A 10 -12.18 -2.81 -9.97
CA ILE A 10 -11.77 -1.92 -8.90
C ILE A 10 -10.38 -1.39 -9.18
N GLN A 11 -10.21 -0.09 -8.99
CA GLN A 11 -8.93 0.58 -9.22
C GLN A 11 -8.62 1.48 -8.03
N PHE A 12 -7.35 1.83 -7.87
CA PHE A 12 -6.97 2.70 -6.75
C PHE A 12 -6.95 4.12 -7.25
N THR A 13 -7.87 4.92 -6.75
CA THR A 13 -7.93 6.31 -7.15
C THR A 13 -6.72 7.07 -6.64
N LYS A 14 -6.38 6.84 -5.36
CA LYS A 14 -5.24 7.51 -4.75
C LYS A 14 -3.92 7.06 -5.37
N ARG A 15 -3.83 5.76 -5.65
CA ARG A 15 -2.62 5.22 -6.27
C ARG A 15 -1.36 5.50 -5.43
N ILE A 16 -1.06 4.61 -4.48
CA ILE A 16 0.12 4.77 -3.61
C ILE A 16 1.33 5.32 -4.36
N GLN A 17 2.15 6.06 -3.62
CA GLN A 17 3.36 6.70 -4.16
C GLN A 17 4.60 6.36 -3.32
N ASN A 18 5.75 6.72 -3.87
CA ASN A 18 7.04 6.44 -3.23
C ASN A 18 7.18 7.14 -1.87
N ILE A 19 7.78 6.42 -0.93
CA ILE A 19 7.97 6.88 0.45
C ILE A 19 9.44 6.87 0.86
N VAL A 20 9.91 7.95 1.49
CA VAL A 20 11.26 7.97 2.02
C VAL A 20 11.11 8.05 3.54
N VAL A 21 11.76 7.12 4.22
CA VAL A 21 11.65 6.98 5.68
C VAL A 21 12.97 6.82 6.41
N SER A 22 13.09 7.51 7.53
CA SER A 22 14.28 7.41 8.36
C SER A 22 14.39 5.99 8.88
N GLU A 23 15.60 5.55 9.18
CA GLU A 23 15.83 4.18 9.60
C GLU A 23 15.05 3.82 10.85
N HIS A 24 14.93 4.73 11.79
CA HIS A 24 14.21 4.45 13.04
C HIS A 24 12.71 4.76 12.96
N GLN A 25 12.26 5.46 11.91
CA GLN A 25 10.83 5.78 11.81
C GLN A 25 10.03 4.64 11.18
N SER A 26 8.89 4.98 10.58
CA SER A 26 8.00 3.99 9.97
C SER A 26 7.48 4.50 8.63
N ALA A 27 7.00 3.59 7.78
CA ALA A 27 6.50 3.98 6.45
C ALA A 27 5.04 3.59 6.29
N THR A 28 4.25 4.46 5.69
CA THR A 28 2.83 4.18 5.45
C THR A 28 2.48 4.33 3.99
N PHE A 29 1.86 3.29 3.42
CA PHE A 29 1.40 3.37 2.05
C PHE A 29 -0.11 3.47 2.12
N GLU A 30 -0.64 4.59 1.69
CA GLU A 30 -2.08 4.82 1.76
C GLU A 30 -2.70 4.68 0.38
N CYS A 31 -3.89 4.10 0.35
CA CYS A 31 -4.61 3.92 -0.92
C CYS A 31 -6.10 4.13 -0.72
N GLU A 32 -6.76 4.51 -1.82
CA GLU A 32 -8.20 4.71 -1.83
C GLU A 32 -8.74 3.86 -2.96
N VAL A 33 -9.91 3.25 -2.76
CA VAL A 33 -10.49 2.39 -3.79
C VAL A 33 -11.94 2.71 -4.08
N SER A 34 -12.36 2.24 -5.25
CA SER A 34 -13.72 2.41 -5.73
C SER A 34 -14.73 1.73 -4.81
N PHE A 35 -14.42 0.53 -4.28
CA PHE A 35 -15.37 -0.19 -3.42
C PHE A 35 -14.73 -0.54 -2.07
N ASP A 36 -15.57 -0.59 -1.03
CA ASP A 36 -15.11 -0.91 0.33
C ASP A 36 -15.17 -2.40 0.62
N ASP A 37 -16.01 -3.07 -0.15
CA ASP A 37 -16.23 -4.51 0.01
C ASP A 37 -15.04 -5.32 -0.48
N ALA A 38 -14.09 -4.64 -1.12
CA ALA A 38 -12.92 -5.31 -1.66
C ALA A 38 -11.94 -5.70 -0.55
N ILE A 39 -11.22 -6.80 -0.78
CA ILE A 39 -10.24 -7.32 0.15
C ILE A 39 -8.88 -6.96 -0.41
N VAL A 40 -8.02 -6.37 0.44
CA VAL A 40 -6.72 -5.89 -0.02
C VAL A 40 -5.54 -6.50 0.75
N THR A 41 -4.53 -6.92 -0.03
CA THR A 41 -3.30 -7.51 0.49
C THR A 41 -2.08 -6.77 -0.04
N TRP A 42 -1.12 -6.49 0.84
CA TRP A 42 0.09 -5.77 0.43
C TRP A 42 1.22 -6.75 0.16
N TYR A 43 2.00 -6.45 -0.87
CA TYR A 43 3.12 -7.31 -1.25
C TYR A 43 4.43 -6.56 -1.34
N LYS A 44 5.46 -7.21 -0.84
CA LYS A 44 6.82 -6.71 -0.96
C LYS A 44 7.52 -7.77 -1.78
N GLY A 45 8.08 -7.41 -2.93
CA GLY A 45 8.70 -8.42 -3.79
C GLY A 45 7.77 -9.65 -3.87
N PRO A 46 8.29 -10.82 -4.05
CA PRO A 46 7.46 -12.06 -4.10
C PRO A 46 6.80 -12.37 -2.75
N THR A 47 7.35 -11.79 -1.68
CA THR A 47 6.87 -12.00 -0.33
C THR A 47 5.67 -11.12 0.01
N GLU A 48 4.65 -11.75 0.57
CA GLU A 48 3.46 -11.04 1.01
C GLU A 48 3.69 -10.55 2.43
N LEU A 49 3.07 -9.43 2.79
CA LEU A 49 3.25 -8.88 4.12
C LEU A 49 2.12 -9.32 5.05
N THR A 50 2.52 -9.83 6.20
CA THR A 50 1.58 -10.31 7.21
C THR A 50 1.95 -9.77 8.58
N GLU A 51 0.97 -9.77 9.46
CA GLU A 51 1.16 -9.24 10.79
C GLU A 51 2.09 -10.11 11.64
N SER A 52 2.97 -9.42 12.35
CA SER A 52 3.94 -10.01 13.26
C SER A 52 4.44 -8.90 14.17
N GLN A 53 3.47 -8.07 14.59
CA GLN A 53 3.77 -6.89 15.39
C GLN A 53 4.78 -6.08 14.60
N LYS A 54 4.82 -6.37 13.30
CA LYS A 54 5.69 -5.70 12.35
C LYS A 54 4.89 -4.80 11.40
N TYR A 55 3.87 -5.37 10.73
CA TYR A 55 3.06 -4.60 9.78
C TYR A 55 1.68 -4.33 10.36
N ASN A 56 1.24 -3.07 10.36
CA ASN A 56 -0.09 -2.74 10.87
C ASN A 56 -1.05 -2.48 9.72
N PHE A 57 -2.03 -3.36 9.56
CA PHE A 57 -2.99 -3.22 8.48
C PHE A 57 -4.30 -2.65 9.04
N ARG A 58 -4.69 -1.45 8.61
CA ARG A 58 -5.94 -0.83 9.10
C ARG A 58 -6.83 -0.46 7.93
N ASN A 59 -8.10 -0.85 8.02
CA ASN A 59 -9.07 -0.53 6.96
C ASN A 59 -10.20 0.33 7.50
N ASP A 60 -10.18 1.61 7.14
CA ASP A 60 -11.23 2.55 7.54
C ASP A 60 -12.10 2.84 6.32
N GLY A 61 -13.28 2.27 6.27
CA GLY A 61 -14.14 2.51 5.12
C GLY A 61 -13.43 2.10 3.82
N ARG A 62 -13.44 3.00 2.85
CA ARG A 62 -12.80 2.75 1.56
C ARG A 62 -11.27 2.89 1.64
N CYS A 63 -10.78 3.52 2.71
CA CYS A 63 -9.33 3.74 2.85
C CYS A 63 -8.64 2.54 3.49
N HIS A 64 -7.54 2.12 2.86
CA HIS A 64 -6.73 1.00 3.37
C HIS A 64 -5.33 1.51 3.69
N TYR A 65 -4.87 1.29 4.94
CA TYR A 65 -3.55 1.78 5.35
C TYR A 65 -2.64 0.63 5.78
N MET A 66 -1.37 0.71 5.40
CA MET A 66 -0.38 -0.27 5.81
C MET A 66 0.80 0.51 6.38
N THR A 67 1.20 0.17 7.60
CA THR A 67 2.32 0.87 8.24
C THR A 67 3.44 -0.10 8.60
N ILE A 68 4.65 0.25 8.19
CA ILE A 68 5.81 -0.59 8.43
C ILE A 68 6.67 0.10 9.49
N HIS A 69 7.00 -0.64 10.56
CA HIS A 69 7.79 -0.06 11.64
C HIS A 69 9.23 -0.56 11.60
N ASN A 70 10.17 0.34 11.90
CA ASN A 70 11.59 0.02 11.89
C ASN A 70 12.03 -0.35 10.49
N VAL A 71 12.26 0.68 9.68
CA VAL A 71 12.66 0.49 8.30
C VAL A 71 14.18 0.47 8.20
N THR A 72 14.70 -0.55 7.51
CA THR A 72 16.13 -0.71 7.31
C THR A 72 16.48 -0.38 5.86
N PRO A 73 17.73 -0.07 5.55
CA PRO A 73 18.09 0.23 4.14
C PRO A 73 17.86 -1.03 3.29
N ASP A 74 17.93 -2.17 3.98
CA ASP A 74 17.69 -3.47 3.36
C ASP A 74 16.26 -3.59 2.87
N ASP A 75 15.36 -3.07 3.70
CA ASP A 75 13.93 -3.14 3.43
C ASP A 75 13.53 -2.27 2.25
N GLU A 76 14.39 -1.34 1.85
CA GLU A 76 14.06 -0.49 0.72
C GLU A 76 13.77 -1.36 -0.49
N GLY A 77 12.74 -1.00 -1.23
CA GLY A 77 12.37 -1.79 -2.40
C GLY A 77 11.04 -1.34 -2.97
N VAL A 78 10.25 -2.31 -3.44
CA VAL A 78 8.95 -2.00 -4.03
C VAL A 78 7.83 -2.65 -3.25
N TYR A 79 6.83 -1.85 -2.95
CA TYR A 79 5.63 -2.29 -2.23
C TYR A 79 4.44 -2.15 -3.15
N SER A 80 3.55 -3.14 -3.12
CA SER A 80 2.37 -3.12 -3.97
C SER A 80 1.12 -3.41 -3.17
N VAL A 81 0.00 -2.89 -3.65
CA VAL A 81 -1.28 -3.12 -2.99
C VAL A 81 -2.24 -3.66 -4.03
N ILE A 82 -2.92 -4.74 -3.69
CA ILE A 82 -3.86 -5.35 -4.62
C ILE A 82 -5.24 -5.47 -4.03
N ALA A 83 -6.22 -4.96 -4.75
CA ALA A 83 -7.62 -5.05 -4.31
C ALA A 83 -8.34 -6.01 -5.23
N ARG A 84 -8.96 -7.06 -4.68
CA ARG A 84 -9.63 -8.04 -5.53
C ARG A 84 -10.95 -8.59 -4.98
N LEU A 85 -11.88 -8.73 -5.91
CA LEU A 85 -13.20 -9.31 -5.68
C LEU A 85 -13.57 -9.96 -7.02
N GLU A 86 -13.95 -11.22 -7.04
CA GLU A 86 -14.27 -11.87 -8.33
C GLU A 86 -15.75 -12.20 -8.50
N PRO A 87 -16.26 -12.20 -9.72
CA PRO A 87 -15.55 -11.78 -10.98
C PRO A 87 -15.63 -10.25 -11.22
N ARG A 88 -14.52 -9.51 -11.14
CA ARG A 88 -14.57 -8.06 -11.43
C ARG A 88 -13.33 -7.55 -12.18
N GLY A 89 -12.16 -8.12 -11.88
CA GLY A 89 -10.91 -7.65 -12.52
C GLY A 89 -10.09 -6.81 -11.53
N GLU A 90 -9.32 -7.48 -10.67
CA GLU A 90 -8.54 -6.81 -9.65
C GLU A 90 -7.48 -5.89 -10.22
N ALA A 91 -7.14 -4.89 -9.40
CA ALA A 91 -6.15 -3.87 -9.76
C ALA A 91 -4.84 -4.04 -8.98
N ARG A 92 -3.75 -3.60 -9.61
CA ARG A 92 -2.43 -3.67 -8.97
C ARG A 92 -1.78 -2.28 -9.03
N SER A 93 -1.14 -1.89 -7.93
CA SER A 93 -0.46 -0.59 -7.86
C SER A 93 0.90 -0.76 -7.20
N THR A 94 1.85 0.12 -7.54
CA THR A 94 3.20 0.06 -6.96
C THR A 94 3.69 1.37 -6.42
N ALA A 95 4.67 1.22 -5.54
CA ALA A 95 5.35 2.31 -4.90
C ALA A 95 6.70 1.85 -4.40
N GLU A 96 7.62 2.78 -4.22
CA GLU A 96 8.96 2.46 -3.76
C GLU A 96 9.24 2.98 -2.37
N LEU A 97 10.04 2.20 -1.66
CA LEU A 97 10.46 2.52 -0.30
C LEU A 97 11.94 2.91 -0.31
N LYS A 98 12.22 4.04 0.30
CA LYS A 98 13.58 4.56 0.39
C LYS A 98 13.92 4.88 1.83
N GLY A 99 15.17 4.65 2.20
CA GLY A 99 15.61 4.91 3.55
C GLY A 99 16.36 6.23 3.63
N GLU A 100 15.80 7.13 4.40
CA GLU A 100 16.38 8.43 4.63
C GLU A 100 17.58 8.31 5.56
N LEU A 101 18.63 9.01 5.19
CA LEU A 101 19.87 9.01 5.95
C LEU A 101 19.71 9.83 7.22
N ARG A 102 20.32 9.35 8.31
CA ARG A 102 20.25 10.05 9.59
C ARG A 102 20.99 11.37 9.51
N SER A 103 20.39 12.42 10.03
CA SER A 103 21.01 13.75 10.00
C SER A 103 22.26 13.79 10.88
N GLY A 104 23.26 14.52 10.42
CA GLY A 104 24.51 14.66 11.15
C GLY A 104 24.40 15.78 12.18
N CYS A 105 25.45 15.96 12.97
CA CYS A 105 25.47 16.99 13.99
C CYS A 105 24.20 16.95 14.82
N GLY A 1 -19.42 -1.12 -18.80
CA GLY A 1 -20.67 -0.57 -19.40
C GLY A 1 -21.76 -1.65 -19.37
N ILE A 2 -21.60 -2.66 -20.24
CA ILE A 2 -22.57 -3.74 -20.30
C ILE A 2 -22.60 -4.52 -18.99
N ASP A 3 -21.40 -4.80 -18.48
CA ASP A 3 -21.27 -5.53 -17.24
C ASP A 3 -21.96 -4.76 -16.10
N PRO A 4 -22.31 -5.39 -14.99
CA PRO A 4 -22.97 -4.64 -13.87
C PRO A 4 -22.06 -3.54 -13.32
N PHE A 5 -22.67 -2.43 -12.93
CA PHE A 5 -21.92 -1.31 -12.39
C PHE A 5 -21.15 -1.71 -11.13
N THR A 6 -21.83 -2.40 -10.24
CA THR A 6 -21.22 -2.83 -8.98
C THR A 6 -20.10 -3.84 -9.22
N ALA A 7 -20.26 -4.64 -10.27
CA ALA A 7 -19.27 -5.65 -10.60
C ALA A 7 -18.13 -5.07 -11.44
N GLU A 8 -18.21 -3.78 -11.72
CA GLU A 8 -17.18 -3.14 -12.51
C GLU A 8 -15.80 -3.31 -11.83
N PRO A 9 -14.72 -3.31 -12.58
CA PRO A 9 -13.36 -3.48 -12.00
C PRO A 9 -13.01 -2.36 -11.00
N ILE A 10 -12.26 -2.77 -9.99
CA ILE A 10 -11.82 -1.89 -8.92
C ILE A 10 -10.42 -1.39 -9.21
N GLN A 11 -10.22 -0.10 -9.03
CA GLN A 11 -8.92 0.53 -9.26
C GLN A 11 -8.59 1.46 -8.11
N PHE A 12 -7.32 1.77 -7.93
CA PHE A 12 -6.92 2.65 -6.84
C PHE A 12 -6.89 4.08 -7.32
N THR A 13 -7.82 4.87 -6.83
CA THR A 13 -7.88 6.26 -7.21
C THR A 13 -6.66 7.02 -6.69
N LYS A 14 -6.34 6.80 -5.41
CA LYS A 14 -5.21 7.49 -4.80
C LYS A 14 -3.87 7.05 -5.40
N ARG A 15 -3.76 5.74 -5.67
CA ARG A 15 -2.53 5.20 -6.24
C ARG A 15 -1.33 5.56 -5.38
N ILE A 16 -1.04 4.72 -4.38
CA ILE A 16 0.08 4.98 -3.45
C ILE A 16 1.31 5.52 -4.18
N GLN A 17 2.05 6.36 -3.46
CA GLN A 17 3.27 7.01 -3.97
C GLN A 17 4.52 6.57 -3.21
N ASN A 18 5.66 6.94 -3.78
CA ASN A 18 6.97 6.60 -3.21
C ASN A 18 7.15 7.24 -1.84
N ILE A 19 7.75 6.47 -0.93
CA ILE A 19 7.97 6.91 0.46
C ILE A 19 9.43 6.88 0.86
N VAL A 20 9.91 7.96 1.48
CA VAL A 20 11.27 7.98 2.00
C VAL A 20 11.13 8.05 3.51
N VAL A 21 11.78 7.10 4.20
CA VAL A 21 11.68 6.98 5.66
C VAL A 21 13.01 6.81 6.38
N SER A 22 13.14 7.50 7.50
CA SER A 22 14.33 7.42 8.33
C SER A 22 14.46 6.00 8.87
N GLU A 23 15.66 5.59 9.17
CA GLU A 23 15.90 4.23 9.60
C GLU A 23 15.10 3.85 10.85
N HIS A 24 15.02 4.76 11.80
CA HIS A 24 14.28 4.46 13.05
C HIS A 24 12.79 4.78 12.96
N GLN A 25 12.34 5.43 11.88
CA GLN A 25 10.92 5.76 11.75
C GLN A 25 10.10 4.62 11.12
N SER A 26 8.98 4.98 10.52
CA SER A 26 8.08 3.98 9.91
C SER A 26 7.53 4.51 8.59
N ALA A 27 7.04 3.60 7.74
CA ALA A 27 6.51 3.97 6.43
C ALA A 27 5.07 3.55 6.28
N THR A 28 4.25 4.42 5.68
CA THR A 28 2.84 4.13 5.45
C THR A 28 2.47 4.30 3.99
N PHE A 29 1.86 3.27 3.41
CA PHE A 29 1.37 3.36 2.05
C PHE A 29 -0.14 3.43 2.16
N GLU A 30 -0.71 4.54 1.73
CA GLU A 30 -2.15 4.73 1.83
C GLU A 30 -2.77 4.64 0.44
N CYS A 31 -3.91 3.98 0.36
CA CYS A 31 -4.62 3.84 -0.92
C CYS A 31 -6.12 4.03 -0.73
N GLU A 32 -6.76 4.45 -1.81
CA GLU A 32 -8.20 4.65 -1.86
C GLU A 32 -8.72 3.82 -3.01
N VAL A 33 -9.89 3.23 -2.85
CA VAL A 33 -10.45 2.39 -3.91
C VAL A 33 -11.90 2.71 -4.20
N SER A 34 -12.34 2.26 -5.36
CA SER A 34 -13.71 2.47 -5.81
C SER A 34 -14.72 1.81 -4.88
N PHE A 35 -14.41 0.59 -4.39
CA PHE A 35 -15.33 -0.13 -3.49
C PHE A 35 -14.64 -0.53 -2.18
N ASP A 36 -15.43 -0.56 -1.11
CA ASP A 36 -14.93 -0.91 0.23
C ASP A 36 -15.05 -2.40 0.50
N ASP A 37 -15.93 -3.02 -0.24
CA ASP A 37 -16.20 -4.45 -0.07
C ASP A 37 -15.02 -5.28 -0.57
N ALA A 38 -14.07 -4.63 -1.20
CA ALA A 38 -12.91 -5.32 -1.74
C ALA A 38 -11.93 -5.71 -0.63
N ILE A 39 -11.22 -6.81 -0.87
CA ILE A 39 -10.24 -7.36 0.03
C ILE A 39 -8.87 -7.00 -0.52
N VAL A 40 -8.02 -6.42 0.32
CA VAL A 40 -6.71 -5.95 -0.14
C VAL A 40 -5.52 -6.55 0.63
N THR A 41 -4.51 -6.95 -0.14
CA THR A 41 -3.28 -7.56 0.37
C THR A 41 -2.06 -6.78 -0.12
N TRP A 42 -1.11 -6.55 0.79
CA TRP A 42 0.11 -5.82 0.46
C TRP A 42 1.25 -6.79 0.19
N TYR A 43 2.07 -6.45 -0.80
CA TYR A 43 3.21 -7.30 -1.17
C TYR A 43 4.51 -6.54 -1.19
N LYS A 44 5.53 -7.20 -0.70
CA LYS A 44 6.88 -6.67 -0.76
C LYS A 44 7.67 -7.69 -1.57
N GLY A 45 8.19 -7.29 -2.73
CA GLY A 45 8.87 -8.26 -3.56
C GLY A 45 7.94 -9.48 -3.74
N PRO A 46 8.48 -10.65 -3.92
CA PRO A 46 7.67 -11.90 -4.04
C PRO A 46 6.94 -12.29 -2.74
N THR A 47 7.43 -11.72 -1.64
CA THR A 47 6.92 -12.01 -0.31
C THR A 47 5.74 -11.12 0.08
N GLU A 48 4.69 -11.75 0.60
CA GLU A 48 3.50 -11.05 1.04
C GLU A 48 3.71 -10.61 2.48
N LEU A 49 3.09 -9.49 2.85
CA LEU A 49 3.26 -8.96 4.20
C LEU A 49 2.14 -9.42 5.10
N THR A 50 2.52 -9.91 6.26
CA THR A 50 1.56 -10.39 7.26
C THR A 50 1.89 -9.83 8.63
N GLU A 51 0.91 -9.86 9.50
CA GLU A 51 1.07 -9.32 10.84
C GLU A 51 2.02 -10.14 11.71
N SER A 52 2.87 -9.40 12.40
CA SER A 52 3.85 -9.97 13.33
C SER A 52 4.36 -8.80 14.16
N GLN A 53 3.41 -7.99 14.60
CA GLN A 53 3.69 -6.77 15.34
C GLN A 53 4.73 -5.99 14.53
N LYS A 54 4.78 -6.34 13.25
CA LYS A 54 5.68 -5.70 12.28
C LYS A 54 4.90 -4.79 11.32
N TYR A 55 3.84 -5.33 10.70
CA TYR A 55 3.05 -4.55 9.74
C TYR A 55 1.68 -4.25 10.36
N ASN A 56 1.27 -2.99 10.36
CA ASN A 56 -0.05 -2.63 10.90
C ASN A 56 -1.02 -2.36 9.74
N PHE A 57 -2.02 -3.21 9.61
CA PHE A 57 -3.00 -3.05 8.54
C PHE A 57 -4.28 -2.47 9.13
N ARG A 58 -4.70 -1.28 8.69
CA ARG A 58 -5.94 -0.69 9.21
C ARG A 58 -6.91 -0.40 8.07
N ASN A 59 -8.10 -0.98 8.18
CA ASN A 59 -9.14 -0.80 7.16
C ASN A 59 -10.18 0.21 7.62
N ASP A 60 -10.16 1.41 7.05
CA ASP A 60 -11.15 2.43 7.40
C ASP A 60 -12.01 2.73 6.19
N GLY A 61 -13.17 2.09 6.10
CA GLY A 61 -14.05 2.32 4.96
C GLY A 61 -13.30 1.99 3.67
N ARG A 62 -13.43 2.86 2.69
CA ARG A 62 -12.75 2.68 1.40
C ARG A 62 -11.23 2.81 1.53
N CYS A 63 -10.77 3.49 2.59
CA CYS A 63 -9.34 3.71 2.78
C CYS A 63 -8.66 2.52 3.45
N HIS A 64 -7.56 2.07 2.84
CA HIS A 64 -6.76 0.96 3.38
C HIS A 64 -5.35 1.46 3.69
N TYR A 65 -4.90 1.28 4.93
CA TYR A 65 -3.56 1.76 5.33
C TYR A 65 -2.67 0.60 5.74
N MET A 66 -1.40 0.65 5.35
CA MET A 66 -0.42 -0.34 5.76
C MET A 66 0.80 0.40 6.29
N THR A 67 1.24 0.06 7.49
CA THR A 67 2.39 0.75 8.11
C THR A 67 3.50 -0.23 8.46
N ILE A 68 4.72 0.13 8.07
CA ILE A 68 5.89 -0.69 8.32
C ILE A 68 6.71 -0.01 9.40
N HIS A 69 7.06 -0.75 10.46
CA HIS A 69 7.80 -0.17 11.57
C HIS A 69 9.27 -0.61 11.55
N ASN A 70 10.16 0.34 11.86
CA ASN A 70 11.61 0.07 11.89
C ASN A 70 12.10 -0.29 10.49
N VAL A 71 12.30 0.72 9.66
CA VAL A 71 12.72 0.52 8.29
C VAL A 71 14.24 0.53 8.19
N THR A 72 14.78 -0.49 7.54
CA THR A 72 16.24 -0.63 7.35
C THR A 72 16.55 -0.36 5.89
N PRO A 73 17.78 -0.09 5.51
CA PRO A 73 18.09 0.16 4.08
C PRO A 73 17.82 -1.11 3.27
N ASP A 74 17.89 -2.24 3.97
CA ASP A 74 17.63 -3.54 3.36
C ASP A 74 16.17 -3.62 2.93
N ASP A 75 15.31 -3.03 3.75
CA ASP A 75 13.88 -3.04 3.53
C ASP A 75 13.48 -2.19 2.32
N GLU A 76 14.35 -1.30 1.86
CA GLU A 76 14.03 -0.48 0.71
C GLU A 76 13.69 -1.40 -0.45
N GLY A 77 12.66 -1.05 -1.18
CA GLY A 77 12.23 -1.87 -2.31
C GLY A 77 10.93 -1.37 -2.88
N VAL A 78 10.12 -2.31 -3.38
CA VAL A 78 8.84 -1.97 -3.97
C VAL A 78 7.73 -2.65 -3.19
N TYR A 79 6.74 -1.85 -2.85
CA TYR A 79 5.56 -2.32 -2.12
C TYR A 79 4.36 -2.18 -3.03
N SER A 80 3.50 -3.20 -3.07
CA SER A 80 2.32 -3.13 -3.93
C SER A 80 1.07 -3.46 -3.15
N VAL A 81 -0.05 -2.94 -3.63
CA VAL A 81 -1.34 -3.17 -2.98
C VAL A 81 -2.29 -3.68 -4.05
N ILE A 82 -2.98 -4.76 -3.76
CA ILE A 82 -3.90 -5.33 -4.73
C ILE A 82 -5.27 -5.49 -4.12
N ALA A 83 -6.30 -5.00 -4.80
CA ALA A 83 -7.67 -5.13 -4.30
C ALA A 83 -8.37 -6.20 -5.13
N ARG A 84 -8.95 -7.23 -4.48
CA ARG A 84 -9.59 -8.32 -5.24
C ARG A 84 -11.03 -8.64 -4.82
N LEU A 85 -11.87 -8.76 -5.84
CA LEU A 85 -13.25 -9.19 -5.70
C LEU A 85 -13.63 -9.79 -7.06
N GLU A 86 -13.93 -11.08 -7.11
CA GLU A 86 -14.25 -11.70 -8.41
C GLU A 86 -15.72 -12.12 -8.51
N PRO A 87 -16.26 -12.16 -9.73
CA PRO A 87 -15.58 -11.74 -11.00
C PRO A 87 -15.70 -10.22 -11.23
N ARG A 88 -14.60 -9.44 -11.17
CA ARG A 88 -14.70 -8.00 -11.46
C ARG A 88 -13.48 -7.47 -12.23
N GLY A 89 -12.29 -8.04 -11.97
CA GLY A 89 -11.07 -7.56 -12.61
C GLY A 89 -10.23 -6.74 -11.60
N GLU A 90 -9.44 -7.44 -10.78
CA GLU A 90 -8.64 -6.81 -9.74
C GLU A 90 -7.57 -5.87 -10.29
N ALA A 91 -7.23 -4.91 -9.45
CA ALA A 91 -6.23 -3.88 -9.80
C ALA A 91 -4.93 -4.06 -9.04
N ARG A 92 -3.83 -3.61 -9.64
CA ARG A 92 -2.52 -3.68 -9.01
C ARG A 92 -1.87 -2.31 -9.04
N SER A 93 -1.24 -1.93 -7.93
CA SER A 93 -0.55 -0.65 -7.83
C SER A 93 0.65 -0.79 -6.90
N THR A 94 1.69 0.01 -7.12
CA THR A 94 2.87 -0.05 -6.27
C THR A 94 3.59 1.28 -6.13
N ALA A 95 4.44 1.30 -5.12
CA ALA A 95 5.24 2.46 -4.76
C ALA A 95 6.58 1.98 -4.19
N GLU A 96 7.57 2.86 -4.22
CA GLU A 96 8.91 2.52 -3.74
C GLU A 96 9.19 3.04 -2.35
N LEU A 97 9.99 2.25 -1.65
CA LEU A 97 10.43 2.58 -0.30
C LEU A 97 11.89 2.95 -0.31
N LYS A 98 12.19 4.09 0.29
CA LYS A 98 13.56 4.59 0.37
C LYS A 98 13.93 4.89 1.79
N GLY A 99 15.19 4.67 2.14
CA GLY A 99 15.66 4.94 3.49
C GLY A 99 16.42 6.25 3.58
N GLU A 100 15.86 7.15 4.34
CA GLU A 100 16.45 8.44 4.59
C GLU A 100 17.67 8.29 5.48
N LEU A 101 18.71 9.02 5.13
CA LEU A 101 19.97 8.98 5.86
C LEU A 101 19.84 9.76 7.18
N ARG A 102 20.46 9.23 8.23
CA ARG A 102 20.42 9.88 9.53
C ARG A 102 21.33 11.10 9.57
N SER A 103 20.89 12.13 10.29
CA SER A 103 21.68 13.36 10.41
C SER A 103 22.86 13.15 11.34
N GLY A 104 23.85 14.04 11.25
CA GLY A 104 25.03 13.94 12.10
C GLY A 104 24.69 14.32 13.54
N CYS A 105 25.63 14.05 14.45
CA CYS A 105 25.42 14.38 15.85
C CYS A 105 25.43 15.89 16.05
N GLY A 1 -30.44 0.36 -18.02
CA GLY A 1 -30.34 -0.80 -17.10
C GLY A 1 -29.11 -0.66 -16.20
N ILE A 2 -29.29 -1.00 -14.93
CA ILE A 2 -28.23 -0.91 -13.92
C ILE A 2 -27.90 -2.29 -13.36
N ASP A 3 -26.62 -2.64 -13.37
CA ASP A 3 -26.19 -3.93 -12.85
C ASP A 3 -24.67 -4.09 -12.98
N PRO A 4 -24.11 -3.79 -14.14
CA PRO A 4 -22.65 -3.92 -14.38
C PRO A 4 -21.82 -2.92 -13.58
N PHE A 5 -22.48 -1.85 -13.13
CA PHE A 5 -21.80 -0.80 -12.38
C PHE A 5 -21.16 -1.32 -11.09
N THR A 6 -21.90 -2.10 -10.32
CA THR A 6 -21.37 -2.63 -9.07
C THR A 6 -20.27 -3.66 -9.34
N ALA A 7 -20.46 -4.44 -10.39
CA ALA A 7 -19.51 -5.48 -10.76
C ALA A 7 -18.37 -4.91 -11.60
N GLU A 8 -18.42 -3.62 -11.86
CA GLU A 8 -17.40 -2.98 -12.67
C GLU A 8 -16.02 -3.15 -12.02
N PRO A 9 -14.95 -3.09 -12.78
CA PRO A 9 -13.58 -3.25 -12.23
C PRO A 9 -13.22 -2.21 -11.19
N ILE A 10 -12.43 -2.63 -10.21
CA ILE A 10 -11.98 -1.79 -9.12
C ILE A 10 -10.57 -1.30 -9.40
N GLN A 11 -10.34 -0.02 -9.15
CA GLN A 11 -9.02 0.58 -9.38
C GLN A 11 -8.67 1.47 -8.20
N PHE A 12 -7.40 1.81 -8.04
CA PHE A 12 -6.99 2.66 -6.93
C PHE A 12 -6.94 4.10 -7.39
N THR A 13 -7.85 4.90 -6.89
CA THR A 13 -7.88 6.30 -7.28
C THR A 13 -6.66 7.02 -6.75
N LYS A 14 -6.34 6.77 -5.47
CA LYS A 14 -5.20 7.43 -4.86
C LYS A 14 -3.88 6.97 -5.47
N ARG A 15 -3.78 5.68 -5.75
CA ARG A 15 -2.58 5.11 -6.35
C ARG A 15 -1.34 5.42 -5.50
N ILE A 16 -1.07 4.55 -4.53
CA ILE A 16 0.07 4.72 -3.62
C ILE A 16 1.30 5.27 -4.34
N GLN A 17 2.08 6.06 -3.59
CA GLN A 17 3.28 6.70 -4.10
C GLN A 17 4.52 6.33 -3.28
N ASN A 18 5.67 6.68 -3.85
CA ASN A 18 6.96 6.38 -3.24
C ASN A 18 7.13 7.08 -1.90
N ILE A 19 7.74 6.37 -0.95
CA ILE A 19 7.96 6.85 0.42
C ILE A 19 9.42 6.84 0.83
N VAL A 20 9.89 7.93 1.44
CA VAL A 20 11.26 7.95 1.95
C VAL A 20 11.12 8.05 3.47
N VAL A 21 11.77 7.12 4.16
CA VAL A 21 11.68 6.98 5.62
C VAL A 21 13.01 6.82 6.33
N SER A 22 13.14 7.51 7.46
CA SER A 22 14.33 7.42 8.28
C SER A 22 14.44 5.99 8.80
N GLU A 23 15.65 5.54 9.08
CA GLU A 23 15.85 4.17 9.50
C GLU A 23 15.05 3.78 10.73
N HIS A 24 15.00 4.65 11.72
CA HIS A 24 14.27 4.34 12.96
C HIS A 24 12.77 4.66 12.89
N GLN A 25 12.34 5.38 11.84
CA GLN A 25 10.93 5.73 11.72
C GLN A 25 10.10 4.60 11.10
N SER A 26 8.97 4.96 10.50
CA SER A 26 8.07 3.97 9.90
C SER A 26 7.53 4.49 8.58
N ALA A 27 7.04 3.59 7.72
CA ALA A 27 6.51 3.98 6.41
C ALA A 27 5.06 3.56 6.25
N THR A 28 4.24 4.44 5.69
CA THR A 28 2.83 4.13 5.46
C THR A 28 2.45 4.31 4.00
N PHE A 29 1.86 3.27 3.40
CA PHE A 29 1.38 3.37 2.04
C PHE A 29 -0.13 3.43 2.13
N GLU A 30 -0.70 4.53 1.69
CA GLU A 30 -2.15 4.72 1.77
C GLU A 30 -2.76 4.60 0.39
N CYS A 31 -3.92 3.97 0.31
CA CYS A 31 -4.62 3.79 -0.97
C CYS A 31 -6.11 4.01 -0.79
N GLU A 32 -6.77 4.38 -1.88
CA GLU A 32 -8.21 4.59 -1.90
C GLU A 32 -8.76 3.84 -3.09
N VAL A 33 -9.94 3.24 -2.94
CA VAL A 33 -10.52 2.45 -4.03
C VAL A 33 -11.98 2.77 -4.28
N SER A 34 -12.44 2.37 -5.45
CA SER A 34 -13.82 2.57 -5.88
C SER A 34 -14.81 1.88 -4.94
N PHE A 35 -14.50 0.65 -4.49
CA PHE A 35 -15.42 -0.08 -3.60
C PHE A 35 -14.72 -0.50 -2.30
N ASP A 36 -15.51 -0.54 -1.21
CA ASP A 36 -14.99 -0.92 0.10
C ASP A 36 -15.18 -2.39 0.40
N ASP A 37 -15.89 -3.02 -0.51
CA ASP A 37 -16.19 -4.44 -0.38
C ASP A 37 -15.00 -5.27 -0.83
N ALA A 38 -13.99 -4.59 -1.34
CA ALA A 38 -12.80 -5.24 -1.84
C ALA A 38 -11.89 -5.72 -0.71
N ILE A 39 -11.18 -6.81 -0.97
CA ILE A 39 -10.25 -7.39 -0.04
C ILE A 39 -8.86 -7.01 -0.49
N VAL A 40 -8.04 -6.49 0.42
CA VAL A 40 -6.71 -6.00 0.04
C VAL A 40 -5.55 -6.62 0.82
N THR A 41 -4.52 -6.99 0.03
CA THR A 41 -3.29 -7.58 0.56
C THR A 41 -2.09 -6.79 0.06
N TRP A 42 -1.15 -6.53 0.95
CA TRP A 42 0.05 -5.76 0.60
C TRP A 42 1.19 -6.70 0.30
N TYR A 43 1.95 -6.36 -0.75
CA TYR A 43 3.09 -7.19 -1.16
C TYR A 43 4.39 -6.43 -1.21
N LYS A 44 5.41 -7.10 -0.72
CA LYS A 44 6.77 -6.58 -0.80
C LYS A 44 7.51 -7.60 -1.64
N GLY A 45 8.09 -7.18 -2.76
CA GLY A 45 8.75 -8.14 -3.63
C GLY A 45 7.82 -9.36 -3.83
N PRO A 46 8.37 -10.52 -4.02
CA PRO A 46 7.57 -11.77 -4.20
C PRO A 46 6.87 -12.17 -2.89
N THR A 47 7.35 -11.59 -1.79
CA THR A 47 6.87 -11.90 -0.45
C THR A 47 5.67 -11.04 -0.03
N GLU A 48 4.65 -11.69 0.50
CA GLU A 48 3.46 -11.00 0.99
C GLU A 48 3.70 -10.56 2.44
N LEU A 49 3.08 -9.45 2.83
CA LEU A 49 3.27 -8.92 4.18
C LEU A 49 2.17 -9.37 5.12
N THR A 50 2.59 -9.85 6.28
CA THR A 50 1.68 -10.33 7.31
C THR A 50 2.07 -9.76 8.65
N GLU A 51 1.09 -9.75 9.55
CA GLU A 51 1.30 -9.20 10.86
C GLU A 51 2.24 -10.07 11.70
N SER A 52 3.13 -9.39 12.39
CA SER A 52 4.11 -10.01 13.28
C SER A 52 4.66 -8.89 14.16
N GLN A 53 3.74 -8.04 14.61
CA GLN A 53 4.10 -6.88 15.40
C GLN A 53 5.11 -6.09 14.58
N LYS A 54 5.08 -6.38 13.28
CA LYS A 54 5.94 -5.72 12.30
C LYS A 54 5.13 -4.80 11.38
N TYR A 55 4.09 -5.35 10.74
CA TYR A 55 3.24 -4.56 9.82
C TYR A 55 1.89 -4.29 10.46
N ASN A 56 1.46 -3.03 10.48
CA ASN A 56 0.13 -2.69 11.03
C ASN A 56 -0.83 -2.43 9.89
N PHE A 57 -1.84 -3.29 9.76
CA PHE A 57 -2.84 -3.13 8.70
C PHE A 57 -4.12 -2.56 9.30
N ARG A 58 -4.54 -1.38 8.85
CA ARG A 58 -5.78 -0.76 9.37
C ARG A 58 -6.74 -0.47 8.24
N ASN A 59 -7.99 -0.91 8.39
CA ASN A 59 -9.02 -0.68 7.38
C ASN A 59 -10.00 0.40 7.84
N ASP A 60 -10.39 1.25 6.90
CA ASP A 60 -11.36 2.31 7.20
C ASP A 60 -12.22 2.55 5.96
N GLY A 61 -13.28 1.77 5.84
CA GLY A 61 -14.16 1.91 4.68
C GLY A 61 -13.37 1.67 3.39
N ARG A 62 -13.47 2.60 2.47
CA ARG A 62 -12.78 2.51 1.19
C ARG A 62 -11.27 2.65 1.36
N CYS A 63 -10.85 3.24 2.47
CA CYS A 63 -9.42 3.46 2.73
C CYS A 63 -8.77 2.27 3.45
N HIS A 64 -7.57 1.92 2.99
CA HIS A 64 -6.78 0.84 3.60
C HIS A 64 -5.38 1.37 3.88
N TYR A 65 -4.88 1.19 5.11
CA TYR A 65 -3.55 1.69 5.45
C TYR A 65 -2.63 0.55 5.88
N MET A 66 -1.37 0.62 5.45
CA MET A 66 -0.37 -0.36 5.85
C MET A 66 0.84 0.39 6.35
N THR A 67 1.30 0.05 7.55
CA THR A 67 2.45 0.76 8.16
C THR A 67 3.58 -0.21 8.48
N ILE A 68 4.79 0.16 8.07
CA ILE A 68 5.97 -0.66 8.31
C ILE A 68 6.80 0.04 9.37
N HIS A 69 7.19 -0.67 10.44
CA HIS A 69 7.94 -0.05 11.53
C HIS A 69 9.40 -0.48 11.54
N ASN A 70 10.28 0.45 11.92
CA ASN A 70 11.73 0.16 12.00
C ASN A 70 12.26 -0.20 10.63
N VAL A 71 12.16 0.75 9.70
CA VAL A 71 12.62 0.53 8.34
C VAL A 71 14.13 0.49 8.28
N THR A 72 14.65 -0.53 7.60
CA THR A 72 16.09 -0.72 7.43
C THR A 72 16.46 -0.39 5.97
N PRO A 73 17.68 -0.03 5.67
CA PRO A 73 18.04 0.26 4.26
C PRO A 73 17.85 -0.99 3.41
N ASP A 74 17.96 -2.13 4.09
CA ASP A 74 17.78 -3.43 3.47
C ASP A 74 16.35 -3.58 2.97
N ASP A 75 15.44 -3.07 3.79
CA ASP A 75 14.00 -3.14 3.51
C ASP A 75 13.58 -2.27 2.33
N GLU A 76 14.42 -1.33 1.91
CA GLU A 76 14.06 -0.49 0.77
C GLU A 76 13.75 -1.39 -0.42
N GLY A 77 12.71 -1.05 -1.14
CA GLY A 77 12.32 -1.86 -2.29
C GLY A 77 10.99 -1.40 -2.87
N VAL A 78 10.19 -2.38 -3.29
CA VAL A 78 8.89 -2.09 -3.89
C VAL A 78 7.77 -2.72 -3.08
N TYR A 79 6.78 -1.88 -2.80
CA TYR A 79 5.58 -2.28 -2.07
C TYR A 79 4.37 -2.08 -2.96
N SER A 80 3.42 -3.00 -2.91
CA SER A 80 2.24 -2.89 -3.75
C SER A 80 1.00 -3.28 -2.98
N VAL A 81 -0.13 -2.79 -3.46
CA VAL A 81 -1.41 -3.08 -2.82
C VAL A 81 -2.32 -3.62 -3.90
N ILE A 82 -2.99 -4.72 -3.61
CA ILE A 82 -3.86 -5.34 -4.60
C ILE A 82 -5.25 -5.54 -4.00
N ALA A 83 -6.27 -5.08 -4.71
CA ALA A 83 -7.66 -5.24 -4.26
C ALA A 83 -8.35 -6.29 -5.13
N ARG A 84 -9.00 -7.30 -4.53
CA ARG A 84 -9.64 -8.35 -5.34
C ARG A 84 -11.08 -8.69 -4.97
N LEU A 85 -11.92 -8.72 -6.00
CA LEU A 85 -13.31 -9.15 -5.90
C LEU A 85 -13.70 -9.67 -7.29
N GLU A 86 -13.97 -10.95 -7.43
CA GLU A 86 -14.32 -11.49 -8.74
C GLU A 86 -15.78 -11.95 -8.81
N PRO A 87 -16.37 -11.97 -9.99
CA PRO A 87 -15.76 -11.46 -11.27
C PRO A 87 -15.93 -9.94 -11.44
N ARG A 88 -14.85 -9.14 -11.39
CA ARG A 88 -14.99 -7.69 -11.60
C ARG A 88 -13.80 -7.11 -12.38
N GLY A 89 -12.61 -7.68 -12.19
CA GLY A 89 -11.41 -7.14 -12.84
C GLY A 89 -10.55 -6.41 -11.79
N GLU A 90 -9.74 -7.17 -11.03
CA GLU A 90 -8.93 -6.60 -9.97
C GLU A 90 -7.94 -5.53 -10.46
N ALA A 91 -7.15 -5.02 -9.51
CA ALA A 91 -6.19 -3.95 -9.80
C ALA A 91 -4.90 -4.12 -9.00
N ARG A 92 -3.80 -3.61 -9.56
CA ARG A 92 -2.50 -3.67 -8.89
C ARG A 92 -1.86 -2.27 -8.90
N SER A 93 -1.23 -1.90 -7.80
CA SER A 93 -0.55 -0.59 -7.69
C SER A 93 0.83 -0.76 -7.08
N THR A 94 1.76 0.14 -7.39
CA THR A 94 3.12 0.04 -6.86
C THR A 94 3.65 1.35 -6.31
N ALA A 95 4.64 1.18 -5.45
CA ALA A 95 5.32 2.28 -4.80
C ALA A 95 6.68 1.81 -4.32
N GLU A 96 7.62 2.74 -4.18
CA GLU A 96 8.96 2.42 -3.73
C GLU A 96 9.26 2.96 -2.36
N LEU A 97 10.03 2.17 -1.64
CA LEU A 97 10.46 2.51 -0.29
C LEU A 97 11.93 2.90 -0.30
N LYS A 98 12.21 4.04 0.30
CA LYS A 98 13.57 4.55 0.38
C LYS A 98 13.93 4.89 1.81
N GLY A 99 15.19 4.67 2.15
CA GLY A 99 15.66 4.94 3.49
C GLY A 99 16.40 6.27 3.57
N GLU A 100 15.90 7.12 4.43
CA GLU A 100 16.47 8.43 4.67
C GLU A 100 17.57 8.33 5.71
N LEU A 101 18.66 9.04 5.43
CA LEU A 101 19.81 9.05 6.33
C LEU A 101 19.52 9.90 7.58
N ARG A 102 20.02 9.44 8.72
CA ARG A 102 19.82 10.17 9.97
C ARG A 102 20.74 11.39 10.02
N SER A 103 20.25 12.47 10.60
CA SER A 103 21.03 13.69 10.72
C SER A 103 22.07 13.57 11.82
N GLY A 104 23.09 14.41 11.78
CA GLY A 104 24.15 14.37 12.78
C GLY A 104 25.07 15.58 12.68
N CYS A 105 25.97 15.70 13.64
CA CYS A 105 26.92 16.81 13.67
C CYS A 105 28.03 16.58 12.64
N GLY A 1 -21.21 0.53 -19.11
CA GLY A 1 -20.58 -0.83 -19.13
C GLY A 1 -21.64 -1.90 -19.40
N ILE A 2 -21.30 -2.87 -20.23
CA ILE A 2 -22.23 -3.96 -20.57
C ILE A 2 -22.50 -4.82 -19.35
N ASP A 3 -21.44 -5.06 -18.59
CA ASP A 3 -21.54 -5.85 -17.36
C ASP A 3 -22.06 -4.98 -16.22
N PRO A 4 -22.33 -5.59 -15.07
CA PRO A 4 -22.87 -4.78 -13.91
C PRO A 4 -21.86 -3.67 -13.46
N PHE A 5 -22.39 -2.51 -13.06
CA PHE A 5 -21.55 -1.40 -12.62
C PHE A 5 -20.70 -1.80 -11.42
N THR A 6 -21.31 -2.46 -10.44
CA THR A 6 -20.59 -2.89 -9.24
C THR A 6 -19.55 -3.95 -9.57
N ALA A 7 -19.86 -4.79 -10.55
CA ALA A 7 -18.96 -5.86 -10.95
C ALA A 7 -17.79 -5.34 -11.75
N GLU A 8 -17.86 -4.08 -12.13
CA GLU A 8 -16.81 -3.48 -12.91
C GLU A 8 -15.48 -3.59 -12.17
N PRO A 9 -14.35 -3.55 -12.87
CA PRO A 9 -13.03 -3.67 -12.20
C PRO A 9 -12.77 -2.54 -11.21
N ILE A 10 -12.07 -2.91 -10.14
CA ILE A 10 -11.73 -1.99 -9.07
C ILE A 10 -10.33 -1.44 -9.29
N GLN A 11 -10.18 -0.13 -9.09
CA GLN A 11 -8.89 0.53 -9.28
C GLN A 11 -8.62 1.45 -8.10
N PHE A 12 -7.35 1.82 -7.90
CA PHE A 12 -7.00 2.70 -6.79
C PHE A 12 -6.97 4.12 -7.28
N THR A 13 -7.89 4.93 -6.78
CA THR A 13 -7.94 6.31 -7.19
C THR A 13 -6.73 7.07 -6.64
N LYS A 14 -6.40 6.82 -5.38
CA LYS A 14 -5.27 7.49 -4.74
C LYS A 14 -3.94 7.10 -5.36
N ARG A 15 -3.82 5.82 -5.68
CA ARG A 15 -2.58 5.30 -6.28
C ARG A 15 -1.34 5.57 -5.41
N ILE A 16 -1.06 4.66 -4.48
CA ILE A 16 0.10 4.80 -3.58
C ILE A 16 1.32 5.36 -4.31
N GLN A 17 2.12 6.13 -3.56
CA GLN A 17 3.34 6.76 -4.11
C GLN A 17 4.58 6.37 -3.30
N ASN A 18 5.74 6.73 -3.84
CA ASN A 18 7.03 6.43 -3.25
C ASN A 18 7.18 7.10 -1.88
N ILE A 19 7.80 6.37 -0.94
CA ILE A 19 7.99 6.84 0.43
C ILE A 19 9.46 6.83 0.84
N VAL A 20 9.92 7.92 1.46
CA VAL A 20 11.28 7.94 1.98
C VAL A 20 11.12 8.03 3.50
N VAL A 21 11.77 7.11 4.20
CA VAL A 21 11.66 6.98 5.65
C VAL A 21 12.98 6.83 6.39
N SER A 22 13.08 7.53 7.50
CA SER A 22 14.27 7.45 8.34
C SER A 22 14.39 6.04 8.87
N GLU A 23 15.61 5.63 9.18
CA GLU A 23 15.84 4.27 9.61
C GLU A 23 15.04 3.90 10.84
N HIS A 24 14.91 4.82 11.79
CA HIS A 24 14.18 4.53 13.03
C HIS A 24 12.67 4.82 12.93
N GLN A 25 12.23 5.48 11.87
CA GLN A 25 10.81 5.80 11.72
C GLN A 25 10.01 4.67 11.09
N SER A 26 8.82 5.00 10.60
CA SER A 26 7.91 4.02 9.99
C SER A 26 7.36 4.55 8.67
N ALA A 27 7.08 3.62 7.75
CA ALA A 27 6.56 3.98 6.42
C ALA A 27 5.10 3.57 6.27
N THR A 28 4.30 4.46 5.69
CA THR A 28 2.88 4.17 5.46
C THR A 28 2.51 4.35 3.99
N PHE A 29 1.89 3.31 3.41
CA PHE A 29 1.41 3.41 2.05
C PHE A 29 -0.09 3.51 2.15
N GLU A 30 -0.64 4.61 1.69
CA GLU A 30 -2.08 4.83 1.77
C GLU A 30 -2.71 4.71 0.39
N CYS A 31 -3.89 4.11 0.35
CA CYS A 31 -4.61 3.92 -0.91
C CYS A 31 -6.11 4.12 -0.71
N GLU A 32 -6.78 4.45 -1.81
CA GLU A 32 -8.23 4.62 -1.81
C GLU A 32 -8.77 3.84 -2.98
N VAL A 33 -9.95 3.25 -2.84
CA VAL A 33 -10.52 2.44 -3.92
C VAL A 33 -11.98 2.77 -4.19
N SER A 34 -12.41 2.37 -5.37
CA SER A 34 -13.79 2.60 -5.82
C SER A 34 -14.80 1.89 -4.92
N PHE A 35 -14.50 0.65 -4.50
CA PHE A 35 -15.44 -0.12 -3.67
C PHE A 35 -14.88 -0.36 -2.26
N ASP A 36 -15.80 -0.41 -1.28
CA ASP A 36 -15.44 -0.61 0.12
C ASP A 36 -15.43 -2.09 0.52
N ASP A 37 -16.14 -2.87 -0.26
CA ASP A 37 -16.29 -4.31 0.01
C ASP A 37 -15.08 -5.10 -0.48
N ALA A 38 -14.12 -4.40 -1.07
CA ALA A 38 -12.94 -5.05 -1.61
C ALA A 38 -11.98 -5.48 -0.51
N ILE A 39 -11.27 -6.58 -0.77
CA ILE A 39 -10.30 -7.14 0.14
C ILE A 39 -8.92 -6.78 -0.38
N VAL A 40 -8.07 -6.22 0.47
CA VAL A 40 -6.75 -5.76 0.03
C VAL A 40 -5.57 -6.39 0.79
N THR A 41 -4.58 -6.82 0.00
CA THR A 41 -3.35 -7.43 0.51
C THR A 41 -2.12 -6.68 -0.02
N TRP A 42 -1.15 -6.43 0.84
CA TRP A 42 0.06 -5.72 0.45
C TRP A 42 1.18 -6.70 0.15
N TYR A 43 1.95 -6.39 -0.89
CA TYR A 43 3.06 -7.24 -1.30
C TYR A 43 4.39 -6.51 -1.37
N LYS A 44 5.42 -7.21 -0.93
CA LYS A 44 6.78 -6.70 -1.00
C LYS A 44 7.56 -7.71 -1.81
N GLY A 45 7.66 -7.49 -3.12
CA GLY A 45 8.32 -8.45 -3.96
C GLY A 45 7.46 -9.71 -3.99
N PRO A 46 8.03 -10.87 -4.15
CA PRO A 46 7.27 -12.14 -4.17
C PRO A 46 6.65 -12.45 -2.80
N THR A 47 7.19 -11.81 -1.76
CA THR A 47 6.76 -12.01 -0.39
C THR A 47 5.57 -11.10 -0.02
N GLU A 48 4.55 -11.70 0.56
CA GLU A 48 3.37 -10.97 1.02
C GLU A 48 3.64 -10.48 2.43
N LEU A 49 3.04 -9.36 2.80
CA LEU A 49 3.24 -8.80 4.13
C LEU A 49 2.14 -9.25 5.07
N THR A 50 2.55 -9.73 6.22
CA THR A 50 1.63 -10.20 7.24
C THR A 50 2.02 -9.66 8.61
N GLU A 51 1.06 -9.65 9.51
CA GLU A 51 1.30 -9.12 10.83
C GLU A 51 2.21 -10.01 11.67
N SER A 52 3.12 -9.36 12.37
CA SER A 52 4.08 -10.01 13.25
C SER A 52 4.67 -8.93 14.13
N GLN A 53 3.77 -8.10 14.67
CA GLN A 53 4.13 -6.96 15.48
C GLN A 53 5.13 -6.14 14.66
N LYS A 54 5.07 -6.39 13.34
CA LYS A 54 5.91 -5.70 12.36
C LYS A 54 5.08 -4.79 11.45
N TYR A 55 4.07 -5.38 10.78
CA TYR A 55 3.23 -4.62 9.85
C TYR A 55 1.84 -4.39 10.46
N ASN A 56 1.39 -3.13 10.46
CA ASN A 56 0.05 -2.81 10.98
C ASN A 56 -0.91 -2.56 9.83
N PHE A 57 -1.90 -3.43 9.68
CA PHE A 57 -2.87 -3.29 8.62
C PHE A 57 -4.18 -2.75 9.20
N ARG A 58 -4.60 -1.56 8.75
CA ARG A 58 -5.84 -0.96 9.26
C ARG A 58 -6.79 -0.70 8.10
N ASN A 59 -8.03 -1.14 8.26
CA ASN A 59 -9.05 -0.94 7.23
C ASN A 59 -10.13 -0.01 7.75
N ASP A 60 -10.32 1.12 7.06
CA ASP A 60 -11.31 2.09 7.44
C ASP A 60 -12.14 2.48 6.21
N GLY A 61 -13.33 1.88 6.09
CA GLY A 61 -14.18 2.18 4.96
C GLY A 61 -13.47 1.87 3.65
N ARG A 62 -13.59 2.80 2.70
CA ARG A 62 -12.95 2.65 1.40
C ARG A 62 -11.43 2.74 1.50
N CYS A 63 -10.93 3.36 2.57
CA CYS A 63 -9.48 3.54 2.75
C CYS A 63 -8.86 2.40 3.55
N HIS A 64 -7.65 2.01 3.15
CA HIS A 64 -6.90 0.97 3.84
C HIS A 64 -5.47 1.48 4.05
N TYR A 65 -4.90 1.23 5.24
CA TYR A 65 -3.56 1.74 5.54
C TYR A 65 -2.62 0.59 5.97
N MET A 66 -1.37 0.68 5.52
CA MET A 66 -0.34 -0.29 5.91
C MET A 66 0.83 0.47 6.48
N THR A 67 1.26 0.12 7.68
CA THR A 67 2.40 0.81 8.31
C THR A 67 3.51 -0.17 8.62
N ILE A 68 4.72 0.19 8.19
CA ILE A 68 5.89 -0.64 8.41
C ILE A 68 6.73 0.04 9.49
N HIS A 69 7.08 -0.70 10.54
CA HIS A 69 7.84 -0.11 11.65
C HIS A 69 9.30 -0.55 11.62
N ASN A 70 10.19 0.40 11.92
CA ASN A 70 11.62 0.12 11.92
C ASN A 70 12.09 -0.27 10.53
N VAL A 71 12.28 0.74 9.69
CA VAL A 71 12.69 0.51 8.32
C VAL A 71 14.21 0.52 8.22
N THR A 72 14.75 -0.52 7.58
CA THR A 72 16.19 -0.65 7.39
C THR A 72 16.52 -0.42 5.92
N PRO A 73 17.77 -0.19 5.55
CA PRO A 73 18.10 0.04 4.13
C PRO A 73 17.81 -1.21 3.30
N ASP A 74 17.84 -2.36 3.98
CA ASP A 74 17.55 -3.65 3.36
C ASP A 74 16.10 -3.69 2.90
N ASP A 75 15.25 -3.12 3.73
CA ASP A 75 13.81 -3.11 3.48
C ASP A 75 13.44 -2.23 2.30
N GLU A 76 14.33 -1.32 1.89
CA GLU A 76 14.02 -0.47 0.75
C GLU A 76 13.72 -1.36 -0.44
N GLY A 77 12.71 -1.00 -1.20
CA GLY A 77 12.33 -1.80 -2.36
C GLY A 77 11.00 -1.33 -2.94
N VAL A 78 10.21 -2.29 -3.38
CA VAL A 78 8.92 -1.99 -3.99
C VAL A 78 7.78 -2.63 -3.20
N TYR A 79 6.79 -1.82 -2.90
CA TYR A 79 5.60 -2.26 -2.17
C TYR A 79 4.38 -2.10 -3.07
N SER A 80 3.50 -3.11 -3.07
CA SER A 80 2.31 -3.07 -3.91
C SER A 80 1.07 -3.36 -3.09
N VAL A 81 -0.04 -2.84 -3.57
CA VAL A 81 -1.32 -3.07 -2.92
C VAL A 81 -2.28 -3.61 -3.96
N ILE A 82 -2.96 -4.69 -3.63
CA ILE A 82 -3.89 -5.31 -4.56
C ILE A 82 -5.28 -5.42 -3.97
N ALA A 83 -6.27 -4.94 -4.71
CA ALA A 83 -7.65 -5.03 -4.28
C ALA A 83 -8.36 -5.99 -5.22
N ARG A 84 -9.00 -7.04 -4.68
CA ARG A 84 -9.64 -8.02 -5.56
C ARG A 84 -10.97 -8.57 -5.03
N LEU A 85 -11.88 -8.77 -5.99
CA LEU A 85 -13.19 -9.35 -5.76
C LEU A 85 -13.58 -9.99 -7.09
N GLU A 86 -13.69 -11.30 -7.13
CA GLU A 86 -13.99 -11.97 -8.40
C GLU A 86 -15.47 -12.34 -8.54
N PRO A 87 -16.01 -12.35 -9.75
CA PRO A 87 -15.33 -11.92 -11.02
C PRO A 87 -15.46 -10.39 -11.27
N ARG A 88 -14.37 -9.60 -11.19
CA ARG A 88 -14.48 -8.17 -11.49
C ARG A 88 -13.26 -7.63 -12.24
N GLY A 89 -12.08 -8.17 -11.94
CA GLY A 89 -10.83 -7.68 -12.57
C GLY A 89 -10.04 -6.84 -11.56
N GLU A 90 -9.27 -7.49 -10.69
CA GLU A 90 -8.51 -6.81 -9.66
C GLU A 90 -7.43 -5.88 -10.21
N ALA A 91 -7.11 -4.89 -9.39
CA ALA A 91 -6.12 -3.86 -9.74
C ALA A 91 -4.82 -4.04 -8.96
N ARG A 92 -3.71 -3.63 -9.59
CA ARG A 92 -2.40 -3.71 -8.95
C ARG A 92 -1.75 -2.32 -9.00
N SER A 93 -1.12 -1.92 -7.91
CA SER A 93 -0.45 -0.61 -7.82
C SER A 93 0.93 -0.77 -7.19
N THR A 94 1.86 0.13 -7.53
CA THR A 94 3.21 0.07 -6.97
C THR A 94 3.70 1.39 -6.41
N ALA A 95 4.68 1.23 -5.54
CA ALA A 95 5.35 2.33 -4.88
C ALA A 95 6.70 1.86 -4.38
N GLU A 96 7.62 2.79 -4.20
CA GLU A 96 8.97 2.47 -3.75
C GLU A 96 9.25 2.99 -2.36
N LEU A 97 10.03 2.20 -1.64
CA LEU A 97 10.44 2.52 -0.28
C LEU A 97 11.92 2.90 -0.29
N LYS A 98 12.20 4.04 0.33
CA LYS A 98 13.58 4.55 0.42
C LYS A 98 13.92 4.88 1.85
N GLY A 99 15.17 4.64 2.20
CA GLY A 99 15.62 4.92 3.56
C GLY A 99 16.38 6.23 3.64
N GLU A 100 15.80 7.14 4.39
CA GLU A 100 16.38 8.44 4.62
C GLU A 100 17.58 8.32 5.53
N LEU A 101 18.63 9.03 5.19
CA LEU A 101 19.85 9.01 5.98
C LEU A 101 19.69 9.81 7.26
N ARG A 102 20.27 9.32 8.34
CA ARG A 102 20.17 10.00 9.63
C ARG A 102 20.92 11.32 9.59
N SER A 103 20.31 12.38 10.10
CA SER A 103 20.93 13.69 10.12
C SER A 103 22.07 13.72 11.13
N GLY A 104 23.11 14.50 10.84
CA GLY A 104 24.24 14.61 11.74
C GLY A 104 25.17 15.75 11.32
N CYS A 105 26.15 16.05 12.17
CA CYS A 105 27.10 17.11 11.87
C CYS A 105 27.90 16.80 10.61
N GLY A 1 -16.01 8.56 -9.07
CA GLY A 1 -17.33 7.96 -8.75
C GLY A 1 -17.38 6.53 -9.24
N ILE A 2 -18.59 5.95 -9.25
CA ILE A 2 -18.79 4.58 -9.72
C ILE A 2 -19.51 4.58 -11.07
N ASP A 3 -18.94 3.88 -12.04
CA ASP A 3 -19.54 3.82 -13.37
C ASP A 3 -20.97 3.26 -13.26
N PRO A 4 -21.68 3.12 -14.35
CA PRO A 4 -23.08 2.61 -14.32
C PRO A 4 -23.18 1.15 -13.89
N PHE A 5 -22.06 0.43 -14.02
CA PHE A 5 -22.02 -0.99 -13.67
C PHE A 5 -21.31 -1.20 -12.34
N THR A 6 -22.03 -1.79 -11.39
CA THR A 6 -21.48 -2.07 -10.06
C THR A 6 -20.28 -3.03 -10.15
N ALA A 7 -20.45 -4.07 -10.95
CA ALA A 7 -19.40 -5.09 -11.10
C ALA A 7 -18.22 -4.56 -11.88
N GLU A 8 -18.20 -3.27 -12.13
CA GLU A 8 -17.11 -2.67 -12.86
C GLU A 8 -15.79 -2.96 -12.14
N PRO A 9 -14.68 -3.03 -12.84
CA PRO A 9 -13.37 -3.30 -12.20
C PRO A 9 -12.98 -2.26 -11.17
N ILE A 10 -12.31 -2.72 -10.13
CA ILE A 10 -11.86 -1.88 -9.04
C ILE A 10 -10.44 -1.41 -9.28
N GLN A 11 -10.21 -0.13 -9.04
CA GLN A 11 -8.90 0.47 -9.23
C GLN A 11 -8.59 1.39 -8.07
N PHE A 12 -7.32 1.73 -7.88
CA PHE A 12 -6.95 2.62 -6.78
C PHE A 12 -6.93 4.04 -7.28
N THR A 13 -7.86 4.83 -6.77
CA THR A 13 -7.94 6.21 -7.16
C THR A 13 -6.73 6.98 -6.65
N LYS A 14 -6.39 6.76 -5.38
CA LYS A 14 -5.25 7.42 -4.77
C LYS A 14 -3.92 6.99 -5.38
N ARG A 15 -3.82 5.70 -5.67
CA ARG A 15 -2.60 5.15 -6.28
C ARG A 15 -1.35 5.45 -5.44
N ILE A 16 -1.07 4.57 -4.48
CA ILE A 16 0.10 4.74 -3.59
C ILE A 16 1.33 5.27 -4.32
N GLN A 17 2.13 6.05 -3.59
CA GLN A 17 3.36 6.64 -4.16
C GLN A 17 4.57 6.31 -3.30
N ASN A 18 5.75 6.64 -3.84
CA ASN A 18 7.02 6.37 -3.18
C ASN A 18 7.16 7.09 -1.85
N ILE A 19 7.79 6.39 -0.91
CA ILE A 19 7.99 6.88 0.46
C ILE A 19 9.45 6.86 0.87
N VAL A 20 9.93 7.94 1.49
CA VAL A 20 11.29 7.95 2.01
C VAL A 20 11.14 8.03 3.53
N VAL A 21 11.78 7.09 4.21
CA VAL A 21 11.67 6.95 5.67
C VAL A 21 12.99 6.79 6.40
N SER A 22 13.11 7.50 7.51
CA SER A 22 14.28 7.40 8.35
C SER A 22 14.36 5.98 8.90
N GLU A 23 15.56 5.52 9.17
CA GLU A 23 15.73 4.15 9.60
C GLU A 23 14.92 3.81 10.84
N HIS A 24 14.92 4.69 11.82
CA HIS A 24 14.19 4.42 13.06
C HIS A 24 12.69 4.74 12.95
N GLN A 25 12.26 5.40 11.89
CA GLN A 25 10.84 5.74 11.75
C GLN A 25 10.02 4.62 11.12
N SER A 26 8.83 4.97 10.63
CA SER A 26 7.91 4.00 10.03
C SER A 26 7.37 4.53 8.70
N ALA A 27 7.07 3.61 7.79
CA ALA A 27 6.55 3.98 6.46
C ALA A 27 5.10 3.58 6.31
N THR A 28 4.29 4.47 5.72
CA THR A 28 2.87 4.18 5.49
C THR A 28 2.50 4.34 4.03
N PHE A 29 1.88 3.32 3.46
CA PHE A 29 1.40 3.39 2.10
C PHE A 29 -0.11 3.50 2.20
N GLU A 30 -0.65 4.60 1.73
CA GLU A 30 -2.09 4.83 1.80
C GLU A 30 -2.71 4.70 0.41
N CYS A 31 -3.87 4.07 0.37
CA CYS A 31 -4.59 3.88 -0.89
C CYS A 31 -6.09 4.10 -0.69
N GLU A 32 -6.76 4.40 -1.80
CA GLU A 32 -8.21 4.58 -1.81
C GLU A 32 -8.75 3.77 -2.97
N VAL A 33 -9.93 3.19 -2.82
CA VAL A 33 -10.50 2.37 -3.88
C VAL A 33 -11.95 2.69 -4.17
N SER A 34 -12.37 2.24 -5.34
CA SER A 34 -13.74 2.43 -5.81
C SER A 34 -14.73 1.75 -4.88
N PHE A 35 -14.40 0.54 -4.38
CA PHE A 35 -15.30 -0.19 -3.48
C PHE A 35 -14.62 -0.57 -2.17
N ASP A 36 -15.42 -0.61 -1.09
CA ASP A 36 -14.92 -0.94 0.25
C ASP A 36 -15.02 -2.43 0.53
N ASP A 37 -15.94 -3.07 -0.18
CA ASP A 37 -16.20 -4.49 0.00
C ASP A 37 -15.02 -5.33 -0.48
N ALA A 38 -14.08 -4.68 -1.15
CA ALA A 38 -12.92 -5.37 -1.68
C ALA A 38 -11.93 -5.73 -0.57
N ILE A 39 -11.21 -6.83 -0.79
CA ILE A 39 -10.22 -7.32 0.15
C ILE A 39 -8.85 -6.94 -0.39
N VAL A 40 -8.02 -6.34 0.48
CA VAL A 40 -6.72 -5.85 0.05
C VAL A 40 -5.55 -6.43 0.82
N THR A 41 -4.55 -6.87 0.04
CA THR A 41 -3.31 -7.45 0.56
C THR A 41 -2.10 -6.70 0.01
N TRP A 42 -1.13 -6.41 0.88
CA TRP A 42 0.08 -5.70 0.47
C TRP A 42 1.22 -6.68 0.20
N TYR A 43 2.00 -6.38 -0.84
CA TYR A 43 3.13 -7.21 -1.23
C TYR A 43 4.44 -6.45 -1.29
N LYS A 44 5.47 -7.10 -0.79
CA LYS A 44 6.82 -6.58 -0.88
C LYS A 44 7.55 -7.63 -1.70
N GLY A 45 8.12 -7.26 -2.84
CA GLY A 45 8.74 -8.28 -3.67
C GLY A 45 7.79 -9.47 -3.79
N PRO A 46 8.27 -10.66 -4.02
CA PRO A 46 7.40 -11.86 -4.12
C PRO A 46 6.74 -12.18 -2.77
N THR A 47 7.32 -11.65 -1.71
CA THR A 47 6.86 -11.88 -0.34
C THR A 47 5.66 -11.02 0.01
N GLU A 48 4.65 -11.65 0.58
CA GLU A 48 3.45 -10.95 1.04
C GLU A 48 3.70 -10.44 2.45
N LEU A 49 3.06 -9.34 2.82
CA LEU A 49 3.24 -8.77 4.14
C LEU A 49 2.13 -9.23 5.06
N THR A 50 2.53 -9.71 6.22
CA THR A 50 1.60 -10.20 7.22
C THR A 50 1.95 -9.66 8.60
N GLU A 51 0.97 -9.69 9.47
CA GLU A 51 1.13 -9.18 10.82
C GLU A 51 2.08 -10.04 11.65
N SER A 52 2.93 -9.34 12.39
CA SER A 52 3.89 -9.93 13.30
C SER A 52 4.39 -8.82 14.19
N GLN A 53 3.44 -7.99 14.59
CA GLN A 53 3.71 -6.79 15.37
C GLN A 53 4.76 -6.01 14.59
N LYS A 54 4.81 -6.31 13.30
CA LYS A 54 5.71 -5.65 12.36
C LYS A 54 4.91 -4.74 11.40
N TYR A 55 3.90 -5.31 10.73
CA TYR A 55 3.09 -4.54 9.77
C TYR A 55 1.71 -4.27 10.37
N ASN A 56 1.28 -3.02 10.36
CA ASN A 56 -0.07 -2.68 10.88
C ASN A 56 -1.03 -2.46 9.72
N PHE A 57 -2.01 -3.34 9.59
CA PHE A 57 -2.99 -3.22 8.52
C PHE A 57 -4.30 -2.68 9.10
N ARG A 58 -4.73 -1.48 8.67
CA ARG A 58 -5.97 -0.89 9.18
C ARG A 58 -6.96 -0.66 8.06
N ASN A 59 -8.18 -1.17 8.23
CA ASN A 59 -9.23 -1.01 7.21
C ASN A 59 -10.27 -0.02 7.70
N ASP A 60 -10.28 1.18 7.13
CA ASP A 60 -11.23 2.22 7.49
C ASP A 60 -12.08 2.63 6.29
N GLY A 61 -13.29 2.11 6.23
CA GLY A 61 -14.17 2.43 5.13
C GLY A 61 -13.53 2.05 3.78
N ARG A 62 -13.61 2.97 2.83
CA ARG A 62 -13.02 2.74 1.51
C ARG A 62 -11.49 2.76 1.55
N CYS A 63 -10.93 3.39 2.58
CA CYS A 63 -9.48 3.53 2.71
C CYS A 63 -8.85 2.42 3.55
N HIS A 64 -7.65 2.02 3.14
CA HIS A 64 -6.89 1.00 3.85
C HIS A 64 -5.47 1.52 4.06
N TYR A 65 -4.91 1.33 5.25
CA TYR A 65 -3.56 1.83 5.54
C TYR A 65 -2.63 0.69 5.97
N MET A 66 -1.39 0.75 5.49
CA MET A 66 -0.37 -0.22 5.88
C MET A 66 0.83 0.54 6.42
N THR A 67 1.25 0.20 7.64
CA THR A 67 2.39 0.88 8.27
C THR A 67 3.49 -0.10 8.61
N ILE A 68 4.71 0.22 8.20
CA ILE A 68 5.86 -0.63 8.44
C ILE A 68 6.73 0.06 9.49
N HIS A 69 7.08 -0.66 10.57
CA HIS A 69 7.87 -0.06 11.64
C HIS A 69 9.31 -0.57 11.61
N ASN A 70 10.26 0.33 11.85
CA ASN A 70 11.68 -0.04 11.83
C ASN A 70 12.10 -0.40 10.41
N VAL A 71 12.33 0.64 9.61
CA VAL A 71 12.72 0.46 8.23
C VAL A 71 14.25 0.43 8.12
N THR A 72 14.75 -0.59 7.43
CA THR A 72 16.21 -0.74 7.22
C THR A 72 16.53 -0.43 5.76
N PRO A 73 17.74 -0.05 5.44
CA PRO A 73 18.09 0.24 4.02
C PRO A 73 17.87 -1.03 3.20
N ASP A 74 17.98 -2.16 3.89
CA ASP A 74 17.77 -3.47 3.29
C ASP A 74 16.33 -3.61 2.83
N ASP A 75 15.43 -3.09 3.65
CA ASP A 75 14.00 -3.17 3.42
C ASP A 75 13.57 -2.32 2.23
N GLU A 76 14.40 -1.37 1.81
CA GLU A 76 14.04 -0.52 0.70
C GLU A 76 13.74 -1.40 -0.51
N GLY A 77 12.71 -1.03 -1.23
CA GLY A 77 12.32 -1.82 -2.39
C GLY A 77 11.01 -1.34 -2.98
N VAL A 78 10.20 -2.30 -3.42
CA VAL A 78 8.91 -1.99 -4.03
C VAL A 78 7.78 -2.65 -3.26
N TYR A 79 6.78 -1.83 -2.95
CA TYR A 79 5.61 -2.27 -2.22
C TYR A 79 4.38 -2.14 -3.11
N SER A 80 3.53 -3.14 -3.09
CA SER A 80 2.32 -3.12 -3.92
C SER A 80 1.09 -3.41 -3.08
N VAL A 81 -0.04 -2.90 -3.56
CA VAL A 81 -1.31 -3.13 -2.89
C VAL A 81 -2.24 -3.70 -3.92
N ILE A 82 -2.92 -4.80 -3.58
CA ILE A 82 -3.83 -5.43 -4.53
C ILE A 82 -5.22 -5.56 -3.96
N ALA A 83 -6.20 -5.08 -4.71
CA ALA A 83 -7.60 -5.19 -4.30
C ALA A 83 -8.28 -6.14 -5.28
N ARG A 84 -8.95 -7.19 -4.79
CA ARG A 84 -9.57 -8.14 -5.72
C ARG A 84 -10.91 -8.70 -5.24
N LEU A 85 -11.82 -8.81 -6.21
CA LEU A 85 -13.15 -9.36 -6.03
C LEU A 85 -13.53 -9.92 -7.39
N GLU A 86 -13.75 -11.23 -7.49
CA GLU A 86 -14.07 -11.84 -8.79
C GLU A 86 -15.53 -12.27 -8.89
N PRO A 87 -16.11 -12.27 -10.07
CA PRO A 87 -15.49 -11.76 -11.35
C PRO A 87 -15.71 -10.24 -11.52
N ARG A 88 -14.64 -9.41 -11.45
CA ARG A 88 -14.83 -7.96 -11.67
C ARG A 88 -13.65 -7.35 -12.43
N GLY A 89 -12.44 -7.89 -12.23
CA GLY A 89 -11.25 -7.31 -12.85
C GLY A 89 -10.43 -6.55 -11.79
N GLU A 90 -9.61 -7.28 -11.02
CA GLU A 90 -8.83 -6.68 -9.94
C GLU A 90 -7.85 -5.62 -10.43
N ALA A 91 -7.10 -5.05 -9.48
CA ALA A 91 -6.14 -3.98 -9.78
C ALA A 91 -4.83 -4.15 -8.99
N ARG A 92 -3.74 -3.68 -9.59
CA ARG A 92 -2.43 -3.74 -8.94
C ARG A 92 -1.78 -2.35 -8.99
N SER A 93 -1.15 -1.95 -7.90
CA SER A 93 -0.47 -0.64 -7.82
C SER A 93 0.90 -0.80 -7.17
N THR A 94 1.84 0.10 -7.49
CA THR A 94 3.19 0.05 -6.93
C THR A 94 3.67 1.36 -6.37
N ALA A 95 4.65 1.19 -5.49
CA ALA A 95 5.32 2.30 -4.83
C ALA A 95 6.69 1.83 -4.35
N GLU A 96 7.60 2.76 -4.17
CA GLU A 96 8.96 2.46 -3.74
C GLU A 96 9.24 3.00 -2.35
N LEU A 97 10.03 2.21 -1.64
CA LEU A 97 10.46 2.53 -0.28
C LEU A 97 11.93 2.91 -0.29
N LYS A 98 12.23 4.05 0.32
CA LYS A 98 13.61 4.54 0.41
C LYS A 98 13.95 4.85 1.85
N GLY A 99 15.18 4.61 2.22
CA GLY A 99 15.64 4.87 3.58
C GLY A 99 16.42 6.16 3.68
N GLU A 100 15.85 7.08 4.42
CA GLU A 100 16.45 8.37 4.65
C GLU A 100 17.63 8.24 5.59
N LEU A 101 18.70 8.93 5.26
CA LEU A 101 19.92 8.89 6.05
C LEU A 101 19.76 9.77 7.30
N ARG A 102 20.31 9.30 8.41
CA ARG A 102 20.23 10.05 9.67
C ARG A 102 21.20 11.21 9.63
N SER A 103 20.82 12.32 10.25
CA SER A 103 21.68 13.50 10.30
C SER A 103 22.79 13.30 11.33
N GLY A 104 23.85 14.10 11.21
CA GLY A 104 24.98 14.00 12.12
C GLY A 104 25.91 12.86 11.71
N CYS A 105 25.75 12.40 10.48
CA CYS A 105 26.59 11.32 9.97
C CYS A 105 28.07 11.66 10.14
N GLY A 1 -18.11 -12.65 -17.17
CA GLY A 1 -19.40 -12.16 -16.60
C GLY A 1 -19.27 -10.69 -16.20
N ILE A 2 -18.98 -9.84 -17.17
CA ILE A 2 -18.83 -8.41 -16.93
C ILE A 2 -19.97 -7.61 -17.54
N ASP A 3 -20.62 -6.78 -16.71
CA ASP A 3 -21.74 -5.97 -17.16
C ASP A 3 -22.29 -5.09 -16.01
N PRO A 4 -22.52 -5.63 -14.83
CA PRO A 4 -23.05 -4.85 -13.66
C PRO A 4 -22.06 -3.77 -13.25
N PHE A 5 -22.58 -2.63 -12.81
CA PHE A 5 -21.73 -1.52 -12.39
C PHE A 5 -20.83 -1.90 -11.22
N THR A 6 -21.40 -2.55 -10.21
CA THR A 6 -20.65 -2.97 -9.03
C THR A 6 -19.59 -4.02 -9.39
N ALA A 7 -19.92 -4.87 -10.35
CA ALA A 7 -18.99 -5.93 -10.79
C ALA A 7 -17.83 -5.36 -11.58
N GLU A 8 -17.94 -4.08 -11.92
CA GLU A 8 -16.90 -3.46 -12.71
C GLU A 8 -15.56 -3.57 -11.98
N PRO A 9 -14.45 -3.54 -12.68
CA PRO A 9 -13.11 -3.67 -12.05
C PRO A 9 -12.83 -2.56 -11.04
N ILE A 10 -12.11 -2.93 -9.99
CA ILE A 10 -11.71 -2.02 -8.93
C ILE A 10 -10.34 -1.45 -9.21
N GLN A 11 -10.20 -0.14 -9.02
CA GLN A 11 -8.91 0.52 -9.25
C GLN A 11 -8.61 1.46 -8.09
N PHE A 12 -7.35 1.83 -7.92
CA PHE A 12 -6.99 2.73 -6.82
C PHE A 12 -6.95 4.15 -7.31
N THR A 13 -7.88 4.94 -6.81
CA THR A 13 -7.94 6.32 -7.20
C THR A 13 -6.73 7.07 -6.66
N LYS A 14 -6.41 6.84 -5.39
CA LYS A 14 -5.28 7.50 -4.76
C LYS A 14 -3.95 7.09 -5.37
N ARG A 15 -3.84 5.79 -5.67
CA ARG A 15 -2.61 5.25 -6.28
C ARG A 15 -1.37 5.54 -5.42
N ILE A 16 -1.09 4.65 -4.47
CA ILE A 16 0.07 4.81 -3.57
C ILE A 16 1.29 5.37 -4.30
N GLN A 17 2.09 6.14 -3.55
CA GLN A 17 3.30 6.77 -4.08
C GLN A 17 4.54 6.39 -3.27
N ASN A 18 5.70 6.76 -3.81
CA ASN A 18 6.99 6.46 -3.20
C ASN A 18 7.14 7.12 -1.84
N ILE A 19 7.76 6.40 -0.91
CA ILE A 19 7.96 6.86 0.47
C ILE A 19 9.43 6.83 0.88
N VAL A 20 9.90 7.92 1.50
CA VAL A 20 11.26 7.94 2.02
C VAL A 20 11.12 8.02 3.54
N VAL A 21 11.76 7.09 4.23
CA VAL A 21 11.65 6.95 5.68
C VAL A 21 12.98 6.79 6.41
N SER A 22 13.09 7.48 7.53
CA SER A 22 14.29 7.40 8.36
C SER A 22 14.41 5.97 8.89
N GLU A 23 15.62 5.56 9.20
CA GLU A 23 15.86 4.20 9.62
C GLU A 23 15.06 3.81 10.87
N HIS A 24 14.95 4.73 11.81
CA HIS A 24 14.22 4.44 13.06
C HIS A 24 12.72 4.73 12.97
N GLN A 25 12.28 5.41 11.92
CA GLN A 25 10.85 5.74 11.79
C GLN A 25 10.05 4.60 11.17
N SER A 26 8.92 4.94 10.56
CA SER A 26 8.03 3.94 9.95
C SER A 26 7.49 4.47 8.62
N ALA A 27 7.00 3.56 7.77
CA ALA A 27 6.49 3.96 6.46
C ALA A 27 5.03 3.54 6.29
N THR A 28 4.24 4.44 5.72
CA THR A 28 2.82 4.16 5.48
C THR A 28 2.46 4.35 4.01
N PHE A 29 1.85 3.32 3.42
CA PHE A 29 1.37 3.41 2.06
C PHE A 29 -0.13 3.50 2.15
N GLU A 30 -0.68 4.61 1.70
CA GLU A 30 -2.12 4.83 1.77
C GLU A 30 -2.75 4.70 0.40
N CYS A 31 -3.93 4.09 0.35
CA CYS A 31 -4.64 3.90 -0.92
C CYS A 31 -6.15 4.11 -0.72
N GLU A 32 -6.81 4.45 -1.82
CA GLU A 32 -8.26 4.62 -1.82
C GLU A 32 -8.80 3.82 -2.99
N VAL A 33 -9.97 3.22 -2.83
CA VAL A 33 -10.54 2.38 -3.90
C VAL A 33 -12.00 2.71 -4.17
N SER A 34 -12.43 2.29 -5.35
CA SER A 34 -13.80 2.49 -5.80
C SER A 34 -14.82 1.80 -4.90
N PHE A 35 -14.52 0.56 -4.46
CA PHE A 35 -15.46 -0.19 -3.60
C PHE A 35 -14.87 -0.42 -2.20
N ASP A 36 -15.77 -0.45 -1.21
CA ASP A 36 -15.38 -0.65 0.19
C ASP A 36 -15.39 -2.12 0.59
N ASP A 37 -16.15 -2.90 -0.15
CA ASP A 37 -16.31 -4.32 0.15
C ASP A 37 -15.13 -5.13 -0.39
N ALA A 38 -14.19 -4.45 -1.03
CA ALA A 38 -13.02 -5.11 -1.59
C ALA A 38 -12.02 -5.52 -0.50
N ILE A 39 -11.31 -6.61 -0.77
CA ILE A 39 -10.32 -7.14 0.13
C ILE A 39 -8.95 -6.80 -0.42
N VAL A 40 -8.08 -6.23 0.42
CA VAL A 40 -6.77 -5.77 -0.05
C VAL A 40 -5.59 -6.39 0.70
N THR A 41 -4.59 -6.82 -0.07
CA THR A 41 -3.36 -7.43 0.44
C THR A 41 -2.14 -6.68 -0.09
N TRP A 42 -1.17 -6.42 0.79
CA TRP A 42 0.04 -5.71 0.39
C TRP A 42 1.16 -6.69 0.11
N TYR A 43 1.94 -6.38 -0.93
CA TYR A 43 3.06 -7.24 -1.31
C TYR A 43 4.39 -6.50 -1.38
N LYS A 44 5.41 -7.17 -0.87
CA LYS A 44 6.77 -6.69 -0.96
C LYS A 44 7.51 -7.76 -1.74
N GLY A 45 8.08 -7.41 -2.89
CA GLY A 45 8.74 -8.43 -3.68
C GLY A 45 7.79 -9.63 -3.83
N PRO A 46 8.31 -10.81 -3.98
CA PRO A 46 7.48 -12.05 -4.08
C PRO A 46 6.77 -12.38 -2.75
N THR A 47 7.28 -11.78 -1.68
CA THR A 47 6.78 -11.99 -0.33
C THR A 47 5.61 -11.07 0.02
N GLU A 48 4.55 -11.67 0.58
CA GLU A 48 3.38 -10.93 1.01
C GLU A 48 3.61 -10.43 2.44
N LEU A 49 3.01 -9.31 2.79
CA LEU A 49 3.20 -8.75 4.12
C LEU A 49 2.07 -9.16 5.04
N THR A 50 2.47 -9.64 6.21
CA THR A 50 1.52 -10.07 7.23
C THR A 50 1.91 -9.50 8.58
N GLU A 51 0.95 -9.41 9.46
CA GLU A 51 1.18 -8.86 10.78
C GLU A 51 2.02 -9.81 11.63
N SER A 52 2.98 -9.22 12.33
CA SER A 52 3.86 -9.97 13.22
C SER A 52 4.59 -8.97 14.10
N GLN A 53 3.82 -8.10 14.75
CA GLN A 53 4.40 -7.07 15.60
C GLN A 53 5.38 -6.27 14.74
N LYS A 54 5.10 -6.31 13.44
CA LYS A 54 5.93 -5.62 12.44
C LYS A 54 5.07 -4.78 11.48
N TYR A 55 4.08 -5.40 10.81
CA TYR A 55 3.24 -4.67 9.87
C TYR A 55 1.86 -4.42 10.48
N ASN A 56 1.38 -3.18 10.43
CA ASN A 56 0.06 -2.86 10.96
C ASN A 56 -0.90 -2.53 9.82
N PHE A 57 -1.93 -3.36 9.65
CA PHE A 57 -2.91 -3.15 8.60
C PHE A 57 -4.19 -2.59 9.21
N ARG A 58 -4.59 -1.39 8.80
CA ARG A 58 -5.82 -0.77 9.35
C ARG A 58 -6.80 -0.45 8.23
N ASN A 59 -8.04 -0.91 8.40
CA ASN A 59 -9.08 -0.67 7.41
C ASN A 59 -10.08 0.39 7.90
N ASP A 60 -10.44 1.30 7.01
CA ASP A 60 -11.39 2.37 7.33
C ASP A 60 -12.27 2.63 6.12
N GLY A 61 -13.35 1.87 6.00
CA GLY A 61 -14.24 2.05 4.86
C GLY A 61 -13.48 1.78 3.57
N ARG A 62 -13.59 2.71 2.62
CA ARG A 62 -12.91 2.60 1.34
C ARG A 62 -11.39 2.73 1.50
N CYS A 63 -10.97 3.34 2.61
CA CYS A 63 -9.54 3.57 2.85
C CYS A 63 -8.89 2.39 3.56
N HIS A 64 -7.68 2.05 3.10
CA HIS A 64 -6.89 0.97 3.72
C HIS A 64 -5.48 1.49 3.97
N TYR A 65 -4.92 1.22 5.15
CA TYR A 65 -3.57 1.71 5.47
C TYR A 65 -2.65 0.57 5.89
N MET A 66 -1.39 0.66 5.46
CA MET A 66 -0.37 -0.32 5.85
C MET A 66 0.80 0.45 6.42
N THR A 67 1.22 0.10 7.63
CA THR A 67 2.34 0.79 8.26
C THR A 67 3.47 -0.19 8.59
N ILE A 68 4.68 0.18 8.19
CA ILE A 68 5.85 -0.65 8.41
C ILE A 68 6.70 0.04 9.47
N HIS A 69 7.08 -0.68 10.51
CA HIS A 69 7.87 -0.09 11.59
C HIS A 69 9.31 -0.56 11.56
N ASN A 70 10.23 0.36 11.87
CA ASN A 70 11.67 0.05 11.87
C ASN A 70 12.11 -0.33 10.48
N VAL A 71 12.32 0.69 9.65
CA VAL A 71 12.73 0.48 8.27
C VAL A 71 14.24 0.48 8.16
N THR A 72 14.76 -0.56 7.51
CA THR A 72 16.22 -0.71 7.31
C THR A 72 16.54 -0.44 5.84
N PRO A 73 17.78 -0.17 5.48
CA PRO A 73 18.11 0.07 4.06
C PRO A 73 17.84 -1.19 3.22
N ASP A 74 17.90 -2.33 3.90
CA ASP A 74 17.64 -3.62 3.26
C ASP A 74 16.19 -3.69 2.82
N ASP A 75 15.32 -3.15 3.66
CA ASP A 75 13.89 -3.17 3.42
C ASP A 75 13.49 -2.28 2.25
N GLU A 76 14.36 -1.37 1.85
CA GLU A 76 14.03 -0.50 0.72
C GLU A 76 13.73 -1.38 -0.48
N GLY A 77 12.72 -1.00 -1.23
CA GLY A 77 12.33 -1.77 -2.40
C GLY A 77 11.01 -1.30 -2.97
N VAL A 78 10.21 -2.27 -3.42
CA VAL A 78 8.92 -1.96 -4.02
C VAL A 78 7.79 -2.61 -3.24
N TYR A 79 6.79 -1.81 -2.93
CA TYR A 79 5.60 -2.25 -2.21
C TYR A 79 4.40 -2.10 -3.12
N SER A 80 3.53 -3.11 -3.11
CA SER A 80 2.34 -3.07 -3.97
C SER A 80 1.10 -3.37 -3.15
N VAL A 81 -0.02 -2.87 -3.62
CA VAL A 81 -1.30 -3.11 -2.97
C VAL A 81 -2.25 -3.64 -4.02
N ILE A 82 -2.94 -4.73 -3.69
CA ILE A 82 -3.86 -5.33 -4.64
C ILE A 82 -5.25 -5.44 -4.06
N ALA A 83 -6.23 -4.94 -4.80
CA ALA A 83 -7.63 -5.03 -4.36
C ALA A 83 -8.32 -5.99 -5.29
N ARG A 84 -8.95 -7.04 -4.75
CA ARG A 84 -9.59 -8.04 -5.60
C ARG A 84 -10.90 -8.60 -5.06
N LEU A 85 -11.80 -8.81 -6.00
CA LEU A 85 -13.12 -9.40 -5.77
C LEU A 85 -13.50 -10.05 -7.09
N GLU A 86 -13.60 -11.36 -7.15
CA GLU A 86 -13.90 -12.01 -8.43
C GLU A 86 -15.37 -12.41 -8.55
N PRO A 87 -15.92 -12.41 -9.76
CA PRO A 87 -15.25 -11.96 -11.03
C PRO A 87 -15.40 -10.44 -11.26
N ARG A 88 -14.32 -9.64 -11.18
CA ARG A 88 -14.45 -8.20 -11.47
C ARG A 88 -13.24 -7.65 -12.22
N GLY A 89 -12.05 -8.19 -11.94
CA GLY A 89 -10.82 -7.68 -12.56
C GLY A 89 -10.01 -6.84 -11.57
N GLU A 90 -9.22 -7.51 -10.71
CA GLU A 90 -8.44 -6.83 -9.69
C GLU A 90 -7.38 -5.90 -10.26
N ALA A 91 -7.05 -4.89 -9.45
CA ALA A 91 -6.08 -3.86 -9.81
C ALA A 91 -4.79 -4.02 -9.02
N ARG A 92 -3.68 -3.60 -9.64
CA ARG A 92 -2.37 -3.65 -8.99
C ARG A 92 -1.73 -2.28 -9.04
N SER A 93 -1.12 -1.87 -7.93
CA SER A 93 -0.44 -0.56 -7.84
C SER A 93 0.93 -0.73 -7.19
N THR A 94 1.86 0.17 -7.51
CA THR A 94 3.21 0.10 -6.95
C THR A 94 3.70 1.41 -6.39
N ALA A 95 4.68 1.25 -5.53
CA ALA A 95 5.35 2.35 -4.85
C ALA A 95 6.70 1.88 -4.35
N GLU A 96 7.62 2.81 -4.18
CA GLU A 96 8.97 2.49 -3.73
C GLU A 96 9.25 3.00 -2.34
N LEU A 97 10.04 2.21 -1.63
CA LEU A 97 10.46 2.53 -0.27
C LEU A 97 11.93 2.90 -0.27
N LYS A 98 12.22 4.02 0.35
CA LYS A 98 13.59 4.53 0.44
C LYS A 98 13.94 4.84 1.87
N GLY A 99 15.19 4.61 2.24
CA GLY A 99 15.65 4.87 3.59
C GLY A 99 16.41 6.19 3.67
N GLU A 100 15.83 7.11 4.41
CA GLU A 100 16.41 8.40 4.65
C GLU A 100 17.61 8.28 5.59
N LEU A 101 18.66 8.99 5.25
CA LEU A 101 19.88 8.98 6.04
C LEU A 101 19.72 9.83 7.29
N ARG A 102 20.27 9.37 8.40
CA ARG A 102 20.19 10.10 9.66
C ARG A 102 21.00 11.39 9.58
N SER A 103 20.41 12.48 10.04
CA SER A 103 21.08 13.77 10.03
C SER A 103 22.12 13.84 11.13
N GLY A 104 23.06 14.78 11.01
CA GLY A 104 24.11 14.95 12.01
C GLY A 104 25.22 13.93 11.79
N CYS A 105 25.24 13.32 10.61
CA CYS A 105 26.26 12.32 10.30
C CYS A 105 27.57 12.99 9.93
N GLY A 1 -22.45 -6.39 -17.67
CA GLY A 1 -22.66 -5.01 -18.22
C GLY A 1 -24.14 -4.77 -18.48
N ILE A 2 -25.00 -5.45 -17.72
CA ILE A 2 -26.43 -5.32 -17.90
C ILE A 2 -26.89 -3.90 -17.62
N ASP A 3 -26.39 -3.35 -16.52
CA ASP A 3 -26.75 -2.00 -16.12
C ASP A 3 -25.97 -1.57 -14.85
N PRO A 4 -25.89 -2.41 -13.84
CA PRO A 4 -25.17 -2.09 -12.57
C PRO A 4 -23.69 -1.88 -12.80
N PHE A 5 -23.08 -0.95 -12.06
CA PHE A 5 -21.65 -0.66 -12.21
C PHE A 5 -20.83 -1.29 -11.09
N THR A 6 -21.49 -2.05 -10.21
CA THR A 6 -20.82 -2.71 -9.09
C THR A 6 -19.80 -3.75 -9.58
N ALA A 7 -20.18 -4.51 -10.59
CA ALA A 7 -19.29 -5.55 -11.12
C ALA A 7 -18.14 -4.94 -11.90
N GLU A 8 -18.23 -3.65 -12.17
CA GLU A 8 -17.20 -2.98 -12.92
C GLU A 8 -15.85 -3.14 -12.22
N PRO A 9 -14.76 -2.96 -12.93
CA PRO A 9 -13.40 -3.10 -12.34
C PRO A 9 -13.12 -2.10 -11.22
N ILE A 10 -12.33 -2.58 -10.27
CA ILE A 10 -11.91 -1.83 -9.12
C ILE A 10 -10.50 -1.31 -9.35
N GLN A 11 -10.29 -0.04 -9.07
CA GLN A 11 -8.98 0.58 -9.27
C GLN A 11 -8.67 1.47 -8.09
N PHE A 12 -7.40 1.81 -7.91
CA PHE A 12 -7.02 2.68 -6.79
C PHE A 12 -6.99 4.11 -7.26
N THR A 13 -7.92 4.90 -6.75
CA THR A 13 -7.98 6.28 -7.13
C THR A 13 -6.76 7.04 -6.62
N LYS A 14 -6.42 6.81 -5.35
CA LYS A 14 -5.28 7.50 -4.76
C LYS A 14 -3.95 7.07 -5.39
N ARG A 15 -3.84 5.78 -5.67
CA ARG A 15 -2.62 5.24 -6.28
C ARG A 15 -1.38 5.54 -5.42
N ILE A 16 -1.10 4.65 -4.48
CA ILE A 16 0.06 4.81 -3.58
C ILE A 16 1.28 5.37 -4.30
N GLN A 17 2.07 6.13 -3.55
CA GLN A 17 3.29 6.76 -4.09
C GLN A 17 4.52 6.37 -3.28
N ASN A 18 5.68 6.71 -3.82
CA ASN A 18 6.96 6.40 -3.21
C ASN A 18 7.13 7.08 -1.85
N ILE A 19 7.74 6.36 -0.92
CA ILE A 19 7.95 6.84 0.45
C ILE A 19 9.43 6.83 0.85
N VAL A 20 9.90 7.92 1.45
CA VAL A 20 11.27 7.94 1.96
C VAL A 20 11.14 8.05 3.47
N VAL A 21 11.80 7.12 4.16
CA VAL A 21 11.71 6.99 5.62
C VAL A 21 13.03 6.84 6.36
N SER A 22 13.13 7.53 7.48
CA SER A 22 14.31 7.46 8.32
C SER A 22 14.42 6.03 8.84
N GLU A 23 15.62 5.59 9.16
CA GLU A 23 15.82 4.23 9.58
C GLU A 23 15.03 3.87 10.83
N HIS A 24 15.00 4.75 11.81
CA HIS A 24 14.27 4.48 13.04
C HIS A 24 12.77 4.77 12.95
N GLN A 25 12.32 5.43 11.88
CA GLN A 25 10.90 5.76 11.76
C GLN A 25 10.10 4.62 11.12
N SER A 26 8.96 4.97 10.52
CA SER A 26 8.08 3.98 9.90
C SER A 26 7.54 4.51 8.59
N ALA A 27 7.06 3.61 7.73
CA ALA A 27 6.54 3.98 6.41
C ALA A 27 5.09 3.55 6.25
N THR A 28 4.27 4.44 5.68
CA THR A 28 2.86 4.14 5.45
C THR A 28 2.48 4.33 3.99
N PHE A 29 1.87 3.30 3.41
CA PHE A 29 1.38 3.40 2.04
C PHE A 29 -0.12 3.47 2.15
N GLU A 30 -0.70 4.58 1.73
CA GLU A 30 -2.13 4.76 1.83
C GLU A 30 -2.76 4.66 0.45
N CYS A 31 -3.93 4.04 0.39
CA CYS A 31 -4.64 3.89 -0.89
C CYS A 31 -6.15 4.08 -0.69
N GLU A 32 -6.80 4.43 -1.79
CA GLU A 32 -8.24 4.62 -1.80
C GLU A 32 -8.78 3.82 -2.98
N VAL A 33 -9.96 3.22 -2.83
CA VAL A 33 -10.53 2.40 -3.90
C VAL A 33 -11.98 2.73 -4.18
N SER A 34 -12.42 2.34 -5.36
CA SER A 34 -13.80 2.56 -5.80
C SER A 34 -14.80 1.83 -4.90
N PHE A 35 -14.49 0.59 -4.48
CA PHE A 35 -15.42 -0.17 -3.63
C PHE A 35 -14.84 -0.41 -2.24
N ASP A 36 -15.73 -0.44 -1.25
CA ASP A 36 -15.34 -0.65 0.15
C ASP A 36 -15.35 -2.11 0.56
N ASP A 37 -16.07 -2.90 -0.20
CA ASP A 37 -16.22 -4.33 0.08
C ASP A 37 -15.05 -5.14 -0.46
N ALA A 38 -14.11 -4.45 -1.08
CA ALA A 38 -12.94 -5.12 -1.65
C ALA A 38 -11.96 -5.56 -0.56
N ILE A 39 -11.29 -6.67 -0.81
CA ILE A 39 -10.32 -7.22 0.12
C ILE A 39 -8.94 -6.87 -0.41
N VAL A 40 -8.09 -6.29 0.45
CA VAL A 40 -6.76 -5.83 0.01
C VAL A 40 -5.60 -6.43 0.79
N THR A 41 -4.58 -6.85 0.02
CA THR A 41 -3.36 -7.47 0.55
C THR A 41 -2.13 -6.71 0.05
N TRP A 42 -1.17 -6.48 0.94
CA TRP A 42 0.05 -5.75 0.57
C TRP A 42 1.18 -6.72 0.28
N TYR A 43 1.99 -6.37 -0.73
CA TYR A 43 3.11 -7.21 -1.13
C TYR A 43 4.43 -6.46 -1.19
N LYS A 44 5.46 -7.13 -0.71
CA LYS A 44 6.81 -6.63 -0.80
C LYS A 44 7.55 -7.67 -1.63
N GLY A 45 8.12 -7.29 -2.75
CA GLY A 45 8.76 -8.30 -3.60
C GLY A 45 7.78 -9.47 -3.76
N PRO A 46 8.25 -10.66 -4.00
CA PRO A 46 7.37 -11.85 -4.12
C PRO A 46 6.71 -12.22 -2.78
N THR A 47 7.28 -11.70 -1.69
CA THR A 47 6.82 -11.96 -0.34
C THR A 47 5.64 -11.06 0.05
N GLU A 48 4.60 -11.68 0.61
CA GLU A 48 3.41 -10.98 1.08
C GLU A 48 3.69 -10.51 2.50
N LEU A 49 3.07 -9.41 2.90
CA LEU A 49 3.28 -8.88 4.23
C LEU A 49 2.18 -9.34 5.16
N THR A 50 2.60 -9.84 6.32
CA THR A 50 1.68 -10.33 7.33
C THR A 50 2.05 -9.76 8.69
N GLU A 51 1.08 -9.77 9.58
CA GLU A 51 1.27 -9.22 10.89
C GLU A 51 2.18 -10.07 11.76
N SER A 52 3.06 -9.37 12.46
CA SER A 52 4.02 -9.95 13.39
C SER A 52 4.54 -8.79 14.23
N GLN A 53 3.59 -7.97 14.68
CA GLN A 53 3.90 -6.77 15.43
C GLN A 53 4.93 -5.99 14.61
N LYS A 54 4.95 -6.32 13.32
CA LYS A 54 5.83 -5.67 12.35
C LYS A 54 5.04 -4.77 11.40
N TYR A 55 4.01 -5.34 10.75
CA TYR A 55 3.19 -4.58 9.80
C TYR A 55 1.81 -4.33 10.42
N ASN A 56 1.37 -3.06 10.43
CA ASN A 56 0.04 -2.75 10.94
C ASN A 56 -0.92 -2.49 9.79
N PHE A 57 -1.92 -3.37 9.65
CA PHE A 57 -2.89 -3.25 8.60
C PHE A 57 -4.19 -2.69 9.16
N ARG A 58 -4.61 -1.51 8.68
CA ARG A 58 -5.86 -0.90 9.18
C ARG A 58 -6.81 -0.64 8.02
N ASN A 59 -8.06 -1.09 8.18
CA ASN A 59 -9.07 -0.89 7.14
C ASN A 59 -10.13 0.07 7.65
N ASP A 60 -10.31 1.18 6.95
CA ASP A 60 -11.32 2.17 7.33
C ASP A 60 -12.15 2.55 6.10
N GLY A 61 -13.32 1.94 5.98
CA GLY A 61 -14.18 2.24 4.85
C GLY A 61 -13.47 1.94 3.54
N ARG A 62 -13.57 2.86 2.59
CA ARG A 62 -12.93 2.71 1.29
C ARG A 62 -11.41 2.81 1.41
N CYS A 63 -10.91 3.44 2.48
CA CYS A 63 -9.46 3.60 2.66
C CYS A 63 -8.85 2.45 3.45
N HIS A 64 -7.63 2.07 3.05
CA HIS A 64 -6.88 1.01 3.72
C HIS A 64 -5.46 1.51 3.94
N TYR A 65 -4.92 1.29 5.15
CA TYR A 65 -3.57 1.77 5.46
C TYR A 65 -2.65 0.62 5.87
N MET A 66 -1.39 0.68 5.44
CA MET A 66 -0.40 -0.31 5.83
C MET A 66 0.81 0.43 6.34
N THR A 67 1.27 0.08 7.54
CA THR A 67 2.41 0.77 8.16
C THR A 67 3.53 -0.20 8.50
N ILE A 68 4.74 0.17 8.11
CA ILE A 68 5.92 -0.65 8.35
C ILE A 68 6.76 0.03 9.42
N HIS A 69 7.11 -0.69 10.48
CA HIS A 69 7.88 -0.10 11.58
C HIS A 69 9.33 -0.58 11.56
N ASN A 70 10.25 0.34 11.85
CA ASN A 70 11.68 0.02 11.86
C ASN A 70 12.13 -0.34 10.46
N VAL A 71 12.36 0.68 9.66
CA VAL A 71 12.77 0.49 8.27
C VAL A 71 14.29 0.48 8.17
N THR A 72 14.81 -0.55 7.50
CA THR A 72 16.25 -0.70 7.31
C THR A 72 16.58 -0.41 5.85
N PRO A 73 17.81 -0.10 5.49
CA PRO A 73 18.13 0.16 4.08
C PRO A 73 17.87 -1.10 3.25
N ASP A 74 17.95 -2.23 3.94
CA ASP A 74 17.70 -3.53 3.34
C ASP A 74 16.24 -3.63 2.90
N ASP A 75 15.37 -3.07 3.73
CA ASP A 75 13.94 -3.09 3.50
C ASP A 75 13.53 -2.23 2.30
N GLU A 76 14.39 -1.32 1.87
CA GLU A 76 14.05 -0.49 0.74
C GLU A 76 13.72 -1.38 -0.44
N GLY A 77 12.69 -1.03 -1.17
CA GLY A 77 12.29 -1.84 -2.31
C GLY A 77 10.97 -1.37 -2.89
N VAL A 78 10.16 -2.31 -3.33
CA VAL A 78 8.87 -2.01 -3.92
C VAL A 78 7.75 -2.65 -3.13
N TYR A 79 6.75 -1.83 -2.83
CA TYR A 79 5.57 -2.25 -2.09
C TYR A 79 4.35 -2.11 -2.99
N SER A 80 3.48 -3.12 -2.98
CA SER A 80 2.29 -3.09 -3.82
C SER A 80 1.06 -3.38 -3.01
N VAL A 81 -0.06 -2.88 -3.49
CA VAL A 81 -1.34 -3.11 -2.83
C VAL A 81 -2.26 -3.67 -3.89
N ILE A 82 -2.93 -4.76 -3.56
CA ILE A 82 -3.81 -5.41 -4.50
C ILE A 82 -5.21 -5.52 -3.95
N ALA A 83 -6.19 -5.08 -4.74
CA ALA A 83 -7.58 -5.17 -4.35
C ALA A 83 -8.26 -6.13 -5.32
N ARG A 84 -8.93 -7.17 -4.82
CA ARG A 84 -9.55 -8.14 -5.73
C ARG A 84 -10.89 -8.69 -5.27
N LEU A 85 -11.78 -8.80 -6.24
CA LEU A 85 -13.10 -9.37 -6.09
C LEU A 85 -13.47 -9.91 -7.47
N GLU A 86 -13.58 -11.21 -7.63
CA GLU A 86 -13.86 -11.76 -8.97
C GLU A 86 -15.30 -12.27 -9.11
N PRO A 87 -15.87 -12.23 -10.31
CA PRO A 87 -15.27 -11.62 -11.56
C PRO A 87 -15.58 -10.11 -11.67
N ARG A 88 -14.57 -9.22 -11.56
CA ARG A 88 -14.86 -7.78 -11.71
C ARG A 88 -13.75 -7.03 -12.45
N GLY A 89 -12.52 -7.58 -12.45
CA GLY A 89 -11.38 -6.90 -13.07
C GLY A 89 -10.43 -6.33 -11.99
N GLU A 90 -9.54 -7.20 -11.49
CA GLU A 90 -8.58 -6.87 -10.44
C GLU A 90 -7.58 -5.79 -10.85
N ALA A 91 -7.07 -5.09 -9.83
CA ALA A 91 -6.13 -3.97 -10.01
C ALA A 91 -4.85 -4.15 -9.17
N ARG A 92 -3.72 -3.68 -9.70
CA ARG A 92 -2.45 -3.75 -8.99
C ARG A 92 -1.79 -2.36 -9.01
N SER A 93 -1.17 -1.98 -7.89
CA SER A 93 -0.49 -0.68 -7.78
C SER A 93 0.88 -0.84 -7.13
N THR A 94 1.81 0.07 -7.44
CA THR A 94 3.16 0.01 -6.87
C THR A 94 3.65 1.34 -6.34
N ALA A 95 4.64 1.19 -5.47
CA ALA A 95 5.31 2.30 -4.83
C ALA A 95 6.67 1.83 -4.33
N GLU A 96 7.60 2.76 -4.18
CA GLU A 96 8.96 2.44 -3.74
C GLU A 96 9.26 2.98 -2.37
N LEU A 97 10.02 2.18 -1.64
CA LEU A 97 10.46 2.52 -0.30
C LEU A 97 11.93 2.90 -0.31
N LYS A 98 12.21 4.04 0.30
CA LYS A 98 13.58 4.56 0.37
C LYS A 98 13.93 4.88 1.80
N GLY A 99 15.20 4.66 2.15
CA GLY A 99 15.67 4.94 3.49
C GLY A 99 16.41 6.26 3.56
N GLU A 100 15.93 7.10 4.46
CA GLU A 100 16.50 8.41 4.69
C GLU A 100 17.58 8.32 5.77
N LEU A 101 18.67 9.01 5.53
CA LEU A 101 19.79 9.02 6.46
C LEU A 101 19.45 9.89 7.67
N ARG A 102 19.88 9.46 8.85
CA ARG A 102 19.63 10.21 10.07
C ARG A 102 20.43 11.51 10.05
N SER A 103 19.76 12.61 10.42
CA SER A 103 20.41 13.91 10.43
C SER A 103 21.51 13.95 11.48
N GLY A 104 22.60 14.65 11.17
CA GLY A 104 23.71 14.78 12.09
C GLY A 104 24.71 15.83 11.62
N CYS A 105 25.68 16.15 12.46
CA CYS A 105 26.70 17.13 12.11
C CYS A 105 27.27 16.85 10.73
N GLY A 1 -32.33 3.57 -13.97
CA GLY A 1 -32.11 4.27 -12.67
C GLY A 1 -30.63 4.19 -12.32
N ILE A 2 -30.07 2.99 -12.44
CA ILE A 2 -28.66 2.75 -12.15
C ILE A 2 -27.90 2.49 -13.44
N ASP A 3 -26.80 3.23 -13.64
CA ASP A 3 -25.96 3.11 -14.84
C ASP A 3 -24.65 2.41 -14.49
N PRO A 4 -24.02 2.78 -13.40
CA PRO A 4 -22.73 2.16 -13.00
C PRO A 4 -22.85 0.67 -12.70
N PHE A 5 -21.81 -0.08 -13.04
CA PHE A 5 -21.77 -1.52 -12.82
C PHE A 5 -20.85 -1.87 -11.66
N THR A 6 -21.41 -2.52 -10.65
CA THR A 6 -20.66 -2.94 -9.46
C THR A 6 -19.62 -3.99 -9.83
N ALA A 7 -19.94 -4.80 -10.82
CA ALA A 7 -19.03 -5.85 -11.25
C ALA A 7 -17.85 -5.27 -12.00
N GLU A 8 -17.92 -4.00 -12.31
CA GLU A 8 -16.85 -3.35 -13.05
C GLU A 8 -15.53 -3.50 -12.29
N PRO A 9 -14.40 -3.46 -12.95
CA PRO A 9 -13.09 -3.60 -12.27
C PRO A 9 -12.84 -2.48 -11.26
N ILE A 10 -12.14 -2.86 -10.20
CA ILE A 10 -11.79 -1.98 -9.12
C ILE A 10 -10.38 -1.42 -9.32
N GLN A 11 -10.23 -0.12 -9.11
CA GLN A 11 -8.94 0.52 -9.29
C GLN A 11 -8.66 1.46 -8.13
N PHE A 12 -7.39 1.81 -7.93
CA PHE A 12 -7.03 2.71 -6.82
C PHE A 12 -7.00 4.14 -7.32
N THR A 13 -7.91 4.95 -6.84
CA THR A 13 -7.95 6.34 -7.25
C THR A 13 -6.74 7.08 -6.71
N LYS A 14 -6.42 6.84 -5.42
CA LYS A 14 -5.30 7.51 -4.79
C LYS A 14 -3.96 7.10 -5.39
N ARG A 15 -3.83 5.82 -5.71
CA ARG A 15 -2.58 5.31 -6.30
C ARG A 15 -1.35 5.61 -5.43
N ILE A 16 -1.07 4.70 -4.49
CA ILE A 16 0.07 4.85 -3.58
C ILE A 16 1.30 5.41 -4.28
N GLN A 17 2.10 6.17 -3.53
CA GLN A 17 3.31 6.80 -4.05
C GLN A 17 4.55 6.40 -3.25
N ASN A 18 5.71 6.77 -3.78
CA ASN A 18 7.00 6.44 -3.17
C ASN A 18 7.16 7.11 -1.80
N ILE A 19 7.78 6.37 -0.87
CA ILE A 19 8.00 6.85 0.50
C ILE A 19 9.46 6.80 0.90
N VAL A 20 9.94 7.88 1.50
CA VAL A 20 11.31 7.90 2.01
C VAL A 20 11.18 8.01 3.52
N VAL A 21 11.83 7.10 4.23
CA VAL A 21 11.72 7.05 5.70
C VAL A 21 13.07 6.83 6.38
N SER A 22 13.17 7.24 7.64
CA SER A 22 14.40 7.09 8.40
C SER A 22 14.59 5.63 8.82
N GLU A 23 15.78 5.31 9.34
CA GLU A 23 16.09 3.95 9.72
C GLU A 23 15.23 3.45 10.88
N HIS A 24 14.94 4.31 11.84
CA HIS A 24 14.16 3.90 13.03
C HIS A 24 12.67 4.31 12.95
N GLN A 25 12.30 5.14 11.98
CA GLN A 25 10.91 5.56 11.87
C GLN A 25 10.05 4.47 11.21
N SER A 26 8.96 4.89 10.58
CA SER A 26 8.03 3.95 9.96
C SER A 26 7.53 4.51 8.64
N ALA A 27 6.99 3.63 7.79
CA ALA A 27 6.49 4.04 6.47
C ALA A 27 5.04 3.61 6.28
N THR A 28 4.23 4.48 5.69
CA THR A 28 2.82 4.18 5.45
C THR A 28 2.46 4.36 3.98
N PHE A 29 1.86 3.33 3.39
CA PHE A 29 1.38 3.42 2.02
C PHE A 29 -0.13 3.51 2.12
N GLU A 30 -0.68 4.61 1.67
CA GLU A 30 -2.13 4.82 1.74
C GLU A 30 -2.75 4.70 0.36
N CYS A 31 -3.93 4.09 0.32
CA CYS A 31 -4.65 3.91 -0.94
C CYS A 31 -6.15 4.10 -0.73
N GLU A 32 -6.84 4.43 -1.82
CA GLU A 32 -8.29 4.60 -1.81
C GLU A 32 -8.83 3.81 -2.98
N VAL A 33 -10.01 3.21 -2.83
CA VAL A 33 -10.58 2.40 -3.91
C VAL A 33 -12.04 2.72 -4.18
N SER A 34 -12.48 2.32 -5.37
CA SER A 34 -13.86 2.53 -5.81
C SER A 34 -14.87 1.82 -4.91
N PHE A 35 -14.57 0.58 -4.49
CA PHE A 35 -15.51 -0.19 -3.66
C PHE A 35 -14.95 -0.44 -2.25
N ASP A 36 -15.86 -0.50 -1.27
CA ASP A 36 -15.48 -0.72 0.13
C ASP A 36 -15.46 -2.19 0.52
N ASP A 37 -16.18 -2.98 -0.25
CA ASP A 37 -16.31 -4.41 0.01
C ASP A 37 -15.12 -5.19 -0.50
N ALA A 38 -14.17 -4.47 -1.09
CA ALA A 38 -12.98 -5.11 -1.64
C ALA A 38 -12.02 -5.55 -0.53
N ILE A 39 -11.30 -6.64 -0.80
CA ILE A 39 -10.33 -7.19 0.12
C ILE A 39 -8.96 -6.83 -0.41
N VAL A 40 -8.11 -6.26 0.45
CA VAL A 40 -6.79 -5.79 0.00
C VAL A 40 -5.61 -6.41 0.76
N THR A 41 -4.61 -6.81 -0.03
CA THR A 41 -3.38 -7.43 0.48
C THR A 41 -2.16 -6.67 -0.05
N TRP A 42 -1.19 -6.42 0.81
CA TRP A 42 0.02 -5.69 0.41
C TRP A 42 1.14 -6.66 0.12
N TYR A 43 1.93 -6.35 -0.92
CA TYR A 43 3.04 -7.20 -1.32
C TYR A 43 4.38 -6.47 -1.38
N LYS A 44 5.41 -7.17 -0.93
CA LYS A 44 6.77 -6.67 -0.99
C LYS A 44 7.55 -7.70 -1.78
N GLY A 45 7.66 -7.48 -3.08
CA GLY A 45 8.32 -8.45 -3.92
C GLY A 45 7.45 -9.71 -3.95
N PRO A 46 8.03 -10.88 -4.08
CA PRO A 46 7.25 -12.14 -4.09
C PRO A 46 6.63 -12.42 -2.72
N THR A 47 7.17 -11.78 -1.69
CA THR A 47 6.73 -11.97 -0.32
C THR A 47 5.56 -11.04 0.05
N GLU A 48 4.52 -11.65 0.63
CA GLU A 48 3.34 -10.90 1.07
C GLU A 48 3.59 -10.40 2.49
N LEU A 49 2.99 -9.27 2.83
CA LEU A 49 3.20 -8.70 4.16
C LEU A 49 2.08 -9.10 5.10
N THR A 50 2.48 -9.57 6.27
CA THR A 50 1.54 -9.98 7.30
C THR A 50 1.96 -9.41 8.63
N GLU A 51 1.00 -9.31 9.53
CA GLU A 51 1.26 -8.76 10.83
C GLU A 51 2.09 -9.70 11.70
N SER A 52 3.09 -9.13 12.35
CA SER A 52 3.98 -9.87 13.24
C SER A 52 4.78 -8.87 14.04
N GLN A 53 4.10 -8.11 14.89
CA GLN A 53 4.76 -7.08 15.68
C GLN A 53 5.67 -6.27 14.76
N LYS A 54 5.31 -6.26 13.47
CA LYS A 54 6.09 -5.55 12.45
C LYS A 54 5.19 -4.73 11.52
N TYR A 55 4.20 -5.36 10.87
CA TYR A 55 3.32 -4.66 9.94
C TYR A 55 1.95 -4.43 10.57
N ASN A 56 1.44 -3.19 10.48
CA ASN A 56 0.11 -2.89 11.03
C ASN A 56 -0.84 -2.52 9.90
N PHE A 57 -1.87 -3.33 9.72
CA PHE A 57 -2.85 -3.10 8.68
C PHE A 57 -4.13 -2.55 9.31
N ARG A 58 -4.53 -1.33 8.93
CA ARG A 58 -5.75 -0.72 9.49
C ARG A 58 -6.73 -0.41 8.37
N ASN A 59 -7.96 -0.89 8.51
CA ASN A 59 -9.00 -0.65 7.51
C ASN A 59 -9.98 0.41 8.00
N ASP A 60 -10.41 1.27 7.09
CA ASP A 60 -11.37 2.32 7.40
C ASP A 60 -12.26 2.56 6.20
N GLY A 61 -13.34 1.79 6.08
CA GLY A 61 -14.24 1.95 4.96
C GLY A 61 -13.49 1.68 3.66
N ARG A 62 -13.63 2.62 2.72
CA ARG A 62 -12.96 2.50 1.41
C ARG A 62 -11.44 2.64 1.56
N CYS A 63 -11.01 3.25 2.66
CA CYS A 63 -9.59 3.49 2.91
C CYS A 63 -8.92 2.31 3.60
N HIS A 64 -7.70 1.99 3.16
CA HIS A 64 -6.92 0.91 3.75
C HIS A 64 -5.50 1.42 3.99
N TYR A 65 -4.93 1.15 5.17
CA TYR A 65 -3.58 1.64 5.50
C TYR A 65 -2.65 0.51 5.90
N MET A 66 -1.39 0.63 5.48
CA MET A 66 -0.36 -0.33 5.87
C MET A 66 0.81 0.44 6.44
N THR A 67 1.24 0.07 7.65
CA THR A 67 2.35 0.77 8.29
C THR A 67 3.48 -0.19 8.60
N ILE A 68 4.69 0.19 8.19
CA ILE A 68 5.87 -0.63 8.40
C ILE A 68 6.73 0.07 9.45
N HIS A 69 7.13 -0.66 10.48
CA HIS A 69 7.92 -0.07 11.56
C HIS A 69 9.37 -0.53 11.55
N ASN A 70 10.26 0.38 11.94
CA ASN A 70 11.70 0.09 11.99
C ASN A 70 12.23 -0.26 10.61
N VAL A 71 12.08 0.67 9.69
CA VAL A 71 12.53 0.46 8.32
C VAL A 71 14.05 0.45 8.24
N THR A 72 14.58 -0.57 7.56
CA THR A 72 16.02 -0.72 7.39
C THR A 72 16.40 -0.40 5.95
N PRO A 73 17.63 -0.03 5.65
CA PRO A 73 18.01 0.25 4.24
C PRO A 73 17.85 -1.01 3.39
N ASP A 74 17.95 -2.15 4.06
CA ASP A 74 17.77 -3.44 3.41
C ASP A 74 16.35 -3.59 2.91
N ASP A 75 15.43 -3.09 3.72
CA ASP A 75 14.00 -3.18 3.42
C ASP A 75 13.60 -2.33 2.23
N GLU A 76 14.44 -1.37 1.83
CA GLU A 76 14.08 -0.52 0.69
C GLU A 76 13.78 -1.42 -0.50
N GLY A 77 12.74 -1.07 -1.23
CA GLY A 77 12.36 -1.88 -2.38
C GLY A 77 11.06 -1.40 -2.99
N VAL A 78 10.25 -2.36 -3.45
CA VAL A 78 8.98 -2.07 -4.06
C VAL A 78 7.85 -2.72 -3.28
N TYR A 79 6.86 -1.89 -2.99
CA TYR A 79 5.66 -2.29 -2.27
C TYR A 79 4.45 -2.13 -3.16
N SER A 80 3.51 -3.05 -3.11
CA SER A 80 2.32 -2.96 -3.94
C SER A 80 1.08 -3.34 -3.16
N VAL A 81 -0.05 -2.85 -3.63
CA VAL A 81 -1.32 -3.13 -2.98
C VAL A 81 -2.27 -3.67 -4.04
N ILE A 82 -2.94 -4.76 -3.73
CA ILE A 82 -3.87 -5.37 -4.67
C ILE A 82 -5.26 -5.48 -4.07
N ALA A 83 -6.24 -4.99 -4.80
CA ALA A 83 -7.63 -5.07 -4.35
C ALA A 83 -8.35 -6.00 -5.32
N ARG A 84 -8.96 -7.07 -4.80
CA ARG A 84 -9.63 -8.04 -5.70
C ARG A 84 -10.93 -8.60 -5.15
N LEU A 85 -11.84 -8.80 -6.09
CA LEU A 85 -13.14 -9.41 -5.84
C LEU A 85 -13.54 -10.07 -7.15
N GLU A 86 -13.58 -11.39 -7.19
CA GLU A 86 -13.88 -12.07 -8.46
C GLU A 86 -15.35 -12.50 -8.55
N PRO A 87 -15.92 -12.54 -9.75
CA PRO A 87 -15.28 -12.07 -11.03
C PRO A 87 -15.49 -10.56 -11.27
N ARG A 88 -14.44 -9.73 -11.22
CA ARG A 88 -14.62 -8.30 -11.51
C ARG A 88 -13.42 -7.71 -12.27
N GLY A 89 -12.21 -8.21 -12.00
CA GLY A 89 -11.01 -7.67 -12.64
C GLY A 89 -10.22 -6.81 -11.64
N GLU A 90 -9.41 -7.45 -10.80
CA GLU A 90 -8.67 -6.74 -9.77
C GLU A 90 -7.70 -5.69 -10.33
N ALA A 91 -7.01 -5.01 -9.42
CA ALA A 91 -6.07 -3.94 -9.77
C ALA A 91 -4.75 -4.09 -9.01
N ARG A 92 -3.66 -3.64 -9.63
CA ARG A 92 -2.35 -3.70 -9.00
C ARG A 92 -1.72 -2.31 -9.03
N SER A 93 -1.10 -1.91 -7.93
CA SER A 93 -0.43 -0.61 -7.83
C SER A 93 0.94 -0.75 -7.18
N THR A 94 1.87 0.16 -7.51
CA THR A 94 3.22 0.10 -6.96
C THR A 94 3.71 1.43 -6.41
N ALA A 95 4.69 1.26 -5.54
CA ALA A 95 5.36 2.36 -4.88
C ALA A 95 6.71 1.88 -4.37
N GLU A 96 7.64 2.80 -4.20
CA GLU A 96 8.98 2.46 -3.74
C GLU A 96 9.28 3.00 -2.36
N LEU A 97 10.04 2.20 -1.64
CA LEU A 97 10.48 2.52 -0.29
C LEU A 97 11.94 2.90 -0.31
N LYS A 98 12.24 4.03 0.29
CA LYS A 98 13.62 4.54 0.35
C LYS A 98 14.01 4.88 1.78
N GLY A 99 15.29 4.69 2.08
CA GLY A 99 15.79 4.98 3.40
C GLY A 99 16.51 6.33 3.43
N GLU A 100 16.00 7.19 4.27
CA GLU A 100 16.52 8.52 4.48
C GLU A 100 17.80 8.48 5.28
N LEU A 101 18.58 9.52 5.11
CA LEU A 101 19.86 9.66 5.78
C LEU A 101 19.68 9.99 7.26
N ARG A 102 20.59 9.48 8.08
CA ARG A 102 20.51 9.72 9.52
C ARG A 102 20.85 11.17 9.84
N SER A 103 20.18 11.73 10.86
CA SER A 103 20.40 13.11 11.26
C SER A 103 20.61 13.20 12.78
N GLY A 104 21.35 14.21 13.21
CA GLY A 104 21.60 14.39 14.64
C GLY A 104 22.37 13.20 15.21
N CYS A 105 21.92 12.70 16.35
CA CYS A 105 22.57 11.56 16.99
C CYS A 105 22.55 10.35 16.06
N GLY A 1 -30.25 -0.35 -11.70
CA GLY A 1 -29.10 -0.25 -12.64
C GLY A 1 -29.24 1.04 -13.45
N ILE A 2 -28.87 2.16 -12.85
CA ILE A 2 -28.97 3.45 -13.53
C ILE A 2 -28.04 3.47 -14.74
N ASP A 3 -26.82 2.99 -14.53
CA ASP A 3 -25.84 2.91 -15.59
C ASP A 3 -24.53 2.28 -15.08
N PRO A 4 -24.02 2.70 -13.94
CA PRO A 4 -22.77 2.12 -13.36
C PRO A 4 -22.92 0.64 -13.03
N PHE A 5 -21.83 -0.11 -13.23
CA PHE A 5 -21.82 -1.54 -12.96
C PHE A 5 -21.02 -1.81 -11.69
N THR A 6 -21.67 -2.44 -10.73
CA THR A 6 -21.04 -2.75 -9.46
C THR A 6 -19.92 -3.78 -9.63
N ALA A 7 -20.08 -4.65 -10.60
CA ALA A 7 -19.09 -5.71 -10.86
C ALA A 7 -17.92 -5.17 -11.68
N GLU A 8 -17.96 -3.89 -12.00
CA GLU A 8 -16.91 -3.27 -12.78
C GLU A 8 -15.58 -3.43 -12.05
N PRO A 9 -14.46 -3.45 -12.74
CA PRO A 9 -13.14 -3.62 -12.09
C PRO A 9 -12.81 -2.49 -11.12
N ILE A 10 -12.11 -2.87 -10.06
CA ILE A 10 -11.70 -1.96 -9.01
C ILE A 10 -10.30 -1.45 -9.27
N GLN A 11 -10.13 -0.14 -9.09
CA GLN A 11 -8.83 0.50 -9.31
C GLN A 11 -8.56 1.44 -8.14
N PHE A 12 -7.29 1.80 -7.94
CA PHE A 12 -6.95 2.70 -6.84
C PHE A 12 -6.92 4.11 -7.34
N THR A 13 -7.85 4.91 -6.85
CA THR A 13 -7.91 6.29 -7.26
C THR A 13 -6.70 7.04 -6.72
N LYS A 14 -6.38 6.82 -5.44
CA LYS A 14 -5.25 7.50 -4.83
C LYS A 14 -3.92 7.08 -5.43
N ARG A 15 -3.80 5.79 -5.72
CA ARG A 15 -2.56 5.27 -6.31
C ARG A 15 -1.33 5.56 -5.44
N ILE A 16 -1.05 4.67 -4.49
CA ILE A 16 0.09 4.82 -3.58
C ILE A 16 1.32 5.37 -4.31
N GLN A 17 2.12 6.13 -3.57
CA GLN A 17 3.34 6.76 -4.11
C GLN A 17 4.57 6.35 -3.30
N ASN A 18 5.73 6.72 -3.83
CA ASN A 18 7.01 6.41 -3.22
C ASN A 18 7.16 7.09 -1.86
N ILE A 19 7.77 6.38 -0.92
CA ILE A 19 7.97 6.85 0.45
C ILE A 19 9.43 6.84 0.87
N VAL A 20 9.90 7.92 1.47
CA VAL A 20 11.27 7.94 2.01
C VAL A 20 11.11 8.03 3.52
N VAL A 21 11.74 7.09 4.21
CA VAL A 21 11.64 6.97 5.67
C VAL A 21 12.95 6.81 6.41
N SER A 22 13.07 7.51 7.52
CA SER A 22 14.26 7.42 8.34
C SER A 22 14.36 6.00 8.88
N GLU A 23 15.57 5.57 9.18
CA GLU A 23 15.78 4.20 9.60
C GLU A 23 14.99 3.84 10.85
N HIS A 24 14.94 4.75 11.81
CA HIS A 24 14.22 4.48 13.07
C HIS A 24 12.72 4.78 12.98
N GLN A 25 12.27 5.43 11.91
CA GLN A 25 10.85 5.77 11.78
C GLN A 25 10.04 4.63 11.16
N SER A 26 8.91 4.98 10.55
CA SER A 26 8.02 3.98 9.95
C SER A 26 7.47 4.50 8.62
N ALA A 27 6.99 3.59 7.77
CA ALA A 27 6.47 3.96 6.45
C ALA A 27 5.02 3.55 6.30
N THR A 28 4.21 4.44 5.72
CA THR A 28 2.80 4.14 5.49
C THR A 28 2.43 4.32 4.03
N PHE A 29 1.83 3.29 3.43
CA PHE A 29 1.36 3.39 2.06
C PHE A 29 -0.16 3.47 2.17
N GLU A 30 -0.72 4.59 1.74
CA GLU A 30 -2.17 4.78 1.83
C GLU A 30 -2.78 4.67 0.45
N CYS A 31 -3.96 4.06 0.37
CA CYS A 31 -4.66 3.90 -0.90
C CYS A 31 -6.17 4.09 -0.72
N GLU A 32 -6.82 4.44 -1.82
CA GLU A 32 -8.26 4.62 -1.85
C GLU A 32 -8.80 3.82 -3.02
N VAL A 33 -9.96 3.22 -2.87
CA VAL A 33 -10.53 2.41 -3.95
C VAL A 33 -12.00 2.75 -4.21
N SER A 34 -12.44 2.38 -5.39
CA SER A 34 -13.81 2.62 -5.82
C SER A 34 -14.83 1.90 -4.93
N PHE A 35 -14.54 0.64 -4.53
CA PHE A 35 -15.47 -0.12 -3.70
C PHE A 35 -14.90 -0.41 -2.30
N ASP A 36 -15.79 -0.47 -1.31
CA ASP A 36 -15.40 -0.70 0.09
C ASP A 36 -15.40 -2.18 0.47
N ASP A 37 -16.14 -2.96 -0.27
CA ASP A 37 -16.27 -4.39 0.02
C ASP A 37 -15.08 -5.17 -0.50
N ALA A 38 -14.14 -4.46 -1.12
CA ALA A 38 -12.95 -5.10 -1.67
C ALA A 38 -11.97 -5.52 -0.57
N ILE A 39 -11.26 -6.61 -0.83
CA ILE A 39 -10.28 -7.16 0.08
C ILE A 39 -8.90 -6.81 -0.44
N VAL A 40 -8.05 -6.27 0.44
CA VAL A 40 -6.73 -5.81 0.02
C VAL A 40 -5.57 -6.43 0.79
N THR A 41 -4.56 -6.85 0.02
CA THR A 41 -3.34 -7.46 0.53
C THR A 41 -2.13 -6.72 -0.01
N TRP A 42 -1.15 -6.47 0.84
CA TRP A 42 0.06 -5.75 0.42
C TRP A 42 1.17 -6.73 0.12
N TYR A 43 1.94 -6.43 -0.93
CA TYR A 43 3.04 -7.29 -1.34
C TYR A 43 4.37 -6.59 -1.44
N LYS A 44 5.40 -7.27 -0.96
CA LYS A 44 6.76 -6.79 -1.10
C LYS A 44 7.46 -7.86 -1.89
N GLY A 45 7.99 -7.51 -3.05
CA GLY A 45 8.63 -8.53 -3.89
C GLY A 45 7.68 -9.73 -3.99
N PRO A 46 8.20 -10.92 -4.14
CA PRO A 46 7.35 -12.15 -4.20
C PRO A 46 6.67 -12.45 -2.84
N THR A 47 7.22 -11.84 -1.79
CA THR A 47 6.75 -12.07 -0.43
C THR A 47 5.60 -11.13 -0.03
N GLU A 48 4.56 -11.73 0.54
CA GLU A 48 3.40 -10.99 1.01
C GLU A 48 3.67 -10.50 2.43
N LEU A 49 3.08 -9.36 2.78
CA LEU A 49 3.29 -8.79 4.10
C LEU A 49 2.17 -9.21 5.04
N THR A 50 2.58 -9.67 6.22
CA THR A 50 1.64 -10.11 7.25
C THR A 50 2.06 -9.53 8.59
N GLU A 51 1.10 -9.45 9.48
CA GLU A 51 1.32 -8.89 10.79
C GLU A 51 2.17 -9.83 11.66
N SER A 52 3.13 -9.22 12.35
CA SER A 52 4.02 -9.97 13.24
C SER A 52 4.73 -8.96 14.13
N GLN A 53 3.94 -8.12 14.79
CA GLN A 53 4.50 -7.07 15.65
C GLN A 53 5.46 -6.26 14.77
N LYS A 54 5.18 -6.30 13.46
CA LYS A 54 5.97 -5.60 12.45
C LYS A 54 5.10 -4.77 11.50
N TYR A 55 4.12 -5.41 10.83
CA TYR A 55 3.26 -4.69 9.89
C TYR A 55 1.88 -4.45 10.49
N ASN A 56 1.40 -3.20 10.45
CA ASN A 56 0.06 -2.88 10.98
C ASN A 56 -0.89 -2.56 9.83
N PHE A 57 -1.90 -3.41 9.66
CA PHE A 57 -2.87 -3.22 8.60
C PHE A 57 -4.17 -2.68 9.20
N ARG A 58 -4.57 -1.46 8.82
CA ARG A 58 -5.80 -0.86 9.36
C ARG A 58 -6.77 -0.54 8.23
N ASN A 59 -8.00 -0.99 8.37
CA ASN A 59 -9.03 -0.74 7.36
C ASN A 59 -10.02 0.31 7.85
N ASP A 60 -10.44 1.19 6.95
CA ASP A 60 -11.40 2.24 7.27
C ASP A 60 -12.28 2.49 6.06
N GLY A 61 -13.34 1.73 5.91
CA GLY A 61 -14.22 1.91 4.76
C GLY A 61 -13.45 1.68 3.46
N ARG A 62 -13.59 2.64 2.54
CA ARG A 62 -12.90 2.56 1.26
C ARG A 62 -11.39 2.70 1.43
N CYS A 63 -10.98 3.29 2.55
CA CYS A 63 -9.56 3.51 2.81
C CYS A 63 -8.90 2.32 3.51
N HIS A 64 -7.67 2.03 3.09
CA HIS A 64 -6.87 0.95 3.67
C HIS A 64 -5.47 1.47 3.96
N TYR A 65 -4.92 1.15 5.14
CA TYR A 65 -3.58 1.65 5.49
C TYR A 65 -2.65 0.51 5.89
N MET A 66 -1.39 0.63 5.50
CA MET A 66 -0.35 -0.33 5.88
C MET A 66 0.81 0.44 6.44
N THR A 67 1.23 0.10 7.65
CA THR A 67 2.34 0.80 8.30
C THR A 67 3.47 -0.15 8.63
N ILE A 68 4.68 0.21 8.22
CA ILE A 68 5.85 -0.62 8.46
C ILE A 68 6.70 0.07 9.52
N HIS A 69 7.06 -0.65 10.57
CA HIS A 69 7.85 -0.05 11.65
C HIS A 69 9.29 -0.52 11.62
N ASN A 70 10.22 0.40 11.88
CA ASN A 70 11.64 0.07 11.88
C ASN A 70 12.08 -0.31 10.47
N VAL A 71 12.31 0.72 9.66
CA VAL A 71 12.70 0.50 8.27
C VAL A 71 14.23 0.48 8.18
N THR A 72 14.73 -0.55 7.50
CA THR A 72 16.17 -0.72 7.31
C THR A 72 16.52 -0.43 5.85
N PRO A 73 17.75 -0.11 5.52
CA PRO A 73 18.10 0.14 4.10
C PRO A 73 17.88 -1.11 3.28
N ASP A 74 17.97 -2.26 3.95
CA ASP A 74 17.75 -3.55 3.32
C ASP A 74 16.30 -3.66 2.86
N ASP A 75 15.41 -3.14 3.71
CA ASP A 75 13.99 -3.19 3.48
C ASP A 75 13.55 -2.32 2.30
N GLU A 76 14.40 -1.36 1.90
CA GLU A 76 14.04 -0.51 0.77
C GLU A 76 13.73 -1.39 -0.41
N GLY A 77 12.70 -1.05 -1.14
CA GLY A 77 12.31 -1.84 -2.30
C GLY A 77 11.00 -1.37 -2.91
N VAL A 78 10.18 -2.33 -3.31
CA VAL A 78 8.89 -2.03 -3.93
C VAL A 78 7.75 -2.65 -3.13
N TYR A 79 6.76 -1.83 -2.86
CA TYR A 79 5.56 -2.24 -2.14
C TYR A 79 4.36 -2.11 -3.04
N SER A 80 3.49 -3.10 -3.04
CA SER A 80 2.30 -3.06 -3.89
C SER A 80 1.05 -3.36 -3.09
N VAL A 81 -0.07 -2.84 -3.58
CA VAL A 81 -1.36 -3.07 -2.92
C VAL A 81 -2.30 -3.60 -3.99
N ILE A 82 -2.99 -4.68 -3.67
CA ILE A 82 -3.90 -5.29 -4.63
C ILE A 82 -5.28 -5.43 -4.02
N ALA A 83 -6.31 -4.96 -4.73
CA ALA A 83 -7.69 -5.08 -4.25
C ALA A 83 -8.36 -6.18 -5.05
N ARG A 84 -8.97 -7.18 -4.38
CA ARG A 84 -9.58 -8.29 -5.13
C ARG A 84 -11.03 -8.61 -4.75
N LEU A 85 -11.85 -8.71 -5.78
CA LEU A 85 -13.25 -9.14 -5.66
C LEU A 85 -13.60 -9.74 -7.01
N GLU A 86 -13.91 -11.03 -7.07
CA GLU A 86 -14.21 -11.66 -8.36
C GLU A 86 -15.68 -12.07 -8.48
N PRO A 87 -16.21 -12.13 -9.70
CA PRO A 87 -15.51 -11.74 -10.96
C PRO A 87 -15.60 -10.22 -11.22
N ARG A 88 -14.48 -9.47 -11.16
CA ARG A 88 -14.55 -8.02 -11.47
C ARG A 88 -13.30 -7.53 -12.22
N GLY A 89 -12.13 -8.12 -11.91
CA GLY A 89 -10.88 -7.68 -12.54
C GLY A 89 -10.04 -6.86 -11.54
N GLU A 90 -9.28 -7.55 -10.68
CA GLU A 90 -8.50 -6.89 -9.65
C GLU A 90 -7.42 -5.97 -10.22
N ALA A 91 -7.10 -4.97 -9.40
CA ALA A 91 -6.11 -3.95 -9.75
C ALA A 91 -4.82 -4.11 -8.97
N ARG A 92 -3.71 -3.65 -9.57
CA ARG A 92 -2.41 -3.72 -8.93
C ARG A 92 -1.77 -2.33 -8.98
N SER A 93 -1.12 -1.93 -7.88
CA SER A 93 -0.45 -0.62 -7.80
C SER A 93 0.92 -0.78 -7.16
N THR A 94 1.85 0.12 -7.50
CA THR A 94 3.21 0.06 -6.94
C THR A 94 3.70 1.38 -6.39
N ALA A 95 4.68 1.22 -5.52
CA ALA A 95 5.37 2.33 -4.87
C ALA A 95 6.71 1.85 -4.36
N GLU A 96 7.64 2.78 -4.19
CA GLU A 96 8.99 2.45 -3.74
C GLU A 96 9.27 2.99 -2.36
N LEU A 97 10.05 2.21 -1.63
CA LEU A 97 10.48 2.53 -0.27
C LEU A 97 11.95 2.92 -0.28
N LYS A 98 12.23 4.04 0.33
CA LYS A 98 13.60 4.55 0.42
C LYS A 98 13.95 4.88 1.86
N GLY A 99 15.19 4.67 2.21
CA GLY A 99 15.65 4.94 3.57
C GLY A 99 16.40 6.25 3.66
N GLU A 100 15.81 7.16 4.40
CA GLU A 100 16.39 8.46 4.63
C GLU A 100 17.61 8.33 5.55
N LEU A 101 18.65 9.04 5.20
CA LEU A 101 19.89 9.02 5.96
C LEU A 101 19.74 9.84 7.24
N ARG A 102 20.33 9.34 8.32
CA ARG A 102 20.26 10.04 9.61
C ARG A 102 21.05 11.34 9.55
N SER A 103 20.45 12.41 10.05
CA SER A 103 21.11 13.72 10.05
C SER A 103 22.26 13.74 11.06
N GLY A 104 23.30 14.49 10.75
CA GLY A 104 24.45 14.59 11.63
C GLY A 104 24.06 15.22 12.96
N CYS A 105 23.17 16.20 12.91
CA CYS A 105 22.72 16.88 14.12
C CYS A 105 21.49 17.74 13.83
N GLY A 1 -23.27 -4.11 -23.96
CA GLY A 1 -23.01 -2.64 -23.76
C GLY A 1 -22.12 -2.41 -22.55
N ILE A 2 -22.76 -2.28 -21.38
CA ILE A 2 -22.02 -2.03 -20.14
C ILE A 2 -22.45 -3.01 -19.05
N ASP A 3 -21.47 -3.57 -18.36
CA ASP A 3 -21.73 -4.53 -17.30
C ASP A 3 -22.24 -3.81 -16.04
N PRO A 4 -22.57 -4.53 -14.98
CA PRO A 4 -23.10 -3.90 -13.74
C PRO A 4 -22.07 -2.95 -13.11
N PHE A 5 -22.56 -1.85 -12.53
CA PHE A 5 -21.68 -0.87 -11.90
C PHE A 5 -20.90 -1.49 -10.76
N THR A 6 -21.59 -2.28 -9.93
CA THR A 6 -20.94 -2.93 -8.80
C THR A 6 -19.87 -3.91 -9.28
N ALA A 7 -20.24 -4.69 -10.30
CA ALA A 7 -19.31 -5.68 -10.85
C ALA A 7 -18.21 -5.02 -11.66
N GLU A 8 -18.35 -3.73 -11.92
CA GLU A 8 -17.38 -3.01 -12.72
C GLU A 8 -15.98 -3.13 -12.08
N PRO A 9 -14.93 -2.94 -12.84
CA PRO A 9 -13.54 -3.05 -12.30
C PRO A 9 -13.23 -2.05 -11.20
N ILE A 10 -12.39 -2.52 -10.29
CA ILE A 10 -11.94 -1.76 -9.15
C ILE A 10 -10.52 -1.27 -9.39
N GLN A 11 -10.30 0.01 -9.10
CA GLN A 11 -9.00 0.62 -9.31
C GLN A 11 -8.67 1.51 -8.12
N PHE A 12 -7.39 1.85 -7.95
CA PHE A 12 -6.99 2.70 -6.84
C PHE A 12 -6.97 4.13 -7.30
N THR A 13 -7.89 4.91 -6.79
CA THR A 13 -7.96 6.32 -7.15
C THR A 13 -6.74 7.06 -6.63
N LYS A 14 -6.42 6.82 -5.36
CA LYS A 14 -5.27 7.49 -4.74
C LYS A 14 -3.94 7.05 -5.36
N ARG A 15 -3.85 5.77 -5.66
CA ARG A 15 -2.64 5.21 -6.27
C ARG A 15 -1.40 5.49 -5.42
N ILE A 16 -1.12 4.61 -4.47
CA ILE A 16 0.04 4.77 -3.57
C ILE A 16 1.26 5.33 -4.30
N GLN A 17 2.06 6.10 -3.55
CA GLN A 17 3.26 6.73 -4.10
C GLN A 17 4.50 6.36 -3.29
N ASN A 18 5.66 6.73 -3.84
CA ASN A 18 6.96 6.44 -3.23
C ASN A 18 7.10 7.11 -1.87
N ILE A 19 7.73 6.38 -0.94
CA ILE A 19 7.93 6.86 0.43
C ILE A 19 9.40 6.83 0.84
N VAL A 20 9.88 7.92 1.45
CA VAL A 20 11.24 7.94 1.97
C VAL A 20 11.09 8.03 3.50
N VAL A 21 11.74 7.10 4.18
CA VAL A 21 11.64 6.98 5.65
C VAL A 21 12.97 6.83 6.37
N SER A 22 13.09 7.54 7.48
CA SER A 22 14.27 7.47 8.31
C SER A 22 14.42 6.05 8.85
N GLU A 23 15.63 5.65 9.15
CA GLU A 23 15.87 4.29 9.60
C GLU A 23 15.07 3.93 10.85
N HIS A 24 14.99 4.84 11.80
CA HIS A 24 14.27 4.55 13.04
C HIS A 24 12.77 4.86 12.97
N GLN A 25 12.30 5.48 11.88
CA GLN A 25 10.88 5.81 11.76
C GLN A 25 10.08 4.66 11.15
N SER A 26 8.95 5.00 10.54
CA SER A 26 8.06 4.00 9.95
C SER A 26 7.51 4.52 8.61
N ALA A 27 7.03 3.60 7.77
CA ALA A 27 6.51 3.96 6.45
C ALA A 27 5.05 3.56 6.31
N THR A 28 4.24 4.44 5.72
CA THR A 28 2.83 4.14 5.49
C THR A 28 2.46 4.31 4.03
N PHE A 29 1.86 3.28 3.45
CA PHE A 29 1.38 3.35 2.09
C PHE A 29 -0.13 3.44 2.19
N GLU A 30 -0.67 4.54 1.72
CA GLU A 30 -2.10 4.78 1.79
C GLU A 30 -2.72 4.65 0.42
N CYS A 31 -3.91 4.06 0.37
CA CYS A 31 -4.62 3.88 -0.89
C CYS A 31 -6.11 4.09 -0.71
N GLU A 32 -6.77 4.42 -1.82
CA GLU A 32 -8.22 4.61 -1.85
C GLU A 32 -8.74 3.80 -3.01
N VAL A 33 -9.91 3.19 -2.85
CA VAL A 33 -10.46 2.35 -3.92
C VAL A 33 -11.92 2.66 -4.21
N SER A 34 -12.34 2.21 -5.39
CA SER A 34 -13.70 2.39 -5.85
C SER A 34 -14.70 1.70 -4.91
N PHE A 35 -14.35 0.50 -4.42
CA PHE A 35 -15.25 -0.24 -3.52
C PHE A 35 -14.53 -0.59 -2.21
N ASP A 36 -15.32 -0.64 -1.13
CA ASP A 36 -14.78 -0.95 0.20
C ASP A 36 -14.79 -2.44 0.48
N ASP A 37 -15.79 -3.11 -0.05
CA ASP A 37 -15.96 -4.55 0.17
C ASP A 37 -14.82 -5.37 -0.41
N ALA A 38 -13.96 -4.72 -1.19
CA ALA A 38 -12.84 -5.44 -1.81
C ALA A 38 -11.76 -5.81 -0.78
N ILE A 39 -11.24 -7.02 -0.94
CA ILE A 39 -10.19 -7.53 -0.07
C ILE A 39 -8.85 -6.99 -0.55
N VAL A 40 -8.06 -6.43 0.37
CA VAL A 40 -6.78 -5.85 -0.01
C VAL A 40 -5.61 -6.48 0.75
N THR A 41 -4.58 -6.84 -0.04
CA THR A 41 -3.35 -7.45 0.48
C THR A 41 -2.13 -6.70 -0.04
N TRP A 42 -1.16 -6.46 0.83
CA TRP A 42 0.06 -5.75 0.44
C TRP A 42 1.18 -6.73 0.14
N TYR A 43 1.95 -6.41 -0.89
CA TYR A 43 3.07 -7.27 -1.30
C TYR A 43 4.40 -6.54 -1.37
N LYS A 44 5.43 -7.24 -0.92
CA LYS A 44 6.79 -6.74 -0.99
C LYS A 44 7.57 -7.78 -1.78
N GLY A 45 7.69 -7.56 -3.08
CA GLY A 45 8.34 -8.54 -3.91
C GLY A 45 7.47 -9.80 -3.93
N PRO A 46 8.04 -10.95 -4.07
CA PRO A 46 7.27 -12.22 -4.07
C PRO A 46 6.64 -12.50 -2.69
N THR A 47 7.19 -11.85 -1.67
CA THR A 47 6.75 -12.02 -0.29
C THR A 47 5.58 -11.11 0.07
N GLU A 48 4.55 -11.70 0.66
CA GLU A 48 3.38 -10.96 1.11
C GLU A 48 3.64 -10.45 2.51
N LEU A 49 3.04 -9.32 2.86
CA LEU A 49 3.25 -8.75 4.19
C LEU A 49 2.13 -9.14 5.12
N THR A 50 2.52 -9.60 6.30
CA THR A 50 1.59 -10.02 7.33
C THR A 50 2.00 -9.44 8.66
N GLU A 51 1.04 -9.34 9.56
CA GLU A 51 1.29 -8.79 10.87
C GLU A 51 2.12 -9.74 11.73
N SER A 52 3.10 -9.16 12.41
CA SER A 52 3.97 -9.90 13.29
C SER A 52 4.73 -8.93 14.18
N GLN A 53 3.97 -8.05 14.85
CA GLN A 53 4.57 -7.03 15.69
C GLN A 53 5.52 -6.23 14.80
N LYS A 54 5.23 -6.26 13.50
CA LYS A 54 6.03 -5.57 12.50
C LYS A 54 5.15 -4.74 11.54
N TYR A 55 4.17 -5.37 10.88
CA TYR A 55 3.31 -4.66 9.94
C TYR A 55 1.94 -4.43 10.56
N ASN A 56 1.44 -3.19 10.49
CA ASN A 56 0.11 -2.86 11.03
C ASN A 56 -0.84 -2.52 9.89
N PHE A 57 -1.88 -3.34 9.73
CA PHE A 57 -2.86 -3.13 8.69
C PHE A 57 -4.15 -2.57 9.31
N ARG A 58 -4.54 -1.36 8.90
CA ARG A 58 -5.77 -0.75 9.44
C ARG A 58 -6.74 -0.42 8.31
N ASN A 59 -7.97 -0.89 8.46
CA ASN A 59 -9.01 -0.64 7.45
C ASN A 59 -9.98 0.43 7.93
N ASP A 60 -10.37 1.31 7.02
CA ASP A 60 -11.33 2.37 7.33
C ASP A 60 -12.21 2.63 6.12
N GLY A 61 -13.29 1.87 6.00
CA GLY A 61 -14.17 2.04 4.86
C GLY A 61 -13.42 1.79 3.56
N ARG A 62 -13.54 2.72 2.62
CA ARG A 62 -12.86 2.61 1.33
C ARG A 62 -11.34 2.75 1.51
N CYS A 63 -10.92 3.36 2.60
CA CYS A 63 -9.49 3.59 2.86
C CYS A 63 -8.84 2.39 3.55
N HIS A 64 -7.63 2.06 3.10
CA HIS A 64 -6.84 0.97 3.68
C HIS A 64 -5.43 1.49 3.96
N TYR A 65 -4.90 1.20 5.15
CA TYR A 65 -3.56 1.68 5.51
C TYR A 65 -2.64 0.55 5.92
N MET A 66 -1.37 0.66 5.52
CA MET A 66 -0.36 -0.31 5.91
C MET A 66 0.82 0.45 6.48
N THR A 67 1.24 0.10 7.68
CA THR A 67 2.38 0.79 8.33
C THR A 67 3.50 -0.18 8.65
N ILE A 68 4.70 0.20 8.24
CA ILE A 68 5.89 -0.63 8.46
C ILE A 68 6.74 0.07 9.52
N HIS A 69 7.11 -0.64 10.58
CA HIS A 69 7.90 -0.04 11.66
C HIS A 69 9.35 -0.51 11.62
N ASN A 70 10.26 0.42 11.92
CA ASN A 70 11.69 0.12 11.92
C ASN A 70 12.14 -0.26 10.53
N VAL A 71 12.34 0.74 9.69
CA VAL A 71 12.74 0.51 8.32
C VAL A 71 14.26 0.52 8.20
N THR A 72 14.80 -0.51 7.58
CA THR A 72 16.25 -0.63 7.37
C THR A 72 16.55 -0.42 5.89
N PRO A 73 17.78 -0.14 5.52
CA PRO A 73 18.10 0.05 4.08
C PRO A 73 17.82 -1.24 3.30
N ASP A 74 17.87 -2.36 4.00
CA ASP A 74 17.60 -3.66 3.41
C ASP A 74 16.14 -3.74 2.92
N ASP A 75 15.24 -3.20 3.74
CA ASP A 75 13.82 -3.22 3.43
C ASP A 75 13.46 -2.34 2.24
N GLU A 76 14.34 -1.41 1.87
CA GLU A 76 14.03 -0.55 0.74
C GLU A 76 13.73 -1.42 -0.46
N GLY A 77 12.72 -1.05 -1.20
CA GLY A 77 12.33 -1.83 -2.38
C GLY A 77 11.01 -1.36 -2.95
N VAL A 78 10.18 -2.31 -3.39
CA VAL A 78 8.89 -2.01 -3.97
C VAL A 78 7.77 -2.65 -3.17
N TYR A 79 6.78 -1.82 -2.86
CA TYR A 79 5.58 -2.26 -2.13
C TYR A 79 4.37 -2.11 -3.02
N SER A 80 3.50 -3.10 -3.02
CA SER A 80 2.30 -3.06 -3.86
C SER A 80 1.06 -3.36 -3.05
N VAL A 81 -0.06 -2.85 -3.53
CA VAL A 81 -1.36 -3.08 -2.87
C VAL A 81 -2.27 -3.64 -3.92
N ILE A 82 -2.94 -4.73 -3.58
CA ILE A 82 -3.83 -5.39 -4.53
C ILE A 82 -5.23 -5.52 -3.98
N ALA A 83 -6.22 -5.07 -4.76
CA ALA A 83 -7.61 -5.19 -4.37
C ALA A 83 -8.28 -6.13 -5.35
N ARG A 84 -8.94 -7.19 -4.88
CA ARG A 84 -9.55 -8.14 -5.82
C ARG A 84 -10.90 -8.71 -5.38
N LEU A 85 -11.78 -8.81 -6.38
CA LEU A 85 -13.10 -9.39 -6.26
C LEU A 85 -13.45 -9.89 -7.65
N GLU A 86 -13.58 -11.20 -7.84
CA GLU A 86 -13.86 -11.73 -9.18
C GLU A 86 -15.30 -12.22 -9.32
N PRO A 87 -15.88 -12.16 -10.52
CA PRO A 87 -15.28 -11.54 -11.75
C PRO A 87 -15.56 -10.02 -11.84
N ARG A 88 -14.53 -9.16 -11.73
CA ARG A 88 -14.77 -7.71 -11.86
C ARG A 88 -13.63 -6.98 -12.59
N GLY A 89 -12.43 -7.52 -12.56
CA GLY A 89 -11.27 -6.85 -13.18
C GLY A 89 -10.35 -6.26 -12.09
N GLU A 90 -9.48 -7.13 -11.56
CA GLU A 90 -8.54 -6.79 -10.49
C GLU A 90 -7.55 -5.71 -10.88
N ALA A 91 -7.08 -4.98 -9.86
CA ALA A 91 -6.14 -3.86 -10.02
C ALA A 91 -4.87 -4.05 -9.18
N ARG A 92 -3.74 -3.58 -9.71
CA ARG A 92 -2.46 -3.65 -9.00
C ARG A 92 -1.80 -2.27 -9.02
N SER A 93 -1.19 -1.88 -7.91
CA SER A 93 -0.49 -0.58 -7.81
C SER A 93 0.87 -0.75 -7.16
N THR A 94 1.80 0.15 -7.49
CA THR A 94 3.16 0.09 -6.93
C THR A 94 3.65 1.40 -6.37
N ALA A 95 4.64 1.23 -5.50
CA ALA A 95 5.31 2.33 -4.84
C ALA A 95 6.66 1.86 -4.34
N GLU A 96 7.59 2.79 -4.17
CA GLU A 96 8.93 2.47 -3.72
C GLU A 96 9.23 3.00 -2.34
N LEU A 97 10.00 2.20 -1.62
CA LEU A 97 10.43 2.53 -0.26
C LEU A 97 11.90 2.90 -0.27
N LYS A 98 12.20 4.03 0.35
CA LYS A 98 13.56 4.54 0.43
C LYS A 98 13.92 4.86 1.86
N GLY A 99 15.17 4.63 2.22
CA GLY A 99 15.63 4.91 3.57
C GLY A 99 16.39 6.23 3.64
N GLU A 100 15.82 7.15 4.38
CA GLU A 100 16.41 8.45 4.59
C GLU A 100 17.61 8.33 5.51
N LEU A 101 18.66 9.04 5.14
CA LEU A 101 19.90 9.04 5.91
C LEU A 101 19.76 9.87 7.18
N ARG A 102 20.36 9.41 8.26
CA ARG A 102 20.29 10.13 9.53
C ARG A 102 21.21 11.34 9.49
N SER A 103 20.78 12.42 10.15
CA SER A 103 21.59 13.64 10.19
C SER A 103 22.75 13.49 11.16
N GLY A 104 23.75 14.36 11.02
CA GLY A 104 24.92 14.31 11.89
C GLY A 104 25.90 13.23 11.43
N CYS A 105 25.70 12.74 10.21
CA CYS A 105 26.57 11.71 9.66
C CYS A 105 26.92 10.67 10.72
N GLY A 1 -27.43 9.73 -18.07
CA GLY A 1 -26.38 9.08 -17.24
C GLY A 1 -26.89 7.72 -16.75
N ILE A 2 -25.97 6.89 -16.27
CA ILE A 2 -26.32 5.56 -15.77
C ILE A 2 -25.69 5.33 -14.40
N ASP A 3 -26.49 4.83 -13.46
CA ASP A 3 -26.02 4.58 -12.10
C ASP A 3 -24.68 3.82 -12.12
N PRO A 4 -23.85 3.94 -11.10
CA PRO A 4 -22.55 3.19 -11.06
C PRO A 4 -22.78 1.68 -11.07
N PHE A 5 -21.86 0.95 -11.70
CA PHE A 5 -21.95 -0.52 -11.77
C PHE A 5 -20.98 -1.14 -10.78
N THR A 6 -21.52 -1.94 -9.87
CA THR A 6 -20.73 -2.61 -8.84
C THR A 6 -19.71 -3.57 -9.42
N ALA A 7 -20.13 -4.36 -10.39
CA ALA A 7 -19.27 -5.35 -11.01
C ALA A 7 -18.14 -4.73 -11.83
N GLU A 8 -18.22 -3.42 -12.06
CA GLU A 8 -17.20 -2.76 -12.84
C GLU A 8 -15.83 -2.98 -12.18
N PRO A 9 -14.75 -2.88 -12.90
CA PRO A 9 -13.40 -3.08 -12.32
C PRO A 9 -13.07 -2.09 -11.23
N ILE A 10 -12.32 -2.59 -10.25
CA ILE A 10 -11.89 -1.81 -9.12
C ILE A 10 -10.48 -1.32 -9.35
N GLN A 11 -10.26 -0.03 -9.09
CA GLN A 11 -8.94 0.58 -9.29
C GLN A 11 -8.65 1.48 -8.12
N PHE A 12 -7.37 1.81 -7.91
CA PHE A 12 -7.01 2.68 -6.80
C PHE A 12 -6.96 4.11 -7.29
N THR A 13 -7.89 4.90 -6.81
CA THR A 13 -7.95 6.29 -7.21
C THR A 13 -6.73 7.04 -6.67
N LYS A 14 -6.41 6.80 -5.40
CA LYS A 14 -5.29 7.48 -4.78
C LYS A 14 -3.95 7.07 -5.39
N ARG A 15 -3.82 5.79 -5.70
CA ARG A 15 -2.58 5.26 -6.30
C ARG A 15 -1.35 5.53 -5.44
N ILE A 16 -1.08 4.63 -4.49
CA ILE A 16 0.08 4.77 -3.60
C ILE A 16 1.31 5.29 -4.33
N GLN A 17 2.14 6.04 -3.60
CA GLN A 17 3.35 6.65 -4.13
C GLN A 17 4.56 6.33 -3.28
N ASN A 18 5.73 6.59 -3.85
CA ASN A 18 7.00 6.31 -3.19
C ASN A 18 7.14 7.04 -1.85
N ILE A 19 7.74 6.33 -0.90
CA ILE A 19 7.94 6.82 0.45
C ILE A 19 9.42 6.80 0.86
N VAL A 20 9.89 7.88 1.47
CA VAL A 20 11.27 7.90 1.99
C VAL A 20 11.12 7.97 3.51
N VAL A 21 11.77 7.04 4.18
CA VAL A 21 11.68 6.90 5.65
C VAL A 21 13.01 6.74 6.35
N SER A 22 13.13 7.43 7.48
CA SER A 22 14.34 7.34 8.29
C SER A 22 14.49 5.92 8.81
N GLU A 23 15.71 5.55 9.16
CA GLU A 23 16.00 4.21 9.61
C GLU A 23 15.20 3.81 10.84
N HIS A 24 14.98 4.74 11.75
CA HIS A 24 14.26 4.45 12.99
C HIS A 24 12.75 4.77 12.93
N GLN A 25 12.29 5.45 11.88
CA GLN A 25 10.87 5.79 11.78
C GLN A 25 10.06 4.64 11.16
N SER A 26 8.93 4.99 10.56
CA SER A 26 8.02 4.00 9.95
C SER A 26 7.49 4.51 8.62
N ALA A 27 7.00 3.59 7.79
CA ALA A 27 6.48 3.96 6.46
C ALA A 27 5.03 3.56 6.31
N THR A 28 4.21 4.45 5.73
CA THR A 28 2.80 4.16 5.51
C THR A 28 2.44 4.32 4.04
N PHE A 29 1.83 3.29 3.47
CA PHE A 29 1.35 3.36 2.09
C PHE A 29 -0.16 3.47 2.18
N GLU A 30 -0.69 4.58 1.72
CA GLU A 30 -2.13 4.81 1.79
C GLU A 30 -2.75 4.68 0.41
N CYS A 31 -3.93 4.09 0.37
CA CYS A 31 -4.65 3.91 -0.90
C CYS A 31 -6.15 4.11 -0.71
N GLU A 32 -6.82 4.42 -1.79
CA GLU A 32 -8.27 4.59 -1.80
C GLU A 32 -8.81 3.78 -2.97
N VAL A 33 -9.99 3.19 -2.81
CA VAL A 33 -10.55 2.36 -3.88
C VAL A 33 -12.01 2.69 -4.17
N SER A 34 -12.42 2.25 -5.35
CA SER A 34 -13.78 2.43 -5.84
C SER A 34 -14.79 1.75 -4.92
N PHE A 35 -14.46 0.55 -4.43
CA PHE A 35 -15.40 -0.20 -3.56
C PHE A 35 -14.75 -0.56 -2.23
N ASP A 36 -15.58 -0.62 -1.18
CA ASP A 36 -15.12 -0.93 0.17
C ASP A 36 -15.16 -2.41 0.50
N ASP A 37 -15.98 -3.12 -0.22
CA ASP A 37 -16.17 -4.56 0.03
C ASP A 37 -15.01 -5.37 -0.53
N ALA A 38 -14.06 -4.69 -1.16
CA ALA A 38 -12.90 -5.36 -1.73
C ALA A 38 -11.92 -5.78 -0.64
N ILE A 39 -11.23 -6.90 -0.88
CA ILE A 39 -10.26 -7.42 0.05
C ILE A 39 -8.88 -7.02 -0.45
N VAL A 40 -8.07 -6.42 0.42
CA VAL A 40 -6.76 -5.91 0.00
C VAL A 40 -5.59 -6.49 0.78
N THR A 41 -4.57 -6.92 0.02
CA THR A 41 -3.34 -7.49 0.56
C THR A 41 -2.13 -6.74 0.01
N TRP A 42 -1.17 -6.44 0.87
CA TRP A 42 0.03 -5.72 0.46
C TRP A 42 1.16 -6.69 0.18
N TYR A 43 1.92 -6.40 -0.87
CA TYR A 43 3.05 -7.25 -1.26
C TYR A 43 4.36 -6.50 -1.33
N LYS A 44 5.39 -7.16 -0.83
CA LYS A 44 6.76 -6.67 -0.91
C LYS A 44 7.48 -7.70 -1.74
N GLY A 45 8.10 -7.30 -2.85
CA GLY A 45 8.74 -8.28 -3.70
C GLY A 45 7.83 -9.50 -3.86
N PRO A 46 8.37 -10.68 -4.02
CA PRO A 46 7.57 -11.93 -4.13
C PRO A 46 6.85 -12.29 -2.82
N THR A 47 7.31 -11.70 -1.71
CA THR A 47 6.81 -11.97 -0.38
C THR A 47 5.64 -11.06 0.02
N GLU A 48 4.61 -11.68 0.60
CA GLU A 48 3.44 -10.96 1.08
C GLU A 48 3.70 -10.48 2.49
N LEU A 49 3.09 -9.36 2.86
CA LEU A 49 3.28 -8.80 4.19
C LEU A 49 2.16 -9.21 5.12
N THR A 50 2.55 -9.65 6.30
CA THR A 50 1.61 -10.06 7.34
C THR A 50 2.00 -9.48 8.68
N GLU A 51 1.02 -9.40 9.55
CA GLU A 51 1.23 -8.85 10.87
C GLU A 51 2.07 -9.79 11.73
N SER A 52 3.05 -9.21 12.41
CA SER A 52 3.93 -9.95 13.30
C SER A 52 4.65 -8.96 14.20
N GLN A 53 3.86 -8.10 14.84
CA GLN A 53 4.44 -7.06 15.69
C GLN A 53 5.40 -6.26 14.82
N LYS A 54 5.11 -6.30 13.52
CA LYS A 54 5.94 -5.61 12.52
C LYS A 54 5.07 -4.76 11.56
N TYR A 55 4.09 -5.39 10.89
CA TYR A 55 3.24 -4.65 9.94
C TYR A 55 1.86 -4.39 10.53
N ASN A 56 1.41 -3.14 10.50
CA ASN A 56 0.07 -2.80 11.02
C ASN A 56 -0.89 -2.52 9.86
N PHE A 57 -1.90 -3.36 9.72
CA PHE A 57 -2.88 -3.19 8.65
C PHE A 57 -4.16 -2.62 9.26
N ARG A 58 -4.56 -1.41 8.84
CA ARG A 58 -5.79 -0.79 9.37
C ARG A 58 -6.75 -0.50 8.24
N ASN A 59 -7.99 -0.97 8.40
CA ASN A 59 -9.03 -0.73 7.39
C ASN A 59 -9.99 0.34 7.87
N ASP A 60 -10.39 1.22 6.96
CA ASP A 60 -11.34 2.28 7.29
C ASP A 60 -12.24 2.54 6.09
N GLY A 61 -13.30 1.75 5.94
CA GLY A 61 -14.19 1.93 4.82
C GLY A 61 -13.43 1.73 3.52
N ARG A 62 -13.57 2.69 2.59
CA ARG A 62 -12.89 2.61 1.30
C ARG A 62 -11.37 2.77 1.47
N CYS A 63 -10.95 3.37 2.58
CA CYS A 63 -9.53 3.60 2.82
C CYS A 63 -8.85 2.41 3.50
N HIS A 64 -7.63 2.10 3.05
CA HIS A 64 -6.85 1.01 3.62
C HIS A 64 -5.44 1.52 3.91
N TYR A 65 -4.90 1.22 5.10
CA TYR A 65 -3.56 1.69 5.46
C TYR A 65 -2.64 0.55 5.88
N MET A 66 -1.38 0.64 5.47
CA MET A 66 -0.36 -0.32 5.88
C MET A 66 0.81 0.46 6.44
N THR A 67 1.23 0.13 7.65
CA THR A 67 2.35 0.83 8.29
C THR A 67 3.47 -0.13 8.63
N ILE A 68 4.69 0.22 8.22
CA ILE A 68 5.85 -0.63 8.47
C ILE A 68 6.72 0.06 9.52
N HIS A 69 7.07 -0.65 10.59
CA HIS A 69 7.87 -0.07 11.67
C HIS A 69 9.30 -0.56 11.62
N ASN A 70 10.25 0.36 11.87
CA ASN A 70 11.66 0.02 11.86
C ASN A 70 12.11 -0.35 10.46
N VAL A 71 12.32 0.67 9.64
CA VAL A 71 12.74 0.48 8.27
C VAL A 71 14.26 0.50 8.17
N THR A 72 14.81 -0.52 7.52
CA THR A 72 16.25 -0.64 7.32
C THR A 72 16.58 -0.34 5.86
N PRO A 73 17.79 0.02 5.52
CA PRO A 73 18.12 0.30 4.10
C PRO A 73 17.92 -0.97 3.26
N ASP A 74 18.06 -2.10 3.94
CA ASP A 74 17.86 -3.41 3.30
C ASP A 74 16.41 -3.57 2.87
N ASP A 75 15.51 -3.07 3.70
CA ASP A 75 14.08 -3.17 3.46
C ASP A 75 13.63 -2.31 2.28
N GLU A 76 14.45 -1.35 1.86
CA GLU A 76 14.07 -0.51 0.74
C GLU A 76 13.74 -1.41 -0.44
N GLY A 77 12.71 -1.05 -1.17
CA GLY A 77 12.31 -1.87 -2.31
C GLY A 77 11.00 -1.41 -2.90
N VAL A 78 10.20 -2.36 -3.36
CA VAL A 78 8.92 -2.05 -3.97
C VAL A 78 7.79 -2.70 -3.18
N TYR A 79 6.81 -1.87 -2.88
CA TYR A 79 5.61 -2.29 -2.16
C TYR A 79 4.40 -2.11 -3.05
N SER A 80 3.46 -3.04 -3.00
CA SER A 80 2.27 -2.95 -3.83
C SER A 80 1.04 -3.32 -3.05
N VAL A 81 -0.10 -2.84 -3.53
CA VAL A 81 -1.39 -3.11 -2.89
C VAL A 81 -2.30 -3.67 -3.94
N ILE A 82 -2.95 -4.76 -3.61
CA ILE A 82 -3.85 -5.41 -4.56
C ILE A 82 -5.24 -5.53 -4.00
N ALA A 83 -6.22 -5.09 -4.77
CA ALA A 83 -7.62 -5.20 -4.38
C ALA A 83 -8.30 -6.15 -5.35
N ARG A 84 -8.97 -7.19 -4.87
CA ARG A 84 -9.60 -8.16 -5.79
C ARG A 84 -10.94 -8.70 -5.34
N LEU A 85 -11.83 -8.78 -6.33
CA LEU A 85 -13.16 -9.34 -6.18
C LEU A 85 -13.54 -9.86 -7.57
N GLU A 86 -13.68 -11.17 -7.72
CA GLU A 86 -13.98 -11.71 -9.05
C GLU A 86 -15.44 -12.17 -9.18
N PRO A 87 -16.02 -12.10 -10.36
CA PRO A 87 -15.42 -11.52 -11.62
C PRO A 87 -15.67 -9.99 -11.71
N ARG A 88 -14.63 -9.14 -11.61
CA ARG A 88 -14.85 -7.69 -11.77
C ARG A 88 -13.71 -7.00 -12.52
N GLY A 89 -12.49 -7.57 -12.48
CA GLY A 89 -11.34 -6.93 -13.13
C GLY A 89 -10.39 -6.33 -12.07
N GLU A 90 -9.52 -7.20 -11.53
CA GLU A 90 -8.57 -6.84 -10.47
C GLU A 90 -7.57 -5.77 -10.88
N ALA A 91 -7.08 -5.05 -9.85
CA ALA A 91 -6.12 -3.95 -10.02
C ALA A 91 -4.86 -4.15 -9.18
N ARG A 92 -3.73 -3.67 -9.70
CA ARG A 92 -2.44 -3.76 -8.99
C ARG A 92 -1.79 -2.37 -8.99
N SER A 93 -1.18 -1.98 -7.88
CA SER A 93 -0.51 -0.68 -7.77
C SER A 93 0.86 -0.82 -7.11
N THR A 94 1.77 0.09 -7.43
CA THR A 94 3.13 0.05 -6.85
C THR A 94 3.61 1.38 -6.31
N ALA A 95 4.59 1.23 -5.45
CA ALA A 95 5.25 2.34 -4.79
C ALA A 95 6.62 1.87 -4.31
N GLU A 96 7.56 2.79 -4.16
CA GLU A 96 8.91 2.45 -3.74
C GLU A 96 9.20 2.95 -2.35
N LEU A 97 10.00 2.16 -1.64
CA LEU A 97 10.42 2.48 -0.29
C LEU A 97 11.90 2.85 -0.31
N LYS A 98 12.20 4.00 0.30
CA LYS A 98 13.56 4.50 0.38
C LYS A 98 13.94 4.79 1.81
N GLY A 99 15.20 4.58 2.15
CA GLY A 99 15.67 4.84 3.50
C GLY A 99 16.43 6.14 3.59
N GLU A 100 15.86 7.06 4.34
CA GLU A 100 16.44 8.36 4.56
C GLU A 100 17.65 8.21 5.48
N LEU A 101 18.70 8.92 5.12
CA LEU A 101 19.94 8.89 5.89
C LEU A 101 19.79 9.68 7.18
N ARG A 102 20.38 9.17 8.26
CA ARG A 102 20.28 9.84 9.55
C ARG A 102 21.06 11.15 9.52
N SER A 103 20.43 12.21 10.05
CA SER A 103 21.07 13.52 10.08
C SER A 103 22.22 13.53 11.08
N GLY A 104 23.26 14.30 10.77
CA GLY A 104 24.41 14.39 11.66
C GLY A 104 25.34 15.51 11.22
N CYS A 105 26.35 15.80 12.05
CA CYS A 105 27.31 16.85 11.73
C CYS A 105 27.78 16.74 10.29
N GLY A 1 -25.06 -4.23 -23.11
CA GLY A 1 -24.07 -5.33 -23.00
C GLY A 1 -22.90 -4.88 -22.13
N ILE A 2 -23.22 -4.20 -21.03
CA ILE A 2 -22.20 -3.71 -20.11
C ILE A 2 -22.27 -4.47 -18.78
N ASP A 3 -21.13 -4.99 -18.34
CA ASP A 3 -21.05 -5.74 -17.09
C ASP A 3 -21.78 -4.95 -15.97
N PRO A 4 -22.14 -5.58 -14.87
CA PRO A 4 -22.83 -4.85 -13.77
C PRO A 4 -21.94 -3.74 -13.18
N PHE A 5 -22.56 -2.65 -12.76
CA PHE A 5 -21.81 -1.52 -12.20
C PHE A 5 -21.06 -1.95 -10.95
N THR A 6 -21.74 -2.69 -10.08
CA THR A 6 -21.14 -3.14 -8.82
C THR A 6 -20.02 -4.15 -9.08
N ALA A 7 -20.18 -4.94 -10.13
CA ALA A 7 -19.19 -5.96 -10.48
C ALA A 7 -18.07 -5.36 -11.32
N GLU A 8 -18.16 -4.08 -11.60
CA GLU A 8 -17.16 -3.41 -12.41
C GLU A 8 -15.77 -3.55 -11.74
N PRO A 9 -14.70 -3.49 -12.50
CA PRO A 9 -13.33 -3.61 -11.93
C PRO A 9 -12.99 -2.51 -10.94
N ILE A 10 -12.20 -2.89 -9.94
CA ILE A 10 -11.76 -2.00 -8.90
C ILE A 10 -10.36 -1.49 -9.18
N GLN A 11 -10.19 -0.18 -9.00
CA GLN A 11 -8.90 0.47 -9.23
C GLN A 11 -8.60 1.42 -8.09
N PHE A 12 -7.33 1.79 -7.91
CA PHE A 12 -6.96 2.68 -6.83
C PHE A 12 -6.95 4.12 -7.30
N THR A 13 -7.87 4.91 -6.80
CA THR A 13 -7.94 6.30 -7.19
C THR A 13 -6.72 7.06 -6.67
N LYS A 14 -6.39 6.84 -5.40
CA LYS A 14 -5.26 7.53 -4.78
C LYS A 14 -3.92 7.12 -5.40
N ARG A 15 -3.80 5.83 -5.69
CA ARG A 15 -2.55 5.31 -6.29
C ARG A 15 -1.32 5.60 -5.43
N ILE A 16 -1.05 4.70 -4.49
CA ILE A 16 0.09 4.85 -3.58
C ILE A 16 1.32 5.40 -4.30
N GLN A 17 2.13 6.16 -3.56
CA GLN A 17 3.35 6.79 -4.10
C GLN A 17 4.59 6.40 -3.28
N ASN A 18 5.74 6.77 -3.83
CA ASN A 18 7.02 6.46 -3.22
C ASN A 18 7.18 7.13 -1.85
N ILE A 19 7.77 6.39 -0.92
CA ILE A 19 7.97 6.86 0.45
C ILE A 19 9.44 6.84 0.86
N VAL A 20 9.90 7.93 1.48
CA VAL A 20 11.26 7.95 2.01
C VAL A 20 11.10 8.03 3.52
N VAL A 21 11.76 7.10 4.21
CA VAL A 21 11.64 6.97 5.66
C VAL A 21 12.96 6.81 6.40
N SER A 22 13.07 7.51 7.52
CA SER A 22 14.27 7.42 8.34
C SER A 22 14.40 5.99 8.86
N GLU A 23 15.63 5.58 9.14
CA GLU A 23 15.88 4.22 9.56
C GLU A 23 15.10 3.82 10.81
N HIS A 24 14.98 4.73 11.76
CA HIS A 24 14.27 4.41 13.01
C HIS A 24 12.77 4.71 12.93
N GLN A 25 12.32 5.40 11.88
CA GLN A 25 10.89 5.74 11.75
C GLN A 25 10.09 4.61 11.11
N SER A 26 8.94 4.97 10.55
CA SER A 26 8.04 3.98 9.94
C SER A 26 7.50 4.51 8.61
N ALA A 27 7.02 3.60 7.75
CA ALA A 27 6.50 3.98 6.44
C ALA A 27 5.05 3.57 6.27
N THR A 28 4.24 4.47 5.71
CA THR A 28 2.83 4.17 5.48
C THR A 28 2.45 4.37 4.02
N PHE A 29 1.85 3.33 3.43
CA PHE A 29 1.37 3.42 2.06
C PHE A 29 -0.14 3.50 2.17
N GLU A 30 -0.70 4.61 1.73
CA GLU A 30 -2.14 4.80 1.81
C GLU A 30 -2.76 4.69 0.42
N CYS A 31 -3.95 4.09 0.36
CA CYS A 31 -4.64 3.94 -0.92
C CYS A 31 -6.15 4.14 -0.75
N GLU A 32 -6.79 4.50 -1.84
CA GLU A 32 -8.24 4.70 -1.88
C GLU A 32 -8.77 3.86 -3.03
N VAL A 33 -9.94 3.27 -2.85
CA VAL A 33 -10.51 2.40 -3.90
C VAL A 33 -11.96 2.71 -4.20
N SER A 34 -12.39 2.23 -5.36
CA SER A 34 -13.76 2.40 -5.81
C SER A 34 -14.75 1.72 -4.87
N PHE A 35 -14.42 0.53 -4.35
CA PHE A 35 -15.34 -0.22 -3.48
C PHE A 35 -14.66 -0.58 -2.15
N ASP A 36 -15.48 -0.63 -1.09
CA ASP A 36 -15.00 -0.98 0.25
C ASP A 36 -15.10 -2.47 0.51
N ASP A 37 -16.03 -3.10 -0.18
CA ASP A 37 -16.28 -4.53 -0.04
C ASP A 37 -15.08 -5.32 -0.54
N ALA A 38 -14.14 -4.63 -1.16
CA ALA A 38 -12.95 -5.28 -1.69
C ALA A 38 -11.97 -5.65 -0.58
N ILE A 39 -11.26 -6.76 -0.81
CA ILE A 39 -10.27 -7.27 0.12
C ILE A 39 -8.90 -6.90 -0.42
N VAL A 40 -8.05 -6.32 0.44
CA VAL A 40 -6.74 -5.84 -0.01
C VAL A 40 -5.56 -6.46 0.75
N THR A 41 -4.56 -6.86 -0.04
CA THR A 41 -3.32 -7.47 0.46
C THR A 41 -2.11 -6.70 -0.06
N TRP A 42 -1.15 -6.43 0.82
CA TRP A 42 0.04 -5.70 0.42
C TRP A 42 1.18 -6.67 0.14
N TYR A 43 1.95 -6.38 -0.91
CA TYR A 43 3.08 -7.23 -1.29
C TYR A 43 4.39 -6.49 -1.35
N LYS A 44 5.41 -7.16 -0.85
CA LYS A 44 6.77 -6.67 -0.92
C LYS A 44 7.51 -7.71 -1.74
N GLY A 45 8.08 -7.32 -2.87
CA GLY A 45 8.74 -8.31 -3.71
C GLY A 45 7.79 -9.52 -3.87
N PRO A 46 8.29 -10.69 -4.08
CA PRO A 46 7.45 -11.90 -4.21
C PRO A 46 6.77 -12.25 -2.87
N THR A 47 7.31 -11.71 -1.79
CA THR A 47 6.84 -11.97 -0.44
C THR A 47 5.66 -11.08 -0.03
N GLU A 48 4.62 -11.70 0.51
CA GLU A 48 3.44 -10.97 0.98
C GLU A 48 3.69 -10.51 2.41
N LEU A 49 3.10 -9.38 2.77
CA LEU A 49 3.28 -8.83 4.11
C LEU A 49 2.17 -9.32 5.02
N THR A 50 2.57 -9.78 6.19
CA THR A 50 1.63 -10.28 7.19
C THR A 50 1.94 -9.71 8.55
N GLU A 51 0.95 -9.73 9.41
CA GLU A 51 1.11 -9.17 10.74
C GLU A 51 2.01 -10.02 11.62
N SER A 52 2.88 -9.33 12.33
CA SER A 52 3.83 -9.94 13.27
C SER A 52 4.35 -8.81 14.13
N GLN A 53 3.41 -7.99 14.59
CA GLN A 53 3.72 -6.80 15.37
C GLN A 53 4.76 -6.02 14.59
N LYS A 54 4.80 -6.32 13.29
CA LYS A 54 5.70 -5.66 12.34
C LYS A 54 4.90 -4.77 11.37
N TYR A 55 3.88 -5.34 10.72
CA TYR A 55 3.07 -4.59 9.75
C TYR A 55 1.69 -4.33 10.33
N ASN A 56 1.25 -3.07 10.32
CA ASN A 56 -0.08 -2.74 10.82
C ASN A 56 -1.04 -2.50 9.65
N PHE A 57 -2.03 -3.36 9.51
CA PHE A 57 -3.00 -3.23 8.44
C PHE A 57 -4.30 -2.69 9.01
N ARG A 58 -4.71 -1.48 8.60
CA ARG A 58 -5.95 -0.89 9.12
C ARG A 58 -6.90 -0.56 7.98
N ASN A 59 -8.13 -1.07 8.06
CA ASN A 59 -9.14 -0.80 7.04
C ASN A 59 -10.22 0.12 7.58
N ASP A 60 -10.18 1.38 7.14
CA ASP A 60 -11.18 2.36 7.56
C ASP A 60 -12.00 2.78 6.35
N GLY A 61 -13.24 2.32 6.30
CA GLY A 61 -14.10 2.65 5.17
C GLY A 61 -13.43 2.23 3.86
N ARG A 62 -13.46 3.11 2.87
CA ARG A 62 -12.85 2.85 1.57
C ARG A 62 -11.31 2.90 1.62
N CYS A 63 -10.76 3.56 2.65
CA CYS A 63 -9.30 3.71 2.75
C CYS A 63 -8.66 2.57 3.55
N HIS A 64 -7.60 2.01 2.98
CA HIS A 64 -6.83 0.94 3.61
C HIS A 64 -5.41 1.43 3.87
N TYR A 65 -4.93 1.31 5.11
CA TYR A 65 -3.57 1.79 5.45
C TYR A 65 -2.65 0.65 5.87
N MET A 66 -1.40 0.72 5.45
CA MET A 66 -0.38 -0.25 5.84
C MET A 66 0.80 0.50 6.39
N THR A 67 1.21 0.19 7.62
CA THR A 67 2.34 0.86 8.24
C THR A 67 3.44 -0.12 8.60
N ILE A 68 4.65 0.21 8.19
CA ILE A 68 5.82 -0.64 8.42
C ILE A 68 6.68 0.04 9.49
N HIS A 69 7.02 -0.69 10.55
CA HIS A 69 7.81 -0.12 11.64
C HIS A 69 9.26 -0.59 11.61
N ASN A 70 10.18 0.35 11.87
CA ASN A 70 11.61 0.03 11.88
C ASN A 70 12.07 -0.34 10.48
N VAL A 71 12.28 0.68 9.67
CA VAL A 71 12.70 0.48 8.28
C VAL A 71 14.21 0.49 8.19
N THR A 72 14.75 -0.53 7.54
CA THR A 72 16.21 -0.67 7.35
C THR A 72 16.53 -0.42 5.88
N PRO A 73 17.77 -0.15 5.53
CA PRO A 73 18.11 0.08 4.09
C PRO A 73 17.84 -1.18 3.28
N ASP A 74 17.89 -2.32 3.96
CA ASP A 74 17.64 -3.61 3.32
C ASP A 74 16.18 -3.68 2.87
N ASP A 75 15.31 -3.13 3.71
CA ASP A 75 13.89 -3.15 3.47
C ASP A 75 13.48 -2.26 2.29
N GLU A 76 14.36 -1.35 1.87
CA GLU A 76 14.03 -0.49 0.75
C GLU A 76 13.73 -1.36 -0.45
N GLY A 77 12.71 -1.00 -1.20
CA GLY A 77 12.33 -1.79 -2.36
C GLY A 77 11.02 -1.33 -2.95
N VAL A 78 10.21 -2.29 -3.38
CA VAL A 78 8.92 -2.00 -3.98
C VAL A 78 7.80 -2.65 -3.20
N TYR A 79 6.78 -1.84 -2.92
CA TYR A 79 5.60 -2.29 -2.20
C TYR A 79 4.40 -2.14 -3.11
N SER A 80 3.51 -3.13 -3.10
CA SER A 80 2.33 -3.09 -3.96
C SER A 80 1.08 -3.39 -3.15
N VAL A 81 -0.03 -2.85 -3.61
CA VAL A 81 -1.31 -3.08 -2.96
C VAL A 81 -2.26 -3.62 -4.01
N ILE A 82 -2.94 -4.70 -3.68
CA ILE A 82 -3.87 -5.30 -4.62
C ILE A 82 -5.25 -5.42 -4.03
N ALA A 83 -6.24 -4.93 -4.77
CA ALA A 83 -7.63 -5.02 -4.32
C ALA A 83 -8.36 -5.96 -5.25
N ARG A 84 -8.99 -7.01 -4.72
CA ARG A 84 -9.67 -7.97 -5.59
C ARG A 84 -10.96 -8.53 -5.02
N LEU A 85 -11.90 -8.74 -5.93
CA LEU A 85 -13.19 -9.35 -5.67
C LEU A 85 -13.60 -10.02 -6.97
N GLU A 86 -13.63 -11.34 -7.01
CA GLU A 86 -13.96 -12.00 -8.28
C GLU A 86 -15.43 -12.41 -8.35
N PRO A 87 -16.01 -12.44 -9.54
CA PRO A 87 -15.39 -12.02 -10.84
C PRO A 87 -15.56 -10.50 -11.09
N ARG A 88 -14.47 -9.70 -11.07
CA ARG A 88 -14.62 -8.26 -11.37
C ARG A 88 -13.43 -7.72 -12.16
N GLY A 89 -12.23 -8.23 -11.90
CA GLY A 89 -11.03 -7.73 -12.57
C GLY A 89 -10.23 -6.85 -11.60
N GLU A 90 -9.40 -7.47 -10.75
CA GLU A 90 -8.64 -6.74 -9.74
C GLU A 90 -7.68 -5.72 -10.33
N ALA A 91 -7.01 -4.99 -9.42
CA ALA A 91 -6.06 -3.95 -9.80
C ALA A 91 -4.76 -4.09 -9.02
N ARG A 92 -3.66 -3.66 -9.64
CA ARG A 92 -2.34 -3.72 -8.99
C ARG A 92 -1.71 -2.32 -9.04
N SER A 93 -1.07 -1.93 -7.95
CA SER A 93 -0.41 -0.62 -7.86
C SER A 93 0.97 -0.78 -7.22
N THR A 94 1.89 0.13 -7.53
CA THR A 94 3.25 0.08 -6.97
C THR A 94 3.74 1.39 -6.41
N ALA A 95 4.71 1.23 -5.54
CA ALA A 95 5.38 2.33 -4.88
C ALA A 95 6.73 1.86 -4.38
N GLU A 96 7.65 2.79 -4.19
CA GLU A 96 9.00 2.48 -3.74
C GLU A 96 9.30 3.01 -2.36
N LEU A 97 10.05 2.21 -1.63
CA LEU A 97 10.48 2.53 -0.27
C LEU A 97 11.95 2.90 -0.27
N LYS A 98 12.25 4.03 0.34
CA LYS A 98 13.62 4.54 0.45
C LYS A 98 13.96 4.85 1.88
N GLY A 99 15.22 4.63 2.23
CA GLY A 99 15.68 4.90 3.59
C GLY A 99 16.44 6.21 3.68
N GLU A 100 15.85 7.13 4.42
CA GLU A 100 16.44 8.43 4.66
C GLU A 100 17.64 8.30 5.60
N LEU A 101 18.69 8.99 5.26
CA LEU A 101 19.91 8.96 6.05
C LEU A 101 19.76 9.84 7.29
N ARG A 102 20.31 9.36 8.41
CA ARG A 102 20.24 10.10 9.66
C ARG A 102 21.05 11.39 9.56
N SER A 103 20.47 12.49 10.04
CA SER A 103 21.15 13.77 10.00
C SER A 103 22.39 13.76 10.90
N GLY A 104 23.45 14.41 10.45
CA GLY A 104 24.68 14.48 11.23
C GLY A 104 25.64 15.50 10.65
N CYS A 105 26.72 15.77 11.39
CA CYS A 105 27.72 16.74 10.94
C CYS A 105 27.08 18.10 10.68
N GLY A 1 -30.42 6.95 -9.52
CA GLY A 1 -30.26 6.60 -10.96
C GLY A 1 -29.51 5.27 -11.07
N ILE A 2 -29.85 4.49 -12.08
CA ILE A 2 -29.25 3.17 -12.29
C ILE A 2 -28.38 3.17 -13.54
N ASP A 3 -27.14 2.70 -13.41
CA ASP A 3 -26.24 2.67 -14.56
C ASP A 3 -24.87 2.09 -14.16
N PRO A 4 -24.28 2.54 -13.07
CA PRO A 4 -22.95 2.02 -12.64
C PRO A 4 -23.04 0.54 -12.32
N PHE A 5 -21.97 -0.20 -12.64
CA PHE A 5 -21.94 -1.62 -12.37
C PHE A 5 -21.01 -1.93 -11.20
N THR A 6 -21.56 -2.53 -10.17
CA THR A 6 -20.78 -2.87 -8.98
C THR A 6 -19.73 -3.92 -9.31
N ALA A 7 -20.06 -4.79 -10.25
CA ALA A 7 -19.15 -5.84 -10.67
C ALA A 7 -17.99 -5.28 -11.48
N GLU A 8 -18.06 -4.01 -11.84
CA GLU A 8 -17.02 -3.37 -12.64
C GLU A 8 -15.66 -3.51 -11.94
N PRO A 9 -14.58 -3.48 -12.68
CA PRO A 9 -13.23 -3.62 -12.07
C PRO A 9 -12.91 -2.49 -11.09
N ILE A 10 -12.16 -2.87 -10.05
CA ILE A 10 -11.74 -1.98 -9.00
C ILE A 10 -10.34 -1.46 -9.27
N GLN A 11 -10.17 -0.16 -9.07
CA GLN A 11 -8.88 0.48 -9.30
C GLN A 11 -8.57 1.41 -8.14
N PHE A 12 -7.30 1.77 -7.97
CA PHE A 12 -6.94 2.66 -6.86
C PHE A 12 -6.91 4.09 -7.35
N THR A 13 -7.84 4.89 -6.85
CA THR A 13 -7.91 6.27 -7.23
C THR A 13 -6.70 7.02 -6.72
N LYS A 14 -6.37 6.80 -5.44
CA LYS A 14 -5.23 7.48 -4.83
C LYS A 14 -3.91 7.03 -5.44
N ARG A 15 -3.80 5.74 -5.72
CA ARG A 15 -2.58 5.19 -6.31
C ARG A 15 -1.34 5.49 -5.46
N ILE A 16 -1.06 4.61 -4.50
CA ILE A 16 0.09 4.80 -3.59
C ILE A 16 1.31 5.34 -4.32
N GLN A 17 2.10 6.11 -3.57
CA GLN A 17 3.31 6.76 -4.09
C GLN A 17 4.55 6.38 -3.28
N ASN A 18 5.71 6.75 -3.82
CA ASN A 18 7.00 6.46 -3.22
C ASN A 18 7.15 7.14 -1.85
N ILE A 19 7.76 6.41 -0.91
CA ILE A 19 7.96 6.89 0.45
C ILE A 19 9.42 6.85 0.89
N VAL A 20 9.90 7.93 1.49
CA VAL A 20 11.26 7.95 2.02
C VAL A 20 11.12 8.03 3.55
N VAL A 21 11.75 7.08 4.23
CA VAL A 21 11.65 6.94 5.68
C VAL A 21 12.99 6.74 6.39
N SER A 22 13.14 7.42 7.51
CA SER A 22 14.36 7.30 8.31
C SER A 22 14.48 5.86 8.80
N GLU A 23 15.69 5.44 9.11
CA GLU A 23 15.93 4.07 9.51
C GLU A 23 15.11 3.65 10.72
N HIS A 24 14.99 4.51 11.72
CA HIS A 24 14.25 4.17 12.93
C HIS A 24 12.76 4.54 12.86
N GLN A 25 12.35 5.30 11.85
CA GLN A 25 10.95 5.69 11.73
C GLN A 25 10.11 4.57 11.12
N SER A 26 8.97 4.93 10.53
CA SER A 26 8.06 3.95 9.93
C SER A 26 7.52 4.49 8.61
N ALA A 27 7.02 3.59 7.75
CA ALA A 27 6.49 3.99 6.44
C ALA A 27 5.04 3.57 6.28
N THR A 28 4.23 4.45 5.71
CA THR A 28 2.81 4.14 5.47
C THR A 28 2.45 4.33 4.01
N PHE A 29 1.86 3.30 3.42
CA PHE A 29 1.38 3.40 2.04
C PHE A 29 -0.13 3.46 2.14
N GLU A 30 -0.70 4.57 1.72
CA GLU A 30 -2.14 4.77 1.80
C GLU A 30 -2.76 4.67 0.42
N CYS A 31 -3.93 4.06 0.35
CA CYS A 31 -4.63 3.90 -0.93
C CYS A 31 -6.13 4.10 -0.75
N GLU A 32 -6.78 4.46 -1.86
CA GLU A 32 -8.22 4.63 -1.89
C GLU A 32 -8.75 3.84 -3.06
N VAL A 33 -9.92 3.22 -2.91
CA VAL A 33 -10.47 2.39 -3.97
C VAL A 33 -11.92 2.69 -4.28
N SER A 34 -12.34 2.24 -5.45
CA SER A 34 -13.70 2.43 -5.93
C SER A 34 -14.71 1.75 -5.01
N PHE A 35 -14.40 0.54 -4.52
CA PHE A 35 -15.34 -0.18 -3.64
C PHE A 35 -14.68 -0.56 -2.30
N ASP A 36 -15.50 -0.59 -1.25
CA ASP A 36 -15.03 -0.93 0.10
C ASP A 36 -15.15 -2.42 0.37
N ASP A 37 -16.06 -3.05 -0.33
CA ASP A 37 -16.32 -4.48 -0.18
C ASP A 37 -15.11 -5.29 -0.65
N ALA A 38 -14.17 -4.59 -1.26
CA ALA A 38 -12.96 -5.24 -1.77
C ALA A 38 -12.01 -5.63 -0.64
N ILE A 39 -11.29 -6.73 -0.86
CA ILE A 39 -10.33 -7.24 0.09
C ILE A 39 -8.94 -6.89 -0.42
N VAL A 40 -8.10 -6.30 0.43
CA VAL A 40 -6.78 -5.83 0.00
C VAL A 40 -5.62 -6.44 0.76
N THR A 41 -4.61 -6.86 -0.02
CA THR A 41 -3.38 -7.49 0.49
C THR A 41 -2.16 -6.71 -0.01
N TRP A 42 -1.21 -6.47 0.89
CA TRP A 42 -0.01 -5.73 0.53
C TRP A 42 1.13 -6.68 0.22
N TYR A 43 1.90 -6.35 -0.81
CA TYR A 43 3.04 -7.19 -1.22
C TYR A 43 4.36 -6.45 -1.28
N LYS A 44 5.38 -7.12 -0.80
CA LYS A 44 6.74 -6.63 -0.88
C LYS A 44 7.47 -7.67 -1.71
N GLY A 45 8.03 -7.28 -2.84
CA GLY A 45 8.67 -8.27 -3.68
C GLY A 45 7.70 -9.45 -3.86
N PRO A 46 8.18 -10.63 -4.09
CA PRO A 46 7.31 -11.82 -4.23
C PRO A 46 6.64 -12.18 -2.90
N THR A 47 7.21 -11.66 -1.81
CA THR A 47 6.74 -11.92 -0.46
C THR A 47 5.56 -11.05 -0.06
N GLU A 48 4.54 -11.68 0.53
CA GLU A 48 3.36 -10.97 1.01
C GLU A 48 3.63 -10.51 2.44
N LEU A 49 3.01 -9.40 2.82
CA LEU A 49 3.21 -8.85 4.16
C LEU A 49 2.09 -9.27 5.08
N THR A 50 2.49 -9.76 6.25
CA THR A 50 1.54 -10.19 7.27
C THR A 50 1.94 -9.63 8.62
N GLU A 51 0.98 -9.54 9.50
CA GLU A 51 1.23 -9.00 10.81
C GLU A 51 2.08 -9.93 11.66
N SER A 52 3.06 -9.35 12.33
CA SER A 52 3.96 -10.07 13.21
C SER A 52 4.67 -9.06 14.09
N GLN A 53 3.87 -8.19 14.71
CA GLN A 53 4.40 -7.11 15.53
C GLN A 53 5.37 -6.32 14.66
N LYS A 54 5.14 -6.42 13.35
CA LYS A 54 5.95 -5.73 12.35
C LYS A 54 5.09 -4.83 11.44
N TYR A 55 4.10 -5.42 10.76
CA TYR A 55 3.25 -4.64 9.84
C TYR A 55 1.88 -4.40 10.47
N ASN A 56 1.44 -3.13 10.50
CA ASN A 56 0.11 -2.81 11.04
C ASN A 56 -0.86 -2.49 9.92
N PHE A 57 -1.87 -3.33 9.74
CA PHE A 57 -2.86 -3.13 8.70
C PHE A 57 -4.14 -2.55 9.30
N ARG A 58 -4.54 -1.35 8.88
CA ARG A 58 -5.77 -0.72 9.42
C ARG A 58 -6.73 -0.40 8.28
N ASN A 59 -7.97 -0.87 8.41
CA ASN A 59 -8.99 -0.61 7.40
C ASN A 59 -9.97 0.46 7.89
N ASP A 60 -10.37 1.34 6.98
CA ASP A 60 -11.32 2.40 7.29
C ASP A 60 -12.22 2.65 6.08
N GLY A 61 -13.29 1.88 5.97
CA GLY A 61 -14.18 2.06 4.83
C GLY A 61 -13.43 1.79 3.53
N ARG A 62 -13.56 2.71 2.59
CA ARG A 62 -12.88 2.60 1.30
C ARG A 62 -11.36 2.74 1.46
N CYS A 63 -10.94 3.36 2.55
CA CYS A 63 -9.52 3.60 2.80
C CYS A 63 -8.85 2.41 3.50
N HIS A 64 -7.64 2.09 3.08
CA HIS A 64 -6.86 1.00 3.67
C HIS A 64 -5.45 1.49 3.93
N TYR A 65 -4.92 1.23 5.12
CA TYR A 65 -3.57 1.71 5.47
C TYR A 65 -2.65 0.56 5.86
N MET A 66 -1.40 0.63 5.45
CA MET A 66 -0.40 -0.35 5.84
C MET A 66 0.81 0.40 6.37
N THR A 67 1.26 0.02 7.56
CA THR A 67 2.40 0.70 8.20
C THR A 67 3.54 -0.25 8.51
N ILE A 68 4.73 0.15 8.11
CA ILE A 68 5.93 -0.66 8.32
C ILE A 68 6.78 0.04 9.39
N HIS A 69 7.18 -0.68 10.43
CA HIS A 69 7.95 -0.09 11.53
C HIS A 69 9.40 -0.54 11.53
N ASN A 70 10.30 0.38 11.92
CA ASN A 70 11.73 0.09 11.98
C ASN A 70 12.27 -0.26 10.60
N VAL A 71 12.15 0.69 9.68
CA VAL A 71 12.59 0.48 8.33
C VAL A 71 14.11 0.45 8.25
N THR A 72 14.63 -0.57 7.56
CA THR A 72 16.06 -0.76 7.39
C THR A 72 16.44 -0.44 5.93
N PRO A 73 17.67 -0.11 5.64
CA PRO A 73 18.06 0.18 4.23
C PRO A 73 17.85 -1.07 3.37
N ASP A 74 17.93 -2.22 4.03
CA ASP A 74 17.71 -3.51 3.38
C ASP A 74 16.26 -3.62 2.90
N ASP A 75 15.37 -3.10 3.73
CA ASP A 75 13.94 -3.16 3.46
C ASP A 75 13.53 -2.28 2.27
N GLU A 76 14.39 -1.34 1.88
CA GLU A 76 14.05 -0.48 0.75
C GLU A 76 13.74 -1.37 -0.44
N GLY A 77 12.70 -1.00 -1.18
CA GLY A 77 12.32 -1.79 -2.34
C GLY A 77 10.99 -1.32 -2.92
N VAL A 78 10.18 -2.27 -3.36
CA VAL A 78 8.89 -1.95 -3.96
C VAL A 78 7.75 -2.60 -3.17
N TYR A 79 6.76 -1.77 -2.86
CA TYR A 79 5.57 -2.19 -2.15
C TYR A 79 4.36 -2.05 -3.05
N SER A 80 3.48 -3.05 -3.05
CA SER A 80 2.31 -3.01 -3.89
C SER A 80 1.06 -3.33 -3.10
N VAL A 81 -0.06 -2.80 -3.57
CA VAL A 81 -1.35 -3.04 -2.93
C VAL A 81 -2.29 -3.59 -3.98
N ILE A 82 -2.96 -4.67 -3.65
CA ILE A 82 -3.90 -5.29 -4.59
C ILE A 82 -5.28 -5.40 -4.00
N ALA A 83 -6.26 -4.92 -4.75
CA ALA A 83 -7.66 -5.00 -4.32
C ALA A 83 -8.38 -5.94 -5.26
N ARG A 84 -9.02 -6.99 -4.74
CA ARG A 84 -9.68 -7.94 -5.62
C ARG A 84 -10.99 -8.51 -5.07
N LEU A 85 -11.91 -8.70 -6.00
CA LEU A 85 -13.22 -9.30 -5.75
C LEU A 85 -13.61 -9.96 -7.07
N GLU A 86 -13.71 -11.27 -7.10
CA GLU A 86 -14.02 -11.95 -8.37
C GLU A 86 -15.49 -12.36 -8.46
N PRO A 87 -16.06 -12.40 -9.66
CA PRO A 87 -15.42 -11.96 -10.94
C PRO A 87 -15.59 -10.44 -11.20
N ARG A 88 -14.51 -9.62 -11.15
CA ARG A 88 -14.65 -8.19 -11.46
C ARG A 88 -13.45 -7.64 -12.24
N GLY A 89 -12.25 -8.17 -11.96
CA GLY A 89 -11.04 -7.66 -12.60
C GLY A 89 -10.25 -6.80 -11.61
N GLU A 90 -9.43 -7.43 -10.76
CA GLU A 90 -8.68 -6.72 -9.74
C GLU A 90 -7.70 -5.71 -10.31
N ALA A 91 -7.03 -4.99 -9.40
CA ALA A 91 -6.07 -3.95 -9.76
C ALA A 91 -4.77 -4.09 -8.98
N ARG A 92 -3.67 -3.64 -9.59
CA ARG A 92 -2.37 -3.69 -8.94
C ARG A 92 -1.73 -2.29 -8.99
N SER A 93 -1.11 -1.89 -7.89
CA SER A 93 -0.44 -0.58 -7.82
C SER A 93 0.93 -0.72 -7.17
N THR A 94 1.85 0.18 -7.51
CA THR A 94 3.21 0.12 -6.95
C THR A 94 3.71 1.43 -6.39
N ALA A 95 4.69 1.26 -5.52
CA ALA A 95 5.36 2.36 -4.87
C ALA A 95 6.72 1.89 -4.37
N GLU A 96 7.63 2.83 -4.19
CA GLU A 96 8.98 2.51 -3.74
C GLU A 96 9.27 3.04 -2.35
N LEU A 97 10.02 2.24 -1.63
CA LEU A 97 10.44 2.56 -0.27
C LEU A 97 11.92 2.94 -0.27
N LYS A 98 12.20 4.06 0.36
CA LYS A 98 13.58 4.56 0.44
C LYS A 98 13.95 4.89 1.87
N GLY A 99 15.20 4.66 2.22
CA GLY A 99 15.67 4.94 3.57
C GLY A 99 16.40 6.27 3.65
N GLU A 100 15.82 7.15 4.43
CA GLU A 100 16.38 8.48 4.65
C GLU A 100 17.61 8.42 5.54
N LEU A 101 18.67 8.99 5.01
CA LEU A 101 19.94 9.05 5.73
C LEU A 101 19.91 10.13 6.80
N ARG A 102 20.54 9.86 7.94
CA ARG A 102 20.59 10.84 9.02
C ARG A 102 21.55 11.97 8.68
N SER A 103 21.21 13.19 9.10
CA SER A 103 22.05 14.35 8.83
C SER A 103 23.33 14.29 9.66
N GLY A 104 24.42 14.82 9.10
CA GLY A 104 25.70 14.83 9.80
C GLY A 104 26.41 13.48 9.66
N CYS A 105 25.92 12.65 8.74
CA CYS A 105 26.52 11.34 8.52
C CYS A 105 26.22 10.84 7.12
N GLY A 1 -32.04 4.68 -15.71
CA GLY A 1 -32.02 4.41 -14.24
C GLY A 1 -30.58 4.28 -13.75
N ILE A 2 -30.01 3.08 -13.86
CA ILE A 2 -28.62 2.83 -13.42
C ILE A 2 -27.73 2.59 -14.64
N ASP A 3 -26.64 3.36 -14.72
CA ASP A 3 -25.69 3.25 -15.82
C ASP A 3 -24.36 2.61 -15.35
N PRO A 4 -23.82 3.02 -14.22
CA PRO A 4 -22.53 2.45 -13.70
C PRO A 4 -22.68 0.98 -13.39
N PHE A 5 -21.63 0.18 -13.62
CA PHE A 5 -21.68 -1.25 -13.35
C PHE A 5 -20.91 -1.57 -12.07
N THR A 6 -21.60 -2.21 -11.13
CA THR A 6 -21.00 -2.58 -9.85
C THR A 6 -19.85 -3.58 -10.05
N ALA A 7 -20.08 -4.56 -10.92
CA ALA A 7 -19.07 -5.61 -11.17
C ALA A 7 -17.87 -5.08 -11.90
N GLU A 8 -17.91 -3.82 -12.28
CA GLU A 8 -16.80 -3.25 -13.02
C GLU A 8 -15.50 -3.43 -12.22
N PRO A 9 -14.36 -3.46 -12.87
CA PRO A 9 -13.06 -3.63 -12.16
C PRO A 9 -12.78 -2.51 -11.17
N ILE A 10 -12.13 -2.89 -10.08
CA ILE A 10 -11.78 -1.98 -9.01
C ILE A 10 -10.38 -1.43 -9.22
N GLN A 11 -10.22 -0.14 -9.03
CA GLN A 11 -8.92 0.52 -9.23
C GLN A 11 -8.64 1.46 -8.06
N PHE A 12 -7.37 1.81 -7.87
CA PHE A 12 -7.01 2.70 -6.77
C PHE A 12 -6.96 4.12 -7.26
N THR A 13 -7.88 4.93 -6.76
CA THR A 13 -7.91 6.32 -7.15
C THR A 13 -6.68 7.05 -6.63
N LYS A 14 -6.36 6.82 -5.36
CA LYS A 14 -5.21 7.48 -4.76
C LYS A 14 -3.89 7.03 -5.37
N ARG A 15 -3.80 5.74 -5.65
CA ARG A 15 -2.60 5.17 -6.26
C ARG A 15 -1.35 5.46 -5.42
N ILE A 16 -1.08 4.58 -4.47
CA ILE A 16 0.08 4.74 -3.57
C ILE A 16 1.30 5.29 -4.31
N GLN A 17 2.10 6.07 -3.57
CA GLN A 17 3.30 6.71 -4.11
C GLN A 17 4.55 6.33 -3.30
N ASN A 18 5.70 6.72 -3.85
CA ASN A 18 6.99 6.42 -3.25
C ASN A 18 7.14 7.11 -1.88
N ILE A 19 7.78 6.38 -0.95
CA ILE A 19 7.98 6.87 0.42
C ILE A 19 9.44 6.85 0.83
N VAL A 20 9.91 7.94 1.45
CA VAL A 20 11.28 7.97 1.97
C VAL A 20 11.14 8.05 3.49
N VAL A 21 11.78 7.12 4.17
CA VAL A 21 11.68 6.99 5.63
C VAL A 21 13.01 6.84 6.37
N SER A 22 13.11 7.53 7.48
CA SER A 22 14.29 7.45 8.32
C SER A 22 14.42 6.03 8.84
N GLU A 23 15.62 5.60 9.15
CA GLU A 23 15.84 4.23 9.58
C GLU A 23 15.05 3.86 10.83
N HIS A 24 14.97 4.77 11.79
CA HIS A 24 14.25 4.47 13.03
C HIS A 24 12.75 4.76 12.96
N GLN A 25 12.30 5.43 11.90
CA GLN A 25 10.87 5.75 11.77
C GLN A 25 10.09 4.60 11.14
N SER A 26 8.95 4.94 10.53
CA SER A 26 8.07 3.95 9.91
C SER A 26 7.53 4.48 8.59
N ALA A 27 7.05 3.58 7.74
CA ALA A 27 6.54 3.97 6.42
C ALA A 27 5.08 3.54 6.25
N THR A 28 4.27 4.44 5.68
CA THR A 28 2.87 4.12 5.45
C THR A 28 2.48 4.31 3.99
N PHE A 29 1.89 3.27 3.41
CA PHE A 29 1.39 3.36 2.06
C PHE A 29 -0.11 3.43 2.16
N GLU A 30 -0.69 4.52 1.72
CA GLU A 30 -2.13 4.72 1.83
C GLU A 30 -2.75 4.62 0.45
N CYS A 31 -3.93 4.01 0.38
CA CYS A 31 -4.64 3.85 -0.88
C CYS A 31 -6.14 4.06 -0.69
N GLU A 32 -6.80 4.44 -1.78
CA GLU A 32 -8.24 4.64 -1.80
C GLU A 32 -8.80 3.88 -2.98
N VAL A 33 -9.96 3.26 -2.81
CA VAL A 33 -10.55 2.47 -3.89
C VAL A 33 -12.02 2.79 -4.12
N SER A 34 -12.48 2.41 -5.31
CA SER A 34 -13.87 2.64 -5.72
C SER A 34 -14.88 1.91 -4.83
N PHE A 35 -14.59 0.65 -4.45
CA PHE A 35 -15.56 -0.11 -3.61
C PHE A 35 -14.99 -0.40 -2.22
N ASP A 36 -15.88 -0.43 -1.23
CA ASP A 36 -15.48 -0.68 0.17
C ASP A 36 -15.58 -2.14 0.55
N ASP A 37 -16.10 -2.92 -0.36
CA ASP A 37 -16.29 -4.36 -0.14
C ASP A 37 -15.07 -5.14 -0.61
N ALA A 38 -14.08 -4.42 -1.10
CA ALA A 38 -12.87 -5.05 -1.60
C ALA A 38 -11.96 -5.55 -0.48
N ILE A 39 -11.23 -6.62 -0.79
CA ILE A 39 -10.29 -7.24 0.12
C ILE A 39 -8.91 -6.88 -0.38
N VAL A 40 -8.05 -6.35 0.50
CA VAL A 40 -6.74 -5.88 0.07
C VAL A 40 -5.56 -6.52 0.80
N THR A 41 -4.56 -6.92 0.01
CA THR A 41 -3.33 -7.55 0.50
C THR A 41 -2.11 -6.78 0.01
N TRP A 42 -1.16 -6.55 0.90
CA TRP A 42 0.05 -5.79 0.56
C TRP A 42 1.19 -6.74 0.24
N TYR A 43 1.96 -6.38 -0.78
CA TYR A 43 3.09 -7.21 -1.21
C TYR A 43 4.40 -6.46 -1.25
N LYS A 44 5.44 -7.15 -0.83
CA LYS A 44 6.80 -6.62 -0.87
C LYS A 44 7.60 -7.61 -1.70
N GLY A 45 7.73 -7.33 -2.98
CA GLY A 45 8.41 -8.26 -3.85
C GLY A 45 7.55 -9.53 -3.95
N PRO A 46 8.13 -10.67 -4.14
CA PRO A 46 7.38 -11.95 -4.20
C PRO A 46 6.75 -12.31 -2.85
N THR A 47 7.29 -11.69 -1.79
CA THR A 47 6.85 -11.94 -0.43
C THR A 47 5.65 -11.06 -0.05
N GLU A 48 4.62 -11.70 0.51
CA GLU A 48 3.43 -11.00 0.97
C GLU A 48 3.67 -10.54 2.40
N LEU A 49 3.04 -9.44 2.78
CA LEU A 49 3.23 -8.91 4.13
C LEU A 49 2.12 -9.37 5.04
N THR A 50 2.51 -9.84 6.21
CA THR A 50 1.56 -10.32 7.20
C THR A 50 1.90 -9.75 8.57
N GLU A 51 0.91 -9.74 9.44
CA GLU A 51 1.06 -9.21 10.76
C GLU A 51 1.97 -10.08 11.64
N SER A 52 2.85 -9.39 12.34
CA SER A 52 3.79 -9.99 13.27
C SER A 52 4.34 -8.86 14.13
N GLN A 53 3.42 -8.03 14.58
CA GLN A 53 3.75 -6.84 15.36
C GLN A 53 4.79 -6.08 14.54
N LYS A 54 4.81 -6.39 13.24
CA LYS A 54 5.70 -5.75 12.28
C LYS A 54 4.92 -4.83 11.34
N TYR A 55 3.87 -5.37 10.68
CA TYR A 55 3.07 -4.57 9.75
C TYR A 55 1.70 -4.29 10.34
N ASN A 56 1.28 -3.03 10.37
CA ASN A 56 -0.05 -2.69 10.90
C ASN A 56 -1.01 -2.42 9.75
N PHE A 57 -2.02 -3.28 9.62
CA PHE A 57 -3.00 -3.13 8.56
C PHE A 57 -4.30 -2.56 9.14
N ARG A 58 -4.74 -1.38 8.68
CA ARG A 58 -5.98 -0.78 9.20
C ARG A 58 -6.98 -0.55 8.06
N ASN A 59 -8.17 -1.10 8.23
CA ASN A 59 -9.23 -0.95 7.24
C ASN A 59 -10.25 0.10 7.69
N ASP A 60 -10.21 1.27 7.06
CA ASP A 60 -11.17 2.33 7.39
C ASP A 60 -12.03 2.64 6.18
N GLY A 61 -13.20 2.01 6.10
CA GLY A 61 -14.08 2.25 4.97
C GLY A 61 -13.35 1.92 3.66
N ARG A 62 -13.46 2.83 2.70
CA ARG A 62 -12.82 2.66 1.40
C ARG A 62 -11.29 2.76 1.51
N CYS A 63 -10.82 3.39 2.59
CA CYS A 63 -9.38 3.59 2.79
C CYS A 63 -8.73 2.39 3.48
N HIS A 64 -7.55 2.02 2.97
CA HIS A 64 -6.77 0.92 3.53
C HIS A 64 -5.35 1.42 3.80
N TYR A 65 -4.89 1.30 5.05
CA TYR A 65 -3.54 1.79 5.39
C TYR A 65 -2.63 0.64 5.83
N MET A 66 -1.38 0.69 5.40
CA MET A 66 -0.40 -0.30 5.81
C MET A 66 0.83 0.44 6.32
N THR A 67 1.26 0.10 7.52
CA THR A 67 2.41 0.79 8.15
C THR A 67 3.52 -0.19 8.49
N ILE A 68 4.73 0.17 8.08
CA ILE A 68 5.90 -0.67 8.32
C ILE A 68 6.74 0.01 9.40
N HIS A 69 7.10 -0.72 10.45
CA HIS A 69 7.88 -0.13 11.54
C HIS A 69 9.32 -0.60 11.52
N ASN A 70 10.24 0.33 11.84
CA ASN A 70 11.67 0.02 11.85
C ASN A 70 12.13 -0.34 10.46
N VAL A 71 12.35 0.69 9.64
CA VAL A 71 12.77 0.49 8.26
C VAL A 71 14.28 0.49 8.16
N THR A 72 14.81 -0.52 7.48
CA THR A 72 16.26 -0.67 7.28
C THR A 72 16.60 -0.35 5.82
N PRO A 73 17.82 0.00 5.51
CA PRO A 73 18.17 0.27 4.09
C PRO A 73 17.95 -0.99 3.27
N ASP A 74 18.05 -2.12 3.96
CA ASP A 74 17.82 -3.42 3.36
C ASP A 74 16.38 -3.56 2.92
N ASP A 75 15.49 -3.03 3.75
CA ASP A 75 14.06 -3.10 3.51
C ASP A 75 13.62 -2.25 2.33
N GLU A 76 14.46 -1.31 1.90
CA GLU A 76 14.08 -0.48 0.76
C GLU A 76 13.76 -1.38 -0.40
N GLY A 77 12.72 -1.04 -1.13
CA GLY A 77 12.31 -1.86 -2.26
C GLY A 77 11.00 -1.37 -2.84
N VAL A 78 10.18 -2.31 -3.31
CA VAL A 78 8.90 -1.99 -3.91
C VAL A 78 7.77 -2.63 -3.13
N TYR A 79 6.77 -1.80 -2.83
CA TYR A 79 5.57 -2.22 -2.11
C TYR A 79 4.38 -2.07 -3.01
N SER A 80 3.50 -3.07 -3.02
CA SER A 80 2.31 -3.03 -3.86
C SER A 80 1.07 -3.34 -3.06
N VAL A 81 -0.05 -2.83 -3.54
CA VAL A 81 -1.32 -3.07 -2.90
C VAL A 81 -2.27 -3.62 -3.94
N ILE A 82 -2.96 -4.70 -3.61
CA ILE A 82 -3.88 -5.32 -4.55
C ILE A 82 -5.26 -5.44 -3.96
N ALA A 83 -6.26 -4.97 -4.69
CA ALA A 83 -7.65 -5.07 -4.25
C ALA A 83 -8.35 -6.03 -5.18
N ARG A 84 -8.98 -7.08 -4.64
CA ARG A 84 -9.63 -8.07 -5.50
C ARG A 84 -10.96 -8.61 -4.98
N LEU A 85 -11.85 -8.80 -5.93
CA LEU A 85 -13.18 -9.39 -5.70
C LEU A 85 -13.55 -10.02 -7.03
N GLU A 86 -13.65 -11.34 -7.09
CA GLU A 86 -13.95 -11.99 -8.37
C GLU A 86 -15.43 -12.39 -8.49
N PRO A 87 -15.98 -12.40 -9.70
CA PRO A 87 -15.32 -11.94 -10.98
C PRO A 87 -15.49 -10.41 -11.19
N ARG A 88 -14.41 -9.61 -11.11
CA ARG A 88 -14.55 -8.16 -11.38
C ARG A 88 -13.33 -7.60 -12.13
N GLY A 89 -12.14 -8.14 -11.85
CA GLY A 89 -10.92 -7.62 -12.47
C GLY A 89 -10.10 -6.81 -11.46
N GLU A 90 -9.32 -7.49 -10.62
CA GLU A 90 -8.53 -6.85 -9.59
C GLU A 90 -7.47 -5.91 -10.15
N ALA A 91 -7.13 -4.92 -9.33
CA ALA A 91 -6.16 -3.88 -9.68
C ALA A 91 -4.84 -4.05 -8.92
N ARG A 92 -3.74 -3.62 -9.54
CA ARG A 92 -2.43 -3.69 -8.90
C ARG A 92 -1.78 -2.30 -8.94
N SER A 93 -1.16 -1.91 -7.84
CA SER A 93 -0.47 -0.61 -7.76
C SER A 93 0.89 -0.78 -7.12
N THR A 94 1.82 0.11 -7.46
CA THR A 94 3.18 0.02 -6.94
C THR A 94 3.70 1.34 -6.38
N ALA A 95 4.69 1.18 -5.52
CA ALA A 95 5.37 2.29 -4.88
C ALA A 95 6.73 1.82 -4.38
N GLU A 96 7.64 2.76 -4.21
CA GLU A 96 8.99 2.46 -3.76
C GLU A 96 9.29 2.99 -2.38
N LEU A 97 10.04 2.18 -1.65
CA LEU A 97 10.47 2.51 -0.29
C LEU A 97 11.94 2.90 -0.31
N LYS A 98 12.23 4.04 0.30
CA LYS A 98 13.60 4.55 0.39
C LYS A 98 13.94 4.87 1.82
N GLY A 99 15.20 4.67 2.17
CA GLY A 99 15.66 4.94 3.52
C GLY A 99 16.41 6.26 3.59
N GLU A 100 15.92 7.09 4.48
CA GLU A 100 16.49 8.41 4.72
C GLU A 100 17.59 8.30 5.78
N LEU A 101 18.69 8.99 5.53
CA LEU A 101 19.82 9.00 6.44
C LEU A 101 19.51 9.87 7.66
N ARG A 102 19.96 9.42 8.83
CA ARG A 102 19.75 10.17 10.05
C ARG A 102 20.54 11.47 10.04
N SER A 103 19.90 12.57 10.42
CA SER A 103 20.56 13.86 10.43
C SER A 103 21.68 13.88 11.47
N GLY A 104 22.78 14.57 11.14
CA GLY A 104 23.91 14.65 12.05
C GLY A 104 24.91 15.70 11.58
N CYS A 105 25.90 15.98 12.43
CA CYS A 105 26.92 16.97 12.09
C CYS A 105 27.47 16.73 10.70
#